data_2GVN
#
_entry.id   2GVN
#
_cell.length_a   73.061
_cell.length_b   135.880
_cell.length_c   251.525
_cell.angle_alpha   90.00
_cell.angle_beta   90.00
_cell.angle_gamma   90.00
#
_symmetry.space_group_name_H-M   'P 21 21 21'
#
loop_
_entity.id
_entity.type
_entity.pdbx_description
1 polymer L-asparaginase
2 non-polymer 'ASPARTIC ACID'
3 water water
#
_entity_poly.entity_id   1
_entity_poly.type   'polypeptide(L)'
_entity_poly.pdbx_seq_one_letter_code
;AENLPNIVILATGGTIAGSAAANTQTTGYKAGALGVETLIQAVPELKTLANIKGEQVASIGSENMTSDVLLTLSKRVNEL
LARSDVDGVVITHGTDTLDESPYFLNLTVKSDKPVVFVAAMRPATAISADGPMNLYGAVKVAADKNSRGRGVLVVLNDRI
GSARFISKTNASTLDTFKAPEEGYLGVIIGDKIYYQTRLDKVHTTRSVFDVTNVDKLPAVDIIYGYQDDPEYMYDASIKH
GVKGIVYAGMGAGSVSKRGDAGIRKAESKGIVVVRSSRTGSGIVPPDAGQPGLVADSLSPAKSRILLMLALTKTTNPAVI
QDYFHAY
;
_entity_poly.pdbx_strand_id   A,B,C,D,E,F,G,H
#
# COMPACT_ATOMS: atom_id res chain seq x y z
N ASN A 3 6.74 49.37 20.26
CA ASN A 3 7.17 49.19 18.84
C ASN A 3 6.21 48.33 18.04
N LEU A 4 6.17 48.58 16.73
CA LEU A 4 5.29 47.85 15.82
C LEU A 4 6.01 46.63 15.23
N PRO A 5 5.23 45.58 14.86
CA PRO A 5 5.80 44.38 14.25
C PRO A 5 6.47 44.65 12.89
N ASN A 6 7.31 43.72 12.45
CA ASN A 6 7.98 43.85 11.17
C ASN A 6 7.40 42.89 10.14
N ILE A 7 6.71 43.43 9.16
CA ILE A 7 6.05 42.64 8.12
C ILE A 7 6.66 42.87 6.74
N VAL A 8 6.93 41.79 6.02
CA VAL A 8 7.48 41.85 4.67
C VAL A 8 6.40 41.47 3.67
N ILE A 9 6.16 42.33 2.68
CA ILE A 9 5.19 42.06 1.63
C ILE A 9 5.88 41.53 0.37
N LEU A 10 5.59 40.29 0.02
CA LEU A 10 6.17 39.64 -1.16
C LEU A 10 5.17 39.69 -2.31
N ALA A 11 5.57 40.33 -3.41
CA ALA A 11 4.70 40.47 -4.57
C ALA A 11 4.96 39.43 -5.65
N THR A 12 3.89 38.82 -6.16
CA THR A 12 3.99 37.83 -7.23
C THR A 12 3.19 38.28 -8.46
N GLY A 13 2.37 39.32 -8.28
CA GLY A 13 1.54 39.86 -9.36
C GLY A 13 0.05 39.79 -9.04
N GLY A 14 -0.76 39.60 -10.08
CA GLY A 14 -2.21 39.49 -9.92
C GLY A 14 -2.97 40.78 -10.19
N THR A 15 -4.30 40.68 -10.18
CA THR A 15 -5.19 41.83 -10.40
C THR A 15 -5.08 42.87 -9.28
N ILE A 16 -4.59 42.42 -8.11
CA ILE A 16 -4.35 43.33 -6.98
C ILE A 16 -3.33 44.41 -7.38
N ALA A 17 -2.42 44.06 -8.28
CA ALA A 17 -1.42 44.97 -8.80
C ALA A 17 -1.73 45.33 -10.26
N GLY A 18 -3.00 45.15 -10.64
CA GLY A 18 -3.44 45.45 -12.00
C GLY A 18 -3.88 46.89 -12.17
N SER A 19 -3.80 47.39 -13.41
CA SER A 19 -4.18 48.76 -13.72
C SER A 19 -4.85 48.84 -15.09
N ALA A 20 -5.95 49.60 -15.16
CA ALA A 20 -6.70 49.76 -16.40
C ALA A 20 -6.86 51.24 -16.76
N ALA A 21 -7.28 51.49 -18.00
CA ALA A 21 -7.50 52.86 -18.48
C ALA A 21 -8.80 53.45 -17.95
N ALA A 22 -9.76 52.58 -17.66
CA ALA A 22 -11.07 53.00 -17.14
C ALA A 22 -11.44 52.22 -15.87
N ASN A 23 -12.09 52.91 -14.94
CA ASN A 23 -12.50 52.29 -13.68
C ASN A 23 -13.77 51.44 -13.77
N THR A 24 -14.48 51.55 -14.90
CA THR A 24 -15.66 50.73 -15.15
C THR A 24 -15.24 49.33 -15.63
N GLN A 25 -13.94 49.19 -15.91
CA GLN A 25 -13.38 47.93 -16.39
C GLN A 25 -12.81 47.11 -15.23
N THR A 26 -13.26 45.86 -15.15
CA THR A 26 -12.81 44.92 -14.12
C THR A 26 -12.38 43.64 -14.84
N THR A 27 -12.95 43.42 -16.01
CA THR A 27 -12.68 42.23 -16.81
C THR A 27 -12.35 42.61 -18.25
N GLY A 28 -11.50 41.80 -18.89
CA GLY A 28 -11.12 42.00 -20.29
C GLY A 28 -10.48 43.35 -20.59
N TYR A 29 -9.40 43.65 -19.88
CA TYR A 29 -8.71 44.93 -20.03
C TYR A 29 -7.20 44.74 -20.22
N LYS A 30 -6.52 45.84 -20.58
CA LYS A 30 -5.07 45.82 -20.75
C LYS A 30 -4.43 45.96 -19.37
N ALA A 31 -4.04 44.82 -18.79
CA ALA A 31 -3.48 44.77 -17.44
C ALA A 31 -2.10 45.42 -17.30
N GLY A 32 -2.03 46.43 -16.45
CA GLY A 32 -0.77 47.12 -16.16
C GLY A 32 -0.25 46.71 -14.79
N ALA A 33 0.88 46.03 -14.79
CA ALA A 33 1.48 45.53 -13.55
C ALA A 33 2.08 46.64 -12.69
N LEU A 34 1.71 46.65 -11.41
CA LEU A 34 2.23 47.62 -10.46
C LEU A 34 3.22 46.94 -9.51
N GLY A 35 4.23 47.69 -9.10
CA GLY A 35 5.25 47.16 -8.18
C GLY A 35 4.73 47.04 -6.77
N VAL A 36 5.51 46.38 -5.91
CA VAL A 36 5.13 46.18 -4.50
C VAL A 36 5.07 47.51 -3.74
N GLU A 37 5.99 48.43 -4.06
CA GLU A 37 6.05 49.73 -3.40
C GLU A 37 4.83 50.59 -3.69
N THR A 38 4.28 50.45 -4.90
CA THR A 38 3.07 51.18 -5.31
C THR A 38 1.85 50.69 -4.51
N LEU A 39 1.82 49.38 -4.23
CA LEU A 39 0.74 48.78 -3.44
C LEU A 39 0.83 49.24 -1.98
N ILE A 40 2.05 49.38 -1.48
CA ILE A 40 2.30 49.85 -0.11
C ILE A 40 1.93 51.33 0.04
N GLN A 41 2.33 52.14 -0.94
CA GLN A 41 2.05 53.58 -0.93
C GLN A 41 0.58 53.93 -1.13
N ALA A 42 -0.17 53.02 -1.75
CA ALA A 42 -1.61 53.22 -1.98
C ALA A 42 -2.40 53.15 -0.67
N VAL A 43 -1.87 52.42 0.30
CA VAL A 43 -2.50 52.29 1.61
C VAL A 43 -1.52 52.79 2.69
N PRO A 44 -1.57 54.10 3.01
CA PRO A 44 -0.69 54.67 4.03
C PRO A 44 -1.09 54.26 5.46
N GLU A 45 -2.25 53.61 5.58
CA GLU A 45 -2.75 53.16 6.87
C GLU A 45 -2.06 51.88 7.36
N LEU A 46 -1.19 51.32 6.52
CA LEU A 46 -0.41 50.14 6.88
C LEU A 46 0.68 50.50 7.89
N LYS A 47 1.02 51.78 7.95
CA LYS A 47 2.05 52.30 8.85
C LYS A 47 1.61 52.27 10.32
N THR A 48 0.30 52.21 10.55
CA THR A 48 -0.25 52.15 11.92
C THR A 48 -0.32 50.69 12.40
N LEU A 49 -0.12 49.75 11.48
CA LEU A 49 -0.18 48.33 11.80
C LEU A 49 1.20 47.73 12.03
N ALA A 50 2.14 48.03 11.13
CA ALA A 50 3.49 47.46 11.21
C ALA A 50 4.51 48.23 10.37
N ASN A 51 5.79 47.89 10.58
CA ASN A 51 6.88 48.43 9.78
C ASN A 51 6.95 47.58 8.51
N ILE A 52 6.73 48.21 7.36
CA ILE A 52 6.61 47.48 6.09
C ILE A 52 7.82 47.53 5.16
N LYS A 53 8.23 46.35 4.69
CA LYS A 53 9.28 46.22 3.67
C LYS A 53 8.69 45.43 2.51
N GLY A 54 9.07 45.77 1.28
CA GLY A 54 8.53 45.11 0.11
C GLY A 54 9.55 44.48 -0.82
N GLU A 55 9.21 43.30 -1.34
CA GLU A 55 10.06 42.58 -2.30
C GLU A 55 9.20 42.11 -3.47
N GLN A 56 9.79 42.10 -4.67
CA GLN A 56 9.09 41.65 -5.87
C GLN A 56 9.60 40.27 -6.26
N VAL A 57 8.93 39.23 -5.75
CA VAL A 57 9.31 37.84 -6.06
C VAL A 57 9.01 37.52 -7.52
N ALA A 58 7.84 37.96 -7.99
CA ALA A 58 7.43 37.75 -9.37
C ALA A 58 6.49 38.88 -9.81
N SER A 59 6.17 38.89 -11.10
CA SER A 59 5.26 39.89 -11.66
C SER A 59 4.43 39.26 -12.77
N ILE A 60 3.67 38.22 -12.40
CA ILE A 60 2.84 37.48 -13.36
C ILE A 60 1.42 37.28 -12.85
N GLY A 61 0.52 36.98 -13.78
CA GLY A 61 -0.85 36.64 -13.41
C GLY A 61 -0.81 35.25 -12.81
N SER A 62 -1.66 35.00 -11.81
CA SER A 62 -1.66 33.70 -11.13
C SER A 62 -2.01 32.53 -12.04
N GLU A 63 -2.66 32.83 -13.17
CA GLU A 63 -2.96 31.82 -14.17
C GLU A 63 -1.67 31.26 -14.78
N ASN A 64 -0.59 32.02 -14.66
CA ASN A 64 0.73 31.63 -15.14
C ASN A 64 1.70 31.27 -14.00
N MET A 65 1.17 31.13 -12.78
CA MET A 65 1.97 30.74 -11.64
C MET A 65 2.41 29.29 -11.82
N THR A 66 3.72 29.06 -11.67
CA THR A 66 4.28 27.73 -11.86
C THR A 66 4.88 27.18 -10.58
N SER A 67 5.16 25.89 -10.57
CA SER A 67 5.76 25.21 -9.42
C SER A 67 7.19 25.70 -9.16
N ASP A 68 7.86 26.16 -10.22
CA ASP A 68 9.21 26.70 -10.13
C ASP A 68 9.24 28.00 -9.32
N VAL A 69 8.23 28.85 -9.56
CA VAL A 69 8.11 30.13 -8.85
C VAL A 69 7.67 29.89 -7.40
N LEU A 70 6.87 28.84 -7.18
CA LEU A 70 6.43 28.47 -5.84
C LEU A 70 7.60 28.01 -4.98
N LEU A 71 8.56 27.33 -5.62
CA LEU A 71 9.79 26.89 -4.94
C LEU A 71 10.59 28.11 -4.47
N THR A 72 10.72 29.09 -5.37
CA THR A 72 11.43 30.34 -5.07
C THR A 72 10.71 31.11 -3.97
N LEU A 73 9.38 31.13 -4.04
CA LEU A 73 8.56 31.82 -3.04
C LEU A 73 8.67 31.17 -1.67
N SER A 74 8.53 29.84 -1.62
CA SER A 74 8.60 29.08 -0.37
C SER A 74 9.97 29.18 0.31
N LYS A 75 11.03 29.13 -0.49
CA LYS A 75 12.39 29.26 0.02
C LYS A 75 12.66 30.64 0.58
N ARG A 76 12.05 31.66 -0.04
CA ARG A 76 12.21 33.04 0.41
C ARG A 76 11.43 33.31 1.70
N VAL A 77 10.22 32.73 1.79
CA VAL A 77 9.39 32.87 2.99
C VAL A 77 10.10 32.27 4.21
N ASN A 78 10.62 31.05 4.04
CA ASN A 78 11.35 30.36 5.11
C ASN A 78 12.64 31.07 5.49
N GLU A 79 13.28 31.72 4.52
CA GLU A 79 14.51 32.47 4.75
C GLU A 79 14.19 33.73 5.56
N LEU A 80 13.07 34.36 5.26
CA LEU A 80 12.64 35.56 5.96
C LEU A 80 12.10 35.28 7.37
N LEU A 81 11.29 34.23 7.51
CA LEU A 81 10.69 33.89 8.81
C LEU A 81 11.68 33.32 9.83
N ALA A 82 12.86 32.90 9.36
CA ALA A 82 13.91 32.39 10.24
C ALA A 82 14.63 33.54 10.92
N ARG A 83 14.51 34.73 10.34
CA ARG A 83 15.13 35.95 10.86
C ARG A 83 14.32 36.50 12.03
N SER A 84 15.01 37.13 12.98
CA SER A 84 14.36 37.71 14.16
C SER A 84 13.65 39.04 13.83
N ASP A 85 14.10 39.70 12.77
CA ASP A 85 13.52 40.99 12.37
C ASP A 85 12.34 40.89 11.39
N VAL A 86 11.72 39.71 11.32
CA VAL A 86 10.53 39.50 10.50
C VAL A 86 9.49 38.75 11.33
N ASP A 87 8.36 39.41 11.60
CA ASP A 87 7.30 38.82 12.42
C ASP A 87 6.27 38.04 11.61
N GLY A 88 6.15 38.39 10.32
CA GLY A 88 5.21 37.71 9.43
C GLY A 88 5.36 38.18 8.01
N VAL A 89 4.74 37.45 7.08
CA VAL A 89 4.80 37.79 5.67
C VAL A 89 3.43 37.88 5.01
N VAL A 90 3.29 38.85 4.12
CA VAL A 90 2.07 39.04 3.34
C VAL A 90 2.43 38.80 1.87
N ILE A 91 1.65 37.97 1.19
CA ILE A 91 1.93 37.66 -0.20
C ILE A 91 0.82 38.10 -1.13
N THR A 92 1.08 39.16 -1.92
CA THR A 92 0.12 39.63 -2.91
C THR A 92 0.17 38.67 -4.10
N HIS A 93 -0.98 38.11 -4.43
CA HIS A 93 -1.07 37.06 -5.44
C HIS A 93 -2.36 37.26 -6.24
N GLY A 94 -2.49 36.55 -7.35
CA GLY A 94 -3.72 36.58 -8.14
C GLY A 94 -4.76 35.65 -7.54
N THR A 95 -6.00 35.78 -7.98
CA THR A 95 -7.09 34.94 -7.45
C THR A 95 -7.28 33.63 -8.22
N ASP A 96 -6.89 33.62 -9.49
CA ASP A 96 -7.10 32.45 -10.37
C ASP A 96 -6.50 31.13 -9.89
N THR A 97 -5.31 31.19 -9.31
CA THR A 97 -4.69 30.00 -8.73
C THR A 97 -4.36 30.17 -7.25
N LEU A 98 -5.21 30.92 -6.56
CA LEU A 98 -5.05 31.12 -5.13
C LEU A 98 -5.58 29.87 -4.38
N ASP A 99 -6.04 28.88 -5.16
CA ASP A 99 -6.45 27.60 -4.61
C ASP A 99 -5.18 26.79 -4.32
N GLU A 100 -4.18 26.93 -5.20
CA GLU A 100 -2.94 26.18 -5.10
C GLU A 100 -1.86 26.79 -4.20
N SER A 101 -1.39 27.98 -4.57
CA SER A 101 -0.28 28.67 -3.90
C SER A 101 -0.25 28.69 -2.35
N PRO A 102 -1.36 29.11 -1.70
CA PRO A 102 -1.34 29.11 -0.23
C PRO A 102 -1.24 27.71 0.37
N TYR A 103 -1.86 26.72 -0.29
CA TYR A 103 -1.81 25.35 0.20
C TYR A 103 -0.42 24.74 0.04
N PHE A 104 0.30 25.21 -0.99
CA PHE A 104 1.68 24.78 -1.22
C PHE A 104 2.53 25.19 -0.03
N LEU A 105 2.39 26.45 0.38
CA LEU A 105 3.13 26.99 1.52
C LEU A 105 2.61 26.47 2.85
N ASN A 106 1.37 26.00 2.88
CA ASN A 106 0.78 25.43 4.09
C ASN A 106 1.48 24.12 4.45
N LEU A 107 2.14 23.53 3.46
CA LEU A 107 2.85 22.27 3.66
C LEU A 107 4.38 22.44 3.67
N THR A 108 4.87 23.58 3.18
CA THR A 108 6.31 23.81 3.06
C THR A 108 6.95 24.85 4.00
N VAL A 109 6.13 25.72 4.59
CA VAL A 109 6.65 26.75 5.52
C VAL A 109 7.04 26.15 6.87
N LYS A 110 8.30 26.33 7.26
CA LYS A 110 8.82 25.77 8.52
C LYS A 110 8.78 26.78 9.68
N SER A 111 7.68 27.51 9.80
CA SER A 111 7.52 28.51 10.86
C SER A 111 6.07 28.71 11.30
N ASP A 112 5.88 29.09 12.56
CA ASP A 112 4.55 29.37 13.10
C ASP A 112 4.13 30.81 12.83
N LYS A 113 5.08 31.62 12.36
CA LYS A 113 4.82 33.03 12.02
C LYS A 113 3.82 33.11 10.87
N PRO A 114 2.90 34.10 10.92
CA PRO A 114 1.83 34.25 9.92
C PRO A 114 2.28 34.46 8.47
N VAL A 115 1.81 33.58 7.59
CA VAL A 115 2.01 33.71 6.15
C VAL A 115 0.62 34.00 5.60
N VAL A 116 0.39 35.23 5.18
CA VAL A 116 -0.93 35.65 4.75
C VAL A 116 -1.02 36.01 3.26
N PHE A 117 -1.72 35.19 2.49
CA PHE A 117 -1.95 35.48 1.08
C PHE A 117 -3.08 36.50 0.93
N VAL A 118 -2.90 37.42 0.00
CA VAL A 118 -3.90 38.43 -0.26
C VAL A 118 -4.06 38.64 -1.77
N ALA A 119 -5.28 38.95 -2.19
CA ALA A 119 -5.59 39.15 -3.59
C ALA A 119 -6.72 40.15 -3.75
N ALA A 120 -7.07 40.43 -5.01
CA ALA A 120 -8.16 41.34 -5.31
C ALA A 120 -8.84 40.93 -6.61
N MET A 121 -10.17 41.00 -6.61
CA MET A 121 -10.96 40.66 -7.79
C MET A 121 -11.07 41.83 -8.75
N ARG A 122 -10.88 43.03 -8.23
CA ARG A 122 -10.94 44.25 -9.04
C ARG A 122 -9.57 44.93 -9.08
N PRO A 123 -9.19 45.49 -10.25
CA PRO A 123 -7.92 46.19 -10.36
C PRO A 123 -7.91 47.46 -9.53
N ALA A 124 -6.72 47.92 -9.15
CA ALA A 124 -6.56 49.11 -8.30
C ALA A 124 -7.29 50.35 -8.84
N THR A 125 -7.39 50.44 -10.15
CA THR A 125 -8.03 51.57 -10.81
C THR A 125 -9.56 51.51 -10.77
N ALA A 126 -10.11 50.30 -10.67
CA ALA A 126 -11.58 50.09 -10.69
C ALA A 126 -12.37 50.76 -9.57
N ILE A 127 -13.65 51.02 -9.85
CA ILE A 127 -14.58 51.61 -8.88
C ILE A 127 -14.75 50.62 -7.73
N SER A 128 -14.55 51.12 -6.50
CA SER A 128 -14.64 50.31 -5.28
C SER A 128 -13.69 49.11 -5.31
N ALA A 129 -12.44 49.37 -5.71
CA ALA A 129 -11.40 48.34 -5.78
C ALA A 129 -11.21 47.69 -4.41
N ASP A 130 -11.30 46.37 -4.35
CA ASP A 130 -11.20 45.62 -3.10
C ASP A 130 -9.77 45.47 -2.56
N GLY A 131 -8.79 45.65 -3.45
CA GLY A 131 -7.36 45.52 -3.09
C GLY A 131 -6.88 46.24 -1.84
N PRO A 132 -7.10 47.57 -1.77
CA PRO A 132 -6.69 48.38 -0.61
C PRO A 132 -7.15 47.84 0.76
N MET A 133 -8.43 47.51 0.91
CA MET A 133 -8.95 46.98 2.18
C MET A 133 -8.46 45.55 2.44
N ASN A 134 -8.37 44.75 1.38
CA ASN A 134 -7.85 43.38 1.48
C ASN A 134 -6.41 43.37 1.99
N LEU A 135 -5.58 44.28 1.45
CA LEU A 135 -4.18 44.41 1.86
C LEU A 135 -4.07 44.88 3.30
N TYR A 136 -4.93 45.82 3.69
CA TYR A 136 -4.96 46.34 5.06
C TYR A 136 -5.30 45.22 6.04
N GLY A 137 -6.29 44.41 5.68
CA GLY A 137 -6.71 43.29 6.50
C GLY A 137 -5.63 42.22 6.61
N ALA A 138 -4.96 41.97 5.49
CA ALA A 138 -3.90 40.96 5.43
C ALA A 138 -2.69 41.31 6.29
N VAL A 139 -2.29 42.58 6.24
CA VAL A 139 -1.17 43.08 7.04
C VAL A 139 -1.54 43.07 8.53
N LYS A 140 -2.80 43.44 8.82
CA LYS A 140 -3.32 43.44 10.19
C LYS A 140 -3.29 42.02 10.78
N VAL A 141 -3.68 41.04 9.97
CA VAL A 141 -3.67 39.65 10.38
C VAL A 141 -2.24 39.16 10.60
N ALA A 142 -1.34 39.50 9.67
CA ALA A 142 0.07 39.10 9.76
C ALA A 142 0.80 39.76 10.93
N ALA A 143 0.37 40.96 11.31
CA ALA A 143 0.99 41.71 12.41
C ALA A 143 0.50 41.26 13.78
N ASP A 144 -0.64 40.58 13.81
CA ASP A 144 -1.20 40.08 15.07
C ASP A 144 -0.48 38.79 15.46
N LYS A 145 0.01 38.75 16.70
CA LYS A 145 0.71 37.57 17.21
C LYS A 145 -0.24 36.39 17.46
N ASN A 146 -1.53 36.69 17.62
CA ASN A 146 -2.55 35.66 17.82
C ASN A 146 -2.82 34.85 16.53
N SER A 147 -2.28 35.34 15.42
CA SER A 147 -2.43 34.67 14.12
C SER A 147 -1.44 33.53 13.93
N ARG A 148 -0.50 33.39 14.86
CA ARG A 148 0.53 32.35 14.79
C ARG A 148 -0.03 30.94 14.97
N GLY A 149 0.66 29.97 14.37
CA GLY A 149 0.30 28.55 14.49
C GLY A 149 -1.07 28.16 13.97
N ARG A 150 -1.53 28.91 12.97
CA ARG A 150 -2.85 28.65 12.39
C ARG A 150 -2.78 28.16 10.95
N GLY A 151 -1.56 27.98 10.46
CA GLY A 151 -1.33 27.57 9.08
C GLY A 151 -1.36 28.78 8.16
N VAL A 152 -1.16 28.56 6.87
CA VAL A 152 -1.19 29.64 5.89
C VAL A 152 -2.60 30.21 5.75
N LEU A 153 -2.68 31.55 5.80
CA LEU A 153 -3.96 32.24 5.79
C LEU A 153 -4.21 32.95 4.46
N VAL A 154 -5.49 33.11 4.13
CA VAL A 154 -5.90 33.78 2.89
C VAL A 154 -6.93 34.86 3.24
N VAL A 155 -6.58 36.11 2.96
CA VAL A 155 -7.44 37.24 3.32
C VAL A 155 -8.01 38.05 2.16
N LEU A 156 -9.32 37.95 1.99
CA LEU A 156 -10.09 38.75 1.03
C LEU A 156 -11.48 38.96 1.58
N ASN A 157 -12.08 40.10 1.24
CA ASN A 157 -13.47 40.42 1.61
C ASN A 157 -13.79 40.26 3.11
N ASP A 158 -12.89 40.76 3.96
CA ASP A 158 -13.05 40.71 5.44
C ASP A 158 -13.03 39.29 6.02
N ARG A 159 -12.53 38.33 5.25
CA ARG A 159 -12.50 36.93 5.71
C ARG A 159 -11.07 36.42 5.85
N ILE A 160 -10.87 35.53 6.82
CA ILE A 160 -9.59 34.86 7.01
C ILE A 160 -9.83 33.37 6.80
N GLY A 161 -9.48 32.87 5.61
CA GLY A 161 -9.69 31.46 5.28
C GLY A 161 -8.42 30.63 5.35
N SER A 162 -8.60 29.35 5.65
CA SER A 162 -7.48 28.41 5.72
C SER A 162 -7.04 28.02 4.32
N ALA A 163 -5.72 27.89 4.14
CA ALA A 163 -5.15 27.48 2.85
C ALA A 163 -5.57 26.06 2.48
N ARG A 164 -5.94 25.28 3.49
CA ARG A 164 -6.39 23.90 3.32
C ARG A 164 -7.82 23.80 2.77
N PHE A 165 -8.66 24.80 3.07
CA PHE A 165 -10.07 24.75 2.68
C PHE A 165 -10.55 25.79 1.66
N ILE A 166 -10.04 27.01 1.78
CA ILE A 166 -10.52 28.14 0.95
C ILE A 166 -10.21 27.99 -0.55
N SER A 167 -11.20 28.35 -1.37
CA SER A 167 -11.05 28.30 -2.82
C SER A 167 -11.93 29.34 -3.50
N LYS A 168 -11.57 29.70 -4.73
CA LYS A 168 -12.35 30.63 -5.53
C LYS A 168 -13.59 29.87 -6.00
N THR A 169 -14.74 30.15 -5.40
CA THR A 169 -15.99 29.42 -5.70
C THR A 169 -16.82 30.08 -6.80
N ASN A 170 -16.51 31.34 -7.11
CA ASN A 170 -17.20 32.08 -8.14
C ASN A 170 -16.19 32.73 -9.07
N ALA A 171 -16.49 32.73 -10.36
CA ALA A 171 -15.58 33.24 -11.37
C ALA A 171 -15.27 34.74 -11.30
N SER A 172 -16.24 35.55 -10.88
CA SER A 172 -16.09 37.01 -10.97
C SER A 172 -16.54 37.90 -9.79
N THR A 173 -16.93 37.31 -8.67
CA THR A 173 -17.45 38.11 -7.54
C THR A 173 -16.41 38.41 -6.46
N LEU A 174 -16.67 39.46 -5.67
CA LEU A 174 -15.76 39.88 -4.58
C LEU A 174 -15.71 38.88 -3.43
N ASP A 175 -16.84 38.21 -3.19
CA ASP A 175 -16.96 37.24 -2.10
C ASP A 175 -16.69 35.81 -2.53
N THR A 176 -15.99 35.66 -3.65
CA THR A 176 -15.72 34.35 -4.24
C THR A 176 -15.02 33.31 -3.33
N PHE A 177 -14.11 33.77 -2.48
CA PHE A 177 -13.39 32.85 -1.61
C PHE A 177 -14.21 32.35 -0.42
N LYS A 178 -14.68 31.11 -0.54
CA LYS A 178 -15.52 30.48 0.47
C LYS A 178 -15.07 29.05 0.72
N ALA A 179 -15.61 28.47 1.79
CA ALA A 179 -15.41 27.06 2.12
C ALA A 179 -16.70 26.63 2.83
N PRO A 180 -17.76 26.32 2.06
CA PRO A 180 -19.10 26.01 2.58
C PRO A 180 -19.16 25.00 3.73
N GLU A 181 -18.31 23.97 3.67
CA GLU A 181 -18.31 22.93 4.69
C GLU A 181 -17.39 23.21 5.88
N GLU A 182 -16.44 24.12 5.70
CA GLU A 182 -15.46 24.41 6.75
C GLU A 182 -15.47 25.86 7.26
N GLY A 183 -16.12 26.74 6.51
CA GLY A 183 -16.22 28.16 6.89
C GLY A 183 -14.89 28.88 6.85
N TYR A 184 -14.76 29.90 7.69
CA TYR A 184 -13.54 30.69 7.78
C TYR A 184 -12.92 30.51 9.15
N LEU A 185 -11.59 30.64 9.22
CA LEU A 185 -10.87 30.56 10.49
C LEU A 185 -11.19 31.80 11.33
N GLY A 186 -11.40 32.92 10.66
CA GLY A 186 -11.71 34.17 11.32
C GLY A 186 -12.25 35.23 10.38
N VAL A 187 -12.69 36.35 10.95
CA VAL A 187 -13.19 37.48 10.18
C VAL A 187 -12.60 38.79 10.68
N ILE A 188 -12.54 39.79 9.80
CA ILE A 188 -12.03 41.10 10.15
C ILE A 188 -13.17 42.11 10.06
N ILE A 189 -13.72 42.46 11.22
CA ILE A 189 -14.86 43.37 11.28
C ILE A 189 -14.58 44.57 12.19
N GLY A 190 -14.75 45.77 11.64
CA GLY A 190 -14.57 47.02 12.38
C GLY A 190 -13.17 47.21 12.93
N ASP A 191 -12.18 46.94 12.10
CA ASP A 191 -10.75 47.06 12.46
C ASP A 191 -10.38 46.16 13.64
N LYS A 192 -11.00 44.99 13.70
CA LYS A 192 -10.73 44.00 14.75
C LYS A 192 -10.79 42.57 14.20
N ILE A 193 -9.89 41.72 14.68
CA ILE A 193 -9.81 40.34 14.23
C ILE A 193 -10.60 39.42 15.16
N TYR A 194 -11.46 38.59 14.57
CA TYR A 194 -12.26 37.64 15.33
C TYR A 194 -12.01 36.21 14.88
N TYR A 195 -11.09 35.52 15.54
CA TYR A 195 -10.84 34.11 15.22
C TYR A 195 -11.93 33.22 15.80
N GLN A 196 -12.42 32.30 14.97
CA GLN A 196 -13.53 31.44 15.37
C GLN A 196 -13.24 29.95 15.29
N THR A 197 -12.47 29.54 14.27
CA THR A 197 -12.11 28.12 14.11
C THR A 197 -10.61 27.93 13.87
N ARG A 198 -10.13 26.73 14.17
CA ARG A 198 -8.73 26.37 13.94
C ARG A 198 -8.64 25.16 13.02
N LEU A 199 -7.63 25.16 12.16
CA LEU A 199 -7.39 24.06 11.23
C LEU A 199 -7.02 22.78 11.97
N ASP A 200 -7.84 21.74 11.81
CA ASP A 200 -7.57 20.45 12.47
C ASP A 200 -6.90 19.48 11.48
N LYS A 201 -5.82 19.96 10.87
CA LYS A 201 -5.01 19.16 9.95
C LYS A 201 -3.54 19.49 10.22
N VAL A 202 -2.64 18.67 9.72
CA VAL A 202 -1.21 18.89 9.89
C VAL A 202 -0.78 20.02 8.94
N HIS A 203 -0.07 21.01 9.48
CA HIS A 203 0.36 22.16 8.69
C HIS A 203 1.68 22.75 9.16
N THR A 204 2.27 23.57 8.31
CA THR A 204 3.51 24.33 8.59
C THR A 204 4.64 23.63 9.36
N THR A 205 4.79 23.99 10.64
CA THR A 205 5.87 23.45 11.48
C THR A 205 5.86 21.94 11.67
N ARG A 206 4.66 21.36 11.70
CA ARG A 206 4.52 19.93 11.93
C ARG A 206 4.47 19.12 10.62
N SER A 207 4.57 19.81 9.49
CA SER A 207 4.57 19.16 8.18
C SER A 207 5.91 18.51 7.88
N VAL A 208 5.86 17.36 7.22
CA VAL A 208 7.08 16.61 6.87
C VAL A 208 7.62 16.99 5.48
N PHE A 209 6.85 17.79 4.75
CA PHE A 209 7.24 18.20 3.41
C PHE A 209 8.20 19.39 3.43
N ASP A 210 9.42 19.15 2.95
CA ASP A 210 10.44 20.19 2.91
C ASP A 210 11.00 20.28 1.49
N VAL A 211 10.95 21.48 0.91
CA VAL A 211 11.45 21.69 -0.45
C VAL A 211 12.65 22.63 -0.53
N THR A 212 13.36 22.77 0.60
CA THR A 212 14.55 23.63 0.68
C THR A 212 15.63 23.18 -0.31
N ASN A 213 15.83 21.86 -0.41
CA ASN A 213 16.84 21.29 -1.29
C ASN A 213 16.26 20.70 -2.59
N VAL A 214 15.05 21.14 -2.95
CA VAL A 214 14.38 20.67 -4.16
C VAL A 214 14.46 21.74 -5.28
N ASP A 215 15.06 21.35 -6.40
CA ASP A 215 15.21 22.25 -7.55
C ASP A 215 14.06 22.14 -8.54
N LYS A 216 13.50 20.94 -8.69
CA LYS A 216 12.39 20.71 -9.60
C LYS A 216 11.40 19.70 -9.02
N LEU A 217 10.13 20.10 -9.00
CA LEU A 217 9.06 19.26 -8.45
C LEU A 217 8.53 18.28 -9.50
N PRO A 218 8.04 17.09 -9.04
CA PRO A 218 7.47 16.08 -9.94
C PRO A 218 6.25 16.61 -10.70
N ALA A 219 6.09 16.15 -11.94
CA ALA A 219 4.97 16.59 -12.78
C ALA A 219 3.67 15.86 -12.43
N VAL A 220 2.62 16.63 -12.19
CA VAL A 220 1.30 16.08 -11.87
C VAL A 220 0.21 16.74 -12.73
N ASP A 221 -0.57 15.92 -13.43
CA ASP A 221 -1.66 16.42 -14.27
C ASP A 221 -3.00 16.26 -13.59
N ILE A 222 -3.99 17.03 -14.05
CA ILE A 222 -5.36 16.91 -13.58
C ILE A 222 -6.27 16.58 -14.76
N ILE A 223 -6.93 15.42 -14.70
CA ILE A 223 -7.85 15.01 -15.75
C ILE A 223 -9.29 15.05 -15.25
N TYR A 224 -10.14 15.76 -16.00
CA TYR A 224 -11.53 15.98 -15.62
C TYR A 224 -12.43 14.77 -15.89
N GLY A 225 -13.42 14.58 -15.03
CA GLY A 225 -14.37 13.49 -15.18
C GLY A 225 -15.69 14.00 -15.69
N TYR A 226 -16.21 13.36 -16.74
CA TYR A 226 -17.47 13.77 -17.36
C TYR A 226 -18.02 12.67 -18.28
N GLN A 227 -19.23 12.86 -18.78
CA GLN A 227 -19.86 11.91 -19.70
C GLN A 227 -19.02 11.83 -20.97
N ASP A 228 -18.78 10.60 -21.44
CA ASP A 228 -17.97 10.33 -22.64
C ASP A 228 -16.51 10.79 -22.51
N ASP A 229 -15.98 10.76 -21.29
CA ASP A 229 -14.60 11.18 -21.04
C ASP A 229 -13.57 10.24 -21.71
N PRO A 230 -12.67 10.81 -22.53
CA PRO A 230 -11.67 10.08 -23.28
C PRO A 230 -10.59 9.41 -22.44
N GLU A 231 -10.22 8.19 -22.83
CA GLU A 231 -9.16 7.44 -22.16
C GLU A 231 -7.80 7.97 -22.61
N TYR A 232 -7.76 8.58 -23.80
CA TYR A 232 -6.51 9.08 -24.37
C TYR A 232 -5.83 10.24 -23.64
N MET A 233 -6.56 10.88 -22.71
CA MET A 233 -5.98 11.94 -21.89
C MET A 233 -4.97 11.35 -20.93
N TYR A 234 -5.29 10.15 -20.43
CA TYR A 234 -4.41 9.41 -19.53
C TYR A 234 -3.20 8.91 -20.30
N ASP A 235 -3.42 8.54 -21.57
CA ASP A 235 -2.34 8.09 -22.45
C ASP A 235 -1.34 9.22 -22.70
N ALA A 236 -1.86 10.45 -22.76
CA ALA A 236 -1.01 11.64 -22.94
C ALA A 236 -0.15 11.88 -21.70
N SER A 237 -0.73 11.68 -20.52
CA SER A 237 -0.02 11.85 -19.25
C SER A 237 1.09 10.80 -19.10
N ILE A 238 0.76 9.55 -19.45
CA ILE A 238 1.71 8.43 -19.36
C ILE A 238 2.90 8.62 -20.32
N LYS A 239 2.60 9.04 -21.56
CA LYS A 239 3.62 9.26 -22.58
C LYS A 239 4.63 10.34 -22.20
N HIS A 240 4.15 11.40 -21.57
CA HIS A 240 5.02 12.51 -21.14
C HIS A 240 5.69 12.27 -19.78
N GLY A 241 5.45 11.09 -19.20
CA GLY A 241 6.10 10.67 -17.97
C GLY A 241 5.81 11.48 -16.71
N VAL A 242 4.54 11.73 -16.44
CA VAL A 242 4.16 12.43 -15.21
C VAL A 242 4.31 11.47 -14.03
N LYS A 243 4.57 12.02 -12.86
CA LYS A 243 4.75 11.21 -11.67
C LYS A 243 3.42 11.01 -10.94
N GLY A 244 2.47 11.91 -11.20
CA GLY A 244 1.16 11.85 -10.57
C GLY A 244 0.02 12.31 -11.46
N ILE A 245 -1.18 11.82 -11.16
CA ILE A 245 -2.41 12.22 -11.88
C ILE A 245 -3.54 12.44 -10.89
N VAL A 246 -4.13 13.62 -10.92
CA VAL A 246 -5.28 13.91 -10.08
C VAL A 246 -6.54 13.85 -10.93
N TYR A 247 -7.47 12.99 -10.54
CA TYR A 247 -8.70 12.81 -11.27
C TYR A 247 -9.86 13.61 -10.67
N ALA A 248 -10.27 14.67 -11.38
CA ALA A 248 -11.41 15.49 -10.95
C ALA A 248 -12.69 14.73 -11.29
N GLY A 249 -13.02 13.76 -10.43
CA GLY A 249 -14.11 12.84 -10.69
C GLY A 249 -15.54 13.31 -10.62
N MET A 250 -16.39 12.56 -11.31
CA MET A 250 -17.83 12.79 -11.31
C MET A 250 -18.34 12.34 -9.94
N GLY A 251 -19.03 13.24 -9.25
CA GLY A 251 -19.53 12.95 -7.90
C GLY A 251 -18.40 12.70 -6.93
N ALA A 252 -18.48 11.58 -6.21
CA ALA A 252 -17.45 11.23 -5.23
C ALA A 252 -16.26 10.51 -5.88
N GLY A 253 -15.66 11.16 -6.88
CA GLY A 253 -14.50 10.63 -7.59
C GLY A 253 -14.78 9.39 -8.43
N SER A 254 -16.02 9.23 -8.87
CA SER A 254 -16.42 8.05 -9.64
C SER A 254 -15.79 8.03 -11.02
N VAL A 255 -15.27 6.87 -11.39
CA VAL A 255 -14.65 6.68 -12.70
C VAL A 255 -15.60 6.01 -13.67
N SER A 256 -15.48 6.38 -14.95
CA SER A 256 -16.24 5.72 -16.01
C SER A 256 -15.40 4.51 -16.41
N LYS A 257 -15.88 3.74 -17.38
CA LYS A 257 -15.13 2.56 -17.86
C LYS A 257 -13.82 2.98 -18.55
N ARG A 258 -13.82 4.17 -19.15
CA ARG A 258 -12.66 4.70 -19.83
C ARG A 258 -11.69 5.33 -18.84
N GLY A 259 -12.24 5.98 -17.81
CA GLY A 259 -11.43 6.58 -16.76
C GLY A 259 -10.78 5.52 -15.89
N ASP A 260 -11.51 4.42 -15.67
CA ASP A 260 -11.01 3.29 -14.89
C ASP A 260 -9.82 2.66 -15.62
N ALA A 261 -9.99 2.46 -16.94
CA ALA A 261 -8.94 1.88 -17.78
C ALA A 261 -7.71 2.78 -17.86
N GLY A 262 -7.94 4.09 -17.93
CA GLY A 262 -6.86 5.06 -17.99
C GLY A 262 -6.06 5.17 -16.71
N ILE A 263 -6.75 5.04 -15.58
CA ILE A 263 -6.10 5.10 -14.26
C ILE A 263 -5.28 3.84 -13.97
N ARG A 264 -5.84 2.67 -14.28
CA ARG A 264 -5.14 1.39 -14.08
C ARG A 264 -3.91 1.26 -14.98
N LYS A 265 -3.98 1.89 -16.16
CA LYS A 265 -2.88 1.90 -17.10
C LYS A 265 -1.76 2.80 -16.57
N ALA A 266 -2.15 3.87 -15.89
CA ALA A 266 -1.20 4.81 -15.30
C ALA A 266 -0.51 4.19 -14.08
N GLU A 267 -1.30 3.47 -13.28
CA GLU A 267 -0.78 2.80 -12.07
C GLU A 267 0.22 1.69 -12.40
N SER A 268 0.04 1.05 -13.55
CA SER A 268 0.94 -0.01 -13.99
C SER A 268 2.31 0.55 -14.41
N LYS A 269 2.34 1.86 -14.67
CA LYS A 269 3.57 2.54 -15.06
C LYS A 269 4.22 3.25 -13.87
N GLY A 270 3.69 3.00 -12.67
CA GLY A 270 4.24 3.58 -11.44
C GLY A 270 3.72 4.95 -11.08
N ILE A 271 2.77 5.45 -11.87
CA ILE A 271 2.17 6.78 -11.65
C ILE A 271 1.14 6.70 -10.53
N VAL A 272 1.28 7.57 -9.53
CA VAL A 272 0.34 7.61 -8.41
C VAL A 272 -0.88 8.44 -8.80
N VAL A 273 -2.05 7.82 -8.78
CA VAL A 273 -3.29 8.49 -9.15
C VAL A 273 -4.19 8.73 -7.94
N VAL A 274 -4.67 9.96 -7.79
CA VAL A 274 -5.55 10.33 -6.70
C VAL A 274 -6.92 10.76 -7.24
N ARG A 275 -7.98 10.13 -6.76
CA ARG A 275 -9.33 10.46 -7.18
C ARG A 275 -9.93 11.60 -6.36
N SER A 276 -10.01 12.78 -6.98
CA SER A 276 -10.64 13.95 -6.35
C SER A 276 -12.05 14.12 -6.90
N SER A 277 -12.64 15.30 -6.72
CA SER A 277 -14.01 15.54 -7.15
C SER A 277 -14.21 16.86 -7.88
N ARG A 278 -15.07 16.85 -8.90
CA ARG A 278 -15.38 18.06 -9.67
C ARG A 278 -16.52 18.86 -9.03
N THR A 279 -17.11 18.29 -7.98
CA THR A 279 -18.27 18.90 -7.30
C THR A 279 -18.01 20.27 -6.69
N GLY A 280 -16.91 20.40 -5.97
CA GLY A 280 -16.55 21.67 -5.33
C GLY A 280 -16.29 21.55 -3.83
N SER A 281 -16.81 20.48 -3.23
CA SER A 281 -16.63 20.23 -1.80
C SER A 281 -16.95 18.78 -1.46
N GLY A 282 -16.72 18.40 -0.21
CA GLY A 282 -17.07 17.07 0.25
C GLY A 282 -15.98 16.03 0.21
N ILE A 283 -16.27 14.89 0.84
CA ILE A 283 -15.33 13.78 0.97
C ILE A 283 -15.46 12.77 -0.17
N VAL A 284 -14.30 12.39 -0.73
CA VAL A 284 -14.24 11.28 -1.66
C VAL A 284 -13.83 10.08 -0.79
N PRO A 285 -14.78 9.19 -0.48
CA PRO A 285 -14.55 8.05 0.41
C PRO A 285 -13.73 6.94 -0.24
N PRO A 286 -13.00 6.14 0.58
CA PRO A 286 -12.24 5.02 0.05
C PRO A 286 -13.15 3.99 -0.61
N ASP A 287 -12.69 3.39 -1.70
CA ASP A 287 -13.46 2.39 -2.43
C ASP A 287 -12.50 1.37 -3.04
N ALA A 288 -12.58 0.14 -2.54
CA ALA A 288 -11.73 -0.95 -3.02
C ALA A 288 -12.10 -1.38 -4.45
N GLY A 289 -13.34 -1.09 -4.84
CA GLY A 289 -13.83 -1.44 -6.17
C GLY A 289 -13.34 -0.50 -7.28
N GLN A 290 -12.75 0.63 -6.88
CA GLN A 290 -12.21 1.60 -7.83
C GLN A 290 -10.71 1.74 -7.65
N PRO A 291 -9.96 1.97 -8.76
CA PRO A 291 -8.52 2.16 -8.66
C PRO A 291 -8.17 3.57 -8.20
N GLY A 292 -6.90 3.77 -7.83
CA GLY A 292 -6.43 5.08 -7.40
C GLY A 292 -6.67 5.37 -5.94
N LEU A 293 -5.96 6.36 -5.42
CA LEU A 293 -6.13 6.79 -4.04
C LEU A 293 -7.30 7.75 -3.95
N VAL A 294 -7.73 8.08 -2.74
CA VAL A 294 -8.82 9.03 -2.56
C VAL A 294 -8.33 10.35 -1.97
N ALA A 295 -8.91 11.45 -2.44
CA ALA A 295 -8.46 12.79 -2.07
C ALA A 295 -9.00 13.35 -0.76
N ASP A 296 -9.82 12.57 -0.05
CA ASP A 296 -10.44 13.04 1.20
C ASP A 296 -11.35 14.23 0.81
N SER A 297 -11.14 15.39 1.42
CA SER A 297 -11.93 16.58 1.07
C SER A 297 -11.17 17.56 0.18
N LEU A 298 -9.98 17.16 -0.24
CA LEU A 298 -9.13 18.01 -1.06
C LEU A 298 -9.60 18.15 -2.50
N SER A 299 -9.64 19.40 -2.97
CA SER A 299 -10.06 19.74 -4.32
C SER A 299 -8.99 19.27 -5.33
N PRO A 300 -9.35 19.16 -6.62
CA PRO A 300 -8.39 18.75 -7.64
C PRO A 300 -7.13 19.62 -7.65
N ALA A 301 -7.30 20.92 -7.48
CA ALA A 301 -6.19 21.87 -7.45
C ALA A 301 -5.26 21.64 -6.25
N LYS A 302 -5.86 21.48 -5.07
CA LYS A 302 -5.09 21.25 -3.84
C LYS A 302 -4.53 19.83 -3.77
N SER A 303 -5.28 18.86 -4.33
CA SER A 303 -4.83 17.46 -4.37
C SER A 303 -3.55 17.33 -5.18
N ARG A 304 -3.49 18.09 -6.28
CA ARG A 304 -2.32 18.10 -7.13
C ARG A 304 -1.09 18.62 -6.39
N ILE A 305 -1.30 19.67 -5.60
CA ILE A 305 -0.24 20.27 -4.80
C ILE A 305 0.31 19.28 -3.77
N LEU A 306 -0.59 18.60 -3.05
CA LEU A 306 -0.18 17.62 -2.04
C LEU A 306 0.51 16.42 -2.67
N LEU A 307 -0.03 15.93 -3.78
CA LEU A 307 0.54 14.78 -4.50
C LEU A 307 1.94 15.10 -5.01
N MET A 308 2.11 16.32 -5.52
CA MET A 308 3.39 16.81 -6.03
C MET A 308 4.45 16.79 -4.94
N LEU A 309 4.08 17.24 -3.75
CA LEU A 309 4.99 17.29 -2.61
C LEU A 309 5.19 15.92 -1.97
N ALA A 310 4.18 15.05 -2.06
CA ALA A 310 4.28 13.70 -1.53
C ALA A 310 5.24 12.86 -2.38
N LEU A 311 5.30 13.17 -3.66
CA LEU A 311 6.17 12.46 -4.60
C LEU A 311 7.66 12.82 -4.47
N THR A 312 7.96 13.87 -3.70
CA THR A 312 9.35 14.26 -3.44
C THR A 312 9.92 13.38 -2.33
N LYS A 313 9.03 12.73 -1.58
CA LYS A 313 9.42 11.89 -0.45
C LYS A 313 9.20 10.39 -0.71
N THR A 314 8.08 10.05 -1.34
CA THR A 314 7.75 8.64 -1.60
C THR A 314 6.79 8.44 -2.79
N THR A 315 6.69 7.19 -3.24
CA THR A 315 5.77 6.81 -4.30
C THR A 315 4.81 5.74 -3.79
N ASN A 316 4.94 5.42 -2.49
CA ASN A 316 4.11 4.40 -1.86
C ASN A 316 2.66 4.84 -1.69
N PRO A 317 1.71 4.09 -2.28
CA PRO A 317 0.28 4.39 -2.26
C PRO A 317 -0.30 4.54 -0.85
N ALA A 318 0.07 3.65 0.06
CA ALA A 318 -0.45 3.69 1.43
C ALA A 318 0.04 4.91 2.23
N VAL A 319 1.31 5.27 2.04
CA VAL A 319 1.90 6.43 2.73
C VAL A 319 1.29 7.74 2.19
N ILE A 320 1.14 7.82 0.87
CA ILE A 320 0.54 8.99 0.23
C ILE A 320 -0.95 9.12 0.60
N GLN A 321 -1.64 7.98 0.72
CA GLN A 321 -3.04 7.98 1.14
C GLN A 321 -3.17 8.53 2.57
N ASP A 322 -2.20 8.18 3.42
CA ASP A 322 -2.16 8.68 4.80
C ASP A 322 -1.96 10.19 4.84
N TYR A 323 -1.16 10.71 3.90
CA TYR A 323 -0.94 12.16 3.81
C TYR A 323 -2.25 12.88 3.46
N PHE A 324 -3.03 12.28 2.54
CA PHE A 324 -4.30 12.86 2.11
C PHE A 324 -5.37 12.94 3.20
N HIS A 325 -5.28 12.07 4.20
CA HIS A 325 -6.22 12.10 5.32
C HIS A 325 -5.73 12.99 6.47
N ALA A 326 -4.44 13.29 6.49
CA ALA A 326 -3.84 14.08 7.57
C ALA A 326 -3.57 15.53 7.21
N TYR A 327 -3.19 15.77 5.96
CA TYR A 327 -2.83 17.11 5.50
C TYR A 327 -3.97 17.86 4.83
N ASN B 3 -30.07 59.33 -27.21
CA ASN B 3 -30.66 59.77 -25.91
C ASN B 3 -30.61 58.68 -24.84
N LEU B 4 -29.96 58.99 -23.73
CA LEU B 4 -29.85 58.05 -22.61
C LEU B 4 -31.14 58.09 -21.77
N PRO B 5 -31.46 56.96 -21.08
CA PRO B 5 -32.64 56.92 -20.21
C PRO B 5 -32.60 57.95 -19.09
N ASN B 6 -33.76 58.35 -18.61
CA ASN B 6 -33.84 59.32 -17.52
C ASN B 6 -34.09 58.62 -16.19
N ILE B 7 -33.07 58.62 -15.33
CA ILE B 7 -33.16 57.95 -14.04
C ILE B 7 -33.16 58.95 -12.89
N VAL B 8 -34.12 58.78 -11.98
CA VAL B 8 -34.23 59.64 -10.80
C VAL B 8 -33.70 58.90 -9.57
N ILE B 9 -32.73 59.51 -8.89
CA ILE B 9 -32.17 58.92 -7.67
C ILE B 9 -32.78 59.55 -6.42
N LEU B 10 -33.50 58.74 -5.66
CA LEU B 10 -34.14 59.18 -4.42
C LEU B 10 -33.30 58.77 -3.21
N ALA B 11 -32.92 59.75 -2.40
CA ALA B 11 -32.09 59.50 -1.22
C ALA B 11 -32.89 59.47 0.08
N THR B 12 -32.71 58.41 0.85
CA THR B 12 -33.39 58.27 2.14
C THR B 12 -32.39 58.25 3.30
N GLY B 13 -31.11 58.11 2.98
CA GLY B 13 -30.04 58.08 3.97
C GLY B 13 -29.20 56.82 3.91
N GLY B 14 -28.78 56.33 5.08
CA GLY B 14 -27.99 55.11 5.16
C GLY B 14 -26.49 55.33 5.17
N THR B 15 -25.74 54.25 5.40
CA THR B 15 -24.28 54.29 5.44
C THR B 15 -23.68 54.59 4.06
N ILE B 16 -24.47 54.36 3.01
CA ILE B 16 -24.07 54.67 1.63
C ILE B 16 -23.78 56.18 1.49
N ALA B 17 -24.46 56.98 2.31
CA ALA B 17 -24.27 58.42 2.35
C ALA B 17 -23.68 58.83 3.71
N GLY B 18 -22.95 57.89 4.34
CA GLY B 18 -22.34 58.13 5.64
C GLY B 18 -20.85 58.44 5.55
N SER B 19 -20.35 59.16 6.55
CA SER B 19 -18.93 59.52 6.61
C SER B 19 -18.35 59.32 8.01
N ALA B 20 -17.12 58.83 8.08
CA ALA B 20 -16.45 58.58 9.35
C ALA B 20 -15.25 59.50 9.56
N ALA B 21 -14.63 59.39 10.72
CA ALA B 21 -13.46 60.20 11.07
C ALA B 21 -12.23 59.79 10.24
N ALA B 22 -11.98 58.49 10.19
CA ALA B 22 -10.87 57.93 9.43
C ALA B 22 -11.39 56.90 8.43
N ASN B 23 -10.57 56.57 7.44
CA ASN B 23 -10.95 55.59 6.42
C ASN B 23 -10.89 54.13 6.87
N THR B 24 -10.27 53.90 8.04
CA THR B 24 -10.20 52.56 8.62
C THR B 24 -11.42 52.27 9.49
N GLN B 25 -12.31 53.26 9.60
CA GLN B 25 -13.50 53.15 10.41
C GLN B 25 -14.72 52.76 9.58
N THR B 26 -15.21 51.55 9.78
CA THR B 26 -16.41 51.07 9.09
C THR B 26 -17.55 50.89 10.07
N THR B 27 -17.20 50.78 11.36
CA THR B 27 -18.18 50.60 12.44
C THR B 27 -17.79 51.46 13.66
N GLY B 28 -18.79 51.76 14.49
CA GLY B 28 -18.59 52.52 15.74
C GLY B 28 -17.95 53.88 15.57
N TYR B 29 -18.68 54.80 14.95
CA TYR B 29 -18.16 56.16 14.70
C TYR B 29 -19.29 57.19 14.69
N LYS B 30 -18.91 58.46 14.82
CA LYS B 30 -19.87 59.56 14.73
C LYS B 30 -20.19 59.80 13.26
N ALA B 31 -21.31 59.25 12.81
CA ALA B 31 -21.71 59.30 11.41
C ALA B 31 -22.19 60.66 10.92
N GLY B 32 -21.60 61.10 9.82
CA GLY B 32 -22.02 62.34 9.15
C GLY B 32 -22.91 61.97 7.98
N ALA B 33 -23.58 62.97 7.40
CA ALA B 33 -24.49 62.71 6.29
C ALA B 33 -24.05 63.38 4.99
N LEU B 34 -24.22 62.65 3.87
CA LEU B 34 -23.88 63.17 2.56
C LEU B 34 -25.14 63.30 1.70
N GLY B 35 -25.24 64.41 0.98
CA GLY B 35 -26.39 64.66 0.12
C GLY B 35 -26.43 63.77 -1.11
N VAL B 36 -27.56 63.76 -1.80
CA VAL B 36 -27.73 62.95 -3.00
C VAL B 36 -26.79 63.38 -4.14
N GLU B 37 -26.54 64.70 -4.24
CA GLU B 37 -25.64 65.24 -5.25
C GLU B 37 -24.18 64.86 -5.00
N THR B 38 -23.82 64.72 -3.73
CA THR B 38 -22.47 64.32 -3.33
C THR B 38 -22.19 62.87 -3.76
N LEU B 39 -23.22 62.03 -3.68
CA LEU B 39 -23.12 60.62 -4.09
C LEU B 39 -23.00 60.49 -5.60
N ILE B 40 -23.76 61.32 -6.33
CA ILE B 40 -23.75 61.32 -7.79
C ILE B 40 -22.42 61.82 -8.35
N GLN B 41 -21.89 62.90 -7.78
CA GLN B 41 -20.61 63.48 -8.23
C GLN B 41 -19.41 62.62 -7.87
N ALA B 42 -19.58 61.71 -6.90
CA ALA B 42 -18.53 60.78 -6.49
C ALA B 42 -18.31 59.72 -7.57
N VAL B 43 -19.35 59.46 -8.36
CA VAL B 43 -19.29 58.51 -9.46
C VAL B 43 -19.63 59.24 -10.77
N PRO B 44 -18.61 59.82 -11.43
CA PRO B 44 -18.82 60.55 -12.70
C PRO B 44 -19.12 59.60 -13.86
N GLU B 45 -18.99 58.30 -13.63
CA GLU B 45 -19.25 57.29 -14.64
C GLU B 45 -20.76 57.05 -14.84
N LEU B 46 -21.57 57.65 -13.97
CA LEU B 46 -23.03 57.55 -14.05
C LEU B 46 -23.57 58.29 -15.28
N LYS B 47 -22.80 59.25 -15.76
CA LYS B 47 -23.18 60.06 -16.93
C LYS B 47 -23.16 59.25 -18.24
N THR B 48 -22.44 58.13 -18.23
CA THR B 48 -22.37 57.26 -19.41
C THR B 48 -23.56 56.29 -19.43
N LEU B 49 -24.20 56.12 -18.28
CA LEU B 49 -25.34 55.21 -18.15
C LEU B 49 -26.66 55.88 -18.45
N ALA B 50 -26.92 57.02 -17.81
CA ALA B 50 -28.20 57.71 -17.95
C ALA B 50 -28.16 59.19 -17.54
N ASN B 51 -29.23 59.91 -17.87
CA ASN B 51 -29.38 61.30 -17.44
C ASN B 51 -29.91 61.29 -16.02
N ILE B 52 -29.06 61.67 -15.08
CA ILE B 52 -29.36 61.57 -13.66
C ILE B 52 -29.92 62.84 -13.01
N LYS B 53 -30.99 62.68 -12.23
CA LYS B 53 -31.57 63.76 -11.45
C LYS B 53 -31.78 63.26 -10.02
N GLY B 54 -31.08 63.89 -9.07
CA GLY B 54 -31.15 63.48 -7.67
C GLY B 54 -32.15 64.25 -6.83
N GLU B 55 -32.84 63.55 -5.94
CA GLU B 55 -33.81 64.16 -5.02
C GLU B 55 -33.62 63.59 -3.62
N GLN B 56 -33.63 64.47 -2.61
CA GLN B 56 -33.45 64.06 -1.23
C GLN B 56 -34.81 63.87 -0.53
N VAL B 57 -35.22 62.61 -0.39
CA VAL B 57 -36.49 62.28 0.28
C VAL B 57 -36.32 62.37 1.79
N ALA B 58 -35.26 61.76 2.30
CA ALA B 58 -34.94 61.76 3.73
C ALA B 58 -33.44 61.64 3.95
N SER B 59 -33.01 61.75 5.19
CA SER B 59 -31.61 61.62 5.55
C SER B 59 -31.49 60.93 6.91
N ILE B 60 -32.02 59.72 6.98
CA ILE B 60 -32.04 58.94 8.22
C ILE B 60 -31.43 57.56 8.03
N GLY B 61 -31.00 56.96 9.14
CA GLY B 61 -30.52 55.59 9.12
C GLY B 61 -31.74 54.70 8.95
N SER B 62 -31.59 53.61 8.18
CA SER B 62 -32.71 52.71 7.91
C SER B 62 -33.29 52.07 9.18
N GLU B 63 -32.48 52.04 10.24
CA GLU B 63 -32.95 51.54 11.54
C GLU B 63 -34.08 52.41 12.09
N ASN B 64 -34.15 53.65 11.59
CA ASN B 64 -35.19 54.60 11.96
C ASN B 64 -36.23 54.83 10.85
N MET B 65 -36.20 53.99 9.82
CA MET B 65 -37.18 54.08 8.73
C MET B 65 -38.56 53.65 9.25
N THR B 66 -39.57 54.46 8.96
CA THR B 66 -40.92 54.21 9.45
C THR B 66 -41.91 53.97 8.32
N SER B 67 -43.08 53.42 8.67
CA SER B 67 -44.14 53.13 7.70
C SER B 67 -44.70 54.40 7.05
N ASP B 68 -44.68 55.51 7.81
CA ASP B 68 -45.15 56.80 7.32
C ASP B 68 -44.25 57.34 6.19
N VAL B 69 -42.95 57.17 6.35
CA VAL B 69 -41.98 57.60 5.34
C VAL B 69 -42.06 56.68 4.11
N LEU B 70 -42.36 55.40 4.34
CA LEU B 70 -42.53 54.44 3.25
C LEU B 70 -43.76 54.76 2.40
N LEU B 71 -44.83 55.23 3.07
CA LEU B 71 -46.04 55.67 2.37
C LEU B 71 -45.73 56.83 1.45
N THR B 72 -45.00 57.81 1.98
CA THR B 72 -44.59 58.99 1.21
C THR B 72 -43.67 58.58 0.06
N LEU B 73 -42.76 57.64 0.33
CA LEU B 73 -41.83 57.14 -0.69
C LEU B 73 -42.57 56.42 -1.81
N SER B 74 -43.54 55.57 -1.44
CA SER B 74 -44.33 54.83 -2.42
C SER B 74 -45.19 55.73 -3.31
N LYS B 75 -45.79 56.75 -2.70
CA LYS B 75 -46.61 57.71 -3.44
C LYS B 75 -45.75 58.56 -4.38
N ARG B 76 -44.53 58.87 -3.95
CA ARG B 76 -43.61 59.67 -4.76
C ARG B 76 -43.07 58.86 -5.94
N VAL B 77 -42.72 57.59 -5.69
CA VAL B 77 -42.24 56.70 -6.75
C VAL B 77 -43.32 56.48 -7.82
N ASN B 78 -44.55 56.27 -7.36
CA ASN B 78 -45.70 56.11 -8.27
C ASN B 78 -45.96 57.32 -9.15
N GLU B 79 -45.76 58.52 -8.60
CA GLU B 79 -45.92 59.76 -9.37
C GLU B 79 -44.79 59.96 -10.37
N LEU B 80 -43.57 59.58 -9.98
CA LEU B 80 -42.40 59.69 -10.85
C LEU B 80 -42.48 58.74 -12.03
N LEU B 81 -42.82 57.49 -11.77
CA LEU B 81 -42.90 56.46 -12.81
C LEU B 81 -44.10 56.62 -13.75
N ALA B 82 -45.10 57.37 -13.30
CA ALA B 82 -46.29 57.64 -14.12
C ALA B 82 -45.98 58.63 -15.24
N ARG B 83 -44.91 59.41 -15.06
CA ARG B 83 -44.50 60.38 -16.08
C ARG B 83 -43.82 59.68 -17.25
N SER B 84 -43.95 60.27 -18.44
CA SER B 84 -43.37 59.70 -19.64
C SER B 84 -41.88 60.02 -19.79
N ASP B 85 -41.39 60.98 -19.02
CA ASP B 85 -39.98 61.37 -19.08
C ASP B 85 -39.10 60.76 -17.97
N VAL B 86 -39.61 59.69 -17.34
CA VAL B 86 -38.86 58.95 -16.32
C VAL B 86 -38.86 57.47 -16.71
N ASP B 87 -37.67 56.89 -16.79
CA ASP B 87 -37.53 55.50 -17.21
C ASP B 87 -37.29 54.51 -16.06
N GLY B 88 -36.84 55.03 -14.92
CA GLY B 88 -36.57 54.20 -13.76
C GLY B 88 -36.14 55.00 -12.55
N VAL B 89 -36.21 54.38 -11.37
CA VAL B 89 -35.87 55.05 -10.12
C VAL B 89 -34.85 54.23 -9.29
N VAL B 90 -33.82 54.92 -8.81
CA VAL B 90 -32.83 54.30 -7.92
C VAL B 90 -33.01 54.90 -6.52
N ILE B 91 -33.15 54.04 -5.52
CA ILE B 91 -33.35 54.53 -4.14
C ILE B 91 -32.19 54.16 -3.23
N THR B 92 -31.43 55.16 -2.80
CA THR B 92 -30.34 54.95 -1.85
C THR B 92 -30.96 54.81 -0.46
N HIS B 93 -30.61 53.72 0.22
CA HIS B 93 -31.25 53.36 1.48
C HIS B 93 -30.20 52.69 2.38
N GLY B 94 -30.52 52.55 3.66
CA GLY B 94 -29.65 51.84 4.59
C GLY B 94 -29.82 50.34 4.44
N THR B 95 -28.91 49.56 5.02
CA THR B 95 -28.96 48.10 4.91
C THR B 95 -29.74 47.43 6.04
N ASP B 96 -29.80 48.10 7.20
CA ASP B 96 -30.45 47.54 8.40
C ASP B 96 -31.92 47.15 8.23
N THR B 97 -32.67 47.93 7.47
CA THR B 97 -34.05 47.59 7.17
C THR B 97 -34.33 47.52 5.68
N LEU B 98 -33.33 47.05 4.93
CA LEU B 98 -33.47 46.88 3.49
C LEU B 98 -34.23 45.56 3.22
N ASP B 99 -34.65 44.89 4.29
CA ASP B 99 -35.49 43.70 4.19
C ASP B 99 -36.93 44.16 3.97
N GLU B 100 -37.32 45.24 4.65
CA GLU B 100 -38.69 45.76 4.60
C GLU B 100 -38.98 46.67 3.41
N SER B 101 -38.29 47.81 3.37
CA SER B 101 -38.52 48.85 2.36
C SER B 101 -38.75 48.44 0.89
N PRO B 102 -37.82 47.63 0.31
CA PRO B 102 -38.04 47.21 -1.07
C PRO B 102 -39.27 46.32 -1.26
N TYR B 103 -39.57 45.49 -0.27
CA TYR B 103 -40.75 44.62 -0.34
C TYR B 103 -42.05 45.41 -0.24
N PHE B 104 -42.00 46.53 0.48
CA PHE B 104 -43.15 47.42 0.60
C PHE B 104 -43.51 47.97 -0.78
N LEU B 105 -42.51 48.46 -1.49
CA LEU B 105 -42.70 49.01 -2.83
C LEU B 105 -42.93 47.92 -3.88
N ASN B 106 -42.56 46.69 -3.56
CA ASN B 106 -42.80 45.56 -4.45
C ASN B 106 -44.29 45.25 -4.55
N LEU B 107 -45.04 45.66 -3.53
CA LEU B 107 -46.46 45.42 -3.45
C LEU B 107 -47.29 46.68 -3.73
N THR B 108 -46.64 47.85 -3.65
CA THR B 108 -47.37 49.12 -3.80
C THR B 108 -47.11 49.94 -5.07
N VAL B 109 -45.97 49.73 -5.71
CA VAL B 109 -45.64 50.46 -6.95
C VAL B 109 -46.38 49.88 -8.16
N LYS B 110 -47.18 50.70 -8.82
CA LYS B 110 -47.97 50.24 -9.97
C LYS B 110 -47.32 50.59 -11.29
N SER B 111 -46.12 50.07 -11.51
CA SER B 111 -45.37 50.33 -12.75
C SER B 111 -44.40 49.20 -13.06
N ASP B 112 -44.15 48.98 -14.36
CA ASP B 112 -43.19 47.97 -14.81
C ASP B 112 -41.78 48.54 -14.84
N LYS B 113 -41.68 49.87 -14.74
CA LYS B 113 -40.39 50.57 -14.73
C LYS B 113 -39.58 50.18 -13.49
N PRO B 114 -38.26 49.95 -13.66
CA PRO B 114 -37.39 49.48 -12.59
C PRO B 114 -37.28 50.40 -11.36
N VAL B 115 -37.56 49.82 -10.20
CA VAL B 115 -37.37 50.48 -8.91
C VAL B 115 -36.22 49.74 -8.27
N VAL B 116 -35.04 50.36 -8.24
CA VAL B 116 -33.84 49.70 -7.76
C VAL B 116 -33.31 50.27 -6.45
N PHE B 117 -33.43 49.50 -5.38
CA PHE B 117 -32.87 49.89 -4.08
C PHE B 117 -31.38 49.62 -4.06
N VAL B 118 -30.63 50.55 -3.47
CA VAL B 118 -29.19 50.41 -3.37
C VAL B 118 -28.70 50.86 -1.99
N ALA B 119 -27.64 50.22 -1.51
CA ALA B 119 -27.09 50.52 -0.21
C ALA B 119 -25.59 50.21 -0.17
N ALA B 120 -24.97 50.45 0.98
CA ALA B 120 -23.55 50.16 1.18
C ALA B 120 -23.28 49.76 2.61
N MET B 121 -22.38 48.80 2.79
CA MET B 121 -22.02 48.31 4.11
C MET B 121 -20.90 49.12 4.73
N ARG B 122 -20.12 49.78 3.88
CA ARG B 122 -19.03 50.65 4.33
C ARG B 122 -19.36 52.10 4.00
N PRO B 123 -18.96 53.04 4.87
CA PRO B 123 -19.19 54.46 4.58
C PRO B 123 -18.36 54.92 3.37
N ALA B 124 -18.81 55.98 2.70
CA ALA B 124 -18.13 56.51 1.52
C ALA B 124 -16.67 56.89 1.77
N THR B 125 -16.34 57.17 3.03
CA THR B 125 -14.99 57.55 3.42
C THR B 125 -14.08 56.34 3.65
N ALA B 126 -14.66 55.16 3.85
CA ALA B 126 -13.90 53.94 4.15
C ALA B 126 -13.03 53.44 3.00
N ILE B 127 -11.97 52.72 3.37
CA ILE B 127 -11.06 52.10 2.39
C ILE B 127 -11.87 51.04 1.61
N SER B 128 -11.83 51.13 0.29
CA SER B 128 -12.57 50.22 -0.61
C SER B 128 -14.07 50.26 -0.36
N ALA B 129 -14.61 51.47 -0.21
CA ALA B 129 -16.03 51.69 0.02
C ALA B 129 -16.86 51.09 -1.10
N ASP B 130 -17.85 50.28 -0.74
CA ASP B 130 -18.69 49.59 -1.73
C ASP B 130 -19.77 50.45 -2.37
N GLY B 131 -20.07 51.59 -1.74
CA GLY B 131 -21.08 52.54 -2.24
C GLY B 131 -20.99 52.94 -3.70
N PRO B 132 -19.84 53.48 -4.13
CA PRO B 132 -19.63 53.89 -5.53
C PRO B 132 -19.98 52.83 -6.59
N MET B 133 -19.53 51.58 -6.40
CA MET B 133 -19.82 50.52 -7.37
C MET B 133 -21.27 50.05 -7.29
N ASN B 134 -21.80 49.99 -6.07
CA ASN B 134 -23.19 49.61 -5.85
C ASN B 134 -24.14 50.59 -6.54
N LEU B 135 -23.84 51.88 -6.41
CA LEU B 135 -24.64 52.93 -7.05
C LEU B 135 -24.54 52.85 -8.57
N TYR B 136 -23.33 52.60 -9.07
CA TYR B 136 -23.10 52.44 -10.51
C TYR B 136 -23.92 51.27 -11.04
N GLY B 137 -23.88 50.15 -10.33
CA GLY B 137 -24.62 48.95 -10.71
C GLY B 137 -26.12 49.16 -10.67
N ALA B 138 -26.58 49.88 -9.65
CA ALA B 138 -28.03 50.16 -9.47
C ALA B 138 -28.59 51.03 -10.59
N VAL B 139 -27.85 52.06 -10.98
CA VAL B 139 -28.25 52.95 -12.06
C VAL B 139 -28.24 52.22 -13.40
N LYS B 140 -27.25 51.36 -13.59
CA LYS B 140 -27.12 50.56 -14.81
C LYS B 140 -28.33 49.63 -14.97
N VAL B 141 -28.78 49.05 -13.85
CA VAL B 141 -29.94 48.18 -13.85
C VAL B 141 -31.22 48.96 -14.15
N ALA B 142 -31.38 50.11 -13.49
CA ALA B 142 -32.56 50.96 -13.68
C ALA B 142 -32.67 51.52 -15.10
N ALA B 143 -31.53 51.75 -15.75
CA ALA B 143 -31.49 52.28 -17.10
C ALA B 143 -31.67 51.22 -18.18
N ASP B 144 -31.50 49.94 -17.81
CA ASP B 144 -31.66 48.83 -18.75
C ASP B 144 -33.14 48.52 -18.95
N LYS B 145 -33.56 48.47 -20.22
CA LYS B 145 -34.96 48.16 -20.56
C LYS B 145 -35.35 46.72 -20.25
N ASN B 146 -34.34 45.83 -20.18
CA ASN B 146 -34.54 44.43 -19.86
C ASN B 146 -34.88 44.21 -18.37
N SER B 147 -34.66 45.24 -17.57
CA SER B 147 -34.94 45.19 -16.13
C SER B 147 -36.41 45.42 -15.80
N ARG B 148 -37.19 45.77 -16.82
CA ARG B 148 -38.63 46.05 -16.67
C ARG B 148 -39.46 44.81 -16.36
N GLY B 149 -40.49 45.00 -15.54
CA GLY B 149 -41.43 43.93 -15.17
C GLY B 149 -40.86 42.79 -14.35
N ARG B 150 -39.86 43.09 -13.54
CA ARG B 150 -39.19 42.07 -12.72
C ARG B 150 -39.42 42.28 -11.23
N GLY B 151 -40.25 43.25 -10.88
CA GLY B 151 -40.51 43.59 -9.49
C GLY B 151 -39.43 44.51 -8.96
N VAL B 152 -39.54 44.90 -7.69
CA VAL B 152 -38.53 45.77 -7.08
C VAL B 152 -37.21 45.04 -6.89
N LEU B 153 -36.13 45.69 -7.35
CA LEU B 153 -34.81 45.10 -7.34
C LEU B 153 -33.92 45.71 -6.26
N VAL B 154 -32.98 44.92 -5.77
CA VAL B 154 -32.03 45.37 -4.73
C VAL B 154 -30.61 45.05 -5.21
N VAL B 155 -29.80 46.10 -5.38
CA VAL B 155 -28.46 45.94 -5.93
C VAL B 155 -27.30 46.29 -4.98
N LEU B 156 -26.55 45.26 -4.61
CA LEU B 156 -25.32 45.40 -3.82
C LEU B 156 -24.37 44.27 -4.19
N ASN B 157 -23.06 44.54 -4.10
CA ASN B 157 -22.01 43.53 -4.35
C ASN B 157 -22.16 42.77 -5.68
N ASP B 158 -22.46 43.50 -6.75
CA ASP B 158 -22.63 42.94 -8.11
C ASP B 158 -23.84 42.00 -8.26
N ARG B 159 -24.77 42.05 -7.31
CA ARG B 159 -25.94 41.17 -7.33
C ARG B 159 -27.24 41.94 -7.50
N ILE B 160 -28.19 41.34 -8.21
CA ILE B 160 -29.53 41.90 -8.37
C ILE B 160 -30.51 40.95 -7.68
N GLY B 161 -30.94 41.30 -6.48
CA GLY B 161 -31.84 40.45 -5.71
C GLY B 161 -33.29 40.92 -5.73
N SER B 162 -34.20 39.98 -5.58
CA SER B 162 -35.63 40.28 -5.55
C SER B 162 -36.03 40.79 -4.17
N ALA B 163 -36.89 41.81 -4.16
CA ALA B 163 -37.40 42.40 -2.92
C ALA B 163 -38.20 41.39 -2.09
N ARG B 164 -38.71 40.37 -2.76
CA ARG B 164 -39.49 39.32 -2.12
C ARG B 164 -38.60 38.30 -1.38
N PHE B 165 -37.36 38.13 -1.85
CA PHE B 165 -36.48 37.12 -1.26
C PHE B 165 -35.23 37.63 -0.55
N ILE B 166 -34.59 38.66 -1.11
CA ILE B 166 -33.32 39.17 -0.60
C ILE B 166 -33.41 39.76 0.82
N SER B 167 -32.41 39.47 1.64
CA SER B 167 -32.34 39.99 3.00
C SER B 167 -30.90 40.08 3.46
N LYS B 168 -30.67 40.91 4.48
CA LYS B 168 -29.36 41.05 5.07
C LYS B 168 -29.13 39.80 5.93
N THR B 169 -28.28 38.89 5.44
CA THR B 169 -28.04 37.60 6.12
C THR B 169 -26.87 37.64 7.09
N ASN B 170 -26.02 38.67 6.96
CA ASN B 170 -24.88 38.85 7.83
C ASN B 170 -24.88 40.28 8.38
N ALA B 171 -24.40 40.44 9.60
CA ALA B 171 -24.43 41.73 10.26
C ALA B 171 -23.46 42.79 9.70
N SER B 172 -22.28 42.36 9.24
CA SER B 172 -21.25 43.32 8.87
C SER B 172 -20.45 43.11 7.56
N THR B 173 -20.82 42.12 6.76
CA THR B 173 -20.07 41.82 5.53
C THR B 173 -20.63 42.48 4.28
N LEU B 174 -19.79 42.64 3.25
CA LEU B 174 -20.20 43.27 1.99
C LEU B 174 -21.16 42.41 1.17
N ASP B 175 -21.02 41.09 1.29
CA ASP B 175 -21.84 40.14 0.55
C ASP B 175 -23.08 39.70 1.32
N THR B 176 -23.43 40.46 2.37
CA THR B 176 -24.55 40.13 3.26
C THR B 176 -25.91 39.83 2.61
N PHE B 177 -26.25 40.56 1.54
CA PHE B 177 -27.54 40.36 0.89
C PHE B 177 -27.61 39.10 0.04
N LYS B 178 -28.26 38.08 0.59
CA LYS B 178 -28.39 36.78 -0.06
C LYS B 178 -29.82 36.23 0.06
N ALA B 179 -30.08 35.17 -0.68
CA ALA B 179 -31.33 34.44 -0.62
C ALA B 179 -30.97 32.99 -0.96
N PRO B 180 -30.49 32.22 0.05
CA PRO B 180 -29.98 30.85 -0.12
C PRO B 180 -30.90 29.92 -0.93
N GLU B 181 -32.21 30.02 -0.70
CA GLU B 181 -33.17 29.16 -1.36
C GLU B 181 -33.67 29.67 -2.71
N GLU B 182 -33.50 30.97 -2.97
CA GLU B 182 -34.03 31.57 -4.20
C GLU B 182 -32.97 32.22 -5.10
N GLY B 183 -31.77 32.43 -4.57
CA GLY B 183 -30.67 33.03 -5.33
C GLY B 183 -30.92 34.47 -5.72
N TYR B 184 -30.31 34.90 -6.82
CA TYR B 184 -30.47 36.26 -7.32
C TYR B 184 -31.20 36.26 -8.65
N LEU B 185 -31.91 37.35 -8.94
CA LEU B 185 -32.60 37.51 -10.22
C LEU B 185 -31.58 37.72 -11.34
N GLY B 186 -30.48 38.37 -11.01
CA GLY B 186 -29.42 38.64 -11.97
C GLY B 186 -28.12 39.06 -11.31
N VAL B 187 -27.07 39.16 -12.12
CA VAL B 187 -25.76 39.60 -11.64
C VAL B 187 -25.16 40.64 -12.59
N ILE B 188 -24.26 41.46 -12.07
CA ILE B 188 -23.60 42.50 -12.87
C ILE B 188 -22.10 42.20 -12.93
N ILE B 189 -21.67 41.64 -14.06
CA ILE B 189 -20.27 41.25 -14.24
C ILE B 189 -19.67 41.86 -15.51
N GLY B 190 -18.51 42.49 -15.36
CA GLY B 190 -17.77 43.09 -16.48
C GLY B 190 -18.56 44.15 -17.23
N ASP B 191 -19.23 45.01 -16.46
CA ASP B 191 -20.08 46.09 -16.98
C ASP B 191 -21.20 45.56 -17.89
N LYS B 192 -21.73 44.38 -17.54
CA LYS B 192 -22.83 43.75 -18.27
C LYS B 192 -23.81 43.08 -17.31
N ILE B 193 -25.10 43.20 -17.62
CA ILE B 193 -26.15 42.62 -16.78
C ILE B 193 -26.55 41.23 -17.28
N TYR B 194 -26.58 40.27 -16.36
CA TYR B 194 -26.96 38.90 -16.70
C TYR B 194 -28.15 38.44 -15.89
N TYR B 195 -29.35 38.51 -16.47
CA TYR B 195 -30.54 38.02 -15.80
C TYR B 195 -30.65 36.50 -15.90
N GLN B 196 -30.95 35.87 -14.77
CA GLN B 196 -30.97 34.42 -14.69
C GLN B 196 -32.32 33.84 -14.23
N THR B 197 -32.96 34.50 -13.27
CA THR B 197 -34.25 34.05 -12.76
C THR B 197 -35.28 35.18 -12.69
N ARG B 198 -36.55 34.81 -12.66
CA ARG B 198 -37.64 35.76 -12.53
C ARG B 198 -38.51 35.43 -11.32
N LEU B 199 -39.00 36.47 -10.65
CA LEU B 199 -39.87 36.31 -9.48
C LEU B 199 -41.20 35.67 -9.90
N ASP B 200 -41.51 34.51 -9.31
CA ASP B 200 -42.74 33.80 -9.61
C ASP B 200 -43.81 34.07 -8.54
N LYS B 201 -44.00 35.34 -8.24
CA LYS B 201 -45.01 35.80 -7.27
C LYS B 201 -45.70 37.03 -7.84
N VAL B 202 -46.83 37.40 -7.25
CA VAL B 202 -47.55 38.59 -7.69
C VAL B 202 -46.80 39.82 -7.18
N HIS B 203 -46.49 40.74 -8.09
CA HIS B 203 -45.73 41.94 -7.74
C HIS B 203 -46.12 43.14 -8.58
N THR B 204 -45.73 44.31 -8.11
CA THR B 204 -45.92 45.60 -8.79
C THR B 204 -47.26 45.84 -9.51
N THR B 205 -47.25 45.74 -10.84
CA THR B 205 -48.44 46.01 -11.66
C THR B 205 -49.64 45.13 -11.38
N ARG B 206 -49.39 43.85 -11.07
CA ARG B 206 -50.48 42.90 -10.81
C ARG B 206 -50.93 42.88 -9.35
N SER B 207 -50.23 43.61 -8.50
CA SER B 207 -50.57 43.67 -7.07
C SER B 207 -51.86 44.46 -6.83
N VAL B 208 -52.65 44.02 -5.86
CA VAL B 208 -53.91 44.68 -5.52
C VAL B 208 -53.74 45.72 -4.42
N PHE B 209 -52.56 45.74 -3.80
CA PHE B 209 -52.28 46.66 -2.69
C PHE B 209 -51.99 48.09 -3.16
N ASP B 210 -53.02 48.93 -3.09
CA ASP B 210 -52.90 50.33 -3.48
C ASP B 210 -53.03 51.22 -2.24
N VAL B 211 -51.98 51.97 -1.95
CA VAL B 211 -51.96 52.85 -0.78
C VAL B 211 -51.91 54.34 -1.13
N THR B 212 -52.40 54.68 -2.33
CA THR B 212 -52.44 56.07 -2.79
C THR B 212 -53.34 56.93 -1.89
N ASN B 213 -54.45 56.35 -1.46
CA ASN B 213 -55.41 57.04 -0.59
C ASN B 213 -55.32 56.62 0.88
N VAL B 214 -54.15 56.13 1.29
CA VAL B 214 -53.91 55.72 2.68
C VAL B 214 -53.03 56.74 3.41
N ASP B 215 -53.57 57.30 4.50
CA ASP B 215 -52.84 58.29 5.29
C ASP B 215 -51.97 57.64 6.37
N LYS B 216 -52.51 56.61 7.01
CA LYS B 216 -51.79 55.91 8.07
C LYS B 216 -52.02 54.39 7.98
N LEU B 217 -50.94 53.63 8.14
CA LEU B 217 -50.99 52.18 8.05
C LEU B 217 -51.27 51.53 9.41
N PRO B 218 -51.92 50.34 9.41
CA PRO B 218 -52.20 49.60 10.63
C PRO B 218 -50.93 49.18 11.35
N ALA B 219 -50.96 49.22 12.69
CA ALA B 219 -49.82 48.84 13.50
C ALA B 219 -49.64 47.33 13.57
N VAL B 220 -48.43 46.87 13.27
CA VAL B 220 -48.11 45.45 13.33
C VAL B 220 -46.80 45.23 14.10
N ASP B 221 -46.85 44.37 15.11
CA ASP B 221 -45.68 44.05 15.92
C ASP B 221 -45.09 42.70 15.53
N ILE B 222 -43.81 42.51 15.86
CA ILE B 222 -43.13 41.23 15.66
C ILE B 222 -42.65 40.71 17.01
N ILE B 223 -43.14 39.54 17.40
CA ILE B 223 -42.74 38.93 18.66
C ILE B 223 -41.91 37.67 18.40
N TYR B 224 -40.73 37.63 19.00
CA TYR B 224 -39.77 36.55 18.79
C TYR B 224 -40.16 35.27 19.52
N GLY B 225 -39.76 34.13 18.95
CA GLY B 225 -40.02 32.83 19.56
C GLY B 225 -38.74 32.22 20.08
N TYR B 226 -38.75 31.82 21.34
CA TYR B 226 -37.57 31.25 22.01
C TYR B 226 -37.97 30.50 23.27
N GLN B 227 -37.00 29.84 23.90
CA GLN B 227 -37.24 29.12 25.16
C GLN B 227 -37.63 30.11 26.24
N ASP B 228 -38.67 29.77 27.00
CA ASP B 228 -39.19 30.62 28.09
C ASP B 228 -39.73 31.97 27.61
N ASP B 229 -40.24 32.00 26.38
CA ASP B 229 -40.81 33.22 25.81
C ASP B 229 -42.08 33.65 26.55
N PRO B 230 -42.09 34.88 27.05
CA PRO B 230 -43.19 35.42 27.84
C PRO B 230 -44.49 35.62 27.07
N GLU B 231 -45.60 35.44 27.76
CA GLU B 231 -46.93 35.63 27.20
C GLU B 231 -47.30 37.11 27.28
N TYR B 232 -46.63 37.85 28.18
CA TYR B 232 -46.91 39.27 28.39
C TYR B 232 -46.53 40.22 27.24
N MET B 233 -45.72 39.74 26.30
CA MET B 233 -45.37 40.52 25.12
C MET B 233 -46.58 40.67 24.23
N TYR B 234 -47.38 39.60 24.17
CA TYR B 234 -48.61 39.60 23.40
C TYR B 234 -49.63 40.50 24.06
N ASP B 235 -49.62 40.52 25.40
CA ASP B 235 -50.50 41.38 26.18
C ASP B 235 -50.19 42.85 25.91
N ALA B 236 -48.91 43.16 25.70
CA ALA B 236 -48.46 44.52 25.40
C ALA B 236 -48.96 44.97 24.02
N SER B 237 -48.99 44.04 23.07
CA SER B 237 -49.47 44.31 21.72
C SER B 237 -50.99 44.52 21.70
N ILE B 238 -51.70 43.66 22.44
CA ILE B 238 -53.17 43.73 22.54
C ILE B 238 -53.61 45.05 23.20
N LYS B 239 -52.89 45.44 24.25
CA LYS B 239 -53.19 46.66 25.01
C LYS B 239 -53.10 47.93 24.14
N HIS B 240 -52.14 47.95 23.22
CA HIS B 240 -51.94 49.11 22.36
C HIS B 240 -52.74 49.06 21.05
N GLY B 241 -53.61 48.06 20.95
CA GLY B 241 -54.53 47.91 19.83
C GLY B 241 -53.92 47.75 18.45
N VAL B 242 -52.91 46.88 18.34
CA VAL B 242 -52.30 46.60 17.04
C VAL B 242 -53.27 45.77 16.20
N LYS B 243 -53.25 45.98 14.89
CA LYS B 243 -54.15 45.26 13.99
C LYS B 243 -53.58 43.92 13.59
N GLY B 244 -52.26 43.78 13.69
CA GLY B 244 -51.59 42.53 13.32
C GLY B 244 -50.38 42.21 14.18
N ILE B 245 -50.06 40.92 14.25
CA ILE B 245 -48.88 40.45 14.99
C ILE B 245 -48.18 39.38 14.16
N VAL B 246 -46.88 39.57 13.92
CA VAL B 246 -46.08 38.57 13.24
C VAL B 246 -45.22 37.84 14.24
N TYR B 247 -45.35 36.52 14.27
CA TYR B 247 -44.61 35.71 15.21
C TYR B 247 -43.37 35.08 14.59
N ALA B 248 -42.19 35.55 15.03
CA ALA B 248 -40.91 35.01 14.58
C ALA B 248 -40.67 33.69 15.29
N GLY B 249 -41.36 32.65 14.82
CA GLY B 249 -41.37 31.35 15.47
C GLY B 249 -40.14 30.48 15.47
N MET B 250 -40.08 29.62 16.47
CA MET B 250 -39.02 28.63 16.61
C MET B 250 -39.25 27.58 15.53
N GLY B 251 -38.22 27.31 14.73
CA GLY B 251 -38.33 26.35 13.64
C GLY B 251 -39.36 26.78 12.63
N ALA B 252 -40.28 25.87 12.28
CA ALA B 252 -41.33 26.17 11.31
C ALA B 252 -42.51 26.91 11.93
N GLY B 253 -42.22 28.02 12.60
CA GLY B 253 -43.25 28.84 13.24
C GLY B 253 -43.95 28.19 14.42
N SER B 254 -43.24 27.28 15.09
CA SER B 254 -43.81 26.55 16.22
C SER B 254 -44.02 27.42 17.43
N VAL B 255 -45.18 27.27 18.07
CA VAL B 255 -45.52 28.04 19.25
C VAL B 255 -45.29 27.25 20.53
N SER B 256 -44.89 27.94 21.59
CA SER B 256 -44.76 27.34 22.90
C SER B 256 -46.16 27.41 23.53
N LYS B 257 -46.31 26.89 24.74
CA LYS B 257 -47.60 26.95 25.44
C LYS B 257 -47.96 28.40 25.82
N ARG B 258 -46.94 29.22 26.04
CA ARG B 258 -47.13 30.63 26.37
C ARG B 258 -47.37 31.44 25.09
N GLY B 259 -46.71 31.03 24.01
CA GLY B 259 -46.88 31.68 22.71
C GLY B 259 -48.22 31.32 22.08
N ASP B 260 -48.67 30.10 22.35
CA ASP B 260 -49.97 29.62 21.86
C ASP B 260 -51.07 30.43 22.55
N ALA B 261 -50.93 30.59 23.87
CA ALA B 261 -51.89 31.35 24.68
C ALA B 261 -51.93 32.82 24.27
N GLY B 262 -50.75 33.39 24.00
CA GLY B 262 -50.64 34.78 23.58
C GLY B 262 -51.26 35.08 22.24
N ILE B 263 -51.07 34.15 21.30
CA ILE B 263 -51.64 34.30 19.94
C ILE B 263 -53.16 34.14 19.94
N ARG B 264 -53.65 33.12 20.65
CA ARG B 264 -55.10 32.87 20.76
C ARG B 264 -55.84 34.01 21.46
N LYS B 265 -55.14 34.68 22.39
CA LYS B 265 -55.71 35.82 23.11
C LYS B 265 -55.79 37.02 22.17
N ALA B 266 -54.81 37.15 21.29
CA ALA B 266 -54.76 38.23 20.30
C ALA B 266 -55.86 38.05 19.25
N GLU B 267 -56.07 36.79 18.84
CA GLU B 267 -57.08 36.46 17.83
C GLU B 267 -58.51 36.72 18.31
N SER B 268 -58.73 36.56 19.61
CA SER B 268 -60.04 36.79 20.21
C SER B 268 -60.39 38.27 20.24
N LYS B 269 -59.38 39.13 20.13
CA LYS B 269 -59.56 40.57 20.13
C LYS B 269 -59.59 41.15 18.70
N GLY B 270 -59.62 40.25 17.72
CA GLY B 270 -59.68 40.64 16.31
C GLY B 270 -58.34 40.93 15.65
N ILE B 271 -57.25 40.54 16.31
CA ILE B 271 -55.92 40.76 15.77
C ILE B 271 -55.48 39.58 14.90
N VAL B 272 -55.16 39.87 13.65
CA VAL B 272 -54.72 38.84 12.70
C VAL B 272 -53.25 38.50 12.96
N VAL B 273 -52.99 37.26 13.35
CA VAL B 273 -51.63 36.82 13.66
C VAL B 273 -51.08 35.89 12.57
N VAL B 274 -49.84 36.16 12.14
CA VAL B 274 -49.17 35.35 11.13
C VAL B 274 -47.90 34.71 11.72
N ARG B 275 -47.81 33.39 11.62
CA ARG B 275 -46.66 32.65 12.14
C ARG B 275 -45.52 32.58 11.12
N SER B 276 -44.46 33.35 11.37
CA SER B 276 -43.27 33.33 10.52
C SER B 276 -42.20 32.49 11.20
N SER B 277 -40.95 32.61 10.75
CA SER B 277 -39.86 31.82 11.30
C SER B 277 -38.61 32.64 11.63
N ARG B 278 -37.96 32.30 12.75
CA ARG B 278 -36.74 32.98 13.17
C ARG B 278 -35.49 32.37 12.50
N THR B 279 -35.70 31.26 11.78
CA THR B 279 -34.62 30.50 11.15
C THR B 279 -33.82 31.29 10.11
N GLY B 280 -34.51 32.02 9.24
CA GLY B 280 -33.85 32.81 8.20
C GLY B 280 -34.34 32.50 6.80
N SER B 281 -34.84 31.28 6.61
CA SER B 281 -35.35 30.84 5.31
C SER B 281 -36.32 29.68 5.47
N GLY B 282 -36.95 29.27 4.36
CA GLY B 282 -37.83 28.13 4.36
C GLY B 282 -39.31 28.41 4.49
N ILE B 283 -40.10 27.35 4.38
CA ILE B 283 -41.55 27.44 4.42
C ILE B 283 -42.12 27.13 5.80
N VAL B 284 -43.04 27.96 6.26
CA VAL B 284 -43.81 27.66 7.45
C VAL B 284 -45.11 27.05 6.92
N PRO B 285 -45.27 25.73 7.09
CA PRO B 285 -46.41 24.99 6.55
C PRO B 285 -47.70 25.20 7.35
N PRO B 286 -48.87 25.06 6.70
CA PRO B 286 -50.14 25.18 7.40
C PRO B 286 -50.28 24.10 8.46
N ASP B 287 -50.84 24.47 9.62
CA ASP B 287 -51.05 23.53 10.71
C ASP B 287 -52.36 23.89 11.39
N ALA B 288 -53.32 22.97 11.35
CA ALA B 288 -54.63 23.16 11.96
C ALA B 288 -54.58 23.06 13.49
N GLY B 289 -53.50 22.45 13.99
CA GLY B 289 -53.31 22.29 15.44
C GLY B 289 -52.67 23.49 16.11
N GLN B 290 -52.29 24.49 15.30
CA GLN B 290 -51.68 25.72 15.82
C GLN B 290 -52.51 26.94 15.40
N PRO B 291 -52.56 27.97 16.27
CA PRO B 291 -53.31 29.18 15.95
C PRO B 291 -52.58 30.08 14.96
N GLY B 292 -53.30 31.04 14.39
CA GLY B 292 -52.70 32.00 13.47
C GLY B 292 -52.57 31.50 12.05
N LEU B 293 -52.22 32.42 11.15
CA LEU B 293 -52.00 32.08 9.76
C LEU B 293 -50.53 31.72 9.59
N VAL B 294 -50.15 31.26 8.40
CA VAL B 294 -48.76 30.91 8.11
C VAL B 294 -48.12 31.87 7.12
N ALA B 295 -46.83 32.14 7.32
CA ALA B 295 -46.12 33.13 6.51
C ALA B 295 -45.53 32.64 5.20
N ASP B 296 -45.71 31.35 4.89
CA ASP B 296 -45.13 30.74 3.69
C ASP B 296 -43.60 30.85 3.84
N SER B 297 -42.90 31.46 2.87
CA SER B 297 -41.45 31.62 2.94
C SER B 297 -41.04 33.02 3.37
N LEU B 298 -42.02 33.85 3.70
CA LEU B 298 -41.78 35.23 4.10
C LEU B 298 -41.19 35.36 5.50
N SER B 299 -40.10 36.12 5.59
CA SER B 299 -39.40 36.38 6.85
C SER B 299 -40.28 37.23 7.77
N PRO B 300 -39.95 37.30 9.08
CA PRO B 300 -40.73 38.12 10.02
C PRO B 300 -40.83 39.58 9.57
N ALA B 301 -39.74 40.13 9.04
CA ALA B 301 -39.70 41.52 8.57
C ALA B 301 -40.60 41.76 7.37
N LYS B 302 -40.55 40.86 6.39
CA LYS B 302 -41.36 40.97 5.18
C LYS B 302 -42.82 40.61 5.44
N SER B 303 -43.05 39.65 6.35
CA SER B 303 -44.42 39.23 6.72
C SER B 303 -45.19 40.38 7.33
N ARG B 304 -44.49 41.18 8.16
CA ARG B 304 -45.08 42.36 8.78
C ARG B 304 -45.53 43.37 7.73
N ILE B 305 -44.68 43.55 6.71
CA ILE B 305 -44.98 44.46 5.61
C ILE B 305 -46.24 44.03 4.84
N LEU B 306 -46.30 42.74 4.47
CA LEU B 306 -47.46 42.22 3.74
C LEU B 306 -48.73 42.28 4.58
N LEU B 307 -48.62 41.89 5.85
CA LEU B 307 -49.77 41.91 6.78
C LEU B 307 -50.31 43.32 6.97
N MET B 308 -49.41 44.28 7.11
CA MET B 308 -49.76 45.69 7.27
C MET B 308 -50.56 46.20 6.08
N LEU B 309 -50.13 45.83 4.87
CA LEU B 309 -50.79 46.23 3.65
C LEU B 309 -52.08 45.45 3.41
N ALA B 310 -52.15 44.22 3.93
CA ALA B 310 -53.34 43.39 3.80
C ALA B 310 -54.47 43.88 4.70
N LEU B 311 -54.10 44.47 5.83
CA LEU B 311 -55.07 44.99 6.79
C LEU B 311 -55.73 46.31 6.35
N THR B 312 -55.20 46.89 5.27
CA THR B 312 -55.78 48.11 4.69
C THR B 312 -56.94 47.74 3.78
N LYS B 313 -56.97 46.48 3.35
CA LYS B 313 -58.00 45.99 2.45
C LYS B 313 -59.04 45.09 3.13
N THR B 314 -58.57 44.20 4.00
CA THR B 314 -59.46 43.23 4.65
C THR B 314 -58.94 42.72 6.01
N THR B 315 -59.82 42.04 6.74
CA THR B 315 -59.48 41.42 8.02
C THR B 315 -59.77 39.92 7.95
N ASN B 316 -60.29 39.47 6.80
CA ASN B 316 -60.63 38.07 6.55
C ASN B 316 -59.37 37.20 6.50
N PRO B 317 -59.24 36.25 7.45
CA PRO B 317 -58.07 35.37 7.56
C PRO B 317 -57.80 34.52 6.31
N ALA B 318 -58.86 34.15 5.60
CA ALA B 318 -58.74 33.35 4.38
C ALA B 318 -58.12 34.16 3.23
N VAL B 319 -58.52 35.41 3.11
CA VAL B 319 -58.01 36.31 2.07
C VAL B 319 -56.55 36.68 2.35
N ILE B 320 -56.24 36.94 3.62
CA ILE B 320 -54.88 37.28 4.04
C ILE B 320 -53.93 36.09 3.86
N GLN B 321 -54.44 34.88 4.11
CA GLN B 321 -53.65 33.65 3.92
C GLN B 321 -53.33 33.46 2.43
N ASP B 322 -54.31 33.80 1.58
CA ASP B 322 -54.12 33.73 0.13
C ASP B 322 -53.05 34.71 -0.34
N TYR B 323 -52.97 35.86 0.32
CA TYR B 323 -51.93 36.86 0.01
C TYR B 323 -50.54 36.31 0.32
N PHE B 324 -50.42 35.65 1.46
CA PHE B 324 -49.13 35.07 1.89
C PHE B 324 -48.59 33.96 0.98
N HIS B 325 -49.47 33.26 0.28
CA HIS B 325 -49.06 32.21 -0.65
C HIS B 325 -48.86 32.71 -2.08
N ALA B 326 -49.34 33.92 -2.36
CA ALA B 326 -49.26 34.48 -3.72
C ALA B 326 -48.32 35.67 -3.87
N TYR B 327 -48.12 36.42 -2.79
CA TYR B 327 -47.27 37.61 -2.82
C TYR B 327 -45.88 37.39 -2.26
N ASN C 3 3.56 -60.69 -17.85
CA ASN C 3 4.97 -61.13 -18.11
C ASN C 3 5.96 -60.05 -17.69
N LEU C 4 6.60 -60.27 -16.54
CA LEU C 4 7.58 -59.33 -15.99
C LEU C 4 8.93 -59.46 -16.69
N PRO C 5 9.71 -58.35 -16.74
CA PRO C 5 11.04 -58.34 -17.37
C PRO C 5 12.03 -59.33 -16.73
N ASN C 6 13.07 -59.67 -17.47
CA ASN C 6 14.10 -60.60 -16.98
C ASN C 6 15.35 -59.84 -16.55
N ILE C 7 15.63 -59.83 -15.26
CA ILE C 7 16.78 -59.11 -14.71
C ILE C 7 17.80 -60.06 -14.08
N VAL C 8 19.07 -59.85 -14.39
CA VAL C 8 20.15 -60.65 -13.83
C VAL C 8 20.94 -59.83 -12.80
N ILE C 9 21.07 -60.36 -11.59
CA ILE C 9 21.83 -59.68 -10.53
C ILE C 9 23.24 -60.27 -10.42
N LEU C 10 24.24 -59.43 -10.68
CA LEU C 10 25.64 -59.83 -10.60
C LEU C 10 26.26 -59.32 -9.29
N ALA C 11 26.72 -60.25 -8.45
CA ALA C 11 27.31 -59.89 -7.16
C ALA C 11 28.82 -59.80 -7.20
N THR C 12 29.35 -58.69 -6.68
CA THR C 12 30.80 -58.48 -6.60
C THR C 12 31.26 -58.36 -5.15
N GLY C 13 30.30 -58.19 -4.24
CA GLY C 13 30.59 -58.05 -2.81
C GLY C 13 30.09 -56.75 -2.22
N GLY C 14 30.78 -56.26 -1.19
CA GLY C 14 30.41 -55.01 -0.55
C GLY C 14 29.65 -55.18 0.76
N THR C 15 29.42 -54.06 1.45
CA THR C 15 28.69 -54.06 2.72
C THR C 15 27.21 -54.42 2.52
N ILE C 16 26.73 -54.29 1.28
CA ILE C 16 25.37 -54.70 0.92
C ILE C 16 25.21 -56.21 1.15
N ALA C 17 26.31 -56.94 1.04
CA ALA C 17 26.35 -58.36 1.29
C ALA C 17 27.13 -58.67 2.58
N GLY C 18 27.38 -57.63 3.37
CA GLY C 18 28.13 -57.76 4.62
C GLY C 18 27.26 -58.15 5.79
N SER C 19 27.87 -58.82 6.77
CA SER C 19 27.16 -59.27 7.97
C SER C 19 28.00 -59.00 9.22
N ALA C 20 27.44 -58.22 10.15
CA ALA C 20 28.13 -57.87 11.39
C ALA C 20 27.70 -58.77 12.55
N ALA C 21 28.43 -58.65 13.67
CA ALA C 21 28.13 -59.43 14.86
C ALA C 21 26.88 -58.91 15.57
N ALA C 22 26.67 -57.60 15.51
CA ALA C 22 25.51 -56.96 16.11
C ALA C 22 24.82 -56.04 15.10
N ASN C 23 23.76 -55.37 15.53
CA ASN C 23 23.02 -54.45 14.66
C ASN C 23 23.31 -52.96 14.91
N THR C 24 23.95 -52.67 16.04
CA THR C 24 24.36 -51.31 16.37
C THR C 24 25.70 -51.00 15.70
N GLN C 25 26.30 -52.04 15.12
CA GLN C 25 27.59 -51.94 14.46
C GLN C 25 27.43 -51.75 12.95
N THR C 26 28.01 -50.67 12.45
CA THR C 26 28.00 -50.37 11.02
C THR C 26 29.46 -50.22 10.60
N THR C 27 30.32 -49.98 11.60
CA THR C 27 31.75 -49.78 11.38
C THR C 27 32.58 -50.54 12.42
N GLY C 28 33.75 -51.04 11.99
CA GLY C 28 34.68 -51.75 12.88
C GLY C 28 34.17 -53.09 13.39
N TYR C 29 34.21 -54.10 12.52
CA TYR C 29 33.76 -55.45 12.88
C TYR C 29 34.32 -56.50 11.91
N LYS C 30 33.95 -57.75 12.13
CA LYS C 30 34.34 -58.85 11.26
C LYS C 30 33.25 -59.05 10.20
N ALA C 31 33.48 -58.52 9.01
CA ALA C 31 32.51 -58.56 7.93
C ALA C 31 32.35 -59.95 7.30
N GLY C 32 31.10 -60.40 7.22
CA GLY C 32 30.78 -61.69 6.60
C GLY C 32 30.45 -61.52 5.13
N ALA C 33 30.19 -62.63 4.44
CA ALA C 33 29.88 -62.59 3.02
C ALA C 33 28.58 -63.32 2.70
N LEU C 34 27.55 -62.54 2.34
CA LEU C 34 26.27 -63.10 1.96
C LEU C 34 26.23 -63.26 0.45
N GLY C 35 25.83 -64.45 -0.01
CA GLY C 35 25.77 -64.76 -1.44
C GLY C 35 24.68 -63.98 -2.17
N VAL C 36 24.73 -64.03 -3.49
CA VAL C 36 23.75 -63.33 -4.33
C VAL C 36 22.31 -63.83 -4.07
N GLU C 37 22.20 -65.13 -3.78
CA GLU C 37 20.91 -65.76 -3.49
C GLU C 37 20.35 -65.30 -2.13
N THR C 38 21.27 -65.03 -1.19
CA THR C 38 20.89 -64.54 0.14
C THR C 38 20.32 -63.12 0.05
N LEU C 39 20.87 -62.33 -0.88
CA LEU C 39 20.41 -60.97 -1.13
C LEU C 39 19.02 -60.95 -1.77
N ILE C 40 18.79 -61.91 -2.68
CA ILE C 40 17.50 -62.05 -3.37
C ILE C 40 16.40 -62.51 -2.41
N GLN C 41 16.73 -63.48 -1.56
CA GLN C 41 15.78 -64.02 -0.57
C GLN C 41 15.41 -63.02 0.53
N ALA C 42 16.31 -62.08 0.80
CA ALA C 42 16.09 -61.06 1.82
C ALA C 42 15.01 -60.05 1.38
N VAL C 43 14.87 -59.90 0.06
CA VAL C 43 13.86 -59.01 -0.51
C VAL C 43 12.92 -59.83 -1.42
N PRO C 44 11.85 -60.43 -0.85
CA PRO C 44 10.90 -61.20 -1.64
C PRO C 44 9.99 -60.31 -2.50
N GLU C 45 10.12 -58.99 -2.32
CA GLU C 45 9.33 -58.02 -3.06
C GLU C 45 9.86 -57.79 -4.48
N LEU C 46 11.01 -58.37 -4.78
CA LEU C 46 11.62 -58.27 -6.11
C LEU C 46 10.82 -59.07 -7.14
N LYS C 47 10.07 -60.05 -6.64
CA LYS C 47 9.24 -60.92 -7.47
C LYS C 47 8.04 -60.21 -8.09
N THR C 48 7.73 -59.01 -7.58
CA THR C 48 6.65 -58.18 -8.12
C THR C 48 7.20 -57.27 -9.21
N LEU C 49 8.53 -57.19 -9.30
CA LEU C 49 9.18 -56.32 -10.27
C LEU C 49 9.66 -57.07 -11.51
N ALA C 50 10.31 -58.21 -11.30
CA ALA C 50 10.91 -58.96 -12.41
C ALA C 50 11.21 -60.42 -12.08
N ASN C 51 11.58 -61.18 -13.12
CA ASN C 51 12.04 -62.56 -12.97
C ASN C 51 13.54 -62.48 -12.72
N ILE C 52 13.96 -62.87 -11.52
CA ILE C 52 15.34 -62.69 -11.09
C ILE C 52 16.25 -63.93 -11.17
N LYS C 53 17.41 -63.75 -11.80
CA LYS C 53 18.47 -64.76 -11.84
C LYS C 53 19.70 -64.13 -11.21
N GLY C 54 20.42 -64.91 -10.39
CA GLY C 54 21.60 -64.39 -9.69
C GLY C 54 22.90 -65.08 -10.03
N GLU C 55 23.97 -64.28 -10.09
CA GLU C 55 25.32 -64.79 -10.36
C GLU C 55 26.32 -64.14 -9.42
N GLN C 56 27.33 -64.91 -9.00
CA GLN C 56 28.37 -64.40 -8.12
C GLN C 56 29.65 -64.17 -8.92
N VAL C 57 29.86 -62.93 -9.36
CA VAL C 57 31.06 -62.55 -10.12
C VAL C 57 32.27 -62.50 -9.19
N ALA C 58 32.10 -61.87 -8.03
CA ALA C 58 33.16 -61.75 -7.04
C ALA C 58 32.56 -61.67 -5.64
N SER C 59 33.41 -61.75 -4.63
CA SER C 59 32.97 -61.64 -3.23
C SER C 59 34.03 -60.88 -2.43
N ILE C 60 34.26 -59.64 -2.84
CA ILE C 60 35.28 -58.80 -2.21
C ILE C 60 34.75 -57.40 -1.87
N GLY C 61 35.44 -56.73 -0.95
CA GLY C 61 35.13 -55.35 -0.63
C GLY C 61 35.58 -54.50 -1.80
N SER C 62 34.83 -53.44 -2.12
CA SER C 62 35.17 -52.59 -3.26
C SER C 62 36.52 -51.89 -3.13
N GLU C 63 37.01 -51.78 -1.89
CA GLU C 63 38.33 -51.23 -1.63
C GLU C 63 39.41 -52.11 -2.27
N ASN C 64 39.06 -53.38 -2.48
CA ASN C 64 39.94 -54.35 -3.12
C ASN C 64 39.55 -54.67 -4.57
N MET C 65 38.61 -53.91 -5.11
CA MET C 65 38.18 -54.08 -6.51
C MET C 65 39.31 -53.67 -7.44
N THR C 66 39.62 -54.53 -8.40
CA THR C 66 40.71 -54.29 -9.34
C THR C 66 40.21 -54.17 -10.77
N SER C 67 41.07 -53.65 -11.65
CA SER C 67 40.74 -53.49 -13.07
C SER C 67 40.56 -54.83 -13.77
N ASP C 68 41.21 -55.88 -13.24
CA ASP C 68 41.10 -57.23 -13.78
C ASP C 68 39.70 -57.80 -13.57
N VAL C 69 39.12 -57.52 -12.40
CA VAL C 69 37.76 -57.98 -12.08
C VAL C 69 36.74 -57.15 -12.87
N LEU C 70 37.08 -55.88 -13.12
CA LEU C 70 36.23 -55.00 -13.94
C LEU C 70 36.16 -55.47 -15.38
N LEU C 71 37.25 -56.06 -15.87
CA LEU C 71 37.30 -56.63 -17.21
C LEU C 71 36.39 -57.86 -17.26
N THR C 72 36.42 -58.67 -16.20
CA THR C 72 35.58 -59.86 -16.09
C THR C 72 34.10 -59.45 -15.96
N LEU C 73 33.86 -58.37 -15.22
CA LEU C 73 32.50 -57.85 -15.03
C LEU C 73 31.92 -57.28 -16.32
N SER C 74 32.71 -56.44 -17.00
CA SER C 74 32.27 -55.80 -18.25
C SER C 74 32.00 -56.81 -19.37
N LYS C 75 32.83 -57.85 -19.46
CA LYS C 75 32.66 -58.90 -20.46
C LYS C 75 31.39 -59.70 -20.19
N ARG C 76 31.12 -59.97 -18.92
CA ARG C 76 29.93 -60.73 -18.52
C ARG C 76 28.64 -59.93 -18.76
N VAL C 77 28.69 -58.62 -18.49
CA VAL C 77 27.53 -57.74 -18.72
C VAL C 77 27.19 -57.69 -20.21
N ASN C 78 28.22 -57.55 -21.05
CA ASN C 78 28.05 -57.50 -22.50
C ASN C 78 27.53 -58.81 -23.10
N GLU C 79 27.91 -59.93 -22.51
CA GLU C 79 27.42 -61.25 -22.95
C GLU C 79 25.95 -61.42 -22.61
N LEU C 80 25.57 -60.97 -21.41
CA LEU C 80 24.19 -61.07 -20.93
C LEU C 80 23.24 -60.14 -21.67
N LEU C 81 23.66 -58.89 -21.88
CA LEU C 81 22.81 -57.89 -22.55
C LEU C 81 22.59 -58.16 -24.04
N ALA C 82 23.48 -58.95 -24.64
CA ALA C 82 23.37 -59.33 -26.05
C ALA C 82 22.27 -60.38 -26.24
N ARG C 83 21.92 -61.07 -25.15
CA ARG C 83 20.89 -62.11 -25.17
C ARG C 83 19.49 -61.49 -25.19
N SER C 84 18.55 -62.18 -25.82
CA SER C 84 17.18 -61.70 -25.91
C SER C 84 16.37 -61.95 -24.64
N ASP C 85 16.84 -62.89 -23.82
CA ASP C 85 16.15 -63.24 -22.56
C ASP C 85 16.68 -62.47 -21.33
N VAL C 86 17.37 -61.36 -21.58
CA VAL C 86 17.87 -60.49 -20.51
C VAL C 86 17.50 -59.04 -20.84
N ASP C 87 16.72 -58.41 -19.96
CA ASP C 87 16.26 -57.04 -20.19
C ASP C 87 17.11 -55.98 -19.48
N GLY C 88 17.81 -56.38 -18.43
CA GLY C 88 18.67 -55.46 -17.67
C GLY C 88 19.52 -56.17 -16.63
N VAL C 89 20.54 -55.48 -16.15
CA VAL C 89 21.47 -56.05 -15.17
C VAL C 89 21.64 -55.16 -13.93
N VAL C 90 21.52 -55.78 -12.76
CA VAL C 90 21.75 -55.10 -11.48
C VAL C 90 23.06 -55.62 -10.90
N ILE C 91 23.95 -54.71 -10.53
CA ILE C 91 25.25 -55.09 -9.98
C ILE C 91 25.42 -54.65 -8.53
N THR C 92 25.43 -55.62 -7.61
CA THR C 92 25.67 -55.33 -6.20
C THR C 92 27.17 -55.13 -6.02
N HIS C 93 27.54 -53.97 -5.46
CA HIS C 93 28.93 -53.55 -5.37
C HIS C 93 29.14 -52.80 -4.05
N GLY C 94 30.39 -52.61 -3.65
CA GLY C 94 30.70 -51.83 -2.45
C GLY C 94 30.62 -50.35 -2.76
N THR C 95 30.60 -49.52 -1.71
CA THR C 95 30.49 -48.06 -1.89
C THR C 95 31.84 -47.36 -2.03
N ASP C 96 32.88 -47.95 -1.44
CA ASP C 96 34.23 -47.34 -1.41
C ASP C 96 34.82 -46.99 -2.77
N THR C 97 34.59 -47.85 -3.77
CA THR C 97 35.05 -47.56 -5.13
C THR C 97 33.92 -47.59 -6.15
N LEU C 98 32.74 -47.15 -5.72
CA LEU C 98 31.59 -47.07 -6.61
C LEU C 98 31.73 -45.80 -7.48
N ASP C 99 32.83 -45.08 -7.29
CA ASP C 99 33.16 -43.93 -8.13
C ASP C 99 33.73 -44.44 -9.45
N GLU C 100 34.52 -45.51 -9.37
CA GLU C 100 35.20 -46.07 -10.54
C GLU C 100 34.37 -47.07 -11.35
N SER C 101 33.98 -48.15 -10.71
CA SER C 101 33.27 -49.27 -11.36
C SER C 101 32.13 -48.95 -12.35
N PRO C 102 31.14 -48.14 -11.92
CA PRO C 102 30.05 -47.80 -12.85
C PRO C 102 30.52 -46.98 -14.05
N TYR C 103 31.49 -46.09 -13.84
CA TYR C 103 32.02 -45.28 -14.93
C TYR C 103 32.82 -46.11 -15.92
N PHE C 104 33.44 -47.20 -15.43
CA PHE C 104 34.18 -48.13 -16.28
C PHE C 104 33.21 -48.77 -17.27
N LEU C 105 32.07 -49.23 -16.76
CA LEU C 105 31.06 -49.86 -17.60
C LEU C 105 30.27 -48.86 -18.43
N ASN C 106 30.31 -47.58 -18.04
CA ASN C 106 29.64 -46.51 -18.80
C ASN C 106 30.33 -46.29 -20.14
N LEU C 107 31.58 -46.75 -20.25
CA LEU C 107 32.37 -46.58 -21.45
C LEU C 107 32.58 -47.91 -22.19
N THR C 108 32.32 -49.03 -21.50
CA THR C 108 32.58 -50.35 -22.08
C THR C 108 31.37 -51.20 -22.46
N VAL C 109 30.20 -50.91 -21.87
CA VAL C 109 28.96 -51.65 -22.18
C VAL C 109 28.42 -51.23 -23.55
N LYS C 110 28.21 -52.20 -24.43
CA LYS C 110 27.75 -51.94 -25.80
C LYS C 110 26.23 -52.16 -25.98
N SER C 111 25.45 -51.71 -25.00
CA SER C 111 23.99 -51.89 -25.05
C SER C 111 23.23 -50.74 -24.44
N ASP C 112 21.96 -50.59 -24.85
CA ASP C 112 21.07 -49.56 -24.31
C ASP C 112 20.32 -50.07 -23.08
N LYS C 113 20.36 -51.38 -22.88
CA LYS C 113 19.70 -52.01 -21.73
C LYS C 113 20.32 -51.53 -20.41
N PRO C 114 19.47 -51.28 -19.39
CA PRO C 114 19.92 -50.71 -18.11
C PRO C 114 20.94 -51.55 -17.34
N VAL C 115 22.06 -50.90 -16.98
CA VAL C 115 23.08 -51.49 -16.12
C VAL C 115 23.03 -50.67 -14.84
N VAL C 116 22.49 -51.26 -13.79
CA VAL C 116 22.27 -50.52 -12.55
C VAL C 116 23.14 -51.01 -11.38
N PHE C 117 24.08 -50.18 -10.96
CA PHE C 117 24.92 -50.47 -9.81
C PHE C 117 24.15 -50.15 -8.53
N VAL C 118 24.29 -51.01 -7.54
CA VAL C 118 23.62 -50.83 -6.26
C VAL C 118 24.58 -51.17 -5.11
N ALA C 119 24.43 -50.44 -4.00
CA ALA C 119 25.28 -50.63 -2.85
C ALA C 119 24.53 -50.28 -1.56
N ALA C 120 25.19 -50.46 -0.43
CA ALA C 120 24.62 -50.13 0.87
C ALA C 120 25.68 -49.63 1.82
N MET C 121 25.34 -48.63 2.62
CA MET C 121 26.26 -48.04 3.58
C MET C 121 26.22 -48.78 4.91
N ARG C 122 25.12 -49.47 5.15
CA ARG C 122 24.94 -50.25 6.37
C ARG C 122 24.85 -51.73 6.03
N PRO C 123 25.42 -52.61 6.89
CA PRO C 123 25.32 -54.05 6.65
C PRO C 123 23.88 -54.54 6.82
N ALA C 124 23.55 -55.68 6.20
CA ALA C 124 22.19 -56.24 6.24
C ALA C 124 21.69 -56.51 7.67
N THR C 125 22.62 -56.75 8.58
CA THR C 125 22.28 -57.02 9.97
C THR C 125 21.97 -55.76 10.78
N ALA C 126 22.46 -54.61 10.30
CA ALA C 126 22.29 -53.33 11.00
C ALA C 126 20.85 -52.83 11.11
N ILE C 127 20.61 -51.99 12.12
CA ILE C 127 19.31 -51.37 12.34
C ILE C 127 19.04 -50.42 11.17
N SER C 128 17.85 -50.54 10.57
CA SER C 128 17.45 -49.74 9.41
C SER C 128 18.43 -49.87 8.24
N ALA C 129 18.82 -51.11 7.94
CA ALA C 129 19.75 -51.41 6.85
C ALA C 129 19.20 -50.91 5.52
N ASP C 130 20.01 -50.12 4.81
CA ASP C 130 19.58 -49.52 3.54
C ASP C 130 19.61 -50.46 2.34
N GLY C 131 20.34 -51.57 2.47
CA GLY C 131 20.47 -52.57 1.40
C GLY C 131 19.18 -53.05 0.74
N PRO C 132 18.22 -53.56 1.53
CA PRO C 132 16.94 -54.05 1.00
C PRO C 132 16.17 -53.07 0.09
N MET C 133 16.03 -51.81 0.51
CA MET C 133 15.32 -50.81 -0.31
C MET C 133 16.14 -50.37 -1.53
N ASN C 134 17.46 -50.28 -1.35
CA ASN C 134 18.37 -49.93 -2.45
C ASN C 134 18.30 -50.98 -3.55
N LEU C 135 18.29 -52.25 -3.16
CA LEU C 135 18.19 -53.37 -4.12
C LEU C 135 16.84 -53.38 -4.82
N TYR C 136 15.78 -53.09 -4.06
CA TYR C 136 14.42 -53.01 -4.62
C TYR C 136 14.37 -51.91 -5.68
N GLY C 137 14.92 -50.76 -5.34
CA GLY C 137 14.96 -49.62 -6.25
C GLY C 137 15.78 -49.88 -7.51
N ALA C 138 16.92 -50.55 -7.33
CA ALA C 138 17.82 -50.87 -8.44
C ALA C 138 17.19 -51.84 -9.45
N VAL C 139 16.50 -52.86 -8.94
CA VAL C 139 15.82 -53.84 -9.79
C VAL C 139 14.65 -53.18 -10.52
N LYS C 140 13.94 -52.30 -9.80
CA LYS C 140 12.81 -51.56 -10.38
C LYS C 140 13.28 -50.69 -11.55
N VAL C 141 14.44 -50.04 -11.38
CA VAL C 141 15.03 -49.21 -12.42
C VAL C 141 15.46 -50.06 -13.63
N ALA C 142 16.13 -51.18 -13.35
CA ALA C 142 16.59 -52.09 -14.41
C ALA C 142 15.45 -52.72 -15.21
N ALA C 143 14.31 -52.93 -14.55
CA ALA C 143 13.14 -53.55 -15.18
C ALA C 143 12.25 -52.53 -15.91
N ASP C 144 12.55 -51.24 -15.72
CA ASP C 144 11.79 -50.18 -16.37
C ASP C 144 12.31 -49.95 -17.79
N LYS C 145 11.41 -49.95 -18.76
CA LYS C 145 11.75 -49.75 -20.18
C LYS C 145 12.20 -48.30 -20.45
N ASN C 146 11.76 -47.38 -19.59
CA ASN C 146 12.12 -45.97 -19.72
C ASN C 146 13.55 -45.69 -19.24
N SER C 147 14.17 -46.69 -18.62
CA SER C 147 15.55 -46.56 -18.11
C SER C 147 16.61 -46.83 -19.18
N ARG C 148 16.17 -47.24 -20.36
CA ARG C 148 17.08 -47.58 -21.46
C ARG C 148 17.70 -46.35 -22.12
N GLY C 149 18.95 -46.49 -22.55
CA GLY C 149 19.68 -45.43 -23.25
C GLY C 149 20.04 -44.22 -22.40
N ARG C 150 20.25 -44.45 -21.11
CA ARG C 150 20.58 -43.36 -20.18
C ARG C 150 21.99 -43.50 -19.61
N GLY C 151 22.71 -44.53 -20.05
CA GLY C 151 24.05 -44.81 -19.52
C GLY C 151 23.97 -45.65 -18.27
N VAL C 152 25.12 -46.00 -17.71
CA VAL C 152 25.15 -46.80 -16.48
C VAL C 152 24.59 -46.00 -15.30
N LEU C 153 23.69 -46.63 -14.56
CA LEU C 153 23.00 -45.99 -13.45
C LEU C 153 23.49 -46.49 -12.09
N VAL C 154 23.38 -45.63 -11.09
CA VAL C 154 23.79 -45.96 -9.72
C VAL C 154 22.62 -45.64 -8.78
N VAL C 155 22.10 -46.66 -8.10
CA VAL C 155 20.93 -46.48 -7.23
C VAL C 155 21.16 -46.73 -5.74
N LEU C 156 21.07 -45.65 -4.97
CA LEU C 156 21.11 -45.68 -3.50
C LEU C 156 20.27 -44.55 -2.96
N ASN C 157 19.66 -44.77 -1.80
CA ASN C 157 18.89 -43.73 -1.08
C ASN C 157 17.81 -43.04 -1.95
N ASP C 158 17.07 -43.86 -2.72
CA ASP C 158 15.99 -43.38 -3.60
C ASP C 158 16.46 -42.49 -4.76
N ARG C 159 17.75 -42.52 -5.06
CA ARG C 159 18.32 -41.68 -6.12
C ARG C 159 18.86 -42.51 -7.28
N ILE C 160 18.70 -41.98 -8.50
CA ILE C 160 19.27 -42.62 -9.70
C ILE C 160 20.34 -41.67 -10.24
N GLY C 161 21.60 -41.98 -9.95
CA GLY C 161 22.71 -41.13 -10.37
C GLY C 161 23.44 -41.65 -11.59
N SER C 162 23.99 -40.74 -12.37
CA SER C 162 24.76 -41.10 -13.56
C SER C 162 26.16 -41.54 -13.16
N ALA C 163 26.66 -42.56 -13.86
CA ALA C 163 28.01 -43.10 -13.60
C ALA C 163 29.09 -42.06 -13.89
N ARG C 164 28.75 -41.11 -14.75
CA ARG C 164 29.66 -40.04 -15.15
C ARG C 164 29.81 -38.96 -14.06
N PHE C 165 28.77 -38.76 -13.24
CA PHE C 165 28.79 -37.69 -12.24
C PHE C 165 28.79 -38.12 -10.77
N ILE C 166 28.02 -39.15 -10.45
CA ILE C 166 27.83 -39.59 -9.06
C ILE C 166 29.10 -40.10 -8.39
N SER C 167 29.28 -39.73 -7.12
CA SER C 167 30.42 -40.18 -6.33
C SER C 167 30.08 -40.18 -4.85
N LYS C 168 30.84 -40.93 -4.07
CA LYS C 168 30.67 -40.99 -2.64
C LYS C 168 31.24 -39.67 -2.08
N THR C 169 30.35 -38.76 -1.67
CA THR C 169 30.77 -37.44 -1.19
C THR C 169 30.99 -37.37 0.31
N ASN C 170 30.51 -38.39 1.02
CA ASN C 170 30.66 -38.47 2.47
C ASN C 170 31.17 -39.85 2.85
N ALA C 171 31.99 -39.91 3.90
CA ALA C 171 32.61 -41.16 4.31
C ALA C 171 31.66 -42.21 4.89
N SER C 172 30.62 -41.79 5.61
CA SER C 172 29.79 -42.74 6.36
C SER C 172 28.26 -42.55 6.38
N THR C 173 27.73 -41.63 5.56
CA THR C 173 26.28 -41.37 5.57
C THR C 173 25.51 -42.12 4.49
N LEU C 174 24.20 -42.30 4.69
CA LEU C 174 23.34 -43.02 3.72
C LEU C 174 23.16 -42.24 2.42
N ASP C 175 23.12 -40.92 2.53
CA ASP C 175 22.90 -40.05 1.37
C ASP C 175 24.20 -39.62 0.70
N THR C 176 25.28 -40.34 0.96
CA THR C 176 26.60 -39.99 0.46
C THR C 176 26.76 -39.78 -1.05
N PHE C 177 26.04 -40.56 -1.85
CA PHE C 177 26.14 -40.45 -3.29
C PHE C 177 25.41 -39.25 -3.87
N LYS C 178 26.19 -38.22 -4.21
CA LYS C 178 25.66 -36.96 -4.72
C LYS C 178 26.47 -36.48 -5.92
N ALA C 179 25.92 -35.48 -6.60
CA ALA C 179 26.59 -34.79 -7.69
C ALA C 179 26.07 -33.34 -7.65
N PRO C 180 26.64 -32.51 -6.76
CA PRO C 180 26.18 -31.13 -6.51
C PRO C 180 25.96 -30.27 -7.76
N GLU C 181 26.82 -30.41 -8.75
CA GLU C 181 26.74 -29.60 -9.96
C GLU C 181 25.86 -30.21 -11.06
N GLU C 182 25.59 -31.51 -10.97
CA GLU C 182 24.83 -32.20 -12.02
C GLU C 182 23.52 -32.86 -11.56
N GLY C 183 23.37 -33.01 -10.24
CA GLY C 183 22.17 -33.63 -9.67
C GLY C 183 22.03 -35.10 -9.99
N TYR C 184 20.80 -35.58 -10.01
CA TYR C 184 20.51 -36.98 -10.32
C TYR C 184 19.73 -37.08 -11.62
N LEU C 185 19.87 -38.21 -12.31
CA LEU C 185 19.12 -38.46 -13.54
C LEU C 185 17.65 -38.69 -13.20
N GLY C 186 17.40 -39.29 -12.05
CA GLY C 186 16.04 -39.57 -11.60
C GLY C 186 15.96 -39.90 -10.13
N VAL C 187 14.72 -40.00 -9.64
CA VAL C 187 14.46 -40.35 -8.24
C VAL C 187 13.37 -41.43 -8.17
N ILE C 188 13.39 -42.21 -7.10
CA ILE C 188 12.40 -43.26 -6.89
C ILE C 188 11.57 -42.92 -5.66
N ILE C 189 10.38 -42.38 -5.89
CA ILE C 189 9.50 -41.95 -4.81
C ILE C 189 8.13 -42.61 -4.92
N GLY C 190 7.66 -43.19 -3.81
CA GLY C 190 6.35 -43.83 -3.74
C GLY C 190 6.13 -44.95 -4.73
N ASP C 191 7.15 -45.81 -4.86
CA ASP C 191 7.14 -46.95 -5.79
C ASP C 191 6.93 -46.50 -7.25
N LYS C 192 7.46 -45.32 -7.58
CA LYS C 192 7.37 -44.77 -8.94
C LYS C 192 8.70 -44.11 -9.31
N ILE C 193 9.10 -44.27 -10.57
CA ILE C 193 10.35 -43.70 -11.07
C ILE C 193 10.10 -42.36 -11.77
N TYR C 194 10.86 -41.34 -11.37
CA TYR C 194 10.73 -40.01 -11.95
C TYR C 194 12.03 -39.55 -12.58
N TYR C 195 12.15 -39.69 -13.90
CA TYR C 195 13.33 -39.21 -14.61
C TYR C 195 13.26 -37.71 -14.87
N GLN C 196 14.34 -37.01 -14.58
CA GLN C 196 14.37 -35.56 -14.70
C GLN C 196 15.45 -35.03 -15.63
N THR C 197 16.63 -35.66 -15.62
CA THR C 197 17.73 -35.22 -16.48
C THR C 197 18.36 -36.38 -17.26
N ARG C 198 19.02 -36.04 -18.36
CA ARG C 198 19.73 -37.02 -19.18
C ARG C 198 21.20 -36.65 -19.29
N LEU C 199 22.05 -37.66 -19.32
CA LEU C 199 23.49 -37.48 -19.45
C LEU C 199 23.83 -36.93 -20.84
N ASP C 200 24.42 -35.73 -20.87
CA ASP C 200 24.79 -35.10 -22.14
C ASP C 200 26.28 -35.35 -22.46
N LYS C 201 26.67 -36.62 -22.39
CA LYS C 201 28.03 -37.06 -22.70
C LYS C 201 27.94 -38.34 -23.50
N VAL C 202 29.05 -38.73 -24.12
CA VAL C 202 29.10 -39.97 -24.90
C VAL C 202 29.17 -41.15 -23.93
N HIS C 203 28.26 -42.11 -24.08
CA HIS C 203 28.21 -43.26 -23.19
C HIS C 203 27.73 -44.53 -23.89
N THR C 204 27.95 -45.67 -23.23
CA THR C 204 27.51 -46.99 -23.67
C THR C 204 27.60 -47.33 -25.17
N THR C 205 26.45 -47.26 -25.85
CA THR C 205 26.34 -47.63 -27.26
C THR C 205 27.19 -46.75 -28.20
N ARG C 206 27.28 -45.46 -27.87
CA ARG C 206 28.05 -44.52 -28.69
C ARG C 206 29.54 -44.46 -28.35
N SER C 207 29.95 -45.18 -27.32
CA SER C 207 31.35 -45.21 -26.88
C SER C 207 32.23 -46.03 -27.82
N VAL C 208 33.48 -45.57 -27.98
CA VAL C 208 34.44 -46.25 -28.87
C VAL C 208 35.36 -47.22 -28.13
N PHE C 209 35.22 -47.28 -26.81
CA PHE C 209 36.05 -48.15 -25.99
C PHE C 209 35.51 -49.58 -25.90
N ASP C 210 36.28 -50.53 -26.40
CA ASP C 210 35.90 -51.93 -26.39
C ASP C 210 37.05 -52.77 -25.81
N VAL C 211 36.79 -53.38 -24.65
CA VAL C 211 37.79 -54.20 -23.97
C VAL C 211 37.42 -55.68 -23.90
N THR C 212 36.66 -56.14 -24.88
CA THR C 212 36.23 -57.54 -24.96
C THR C 212 37.46 -58.45 -25.18
N ASN C 213 38.43 -57.94 -25.94
CA ASN C 213 39.66 -58.67 -26.21
C ASN C 213 40.87 -58.10 -25.46
N VAL C 214 40.66 -57.71 -24.20
CA VAL C 214 41.73 -57.15 -23.36
C VAL C 214 41.86 -57.91 -22.03
N ASP C 215 43.07 -58.34 -21.72
CA ASP C 215 43.35 -59.07 -20.48
C ASP C 215 44.01 -58.19 -19.42
N LYS C 216 44.83 -57.26 -19.87
CA LYS C 216 45.54 -56.36 -18.97
C LYS C 216 45.44 -54.92 -19.44
N LEU C 217 44.93 -54.06 -18.57
CA LEU C 217 44.77 -52.64 -18.86
C LEU C 217 46.02 -51.88 -18.41
N PRO C 218 46.39 -50.80 -19.14
CA PRO C 218 47.53 -49.96 -18.81
C PRO C 218 47.45 -49.40 -17.39
N ALA C 219 48.56 -49.48 -16.66
CA ALA C 219 48.62 -49.02 -15.28
C ALA C 219 48.59 -47.49 -15.18
N VAL C 220 47.70 -46.98 -14.34
CA VAL C 220 47.56 -45.54 -14.13
C VAL C 220 47.53 -45.24 -12.62
N ASP C 221 48.42 -44.36 -12.18
CA ASP C 221 48.48 -43.95 -10.78
C ASP C 221 47.81 -42.60 -10.55
N ILE C 222 47.38 -42.38 -9.31
CA ILE C 222 46.82 -41.09 -8.91
C ILE C 222 47.69 -40.46 -7.83
N ILE C 223 48.26 -39.30 -8.14
CA ILE C 223 49.11 -38.58 -7.21
C ILE C 223 48.41 -37.32 -6.71
N TYR C 224 48.34 -37.18 -5.39
CA TYR C 224 47.62 -36.08 -4.75
C TYR C 224 48.42 -34.79 -4.77
N GLY C 225 47.70 -33.66 -4.88
CA GLY C 225 48.32 -32.35 -4.88
C GLY C 225 48.06 -31.65 -3.57
N TYR C 226 49.13 -31.15 -2.94
CA TYR C 226 49.05 -30.48 -1.64
C TYR C 226 50.32 -29.67 -1.36
N GLN C 227 50.32 -28.96 -0.22
CA GLN C 227 51.49 -28.19 0.18
C GLN C 227 52.65 -29.13 0.48
N ASP C 228 53.84 -28.80 -0.03
CA ASP C 228 55.05 -29.60 0.15
C ASP C 228 54.97 -30.99 -0.48
N ASP C 229 54.19 -31.10 -1.56
CA ASP C 229 54.04 -32.38 -2.26
C ASP C 229 55.33 -32.81 -2.93
N PRO C 230 55.82 -34.01 -2.57
CA PRO C 230 57.06 -34.59 -3.07
C PRO C 230 57.10 -34.83 -4.57
N GLU C 231 58.29 -34.69 -5.16
CA GLU C 231 58.48 -34.95 -6.57
C GLU C 231 58.79 -36.44 -6.76
N TYR C 232 59.23 -37.08 -5.67
CA TYR C 232 59.61 -38.50 -5.71
C TYR C 232 58.45 -39.49 -5.92
N MET C 233 57.22 -39.03 -5.75
CA MET C 233 56.03 -39.85 -6.00
C MET C 233 55.91 -40.10 -7.49
N TYR C 234 56.27 -39.08 -8.28
CA TYR C 234 56.25 -39.17 -9.73
C TYR C 234 57.37 -40.09 -10.21
N ASP C 235 58.49 -40.07 -9.48
CA ASP C 235 59.64 -40.92 -9.78
C ASP C 235 59.30 -42.39 -9.56
N ALA C 236 58.46 -42.66 -8.56
CA ALA C 236 58.01 -44.01 -8.25
C ALA C 236 57.12 -44.57 -9.36
N SER C 237 56.33 -43.70 -9.98
CA SER C 237 55.44 -44.07 -11.07
C SER C 237 56.23 -44.36 -12.35
N ILE C 238 57.24 -43.52 -12.63
CA ILE C 238 58.10 -43.67 -13.81
C ILE C 238 58.95 -44.94 -13.72
N LYS C 239 59.47 -45.21 -12.51
CA LYS C 239 60.31 -46.39 -12.26
C LYS C 239 59.55 -47.69 -12.52
N HIS C 240 58.29 -47.74 -12.11
CA HIS C 240 57.46 -48.93 -12.30
C HIS C 240 56.77 -48.99 -13.66
N GLY C 241 57.07 -48.00 -14.51
CA GLY C 241 56.60 -47.97 -15.89
C GLY C 241 55.10 -47.90 -16.12
N VAL C 242 54.44 -46.94 -15.46
CA VAL C 242 53.00 -46.74 -15.66
C VAL C 242 52.78 -46.03 -16.99
N LYS C 243 51.62 -46.27 -17.61
CA LYS C 243 51.31 -45.65 -18.90
C LYS C 243 50.59 -44.31 -18.72
N GLY C 244 50.00 -44.10 -17.55
CA GLY C 244 49.28 -42.87 -17.26
C GLY C 244 49.39 -42.42 -15.82
N ILE C 245 49.21 -41.12 -15.60
CA ILE C 245 49.23 -40.53 -14.26
C ILE C 245 48.10 -39.50 -14.13
N VAL C 246 47.26 -39.67 -13.13
CA VAL C 246 46.20 -38.71 -12.87
C VAL C 246 46.57 -37.86 -11.66
N TYR C 247 46.62 -36.56 -11.86
CA TYR C 247 47.02 -35.64 -10.81
C TYR C 247 45.82 -35.00 -10.10
N ALA C 248 45.60 -35.41 -8.85
CA ALA C 248 44.53 -34.85 -8.02
C ALA C 248 44.99 -33.47 -7.54
N GLY C 249 44.86 -32.49 -8.41
CA GLY C 249 45.40 -31.15 -8.18
C GLY C 249 44.76 -30.23 -7.19
N MET C 250 45.55 -29.28 -6.72
CA MET C 250 45.09 -28.23 -5.81
C MET C 250 44.26 -27.25 -6.63
N GLY C 251 43.04 -27.01 -6.18
CA GLY C 251 42.12 -26.12 -6.89
C GLY C 251 41.79 -26.65 -8.26
N ALA C 252 41.95 -25.82 -9.28
CA ALA C 252 41.66 -26.21 -10.66
C ALA C 252 42.84 -26.94 -11.32
N GLY C 253 43.31 -28.00 -10.65
CA GLY C 253 44.41 -28.81 -11.15
C GLY C 253 45.76 -28.13 -11.16
N SER C 254 45.92 -27.13 -10.29
CA SER C 254 47.17 -26.36 -10.23
C SER C 254 48.33 -27.19 -9.70
N VAL C 255 49.48 -27.03 -10.33
CA VAL C 255 50.68 -27.76 -9.96
C VAL C 255 51.65 -26.89 -9.16
N SER C 256 52.34 -27.53 -8.22
CA SER C 256 53.40 -26.87 -7.46
C SER C 256 54.65 -26.96 -8.33
N LYS C 257 55.75 -26.36 -7.89
CA LYS C 257 57.02 -26.45 -8.64
C LYS C 257 57.58 -27.86 -8.63
N ARG C 258 57.29 -28.61 -7.57
CA ARG C 258 57.73 -29.99 -7.44
C ARG C 258 56.83 -30.91 -8.25
N GLY C 259 55.53 -30.59 -8.27
CA GLY C 259 54.55 -31.35 -9.05
C GLY C 259 54.70 -31.10 -10.53
N ASP C 260 55.05 -29.86 -10.88
CA ASP C 260 55.29 -29.46 -12.27
C ASP C 260 56.47 -30.25 -12.82
N ALA C 261 57.56 -30.27 -12.04
CA ALA C 261 58.78 -30.99 -12.41
C ALA C 261 58.55 -32.49 -12.54
N GLY C 262 57.67 -33.03 -11.70
CA GLY C 262 57.34 -34.45 -11.73
C GLY C 262 56.52 -34.83 -12.94
N ILE C 263 55.63 -33.93 -13.37
CA ILE C 263 54.80 -34.15 -14.54
C ILE C 263 55.62 -34.02 -15.84
N ARG C 264 56.50 -33.02 -15.90
CA ARG C 264 57.39 -32.81 -17.04
C ARG C 264 58.25 -34.05 -17.28
N LYS C 265 58.78 -34.59 -16.18
CA LYS C 265 59.65 -35.77 -16.21
C LYS C 265 58.87 -37.02 -16.67
N ALA C 266 57.61 -37.12 -16.26
CA ALA C 266 56.75 -38.23 -16.64
C ALA C 266 56.42 -38.17 -18.14
N GLU C 267 56.10 -36.98 -18.62
CA GLU C 267 55.77 -36.74 -20.03
C GLU C 267 56.92 -37.03 -20.99
N SER C 268 58.15 -36.80 -20.52
CA SER C 268 59.35 -37.04 -21.33
C SER C 268 59.62 -38.53 -21.53
N LYS C 269 59.03 -39.36 -20.66
CA LYS C 269 59.21 -40.80 -20.74
C LYS C 269 58.04 -41.48 -21.46
N GLY C 270 57.10 -40.68 -21.97
CA GLY C 270 55.96 -41.20 -22.72
C GLY C 270 54.68 -41.39 -21.92
N ILE C 271 54.71 -40.98 -20.66
CA ILE C 271 53.54 -41.12 -19.78
C ILE C 271 52.55 -39.97 -19.98
N VAL C 272 51.30 -40.31 -20.27
CA VAL C 272 50.26 -39.31 -20.46
C VAL C 272 49.71 -38.88 -19.10
N VAL C 273 49.87 -37.61 -18.78
CA VAL C 273 49.43 -37.07 -17.49
C VAL C 273 48.18 -36.21 -17.65
N VAL C 274 47.17 -36.48 -16.81
CA VAL C 274 45.93 -35.72 -16.82
C VAL C 274 45.73 -35.01 -15.47
N ARG C 275 45.55 -33.70 -15.52
CA ARG C 275 45.35 -32.91 -14.30
C ARG C 275 43.89 -32.84 -13.87
N SER C 276 43.58 -33.52 -12.77
CA SER C 276 42.24 -33.49 -12.20
C SER C 276 42.24 -32.58 -10.98
N SER C 277 41.23 -32.68 -10.14
CA SER C 277 41.11 -31.81 -8.97
C SER C 277 40.77 -32.56 -7.69
N ARG C 278 41.37 -32.14 -6.59
CA ARG C 278 41.12 -32.74 -5.27
C ARG C 278 39.88 -32.11 -4.60
N THR C 279 39.36 -31.05 -5.21
CA THR C 279 38.23 -30.28 -4.67
C THR C 279 36.96 -31.08 -4.45
N GLY C 280 36.58 -31.88 -5.44
CA GLY C 280 35.37 -32.69 -5.35
C GLY C 280 34.42 -32.48 -6.52
N SER C 281 34.51 -31.33 -7.16
CA SER C 281 33.66 -31.00 -8.30
C SER C 281 34.28 -29.87 -9.14
N GLY C 282 33.63 -29.55 -10.25
CA GLY C 282 34.05 -28.44 -11.09
C GLY C 282 34.91 -28.78 -12.28
N ILE C 283 35.19 -27.76 -13.08
CA ILE C 283 35.97 -27.90 -14.31
C ILE C 283 37.43 -27.52 -14.10
N VAL C 284 38.32 -28.39 -14.59
CA VAL C 284 39.74 -28.05 -14.67
C VAL C 284 39.94 -27.53 -16.09
N PRO C 285 40.11 -26.20 -16.23
CA PRO C 285 40.21 -25.54 -17.53
C PRO C 285 41.56 -25.76 -18.20
N PRO C 286 41.60 -25.73 -19.55
CA PRO C 286 42.86 -25.86 -20.28
C PRO C 286 43.81 -24.71 -19.96
N ASP C 287 45.10 -25.02 -19.86
CA ASP C 287 46.11 -24.02 -19.55
C ASP C 287 47.41 -24.39 -20.26
N ALA C 288 47.86 -23.50 -21.14
CA ALA C 288 49.09 -23.71 -21.91
C ALA C 288 50.35 -23.50 -21.06
N GLY C 289 50.18 -22.80 -19.93
CA GLY C 289 51.29 -22.53 -19.01
C GLY C 289 51.58 -23.67 -18.05
N GLN C 290 50.73 -24.69 -18.07
CA GLN C 290 50.90 -25.87 -17.22
C GLN C 290 51.02 -27.14 -18.06
N PRO C 291 51.85 -28.11 -17.61
CA PRO C 291 51.99 -29.36 -18.35
C PRO C 291 50.82 -30.31 -18.10
N GLY C 292 50.67 -31.32 -18.94
CA GLY C 292 49.61 -32.31 -18.78
C GLY C 292 48.29 -31.90 -19.42
N LEU C 293 47.41 -32.88 -19.59
CA LEU C 293 46.08 -32.64 -20.14
C LEU C 293 45.14 -32.25 -19.00
N VAL C 294 43.93 -31.84 -19.34
CA VAL C 294 42.94 -31.46 -18.33
C VAL C 294 41.77 -32.45 -18.24
N ALA C 295 41.30 -32.69 -17.02
CA ALA C 295 40.28 -33.69 -16.76
C ALA C 295 38.83 -33.24 -16.94
N ASP C 296 38.64 -31.99 -17.38
CA ASP C 296 37.29 -31.42 -17.54
C ASP C 296 36.62 -31.42 -16.14
N SER C 297 35.48 -32.11 -16.01
CA SER C 297 34.80 -32.21 -14.72
C SER C 297 34.98 -33.56 -14.06
N LEU C 298 35.79 -34.41 -14.67
CA LEU C 298 36.05 -35.75 -14.15
C LEU C 298 36.92 -35.76 -12.91
N SER C 299 36.47 -36.51 -11.90
CA SER C 299 37.18 -36.66 -10.63
C SER C 299 38.46 -37.47 -10.84
N PRO C 300 39.41 -37.42 -9.88
CA PRO C 300 40.64 -38.21 -9.97
C PRO C 300 40.36 -39.70 -10.21
N ALA C 301 39.37 -40.25 -9.50
CA ALA C 301 39.00 -41.66 -9.64
C ALA C 301 38.47 -41.99 -11.03
N LYS C 302 37.55 -41.16 -11.53
CA LYS C 302 36.96 -41.39 -12.86
C LYS C 302 37.93 -41.04 -14.00
N SER C 303 38.82 -40.08 -13.76
CA SER C 303 39.82 -39.68 -14.76
C SER C 303 40.78 -40.82 -15.02
N ARG C 304 41.12 -41.55 -13.96
CA ARG C 304 42.01 -42.70 -14.05
C ARG C 304 41.37 -43.79 -14.91
N ILE C 305 40.07 -43.99 -14.73
CA ILE C 305 39.31 -44.99 -15.49
C ILE C 305 39.31 -44.66 -16.98
N LEU C 306 38.98 -43.42 -17.33
CA LEU C 306 38.95 -42.98 -18.73
C LEU C 306 40.33 -43.01 -19.38
N LEU C 307 41.34 -42.54 -18.66
CA LEU C 307 42.72 -42.54 -19.15
C LEU C 307 43.21 -43.96 -19.43
N MET C 308 42.88 -44.88 -18.51
CA MET C 308 43.23 -46.29 -18.63
C MET C 308 42.65 -46.91 -19.89
N LEU C 309 41.39 -46.60 -20.18
CA LEU C 309 40.71 -47.12 -21.36
C LEU C 309 41.13 -46.40 -22.65
N ALA C 310 41.56 -45.14 -22.51
CA ALA C 310 42.02 -44.36 -23.67
C ALA C 310 43.40 -44.81 -24.15
N LEU C 311 44.20 -45.35 -23.23
CA LEU C 311 45.54 -45.82 -23.54
C LEU C 311 45.55 -47.17 -24.28
N THR C 312 44.42 -47.87 -24.26
CA THR C 312 44.28 -49.12 -25.02
C THR C 312 43.95 -48.76 -26.46
N LYS C 313 43.49 -47.53 -26.67
CA LYS C 313 43.08 -47.05 -27.97
C LYS C 313 44.19 -46.23 -28.65
N THR C 314 44.75 -45.26 -27.93
CA THR C 314 45.77 -44.37 -28.50
C THR C 314 46.69 -43.76 -27.43
N THR C 315 47.78 -43.15 -27.90
CA THR C 315 48.73 -42.45 -27.03
C THR C 315 48.84 -40.98 -27.44
N ASN C 316 48.02 -40.59 -28.41
CA ASN C 316 47.98 -39.22 -28.93
C ASN C 316 47.31 -38.30 -27.90
N PRO C 317 48.06 -37.30 -27.40
CA PRO C 317 47.58 -36.35 -26.38
C PRO C 317 46.35 -35.56 -26.80
N ALA C 318 46.23 -35.25 -28.09
CA ALA C 318 45.10 -34.49 -28.63
C ALA C 318 43.81 -35.32 -28.65
N VAL C 319 43.94 -36.61 -28.96
CA VAL C 319 42.79 -37.51 -29.01
C VAL C 319 42.29 -37.86 -27.60
N ILE C 320 43.23 -38.05 -26.68
CA ILE C 320 42.90 -38.33 -25.27
C ILE C 320 42.22 -37.12 -24.62
N GLN C 321 42.67 -35.92 -24.99
CA GLN C 321 42.06 -34.69 -24.48
C GLN C 321 40.64 -34.53 -25.00
N ASP C 322 40.39 -34.98 -26.23
CA ASP C 322 39.06 -34.95 -26.82
C ASP C 322 38.11 -35.90 -26.09
N TYR C 323 38.64 -37.02 -25.61
CA TYR C 323 37.86 -38.00 -24.84
C TYR C 323 37.41 -37.40 -23.51
N PHE C 324 38.30 -36.65 -22.86
CA PHE C 324 38.00 -36.03 -21.57
C PHE C 324 36.92 -34.96 -21.62
N HIS C 325 36.75 -34.32 -22.77
CA HIS C 325 35.71 -33.29 -22.94
C HIS C 325 34.40 -33.87 -23.49
N ALA C 326 34.44 -35.12 -23.95
CA ALA C 326 33.26 -35.75 -24.55
C ALA C 326 32.66 -36.91 -23.74
N TYR C 327 33.51 -37.62 -22.99
CA TYR C 327 33.06 -38.77 -22.22
C TYR C 327 32.79 -38.46 -20.75
N ASN D 3 25.29 -47.12 36.51
CA ASN D 3 23.85 -46.83 36.23
C ASN D 3 23.64 -46.08 34.92
N LEU D 4 22.56 -46.39 34.23
CA LEU D 4 22.22 -45.76 32.95
C LEU D 4 21.33 -44.53 33.17
N PRO D 5 21.39 -43.55 32.22
CA PRO D 5 20.54 -42.36 32.31
C PRO D 5 19.05 -42.69 32.21
N ASN D 6 18.20 -41.77 32.65
CA ASN D 6 16.76 -41.97 32.58
C ASN D 6 16.14 -41.11 31.48
N ILE D 7 15.70 -41.76 30.40
CA ILE D 7 15.13 -41.05 29.25
C ILE D 7 13.63 -41.34 29.10
N VAL D 8 12.85 -40.28 28.93
CA VAL D 8 11.41 -40.40 28.72
C VAL D 8 11.07 -40.10 27.26
N ILE D 9 10.38 -41.03 26.60
CA ILE D 9 9.98 -40.85 25.21
C ILE D 9 8.51 -40.40 25.10
N LEU D 10 8.33 -39.16 24.63
CA LEU D 10 6.99 -38.60 24.46
C LEU D 10 6.54 -38.76 23.01
N ALA D 11 5.44 -39.48 22.81
CA ALA D 11 4.91 -39.72 21.47
C ALA D 11 3.82 -38.74 21.09
N THR D 12 3.92 -38.19 19.88
CA THR D 12 2.91 -37.26 19.37
C THR D 12 2.28 -37.80 18.07
N GLY D 13 2.90 -38.83 17.50
CA GLY D 13 2.41 -39.45 16.27
C GLY D 13 3.44 -39.42 15.15
N GLY D 14 2.96 -39.37 13.92
CA GLY D 14 3.83 -39.31 12.75
C GLY D 14 4.02 -40.63 12.03
N THR D 15 4.70 -40.57 10.88
CA THR D 15 4.98 -41.76 10.06
C THR D 15 5.95 -42.71 10.78
N ILE D 16 6.68 -42.18 11.78
CA ILE D 16 7.56 -43.00 12.61
C ILE D 16 6.75 -44.08 13.36
N ALA D 17 5.49 -43.76 13.66
CA ALA D 17 4.57 -44.69 14.29
C ALA D 17 3.51 -45.14 13.28
N GLY D 18 3.78 -44.91 12.00
CA GLY D 18 2.87 -45.27 10.92
C GLY D 18 3.00 -46.71 10.48
N SER D 19 1.94 -47.25 9.89
CA SER D 19 1.93 -48.64 9.41
C SER D 19 1.11 -48.80 8.14
N ALA D 20 1.59 -49.64 7.24
CA ALA D 20 0.90 -49.90 5.98
C ALA D 20 0.69 -51.41 5.79
N ALA D 21 -0.18 -51.76 4.84
CA ALA D 21 -0.49 -53.16 4.55
C ALA D 21 0.67 -53.88 3.85
N ALA D 22 1.39 -53.14 3.01
CA ALA D 22 2.54 -53.69 2.29
C ALA D 22 3.80 -52.88 2.60
N ASN D 23 4.95 -53.56 2.62
CA ASN D 23 6.23 -52.91 2.92
C ASN D 23 6.82 -52.08 1.77
N THR D 24 6.22 -52.19 0.58
CA THR D 24 6.64 -51.41 -0.58
C THR D 24 5.90 -50.07 -0.62
N GLN D 25 4.99 -49.87 0.33
CA GLN D 25 4.20 -48.65 0.42
C GLN D 25 4.78 -47.68 1.44
N THR D 26 5.32 -46.56 0.93
CA THR D 26 5.87 -45.52 1.78
C THR D 26 5.02 -44.25 1.68
N THR D 27 4.26 -44.15 0.59
CA THR D 27 3.39 -43.00 0.35
C THR D 27 2.02 -43.45 -0.16
N GLY D 28 1.01 -42.59 0.00
CA GLY D 28 -0.36 -42.85 -0.47
C GLY D 28 -0.98 -44.13 0.02
N TYR D 29 -1.31 -44.16 1.31
CA TYR D 29 -1.91 -45.35 1.92
C TYR D 29 -2.77 -45.01 3.14
N LYS D 30 -3.61 -45.96 3.55
CA LYS D 30 -4.44 -45.79 4.73
C LYS D 30 -3.58 -46.07 5.96
N ALA D 31 -3.10 -45.00 6.59
CA ALA D 31 -2.17 -45.09 7.72
C ALA D 31 -2.79 -45.57 9.03
N GLY D 32 -2.02 -46.39 9.75
CA GLY D 32 -2.41 -46.89 11.06
C GLY D 32 -1.39 -46.44 12.09
N ALA D 33 -1.85 -46.10 13.28
CA ALA D 33 -0.97 -45.58 14.34
C ALA D 33 -0.48 -46.64 15.32
N LEU D 34 0.78 -46.51 15.73
CA LEU D 34 1.39 -47.41 16.71
C LEU D 34 1.65 -46.65 18.01
N GLY D 35 1.52 -47.34 19.14
CA GLY D 35 1.76 -46.74 20.45
C GLY D 35 3.24 -46.53 20.72
N VAL D 36 3.53 -45.76 21.76
CA VAL D 36 4.92 -45.46 22.15
C VAL D 36 5.72 -46.72 22.54
N GLU D 37 5.05 -47.65 23.21
CA GLU D 37 5.68 -48.91 23.64
C GLU D 37 6.08 -49.80 22.46
N THR D 38 5.29 -49.76 21.39
CA THR D 38 5.57 -50.54 20.19
C THR D 38 6.85 -50.04 19.50
N LEU D 39 7.09 -48.73 19.57
CA LEU D 39 8.30 -48.12 19.01
C LEU D 39 9.52 -48.51 19.85
N ILE D 40 9.32 -48.59 21.16
CA ILE D 40 10.39 -48.96 22.10
C ILE D 40 10.75 -50.44 21.96
N GLN D 41 9.73 -51.30 21.87
CA GLN D 41 9.95 -52.75 21.74
C GLN D 41 10.53 -53.16 20.38
N ALA D 42 10.37 -52.30 19.38
CA ALA D 42 10.92 -52.55 18.05
C ALA D 42 12.44 -52.38 18.04
N VAL D 43 12.94 -51.57 18.97
CA VAL D 43 14.38 -51.34 19.11
C VAL D 43 14.83 -51.78 20.52
N PRO D 44 15.20 -53.07 20.67
CA PRO D 44 15.64 -53.59 21.97
C PRO D 44 17.04 -53.11 22.37
N GLU D 45 17.70 -52.41 21.43
CA GLU D 45 19.04 -51.88 21.66
C GLU D 45 19.04 -50.59 22.49
N LEU D 46 17.83 -50.07 22.76
CA LEU D 46 17.67 -48.87 23.59
C LEU D 46 17.97 -49.15 25.05
N LYS D 47 17.89 -50.43 25.41
CA LYS D 47 18.14 -50.89 26.79
C LYS D 47 19.61 -50.74 27.20
N THR D 48 20.49 -50.69 26.21
CA THR D 48 21.93 -50.52 26.47
C THR D 48 22.30 -49.04 26.61
N LEU D 49 21.40 -48.17 26.15
CA LEU D 49 21.63 -46.73 26.21
C LEU D 49 21.13 -46.10 27.49
N ALA D 50 19.86 -46.38 27.84
CA ALA D 50 19.23 -45.77 29.00
C ALA D 50 18.00 -46.54 29.50
N ASN D 51 17.51 -46.13 30.68
CA ASN D 51 16.28 -46.67 31.25
C ASN D 51 15.13 -45.91 30.58
N ILE D 52 14.31 -46.63 29.82
CA ILE D 52 13.28 -46.02 29.00
C ILE D 52 11.85 -46.09 29.55
N LYS D 53 11.18 -44.93 29.57
CA LYS D 53 9.76 -44.84 29.94
C LYS D 53 9.04 -44.08 28.83
N GLY D 54 7.87 -44.57 28.44
CA GLY D 54 7.11 -43.96 27.34
C GLY D 54 5.76 -43.38 27.72
N GLU D 55 5.45 -42.22 27.13
CA GLU D 55 4.16 -41.55 27.35
C GLU D 55 3.56 -41.13 26.01
N GLN D 56 2.26 -41.32 25.86
CA GLN D 56 1.57 -40.94 24.63
C GLN D 56 0.91 -39.57 24.82
N VAL D 57 1.61 -38.53 24.41
CA VAL D 57 1.11 -37.15 24.52
C VAL D 57 0.00 -36.92 23.49
N ALA D 58 0.22 -37.43 22.28
CA ALA D 58 -0.74 -37.31 21.19
C ALA D 58 -0.56 -38.47 20.20
N SER D 59 -1.51 -38.58 19.27
CA SER D 59 -1.43 -39.61 18.24
C SER D 59 -1.98 -39.04 16.92
N ILE D 60 -1.32 -37.98 16.45
CA ILE D 60 -1.74 -37.29 15.22
C ILE D 60 -0.59 -37.09 14.25
N GLY D 61 -0.93 -36.92 12.97
CA GLY D 61 0.06 -36.60 11.96
C GLY D 61 0.49 -35.16 12.20
N SER D 62 1.79 -34.88 12.00
CA SER D 62 2.32 -33.53 12.26
C SER D 62 1.67 -32.44 11.42
N GLU D 63 1.05 -32.83 10.31
CA GLU D 63 0.31 -31.89 9.46
C GLU D 63 -0.90 -31.32 10.22
N ASN D 64 -1.33 -32.06 11.26
CA ASN D 64 -2.44 -31.65 12.11
C ASN D 64 -1.98 -31.21 13.51
N MET D 65 -0.69 -30.96 13.66
CA MET D 65 -0.15 -30.47 14.92
C MET D 65 -0.58 -29.03 15.12
N THR D 66 -1.12 -28.74 16.31
CA THR D 66 -1.62 -27.41 16.63
C THR D 66 -0.84 -26.77 17.76
N SER D 67 -0.99 -25.46 17.92
CA SER D 67 -0.32 -24.70 18.98
C SER D 67 -0.79 -25.11 20.36
N ASP D 68 -2.04 -25.58 20.45
CA ASP D 68 -2.62 -26.05 21.71
C ASP D 68 -1.94 -27.32 22.21
N VAL D 69 -1.62 -28.22 21.27
CA VAL D 69 -0.93 -29.47 21.60
C VAL D 69 0.54 -29.18 21.95
N LEU D 70 1.11 -28.15 21.33
CA LEU D 70 2.48 -27.72 21.61
C LEU D 70 2.61 -27.14 23.02
N LEU D 71 1.55 -26.49 23.49
CA LEU D 71 1.51 -25.97 24.85
C LEU D 71 1.50 -27.12 25.83
N THR D 72 0.69 -28.14 25.54
CA THR D 72 0.61 -29.35 26.35
C THR D 72 1.96 -30.09 26.36
N LEU D 73 2.60 -30.13 25.19
CA LEU D 73 3.89 -30.80 25.04
C LEU D 73 5.01 -30.07 25.79
N SER D 74 5.08 -28.75 25.61
CA SER D 74 6.12 -27.93 26.26
C SER D 74 6.00 -27.94 27.79
N LYS D 75 4.77 -27.90 28.29
CA LYS D 75 4.51 -27.95 29.73
C LYS D 75 4.91 -29.30 30.31
N ARG D 76 4.64 -30.37 29.56
CA ARG D 76 5.00 -31.72 29.99
C ARG D 76 6.52 -31.93 30.00
N VAL D 77 7.20 -31.38 29.01
CA VAL D 77 8.67 -31.47 28.92
C VAL D 77 9.31 -30.76 30.12
N ASN D 78 8.82 -29.56 30.43
CA ASN D 78 9.31 -28.79 31.57
C ASN D 78 9.05 -29.43 32.93
N GLU D 79 7.94 -30.16 33.05
CA GLU D 79 7.60 -30.90 34.27
C GLU D 79 8.57 -32.06 34.47
N LEU D 80 8.84 -32.78 33.37
CA LEU D 80 9.75 -33.92 33.39
C LEU D 80 11.21 -33.54 33.63
N LEU D 81 11.67 -32.50 32.95
CA LEU D 81 13.06 -32.05 33.07
C LEU D 81 13.40 -31.39 34.41
N ALA D 82 12.36 -30.98 35.16
CA ALA D 82 12.55 -30.40 36.49
C ALA D 82 12.81 -31.50 37.51
N ARG D 83 12.39 -32.73 37.17
CA ARG D 83 12.57 -33.89 38.04
C ARG D 83 14.00 -34.41 37.97
N SER D 84 14.48 -34.96 39.08
CA SER D 84 15.84 -35.50 39.16
C SER D 84 15.95 -36.86 38.49
N ASP D 85 14.83 -37.58 38.39
CA ASP D 85 14.82 -38.91 37.78
C ASP D 85 14.59 -38.92 36.27
N VAL D 86 14.81 -37.76 35.63
CA VAL D 86 14.70 -37.63 34.17
C VAL D 86 15.92 -36.84 33.66
N ASP D 87 16.75 -37.50 32.86
CA ASP D 87 17.97 -36.88 32.34
C ASP D 87 17.78 -36.22 30.97
N GLY D 88 16.83 -36.73 30.19
CA GLY D 88 16.56 -36.18 28.87
C GLY D 88 15.23 -36.66 28.32
N VAL D 89 14.75 -35.99 27.28
CA VAL D 89 13.46 -36.32 26.67
C VAL D 89 13.57 -36.50 25.15
N VAL D 90 13.03 -37.61 24.66
CA VAL D 90 12.97 -37.88 23.22
C VAL D 90 11.53 -37.73 22.75
N ILE D 91 11.31 -36.95 21.69
CA ILE D 91 9.96 -36.72 21.18
C ILE D 91 9.75 -37.26 19.77
N THR D 92 8.98 -38.35 19.66
CA THR D 92 8.65 -38.91 18.35
C THR D 92 7.57 -38.03 17.73
N HIS D 93 7.84 -37.54 16.53
CA HIS D 93 7.00 -36.55 15.88
C HIS D 93 6.97 -36.82 14.37
N GLY D 94 6.04 -36.18 13.67
CA GLY D 94 5.99 -36.29 12.21
C GLY D 94 7.01 -35.37 11.57
N THR D 95 7.29 -35.58 10.29
CA THR D 95 8.28 -34.77 9.56
C THR D 95 7.68 -33.52 8.91
N ASP D 96 6.38 -33.56 8.62
CA ASP D 96 5.70 -32.46 7.90
C ASP D 96 5.75 -31.09 8.58
N THR D 97 5.66 -31.08 9.91
CA THR D 97 5.81 -29.83 10.65
C THR D 97 6.90 -29.91 11.71
N LEU D 98 7.97 -30.64 11.39
CA LEU D 98 9.11 -30.76 12.28
C LEU D 98 9.98 -29.49 12.14
N ASP D 99 9.53 -28.56 11.29
CA ASP D 99 10.17 -27.26 11.16
C ASP D 99 9.75 -26.38 12.33
N GLU D 100 8.49 -26.55 12.75
CA GLU D 100 7.90 -25.73 13.81
C GLU D 100 8.12 -26.25 15.23
N SER D 101 7.60 -27.45 15.51
CA SER D 101 7.62 -28.04 16.85
C SER D 101 8.93 -27.97 17.67
N PRO D 102 10.07 -28.40 17.09
CA PRO D 102 11.32 -28.31 17.84
C PRO D 102 11.74 -26.87 18.14
N TYR D 103 11.46 -25.96 17.20
CA TYR D 103 11.81 -24.55 17.41
C TYR D 103 10.93 -23.89 18.48
N PHE D 104 9.70 -24.40 18.62
CA PHE D 104 8.78 -23.94 19.66
C PHE D 104 9.38 -24.24 21.02
N LEU D 105 9.84 -25.47 21.19
CA LEU D 105 10.45 -25.91 22.44
C LEU D 105 11.85 -25.34 22.65
N ASN D 106 12.49 -24.90 21.56
CA ASN D 106 13.82 -24.29 21.63
C ASN D 106 13.74 -22.93 22.34
N LEU D 107 12.54 -22.37 22.39
CA LEU D 107 12.30 -21.08 23.01
C LEU D 107 11.51 -21.19 24.33
N THR D 108 10.89 -22.35 24.57
CA THR D 108 10.04 -22.53 25.76
C THR D 108 10.53 -23.50 26.85
N VAL D 109 11.46 -24.38 26.51
CA VAL D 109 12.01 -25.33 27.50
C VAL D 109 12.96 -24.63 28.48
N LYS D 110 12.68 -24.75 29.78
CA LYS D 110 13.48 -24.09 30.81
C LYS D 110 14.54 -25.00 31.45
N SER D 111 15.21 -25.79 30.62
CA SER D 111 16.23 -26.72 31.12
C SER D 111 17.35 -26.94 30.11
N ASP D 112 18.54 -27.27 30.62
CA ASP D 112 19.71 -27.56 29.78
C ASP D 112 19.73 -29.03 29.34
N LYS D 113 18.88 -29.84 29.99
CA LYS D 113 18.76 -31.26 29.67
C LYS D 113 18.29 -31.43 28.22
N PRO D 114 18.85 -32.42 27.49
CA PRO D 114 18.56 -32.65 26.08
C PRO D 114 17.09 -32.96 25.74
N VAL D 115 16.54 -32.16 24.83
CA VAL D 115 15.20 -32.38 24.27
C VAL D 115 15.44 -32.75 22.82
N VAL D 116 15.25 -34.03 22.49
CA VAL D 116 15.57 -34.52 21.16
C VAL D 116 14.36 -34.97 20.36
N PHE D 117 14.04 -34.21 19.31
CA PHE D 117 12.96 -34.58 18.41
C PHE D 117 13.43 -35.63 17.41
N VAL D 118 12.57 -36.60 17.13
CA VAL D 118 12.89 -37.67 16.21
C VAL D 118 11.70 -37.98 15.30
N ALA D 119 11.99 -38.36 14.07
CA ALA D 119 10.96 -38.67 13.10
C ALA D 119 11.44 -39.72 12.11
N ALA D 120 10.57 -40.07 11.17
CA ALA D 120 10.91 -41.03 10.12
C ALA D 120 10.15 -40.72 8.85
N MET D 121 10.81 -40.88 7.71
CA MET D 121 10.20 -40.63 6.41
C MET D 121 9.45 -41.84 5.88
N ARG D 122 9.83 -43.02 6.37
CA ARG D 122 9.19 -44.28 5.97
C ARG D 122 8.45 -44.88 7.16
N PRO D 123 7.29 -45.52 6.91
CA PRO D 123 6.55 -46.18 8.01
C PRO D 123 7.31 -47.36 8.56
N ALA D 124 7.05 -47.71 9.83
CA ALA D 124 7.73 -48.82 10.50
C ALA D 124 7.66 -50.15 9.73
N THR D 125 6.59 -50.32 8.97
CA THR D 125 6.38 -51.54 8.20
C THR D 125 7.17 -51.57 6.89
N ALA D 126 7.60 -50.41 6.40
CA ALA D 126 8.30 -50.30 5.12
C ALA D 126 9.68 -50.95 5.06
N ILE D 127 10.10 -51.30 3.84
CA ILE D 127 11.41 -51.88 3.59
C ILE D 127 12.45 -50.81 3.92
N SER D 128 13.44 -51.19 4.74
CA SER D 128 14.51 -50.27 5.19
C SER D 128 13.95 -49.03 5.89
N ALA D 129 12.98 -49.25 6.78
CA ALA D 129 12.36 -48.17 7.55
C ALA D 129 13.40 -47.44 8.38
N ASP D 130 13.45 -46.11 8.24
CA ASP D 130 14.44 -45.28 8.92
C ASP D 130 14.16 -45.04 10.41
N GLY D 131 12.92 -45.26 10.82
CA GLY D 131 12.48 -45.05 12.22
C GLY D 131 13.35 -45.64 13.32
N PRO D 132 13.59 -46.97 13.28
CA PRO D 132 14.41 -47.66 14.29
C PRO D 132 15.80 -47.06 14.55
N MET D 133 16.55 -46.75 13.49
CA MET D 133 17.90 -46.16 13.65
C MET D 133 17.81 -44.70 14.12
N ASN D 134 16.82 -43.98 13.61
CA ASN D 134 16.59 -42.60 14.03
C ASN D 134 16.27 -42.53 15.52
N LEU D 135 15.44 -43.46 15.99
CA LEU D 135 15.07 -43.53 17.40
C LEU D 135 16.27 -43.90 18.29
N TYR D 136 17.07 -44.84 17.82
CA TYR D 136 18.29 -45.25 18.54
C TYR D 136 19.25 -44.08 18.66
N GLY D 137 19.41 -43.35 17.56
CA GLY D 137 20.28 -42.18 17.53
C GLY D 137 19.78 -41.06 18.43
N ALA D 138 18.46 -40.86 18.45
CA ALA D 138 17.84 -39.82 19.27
C ALA D 138 18.00 -40.09 20.76
N VAL D 139 17.80 -41.35 21.16
CA VAL D 139 17.94 -41.77 22.56
C VAL D 139 19.40 -41.66 23.02
N LYS D 140 20.32 -42.04 22.12
CA LYS D 140 21.76 -41.96 22.39
C LYS D 140 22.18 -40.52 22.65
N VAL D 141 21.65 -39.60 21.86
CA VAL D 141 21.93 -38.17 22.01
C VAL D 141 21.37 -37.65 23.33
N ALA D 142 20.13 -38.02 23.63
CA ALA D 142 19.46 -37.59 24.87
C ALA D 142 20.11 -38.16 26.13
N ALA D 143 20.69 -39.36 26.00
CA ALA D 143 21.34 -40.03 27.13
C ALA D 143 22.77 -39.51 27.38
N ASP D 144 23.34 -38.86 26.37
CA ASP D 144 24.69 -38.31 26.48
C ASP D 144 24.63 -36.97 27.23
N LYS D 145 25.45 -36.84 28.27
CA LYS D 145 25.49 -35.61 29.05
C LYS D 145 26.16 -34.45 28.31
N ASN D 146 26.97 -34.77 27.31
CA ASN D 146 27.64 -33.75 26.49
C ASN D 146 26.64 -33.04 25.56
N SER D 147 25.43 -33.58 25.46
CA SER D 147 24.37 -33.00 24.63
C SER D 147 23.63 -31.85 25.32
N ARG D 148 23.94 -31.63 26.60
CA ARG D 148 23.31 -30.57 27.39
C ARG D 148 23.70 -29.17 26.92
N GLY D 149 22.78 -28.22 27.10
CA GLY D 149 23.01 -26.81 26.76
C GLY D 149 23.29 -26.52 25.30
N ARG D 150 22.72 -27.32 24.41
CA ARG D 150 22.92 -27.16 22.98
C ARG D 150 21.64 -26.75 22.27
N GLY D 151 20.57 -26.55 23.03
CA GLY D 151 19.27 -26.22 22.47
C GLY D 151 18.53 -27.48 22.08
N VAL D 152 17.32 -27.32 21.57
CA VAL D 152 16.52 -28.47 21.13
C VAL D 152 17.15 -29.11 19.90
N LEU D 153 17.28 -30.44 19.95
CA LEU D 153 17.95 -31.18 18.90
C LEU D 153 16.96 -31.97 18.04
N VAL D 154 17.33 -32.18 16.77
CA VAL D 154 16.50 -32.94 15.83
C VAL D 154 17.36 -34.02 15.18
N VAL D 155 17.01 -35.28 15.42
CA VAL D 155 17.80 -36.40 14.93
C VAL D 155 17.11 -37.31 13.90
N LEU D 156 17.63 -37.26 12.67
CA LEU D 156 17.22 -38.16 11.59
C LEU D 156 18.41 -38.38 10.67
N ASN D 157 18.48 -39.58 10.09
CA ASN D 157 19.51 -39.92 9.10
C ASN D 157 20.96 -39.69 9.57
N ASP D 158 21.23 -40.10 10.83
CA ASP D 158 22.56 -39.97 11.45
C ASP D 158 23.03 -38.51 11.67
N ARG D 159 22.09 -37.57 11.65
CA ARG D 159 22.41 -36.15 11.82
C ARG D 159 21.78 -35.57 13.07
N ILE D 160 22.46 -34.61 13.68
CA ILE D 160 21.94 -33.88 14.83
C ILE D 160 21.82 -32.42 14.41
N GLY D 161 20.61 -31.98 14.09
CA GLY D 161 20.38 -30.62 13.64
C GLY D 161 19.78 -29.73 14.71
N SER D 162 20.08 -28.43 14.62
CA SER D 162 19.54 -27.45 15.55
C SER D 162 18.11 -27.13 15.20
N ALA D 163 17.28 -26.96 16.23
CA ALA D 163 15.87 -26.59 16.05
C ALA D 163 15.73 -25.21 15.39
N ARG D 164 16.77 -24.41 15.53
CA ARG D 164 16.81 -23.07 14.97
C ARG D 164 17.08 -23.07 13.44
N PHE D 165 17.79 -24.09 12.96
CA PHE D 165 18.17 -24.12 11.54
C PHE D 165 17.57 -25.24 10.70
N ILE D 166 17.44 -26.44 11.27
CA ILE D 166 17.01 -27.62 10.52
C ILE D 166 15.58 -27.55 9.99
N SER D 167 15.39 -28.00 8.76
CA SER D 167 14.07 -28.05 8.14
C SER D 167 13.99 -29.15 7.10
N LYS D 168 12.75 -29.57 6.80
CA LYS D 168 12.51 -30.57 5.78
C LYS D 168 12.70 -29.86 4.44
N THR D 169 13.83 -30.14 3.78
CA THR D 169 14.18 -29.46 2.52
C THR D 169 13.68 -30.21 1.28
N ASN D 170 13.29 -31.46 1.47
CA ASN D 170 12.80 -32.29 0.38
C ASN D 170 11.49 -32.96 0.80
N ALA D 171 10.58 -33.09 -0.15
CA ALA D 171 9.26 -33.63 0.12
C ALA D 171 9.22 -35.10 0.53
N SER D 172 10.12 -35.92 -0.02
CA SER D 172 10.01 -37.38 0.16
C SER D 172 11.27 -38.21 0.40
N THR D 173 12.41 -37.57 0.66
CA THR D 173 13.66 -38.30 0.85
C THR D 173 14.05 -38.52 2.31
N LEU D 174 14.88 -39.53 2.58
CA LEU D 174 15.33 -39.85 3.93
C LEU D 174 16.28 -38.79 4.50
N ASP D 175 17.05 -38.17 3.62
CA ASP D 175 18.03 -37.15 4.01
C ASP D 175 17.46 -35.72 3.93
N THR D 176 16.14 -35.61 3.94
CA THR D 176 15.46 -34.32 3.79
C THR D 176 15.83 -33.21 4.78
N PHE D 177 16.13 -33.59 6.03
CA PHE D 177 16.46 -32.59 7.04
C PHE D 177 17.88 -32.06 6.92
N LYS D 178 17.98 -30.85 6.36
CA LYS D 178 19.26 -30.20 6.11
C LYS D 178 19.19 -28.73 6.53
N ALA D 179 20.36 -28.10 6.55
CA ALA D 179 20.51 -26.67 6.80
C ALA D 179 21.77 -26.26 6.03
N PRO D 180 21.63 -26.01 4.71
CA PRO D 180 22.75 -25.71 3.80
C PRO D 180 23.73 -24.64 4.27
N GLU D 181 23.21 -23.59 4.90
CA GLU D 181 24.04 -22.49 5.37
C GLU D 181 24.61 -22.68 6.78
N GLU D 182 23.99 -23.55 7.57
CA GLU D 182 24.40 -23.74 8.96
C GLU D 182 24.89 -25.14 9.31
N GLY D 183 24.60 -26.11 8.44
CA GLY D 183 25.02 -27.50 8.65
C GLY D 183 24.34 -28.16 9.85
N TYR D 184 25.03 -29.13 10.44
CA TYR D 184 24.53 -29.84 11.61
C TYR D 184 25.37 -29.54 12.83
N LEU D 185 24.74 -29.63 14.01
CA LEU D 185 25.45 -29.44 15.27
C LEU D 185 26.36 -30.64 15.54
N GLY D 186 25.94 -31.80 15.07
CA GLY D 186 26.70 -33.02 15.24
C GLY D 186 26.22 -34.15 14.36
N VAL D 187 26.98 -35.24 14.34
CA VAL D 187 26.63 -36.43 13.57
C VAL D 187 26.81 -37.70 14.42
N ILE D 188 26.07 -38.75 14.06
CA ILE D 188 26.14 -40.03 14.77
C ILE D 188 26.68 -41.09 13.81
N ILE D 189 27.96 -41.41 13.96
CA ILE D 189 28.63 -42.37 13.08
C ILE D 189 29.32 -43.47 13.87
N GLY D 190 29.04 -44.73 13.51
CA GLY D 190 29.65 -45.90 14.14
C GLY D 190 29.38 -46.01 15.63
N ASP D 191 28.12 -45.72 16.01
CA ASP D 191 27.67 -45.75 17.41
C ASP D 191 28.48 -44.78 18.29
N LYS D 192 28.83 -43.63 17.70
CA LYS D 192 29.55 -42.57 18.40
C LYS D 192 29.05 -41.19 17.97
N ILE D 193 28.91 -40.28 18.94
CA ILE D 193 28.43 -38.92 18.67
C ILE D 193 29.60 -37.98 18.44
N TYR D 194 29.52 -37.20 17.36
CA TYR D 194 30.56 -36.25 17.00
C TYR D 194 30.00 -34.83 16.89
N TYR D 195 30.10 -34.06 17.98
CA TYR D 195 29.66 -32.67 17.94
C TYR D 195 30.67 -31.78 17.25
N GLN D 196 30.18 -30.97 16.31
CA GLN D 196 31.05 -30.12 15.50
C GLN D 196 30.78 -28.63 15.64
N THR D 197 29.51 -28.25 15.73
CA THR D 197 29.14 -26.85 15.89
C THR D 197 28.16 -26.62 17.04
N ARG D 198 28.14 -25.40 17.56
CA ARG D 198 27.21 -25.01 18.62
C ARG D 198 26.33 -23.85 18.16
N LEU D 199 25.08 -23.88 18.57
CA LEU D 199 24.11 -22.84 18.23
C LEU D 199 24.48 -21.50 18.87
N ASP D 200 24.78 -20.50 18.03
CA ASP D 200 25.15 -19.17 18.51
C ASP D 200 23.92 -18.24 18.51
N LYS D 201 22.86 -18.70 19.17
CA LYS D 201 21.62 -17.94 19.32
C LYS D 201 21.10 -18.17 20.73
N VAL D 202 20.17 -17.32 21.17
CA VAL D 202 19.57 -17.45 22.50
C VAL D 202 18.56 -18.59 22.48
N HIS D 203 18.71 -19.54 23.42
CA HIS D 203 17.84 -20.71 23.47
C HIS D 203 17.60 -21.24 24.88
N THR D 204 16.59 -22.11 24.99
CA THR D 204 16.21 -22.79 26.23
C THR D 204 16.28 -22.01 27.54
N THR D 205 17.34 -22.24 28.33
CA THR D 205 17.51 -21.59 29.64
C THR D 205 17.70 -20.08 29.57
N ARG D 206 18.32 -19.61 28.50
CA ARG D 206 18.59 -18.18 28.31
C ARG D 206 17.36 -17.44 27.74
N SER D 207 16.39 -18.20 27.24
CA SER D 207 15.19 -17.64 26.60
C SER D 207 14.24 -16.98 27.58
N VAL D 208 13.65 -15.85 27.16
CA VAL D 208 12.70 -15.10 27.98
C VAL D 208 11.26 -15.57 27.77
N PHE D 209 11.04 -16.42 26.77
CA PHE D 209 9.70 -16.91 26.47
C PHE D 209 9.30 -18.06 27.38
N ASP D 210 8.22 -17.83 28.13
CA ASP D 210 7.69 -18.82 29.06
C ASP D 210 6.19 -18.96 28.84
N VAL D 211 5.75 -20.17 28.54
CA VAL D 211 4.33 -20.43 28.28
C VAL D 211 3.69 -21.36 29.31
N THR D 212 4.26 -21.40 30.52
CA THR D 212 3.75 -22.23 31.61
C THR D 212 2.33 -21.81 32.01
N ASN D 213 2.10 -20.51 32.05
CA ASN D 213 0.80 -19.96 32.42
C ASN D 213 0.00 -19.45 31.22
N VAL D 214 0.25 -20.05 30.05
CA VAL D 214 -0.46 -19.67 28.82
C VAL D 214 -1.37 -20.80 28.33
N ASP D 215 -2.66 -20.48 28.23
CA ASP D 215 -3.66 -21.45 27.78
C ASP D 215 -3.94 -21.35 26.29
N LYS D 216 -3.75 -20.15 25.72
CA LYS D 216 -3.98 -19.94 24.29
C LYS D 216 -3.00 -18.93 23.71
N LEU D 217 -2.38 -19.31 22.59
CA LEU D 217 -1.40 -18.48 21.91
C LEU D 217 -2.05 -17.59 20.85
N PRO D 218 -1.46 -16.41 20.57
CA PRO D 218 -1.97 -15.49 19.55
C PRO D 218 -1.94 -16.12 18.16
N ALA D 219 -2.96 -15.81 17.35
CA ALA D 219 -3.07 -16.37 16.01
C ALA D 219 -2.13 -15.66 15.04
N VAL D 220 -1.36 -16.45 14.29
CA VAL D 220 -0.43 -15.92 13.28
C VAL D 220 -0.59 -16.67 11.95
N ASP D 221 -0.82 -15.92 10.89
CA ASP D 221 -0.97 -16.50 9.55
C ASP D 221 0.31 -16.34 8.73
N ILE D 222 0.47 -17.22 7.74
CA ILE D 222 1.59 -17.12 6.80
C ILE D 222 1.03 -16.91 5.41
N ILE D 223 1.38 -15.78 4.79
CA ILE D 223 0.92 -15.46 3.44
C ILE D 223 2.09 -15.49 2.46
N TYR D 224 1.92 -16.29 1.41
CA TYR D 224 2.97 -16.53 0.42
C TYR D 224 3.13 -15.36 -0.55
N GLY D 225 4.37 -15.11 -0.97
CA GLY D 225 4.67 -14.05 -1.93
C GLY D 225 4.97 -14.63 -3.29
N TYR D 226 4.32 -14.10 -4.32
CA TYR D 226 4.48 -14.59 -5.70
C TYR D 226 3.92 -13.59 -6.70
N GLN D 227 4.11 -13.88 -8.00
CA GLN D 227 3.59 -13.03 -9.06
C GLN D 227 2.07 -13.01 -9.01
N ASP D 228 1.50 -11.80 -9.11
CA ASP D 228 0.04 -11.60 -9.07
C ASP D 228 -0.59 -12.00 -7.73
N ASP D 229 0.17 -11.91 -6.64
CA ASP D 229 -0.33 -12.27 -5.31
C ASP D 229 -1.45 -11.33 -4.86
N PRO D 230 -2.58 -11.92 -4.42
CA PRO D 230 -3.77 -11.16 -4.03
C PRO D 230 -3.64 -10.41 -2.71
N GLU D 231 -4.27 -9.24 -2.65
CA GLU D 231 -4.29 -8.42 -1.45
C GLU D 231 -5.35 -8.93 -0.47
N TYR D 232 -6.35 -9.63 -1.00
CA TYR D 232 -7.46 -10.15 -0.19
C TYR D 232 -7.12 -11.22 0.84
N MET D 233 -5.93 -11.81 0.73
CA MET D 233 -5.46 -12.80 1.71
C MET D 233 -5.18 -12.10 3.03
N TYR D 234 -4.65 -10.89 2.93
CA TYR D 234 -4.35 -10.05 4.09
C TYR D 234 -5.65 -9.56 4.71
N ASP D 235 -6.65 -9.31 3.87
CA ASP D 235 -7.99 -8.89 4.31
C ASP D 235 -8.66 -10.00 5.12
N ALA D 236 -8.40 -11.25 4.73
CA ALA D 236 -8.93 -12.41 5.44
C ALA D 236 -8.31 -12.54 6.83
N SER D 237 -7.01 -12.24 6.92
CA SER D 237 -6.29 -12.28 8.20
C SER D 237 -6.75 -11.16 9.13
N ILE D 238 -6.99 -9.98 8.56
CA ILE D 238 -7.47 -8.81 9.31
C ILE D 238 -8.89 -9.05 9.85
N LYS D 239 -9.75 -9.62 9.01
CA LYS D 239 -11.14 -9.89 9.38
C LYS D 239 -11.26 -10.89 10.55
N HIS D 240 -10.38 -11.89 10.57
CA HIS D 240 -10.40 -12.91 11.62
C HIS D 240 -9.58 -12.55 12.85
N GLY D 241 -9.01 -11.35 12.85
CA GLY D 241 -8.29 -10.80 14.01
C GLY D 241 -7.04 -11.52 14.46
N VAL D 242 -6.14 -11.80 13.52
CA VAL D 242 -4.86 -12.42 13.86
C VAL D 242 -3.96 -11.34 14.48
N LYS D 243 -3.06 -11.77 15.35
CA LYS D 243 -2.16 -10.84 16.02
C LYS D 243 -0.86 -10.66 15.26
N GLY D 244 -0.55 -11.62 14.39
CA GLY D 244 0.65 -11.57 13.59
C GLY D 244 0.49 -12.13 12.19
N ILE D 245 1.34 -11.66 11.27
CA ILE D 245 1.34 -12.16 9.89
C ILE D 245 2.78 -12.37 9.43
N VAL D 246 3.10 -13.59 9.02
CA VAL D 246 4.43 -13.89 8.50
C VAL D 246 4.35 -13.94 6.98
N TYR D 247 5.12 -13.08 6.33
CA TYR D 247 5.11 -13.00 4.90
C TYR D 247 6.25 -13.79 4.25
N ALA D 248 5.90 -14.89 3.58
CA ALA D 248 6.87 -15.72 2.87
C ALA D 248 7.23 -15.01 1.56
N GLY D 249 8.14 -14.06 1.65
CA GLY D 249 8.46 -13.18 0.54
C GLY D 249 9.26 -13.69 -0.63
N MET D 250 9.09 -13.01 -1.77
CA MET D 250 9.83 -13.28 -2.98
C MET D 250 11.25 -12.77 -2.76
N GLY D 251 12.23 -13.66 -2.92
CA GLY D 251 13.63 -13.30 -2.70
C GLY D 251 13.88 -12.94 -1.24
N ALA D 252 14.53 -11.79 -1.02
CA ALA D 252 14.82 -11.33 0.33
C ALA D 252 13.63 -10.60 0.96
N GLY D 253 12.49 -11.29 1.03
CA GLY D 253 11.27 -10.75 1.62
C GLY D 253 10.65 -9.59 0.86
N SER D 254 10.90 -9.53 -0.44
CA SER D 254 10.38 -8.45 -1.27
C SER D 254 8.86 -8.51 -1.43
N VAL D 255 8.23 -7.34 -1.36
CA VAL D 255 6.78 -7.24 -1.49
C VAL D 255 6.38 -6.66 -2.84
N SER D 256 5.24 -7.11 -3.35
CA SER D 256 4.66 -6.55 -4.56
C SER D 256 3.86 -5.33 -4.12
N LYS D 257 3.24 -4.63 -5.06
CA LYS D 257 2.40 -3.48 -4.70
C LYS D 257 1.14 -3.92 -3.95
N ARG D 258 0.68 -5.14 -4.23
CA ARG D 258 -0.50 -5.69 -3.58
C ARG D 258 -0.13 -6.25 -2.20
N GLY D 259 1.09 -6.78 -2.09
CA GLY D 259 1.59 -7.30 -0.82
C GLY D 259 1.92 -6.16 0.13
N ASP D 260 2.46 -5.08 -0.43
CA ASP D 260 2.79 -3.87 0.35
C ASP D 260 1.52 -3.23 0.89
N ALA D 261 0.47 -3.21 0.06
CA ALA D 261 -0.82 -2.65 0.44
C ALA D 261 -1.49 -3.49 1.53
N GLY D 262 -1.36 -4.81 1.41
CA GLY D 262 -1.95 -5.74 2.39
C GLY D 262 -1.24 -5.72 3.73
N ILE D 263 0.08 -5.58 3.70
CA ILE D 263 0.90 -5.53 4.93
C ILE D 263 0.68 -4.22 5.70
N ARG D 264 0.72 -3.10 5.00
CA ARG D 264 0.51 -1.78 5.62
C ARG D 264 -0.91 -1.59 6.15
N LYS D 265 -1.87 -2.30 5.55
CA LYS D 265 -3.26 -2.27 6.00
C LYS D 265 -3.38 -3.08 7.30
N ALA D 266 -2.64 -4.17 7.37
CA ALA D 266 -2.62 -5.03 8.55
C ALA D 266 -1.97 -4.32 9.73
N GLU D 267 -0.89 -3.58 9.44
CA GLU D 267 -0.17 -2.81 10.45
C GLU D 267 -1.00 -1.68 11.05
N SER D 268 -1.90 -1.12 10.25
CA SER D 268 -2.79 -0.06 10.71
C SER D 268 -3.87 -0.61 11.65
N LYS D 269 -4.04 -1.93 11.65
CA LYS D 269 -5.00 -2.60 12.52
C LYS D 269 -4.31 -3.20 13.76
N GLY D 270 -3.04 -2.87 13.94
CA GLY D 270 -2.27 -3.34 15.10
C GLY D 270 -1.63 -4.70 14.95
N ILE D 271 -1.66 -5.24 13.73
CA ILE D 271 -1.07 -6.55 13.45
C ILE D 271 0.42 -6.42 13.14
N VAL D 272 1.25 -7.18 13.86
CA VAL D 272 2.69 -7.17 13.64
C VAL D 272 3.03 -8.10 12.47
N VAL D 273 3.66 -7.53 11.44
CA VAL D 273 4.01 -8.30 10.25
C VAL D 273 5.52 -8.50 10.15
N VAL D 274 5.93 -9.75 9.91
CA VAL D 274 7.35 -10.09 9.76
C VAL D 274 7.60 -10.64 8.35
N ARG D 275 8.54 -10.03 7.64
CA ARG D 275 8.89 -10.46 6.29
C ARG D 275 9.94 -11.56 6.27
N SER D 276 9.50 -12.77 5.93
CA SER D 276 10.41 -13.90 5.79
C SER D 276 10.65 -14.14 4.30
N SER D 277 11.19 -15.32 3.96
CA SER D 277 11.51 -15.61 2.57
C SER D 277 11.02 -16.99 2.13
N ARG D 278 10.58 -17.07 0.87
CA ARG D 278 10.10 -18.34 0.31
C ARG D 278 11.26 -19.14 -0.30
N THR D 279 12.44 -18.52 -0.33
CA THR D 279 13.64 -19.13 -0.94
C THR D 279 14.08 -20.45 -0.31
N GLY D 280 14.11 -20.49 1.02
CA GLY D 280 14.53 -21.70 1.74
C GLY D 280 15.65 -21.47 2.74
N SER D 281 16.42 -20.40 2.51
CA SER D 281 17.55 -20.06 3.39
C SER D 281 17.97 -18.61 3.18
N GLY D 282 18.90 -18.14 4.01
CA GLY D 282 19.45 -16.80 3.85
C GLY D 282 18.82 -15.72 4.70
N ILE D 283 19.48 -14.56 4.69
CA ILE D 283 19.07 -13.42 5.50
C ILE D 283 18.12 -12.49 4.76
N VAL D 284 17.03 -12.10 5.43
CA VAL D 284 16.16 -11.03 4.95
C VAL D 284 16.65 -9.78 5.69
N PRO D 285 17.38 -8.90 4.98
CA PRO D 285 18.01 -7.71 5.56
C PRO D 285 17.01 -6.59 5.87
N PRO D 286 17.34 -5.73 6.85
CA PRO D 286 16.48 -4.58 7.18
C PRO D 286 16.35 -3.63 6.00
N ASP D 287 15.14 -3.12 5.78
CA ASP D 287 14.86 -2.19 4.70
C ASP D 287 13.80 -1.19 5.13
N ALA D 288 14.19 0.08 5.21
CA ALA D 288 13.29 1.16 5.62
C ALA D 288 12.26 1.48 4.54
N GLY D 289 12.58 1.12 3.30
CA GLY D 289 11.68 1.36 2.17
C GLY D 289 10.54 0.36 2.09
N GLN D 290 10.65 -0.73 2.84
CA GLN D 290 9.62 -1.77 2.89
C GLN D 290 8.98 -1.87 4.27
N PRO D 291 7.68 -2.22 4.31
CA PRO D 291 6.97 -2.32 5.59
C PRO D 291 7.26 -3.64 6.31
N GLY D 292 6.86 -3.72 7.57
CA GLY D 292 7.03 -4.93 8.36
C GLY D 292 8.43 -5.12 8.92
N LEU D 293 8.54 -6.07 9.85
CA LEU D 293 9.82 -6.40 10.45
C LEU D 293 10.52 -7.42 9.55
N VAL D 294 11.79 -7.70 9.83
CA VAL D 294 12.55 -8.69 9.05
C VAL D 294 12.81 -9.96 9.85
N ALA D 295 12.77 -11.10 9.15
CA ALA D 295 12.88 -12.40 9.81
C ALA D 295 14.30 -12.92 10.01
N ASP D 296 15.30 -12.12 9.64
CA ASP D 296 16.71 -12.54 9.74
C ASP D 296 16.87 -13.79 8.84
N SER D 297 17.33 -14.90 9.40
CA SER D 297 17.49 -16.13 8.61
C SER D 297 16.36 -17.13 8.88
N LEU D 298 15.39 -16.73 9.68
CA LEU D 298 14.27 -17.60 10.04
C LEU D 298 13.29 -17.83 8.90
N SER D 299 12.96 -19.10 8.69
CA SER D 299 12.01 -19.53 7.66
C SER D 299 10.59 -19.07 8.06
N PRO D 300 9.65 -19.03 7.08
CA PRO D 300 8.27 -18.64 7.38
C PRO D 300 7.63 -19.46 8.50
N ALA D 301 7.90 -20.77 8.52
CA ALA D 301 7.37 -21.67 9.54
C ALA D 301 7.92 -21.35 10.93
N LYS D 302 9.24 -21.15 11.02
CA LYS D 302 9.88 -20.83 12.30
C LYS D 302 9.61 -19.39 12.72
N SER D 303 9.49 -18.49 11.74
CA SER D 303 9.20 -17.07 12.01
C SER D 303 7.83 -16.93 12.66
N ARG D 304 6.89 -17.76 12.22
CA ARG D 304 5.55 -17.78 12.78
C ARG D 304 5.59 -18.19 14.24
N ILE D 305 6.39 -19.21 14.55
CA ILE D 305 6.55 -19.70 15.91
C ILE D 305 7.12 -18.62 16.84
N LEU D 306 8.19 -17.95 16.41
CA LEU D 306 8.80 -16.89 17.20
C LEU D 306 7.86 -15.69 17.37
N LEU D 307 7.18 -15.31 16.29
CA LEU D 307 6.22 -14.18 16.34
C LEU D 307 5.06 -14.49 17.28
N MET D 308 4.59 -15.74 17.24
CA MET D 308 3.50 -16.20 18.10
C MET D 308 3.87 -16.12 19.58
N LEU D 309 5.12 -16.45 19.89
CA LEU D 309 5.62 -16.40 21.27
C LEU D 309 6.04 -14.99 21.68
N ALA D 310 6.41 -14.16 20.71
CA ALA D 310 6.81 -12.78 20.97
C ALA D 310 5.60 -11.92 21.31
N LEU D 311 4.44 -12.30 20.78
CA LEU D 311 3.20 -11.58 21.03
C LEU D 311 2.59 -11.86 22.41
N THR D 312 3.09 -12.90 23.08
CA THR D 312 2.66 -13.20 24.45
C THR D 312 3.40 -12.29 25.42
N LYS D 313 4.54 -11.77 24.98
CA LYS D 313 5.38 -10.91 25.78
C LYS D 313 5.14 -9.42 25.51
N THR D 314 5.16 -9.04 24.23
CA THR D 314 5.02 -7.62 23.86
C THR D 314 4.41 -7.40 22.47
N THR D 315 4.07 -6.15 22.19
CA THR D 315 3.55 -5.74 20.89
C THR D 315 4.47 -4.68 20.27
N ASN D 316 5.55 -4.35 21.00
CA ASN D 316 6.54 -3.37 20.56
C ASN D 316 7.35 -3.93 19.39
N PRO D 317 7.25 -3.28 18.20
CA PRO D 317 7.95 -3.70 16.98
C PRO D 317 9.47 -3.77 17.13
N ALA D 318 10.04 -2.85 17.91
CA ALA D 318 11.48 -2.81 18.14
C ALA D 318 11.98 -4.01 18.95
N VAL D 319 11.19 -4.40 19.96
CA VAL D 319 11.55 -5.54 20.81
C VAL D 319 11.38 -6.87 20.06
N ILE D 320 10.31 -6.98 19.27
CA ILE D 320 10.06 -8.18 18.46
C ILE D 320 11.15 -8.34 17.38
N GLN D 321 11.61 -7.21 16.83
CA GLN D 321 12.69 -7.22 15.85
C GLN D 321 13.99 -7.69 16.50
N ASP D 322 14.21 -7.30 17.76
CA ASP D 322 15.38 -7.73 18.52
C ASP D 322 15.36 -9.23 18.76
N TYR D 323 14.16 -9.79 18.98
CA TYR D 323 14.01 -11.25 19.16
C TYR D 323 14.43 -11.99 17.89
N PHE D 324 14.02 -11.47 16.73
CA PHE D 324 14.33 -12.09 15.45
C PHE D 324 15.81 -12.15 15.09
N HIS D 325 16.60 -11.24 15.64
CA HIS D 325 18.06 -11.23 15.40
C HIS D 325 18.82 -12.03 16.48
N ALA D 326 18.18 -12.26 17.61
CA ALA D 326 18.82 -12.95 18.73
C ALA D 326 18.42 -14.40 18.91
N TYR D 327 17.15 -14.72 18.59
CA TYR D 327 16.62 -16.06 18.76
C TYR D 327 16.66 -16.91 17.48
N ASN E 3 -60.11 11.28 -11.25
CA ASN E 3 -59.12 11.02 -12.35
C ASN E 3 -57.75 11.61 -12.06
N LEU E 4 -56.80 10.73 -11.73
CA LEU E 4 -55.43 11.13 -11.41
C LEU E 4 -54.60 11.30 -12.69
N PRO E 5 -53.54 12.14 -12.63
CA PRO E 5 -52.65 12.33 -13.77
C PRO E 5 -51.92 11.05 -14.17
N ASN E 6 -51.45 11.00 -15.42
CA ASN E 6 -50.72 9.83 -15.91
C ASN E 6 -49.24 10.14 -16.03
N ILE E 7 -48.43 9.51 -15.17
CA ILE E 7 -47.00 9.75 -15.15
C ILE E 7 -46.21 8.49 -15.52
N VAL E 8 -45.23 8.66 -16.41
CA VAL E 8 -44.36 7.56 -16.81
C VAL E 8 -42.98 7.76 -16.17
N ILE E 9 -42.51 6.74 -15.46
CA ILE E 9 -41.18 6.80 -14.85
C ILE E 9 -40.16 6.05 -15.72
N LEU E 10 -39.18 6.79 -16.23
CA LEU E 10 -38.13 6.21 -17.05
C LEU E 10 -36.86 6.00 -16.23
N ALA E 11 -36.42 4.75 -16.12
CA ALA E 11 -35.26 4.41 -15.32
C ALA E 11 -33.98 4.30 -16.14
N THR E 12 -32.89 4.89 -15.63
CA THR E 12 -31.58 4.83 -16.29
C THR E 12 -30.52 4.21 -15.38
N GLY E 13 -30.89 3.97 -14.11
CA GLY E 13 -29.98 3.38 -13.14
C GLY E 13 -29.71 4.29 -11.95
N GLY E 14 -28.47 4.29 -11.47
CA GLY E 14 -28.06 5.14 -10.35
C GLY E 14 -28.16 4.49 -8.99
N THR E 15 -27.69 5.20 -7.97
CA THR E 15 -27.72 4.72 -6.58
C THR E 15 -29.15 4.66 -6.04
N ILE E 16 -30.05 5.42 -6.67
CA ILE E 16 -31.48 5.38 -6.33
C ILE E 16 -32.03 3.96 -6.54
N ALA E 17 -31.44 3.24 -7.50
CA ALA E 17 -31.80 1.86 -7.79
C ALA E 17 -30.66 0.93 -7.38
N GLY E 18 -29.87 1.36 -6.41
CA GLY E 18 -28.74 0.57 -5.92
C GLY E 18 -29.06 -0.26 -4.69
N SER E 19 -28.24 -1.29 -4.44
CA SER E 19 -28.44 -2.17 -3.29
C SER E 19 -27.12 -2.64 -2.71
N ALA E 20 -26.99 -2.56 -1.39
CA ALA E 20 -25.79 -2.98 -0.68
C ALA E 20 -26.07 -4.15 0.27
N ALA E 21 -25.00 -4.77 0.77
CA ALA E 21 -25.12 -5.90 1.69
C ALA E 21 -25.57 -5.46 3.08
N ALA E 22 -25.05 -4.31 3.53
CA ALA E 22 -25.41 -3.76 4.83
C ALA E 22 -26.05 -2.38 4.69
N ASN E 23 -26.89 -2.02 5.64
CA ASN E 23 -27.57 -0.73 5.63
C ASN E 23 -26.71 0.45 6.08
N THR E 24 -25.54 0.13 6.64
CA THR E 24 -24.59 1.13 7.08
C THR E 24 -23.68 1.52 5.91
N GLN E 25 -23.73 0.71 4.85
CA GLN E 25 -22.93 0.94 3.66
C GLN E 25 -23.61 1.91 2.69
N THR E 26 -23.04 3.09 2.56
CA THR E 26 -23.54 4.11 1.63
C THR E 26 -22.51 4.36 0.53
N THR E 27 -21.24 4.03 0.83
CA THR E 27 -20.14 4.19 -0.12
C THR E 27 -19.24 2.96 -0.12
N GLY E 28 -18.51 2.76 -1.22
CA GLY E 28 -17.55 1.66 -1.35
C GLY E 28 -18.12 0.27 -1.15
N TYR E 29 -19.04 -0.12 -2.03
CA TYR E 29 -19.67 -1.44 -1.94
C TYR E 29 -19.93 -2.03 -3.33
N LYS E 30 -20.05 -3.35 -3.39
CA LYS E 30 -20.37 -4.04 -4.64
C LYS E 30 -21.85 -3.80 -4.96
N ALA E 31 -22.10 -2.78 -5.77
CA ALA E 31 -23.45 -2.33 -6.11
C ALA E 31 -24.27 -3.30 -6.94
N GLY E 32 -25.54 -3.43 -6.58
CA GLY E 32 -26.50 -4.26 -7.31
C GLY E 32 -27.66 -3.41 -7.79
N ALA E 33 -28.05 -3.59 -9.05
CA ALA E 33 -29.10 -2.77 -9.66
C ALA E 33 -30.51 -3.30 -9.46
N LEU E 34 -31.45 -2.37 -9.26
CA LEU E 34 -32.87 -2.68 -9.10
C LEU E 34 -33.66 -2.06 -10.25
N GLY E 35 -34.77 -2.71 -10.60
CA GLY E 35 -35.61 -2.23 -11.70
C GLY E 35 -36.56 -1.12 -11.31
N VAL E 36 -37.23 -0.55 -12.30
CA VAL E 36 -38.18 0.54 -12.09
C VAL E 36 -39.40 0.12 -11.26
N GLU E 37 -39.83 -1.14 -11.45
CA GLU E 37 -40.99 -1.68 -10.72
C GLU E 37 -40.72 -1.85 -9.24
N THR E 38 -39.47 -2.16 -8.89
CA THR E 38 -39.04 -2.29 -7.50
C THR E 38 -39.06 -0.92 -6.81
N LEU E 39 -38.68 0.12 -7.55
CA LEU E 39 -38.69 1.49 -7.04
C LEU E 39 -40.11 1.99 -6.81
N ILE E 40 -41.01 1.65 -7.74
CA ILE E 40 -42.42 2.03 -7.66
C ILE E 40 -43.13 1.30 -6.50
N GLN E 41 -42.83 0.02 -6.34
CA GLN E 41 -43.42 -0.81 -5.28
C GLN E 41 -42.93 -0.39 -3.89
N ALA E 42 -41.71 0.15 -3.82
CA ALA E 42 -41.14 0.62 -2.55
C ALA E 42 -41.86 1.83 -1.98
N VAL E 43 -42.53 2.59 -2.86
CA VAL E 43 -43.30 3.76 -2.45
C VAL E 43 -44.77 3.58 -2.90
N PRO E 44 -45.59 2.92 -2.05
CA PRO E 44 -47.01 2.72 -2.38
C PRO E 44 -47.82 4.02 -2.31
N GLU E 45 -47.20 5.08 -1.79
CA GLU E 45 -47.85 6.38 -1.66
C GLU E 45 -47.94 7.12 -2.99
N LEU E 46 -47.30 6.59 -4.03
CA LEU E 46 -47.33 7.18 -5.38
C LEU E 46 -48.71 7.01 -6.02
N LYS E 47 -49.47 6.03 -5.54
CA LYS E 47 -50.81 5.73 -6.05
C LYS E 47 -51.83 6.85 -5.77
N THR E 48 -51.53 7.67 -4.77
CA THR E 48 -52.41 8.80 -4.42
C THR E 48 -52.09 10.02 -5.29
N LEU E 49 -50.89 10.05 -5.84
CA LEU E 49 -50.45 11.16 -6.68
C LEU E 49 -50.87 11.00 -8.12
N ALA E 50 -50.57 9.83 -8.70
CA ALA E 50 -50.84 9.60 -10.12
C ALA E 50 -50.90 8.12 -10.51
N ASN E 51 -51.36 7.87 -11.73
CA ASN E 51 -51.36 6.53 -12.31
C ASN E 51 -49.97 6.32 -12.90
N ILE E 52 -49.24 5.36 -12.35
CA ILE E 52 -47.83 5.16 -12.70
C ILE E 52 -47.54 3.99 -13.64
N LYS E 53 -46.77 4.28 -14.69
CA LYS E 53 -46.27 3.25 -15.62
C LYS E 53 -44.74 3.30 -15.62
N GLY E 54 -44.12 2.15 -15.41
CA GLY E 54 -42.66 2.05 -15.37
C GLY E 54 -42.04 1.61 -16.67
N GLU E 55 -40.83 2.10 -16.95
CA GLU E 55 -40.11 1.76 -18.18
C GLU E 55 -38.60 1.88 -17.95
N GLN E 56 -37.87 0.82 -18.30
CA GLN E 56 -36.42 0.79 -18.09
C GLN E 56 -35.66 1.19 -19.36
N VAL E 57 -35.14 2.41 -19.39
CA VAL E 57 -34.38 2.91 -20.53
C VAL E 57 -32.95 2.36 -20.47
N ALA E 58 -32.34 2.46 -19.29
CA ALA E 58 -31.00 1.96 -19.06
C ALA E 58 -30.87 1.45 -17.62
N SER E 59 -29.74 0.83 -17.31
CA SER E 59 -29.48 0.32 -15.97
C SER E 59 -27.99 0.44 -15.66
N ILE E 60 -27.49 1.68 -15.74
CA ILE E 60 -26.08 1.97 -15.52
C ILE E 60 -25.88 3.08 -14.51
N GLY E 61 -24.68 3.15 -13.94
CA GLY E 61 -24.31 4.24 -13.06
C GLY E 61 -24.13 5.45 -13.94
N SER E 62 -24.54 6.63 -13.44
CA SER E 62 -24.47 7.86 -14.24
C SER E 62 -23.05 8.27 -14.65
N GLU E 63 -22.05 7.75 -13.94
CA GLU E 63 -20.66 7.99 -14.29
C GLU E 63 -20.35 7.37 -15.66
N ASN E 64 -21.17 6.40 -16.05
CA ASN E 64 -21.06 5.74 -17.34
C ASN E 64 -22.15 6.16 -18.34
N MET E 65 -22.88 7.22 -18.02
CA MET E 65 -23.91 7.75 -18.92
C MET E 65 -23.25 8.36 -20.15
N THR E 66 -23.71 7.96 -21.32
CA THR E 66 -23.14 8.42 -22.58
C THR E 66 -24.15 9.27 -23.36
N SER E 67 -23.64 10.02 -24.34
CA SER E 67 -24.48 10.86 -25.20
C SER E 67 -25.42 10.02 -26.06
N ASP E 68 -24.99 8.80 -26.39
CA ASP E 68 -25.80 7.86 -27.17
C ASP E 68 -27.07 7.47 -26.41
N VAL E 69 -26.94 7.24 -25.11
CA VAL E 69 -28.09 6.90 -24.26
C VAL E 69 -28.97 8.14 -24.05
N LEU E 70 -28.35 9.32 -24.01
CA LEU E 70 -29.08 10.59 -23.89
C LEU E 70 -29.94 10.85 -25.13
N LEU E 71 -29.43 10.45 -26.30
CA LEU E 71 -30.19 10.56 -27.54
C LEU E 71 -31.43 9.67 -27.46
N THR E 72 -31.24 8.44 -26.97
CA THR E 72 -32.33 7.48 -26.82
C THR E 72 -33.35 7.97 -25.78
N LEU E 73 -32.84 8.52 -24.67
CA LEU E 73 -33.70 9.03 -23.60
C LEU E 73 -34.55 10.21 -24.08
N SER E 74 -33.91 11.17 -24.74
CA SER E 74 -34.59 12.37 -25.25
C SER E 74 -35.67 12.03 -26.29
N LYS E 75 -35.35 11.10 -27.18
CA LYS E 75 -36.30 10.65 -28.21
C LYS E 75 -37.51 9.97 -27.58
N ARG E 76 -37.27 9.17 -26.55
CA ARG E 76 -38.34 8.47 -25.84
C ARG E 76 -39.22 9.44 -25.05
N VAL E 77 -38.59 10.44 -24.42
CA VAL E 77 -39.33 11.47 -23.66
C VAL E 77 -40.26 12.24 -24.61
N ASN E 78 -39.73 12.64 -25.77
CA ASN E 78 -40.52 13.35 -26.78
C ASN E 78 -41.67 12.53 -27.34
N GLU E 79 -41.46 11.22 -27.50
CA GLU E 79 -42.52 10.31 -27.97
C GLU E 79 -43.64 10.22 -26.95
N LEU E 80 -43.27 10.10 -25.68
CA LEU E 80 -44.24 9.99 -24.59
C LEU E 80 -45.03 11.27 -24.33
N LEU E 81 -44.35 12.41 -24.35
CA LEU E 81 -45.00 13.70 -24.10
C LEU E 81 -45.91 14.17 -25.23
N ALA E 82 -45.74 13.58 -26.42
CA ALA E 82 -46.58 13.90 -27.57
C ALA E 82 -47.93 13.19 -27.44
N ARG E 83 -47.97 12.14 -26.63
CA ARG E 83 -49.20 11.38 -26.38
C ARG E 83 -50.12 12.11 -25.41
N SER E 84 -51.42 11.96 -25.62
CA SER E 84 -52.42 12.61 -24.77
C SER E 84 -52.59 11.89 -23.43
N ASP E 85 -52.19 10.61 -23.38
CA ASP E 85 -52.31 9.83 -22.15
C ASP E 85 -51.08 9.87 -21.24
N VAL E 86 -50.20 10.85 -21.48
CA VAL E 86 -49.01 11.05 -20.64
C VAL E 86 -48.95 12.53 -20.24
N ASP E 87 -49.05 12.80 -18.95
CA ASP E 87 -49.05 14.16 -18.44
C ASP E 87 -47.67 14.66 -18.05
N GLY E 88 -46.78 13.75 -17.67
CA GLY E 88 -45.42 14.10 -17.28
C GLY E 88 -44.51 12.89 -17.21
N VAL E 89 -43.21 13.15 -17.16
CA VAL E 89 -42.21 12.10 -17.11
C VAL E 89 -41.22 12.29 -15.96
N VAL E 90 -41.02 11.23 -15.18
CA VAL E 90 -40.05 11.23 -14.09
C VAL E 90 -38.88 10.34 -14.52
N ILE E 91 -37.65 10.87 -14.43
CA ILE E 91 -36.48 10.10 -14.83
C ILE E 91 -35.55 9.80 -13.66
N THR E 92 -35.50 8.54 -13.25
CA THR E 92 -34.58 8.11 -12.18
C THR E 92 -33.20 8.00 -12.81
N HIS E 93 -32.23 8.66 -12.17
CA HIS E 93 -30.89 8.79 -12.73
C HIS E 93 -29.88 8.82 -11.60
N GLY E 94 -28.60 8.63 -11.92
CA GLY E 94 -27.54 8.73 -10.92
C GLY E 94 -27.21 10.19 -10.65
N THR E 95 -26.48 10.44 -9.56
CA THR E 95 -26.15 11.82 -9.17
C THR E 95 -24.85 12.33 -9.79
N ASP E 96 -23.94 11.40 -10.12
CA ASP E 96 -22.60 11.76 -10.64
C ASP E 96 -22.58 12.61 -11.90
N THR E 97 -23.51 12.36 -12.81
CA THR E 97 -23.62 13.18 -14.02
C THR E 97 -25.01 13.78 -14.18
N LEU E 98 -25.63 14.11 -13.05
CA LEU E 98 -26.93 14.75 -13.07
C LEU E 98 -26.76 16.25 -13.40
N ASP E 99 -25.51 16.65 -13.60
CA ASP E 99 -25.19 18.00 -14.05
C ASP E 99 -25.49 18.09 -15.55
N GLU E 100 -25.14 17.02 -16.27
CA GLU E 100 -25.29 16.97 -17.72
C GLU E 100 -26.69 16.58 -18.21
N SER E 101 -27.10 15.35 -17.87
CA SER E 101 -28.37 14.77 -18.36
C SER E 101 -29.63 15.65 -18.38
N PRO E 102 -29.99 16.28 -17.23
CA PRO E 102 -31.16 17.15 -17.25
C PRO E 102 -31.02 18.36 -18.15
N TYR E 103 -29.80 18.90 -18.26
CA TYR E 103 -29.56 20.05 -19.12
C TYR E 103 -29.63 19.68 -20.60
N PHE E 104 -29.28 18.43 -20.91
CA PHE E 104 -29.39 17.91 -22.28
C PHE E 104 -30.86 17.90 -22.68
N LEU E 105 -31.69 17.37 -21.79
CA LEU E 105 -33.14 17.30 -22.01
C LEU E 105 -33.78 18.70 -21.99
N ASN E 106 -33.17 19.62 -21.25
CA ASN E 106 -33.67 21.00 -21.17
C ASN E 106 -33.60 21.71 -22.52
N LEU E 107 -32.70 21.25 -23.38
CA LEU E 107 -32.51 21.83 -24.69
C LEU E 107 -33.15 21.01 -25.80
N THR E 108 -33.46 19.74 -25.53
CA THR E 108 -33.99 18.84 -26.55
C THR E 108 -35.47 18.42 -26.46
N VAL E 109 -36.08 18.60 -25.29
CA VAL E 109 -37.51 18.26 -25.11
C VAL E 109 -38.41 19.26 -25.81
N LYS E 110 -39.32 18.78 -26.63
CA LYS E 110 -40.23 19.63 -27.40
C LYS E 110 -41.64 19.73 -26.80
N SER E 111 -41.71 19.75 -25.48
CA SER E 111 -43.01 19.82 -24.79
C SER E 111 -42.93 20.64 -23.50
N ASP E 112 -44.07 21.21 -23.10
CA ASP E 112 -44.17 21.99 -21.86
C ASP E 112 -44.47 21.08 -20.67
N LYS E 113 -44.86 19.84 -20.95
CA LYS E 113 -45.15 18.85 -19.90
C LYS E 113 -43.90 18.60 -19.05
N PRO E 114 -44.09 18.46 -17.72
CA PRO E 114 -42.96 18.31 -16.79
C PRO E 114 -42.07 17.10 -17.02
N VAL E 115 -40.76 17.36 -17.14
CA VAL E 115 -39.75 16.33 -17.22
C VAL E 115 -38.94 16.49 -15.94
N VAL E 116 -39.12 15.55 -15.02
CA VAL E 116 -38.50 15.65 -13.70
C VAL E 116 -37.45 14.59 -13.42
N PHE E 117 -36.19 15.01 -13.39
CA PHE E 117 -35.09 14.11 -13.03
C PHE E 117 -35.07 13.90 -11.53
N VAL E 118 -34.78 12.67 -11.12
CA VAL E 118 -34.71 12.33 -9.71
C VAL E 118 -33.55 11.38 -9.45
N ALA E 119 -32.94 11.51 -8.27
CA ALA E 119 -31.81 10.69 -7.90
C ALA E 119 -31.76 10.49 -6.39
N ALA E 120 -30.77 9.76 -5.93
CA ALA E 120 -30.57 9.52 -4.50
C ALA E 120 -29.08 9.35 -4.19
N MET E 121 -28.66 9.90 -3.07
CA MET E 121 -27.29 9.80 -2.63
C MET E 121 -27.01 8.52 -1.84
N ARG E 122 -28.08 7.96 -1.26
CA ARG E 122 -27.98 6.71 -0.51
C ARG E 122 -28.75 5.60 -1.21
N PRO E 123 -28.23 4.36 -1.18
CA PRO E 123 -28.94 3.24 -1.79
C PRO E 123 -30.23 2.92 -1.04
N ALA E 124 -31.16 2.25 -1.71
CA ALA E 124 -32.47 1.91 -1.11
C ALA E 124 -32.34 1.10 0.18
N THR E 125 -31.26 0.34 0.31
CA THR E 125 -31.01 -0.48 1.49
C THR E 125 -30.43 0.30 2.68
N ALA E 126 -29.92 1.50 2.42
CA ALA E 126 -29.28 2.30 3.46
C ALA E 126 -30.24 2.87 4.51
N ILE E 127 -29.70 3.12 5.70
CA ILE E 127 -30.45 3.73 6.80
C ILE E 127 -30.84 5.15 6.37
N SER E 128 -32.14 5.46 6.49
CA SER E 128 -32.68 6.77 6.10
C SER E 128 -32.41 7.10 4.62
N ALA E 129 -32.61 6.09 3.76
CA ALA E 129 -32.40 6.23 2.32
C ALA E 129 -33.26 7.36 1.77
N ASP E 130 -32.62 8.27 1.03
CA ASP E 130 -33.30 9.44 0.48
C ASP E 130 -34.14 9.17 -0.78
N GLY E 131 -33.88 8.03 -1.42
CA GLY E 131 -34.59 7.62 -2.65
C GLY E 131 -36.12 7.69 -2.64
N PRO E 132 -36.76 7.00 -1.67
CA PRO E 132 -38.22 6.97 -1.56
C PRO E 132 -38.90 8.35 -1.52
N MET E 133 -38.39 9.27 -0.71
CA MET E 133 -38.97 10.62 -0.60
C MET E 133 -38.69 11.45 -1.85
N ASN E 134 -37.48 11.31 -2.40
CA ASN E 134 -37.11 12.01 -3.62
C ASN E 134 -38.02 11.58 -4.78
N LEU E 135 -38.28 10.28 -4.88
CA LEU E 135 -39.15 9.74 -5.93
C LEU E 135 -40.59 10.23 -5.74
N TYR E 136 -41.04 10.27 -4.49
CA TYR E 136 -42.39 10.78 -4.16
C TYR E 136 -42.51 12.23 -4.59
N GLY E 137 -41.49 13.03 -4.25
CA GLY E 137 -41.46 14.44 -4.61
C GLY E 137 -41.44 14.68 -6.10
N ALA E 138 -40.65 13.87 -6.81
CA ALA E 138 -40.52 13.97 -8.27
C ALA E 138 -41.84 13.68 -8.99
N VAL E 139 -42.53 12.63 -8.56
CA VAL E 139 -43.83 12.25 -9.13
C VAL E 139 -44.87 13.33 -8.83
N LYS E 140 -44.83 13.87 -7.62
CA LYS E 140 -45.75 14.94 -7.20
C LYS E 140 -45.57 16.18 -8.08
N VAL E 141 -44.31 16.49 -8.40
CA VAL E 141 -43.99 17.63 -9.25
C VAL E 141 -44.47 17.39 -10.69
N ALA E 142 -44.20 16.20 -11.21
CA ALA E 142 -44.59 15.85 -12.58
C ALA E 142 -46.11 15.78 -12.77
N ALA E 143 -46.83 15.40 -11.70
CA ALA E 143 -48.29 15.28 -11.76
C ALA E 143 -49.00 16.62 -11.58
N ASP E 144 -48.26 17.64 -11.12
CA ASP E 144 -48.83 18.97 -10.91
C ASP E 144 -48.75 19.75 -12.23
N LYS E 145 -49.91 20.27 -12.66
CA LYS E 145 -50.01 21.05 -13.90
C LYS E 145 -49.27 22.38 -13.82
N ASN E 146 -49.07 22.88 -12.60
CA ASN E 146 -48.35 24.13 -12.37
C ASN E 146 -46.84 24.01 -12.62
N SER E 147 -46.38 22.79 -12.82
CA SER E 147 -44.96 22.53 -13.08
C SER E 147 -44.61 22.70 -14.56
N ARG E 148 -45.63 22.88 -15.39
CA ARG E 148 -45.45 23.03 -16.84
C ARG E 148 -44.76 24.32 -17.24
N GLY E 149 -44.03 24.27 -18.36
CA GLY E 149 -43.35 25.43 -18.93
C GLY E 149 -42.27 26.04 -18.07
N ARG E 150 -41.64 25.23 -17.23
CA ARG E 150 -40.60 25.70 -16.33
C ARG E 150 -39.22 25.14 -16.70
N GLY E 151 -39.19 24.33 -17.75
CA GLY E 151 -37.97 23.67 -18.19
C GLY E 151 -37.81 22.36 -17.45
N VAL E 152 -36.75 21.63 -17.75
CA VAL E 152 -36.48 20.35 -17.09
C VAL E 152 -36.15 20.57 -15.62
N LEU E 153 -36.81 19.80 -14.75
CA LEU E 153 -36.68 19.93 -13.31
C LEU E 153 -35.85 18.82 -12.70
N VAL E 154 -35.20 19.13 -11.58
CA VAL E 154 -34.37 18.16 -10.85
C VAL E 154 -34.80 18.16 -9.38
N VAL E 155 -35.32 17.03 -8.92
CA VAL E 155 -35.84 16.94 -7.56
C VAL E 155 -35.09 15.99 -6.62
N LEU E 156 -34.44 16.58 -5.62
CA LEU E 156 -33.78 15.84 -4.53
C LEU E 156 -33.84 16.70 -3.27
N ASN E 157 -33.95 16.03 -2.13
CA ASN E 157 -33.91 16.70 -0.81
C ASN E 157 -34.93 17.84 -0.66
N ASP E 158 -36.17 17.58 -1.10
CA ASP E 158 -37.29 18.55 -1.01
C ASP E 158 -37.10 19.80 -1.87
N ARG E 159 -36.16 19.77 -2.81
CA ARG E 159 -35.87 20.92 -3.66
C ARG E 159 -36.24 20.65 -5.11
N ILE E 160 -36.67 21.70 -5.81
CA ILE E 160 -36.94 21.62 -7.26
C ILE E 160 -35.98 22.59 -7.95
N GLY E 161 -34.91 22.03 -8.52
CA GLY E 161 -33.89 22.83 -9.18
C GLY E 161 -34.01 22.85 -10.69
N SER E 162 -33.51 23.92 -11.29
CA SER E 162 -33.51 24.05 -12.75
C SER E 162 -32.33 23.28 -13.34
N ALA E 163 -32.58 22.64 -14.47
CA ALA E 163 -31.55 21.87 -15.18
C ALA E 163 -30.41 22.77 -15.67
N ARG E 164 -30.73 24.06 -15.81
CA ARG E 164 -29.76 25.06 -16.27
C ARG E 164 -28.77 25.48 -15.17
N PHE E 165 -29.19 25.41 -13.91
CA PHE E 165 -28.33 25.86 -12.81
C PHE E 165 -27.87 24.81 -11.81
N ILE E 166 -28.76 23.88 -11.48
CA ILE E 166 -28.48 22.88 -10.44
C ILE E 166 -27.31 21.95 -10.76
N SER E 167 -26.49 21.68 -9.76
CA SER E 167 -25.36 20.77 -9.91
C SER E 167 -25.01 20.12 -8.58
N LYS E 168 -24.29 19.00 -8.67
CA LYS E 168 -23.82 18.32 -7.47
C LYS E 168 -22.65 19.15 -6.94
N THR E 169 -22.89 19.85 -5.83
CA THR E 169 -21.87 20.76 -5.26
C THR E 169 -21.00 20.09 -4.20
N ASN E 170 -21.46 18.95 -3.70
CA ASN E 170 -20.73 18.19 -2.70
C ASN E 170 -20.62 16.74 -3.15
N ALA E 171 -19.49 16.12 -2.86
CA ALA E 171 -19.23 14.76 -3.30
C ALA E 171 -20.11 13.68 -2.67
N SER E 172 -20.52 13.87 -1.41
CA SER E 172 -21.19 12.79 -0.67
C SER E 172 -22.39 13.11 0.23
N THR E 173 -22.91 14.34 0.17
CA THR E 173 -24.03 14.73 1.07
C THR E 173 -25.41 14.68 0.41
N LEU E 174 -26.45 14.59 1.23
CA LEU E 174 -27.84 14.52 0.73
C LEU E 174 -28.31 15.83 0.10
N ASP E 175 -27.80 16.94 0.61
CA ASP E 175 -28.18 18.27 0.14
C ASP E 175 -27.25 18.81 -0.94
N THR E 176 -26.50 17.92 -1.57
CA THR E 176 -25.50 18.30 -2.56
C THR E 176 -25.97 19.15 -3.74
N PHE E 177 -27.19 18.91 -4.21
CA PHE E 177 -27.71 19.65 -5.36
C PHE E 177 -28.15 21.06 -5.02
N LYS E 178 -27.28 22.02 -5.36
CA LYS E 178 -27.50 23.43 -5.07
C LYS E 178 -27.13 24.30 -6.27
N ALA E 179 -27.53 25.56 -6.19
CA ALA E 179 -27.17 26.57 -7.17
C ALA E 179 -27.08 27.87 -6.37
N PRO E 180 -25.91 28.13 -5.74
CA PRO E 180 -25.71 29.28 -4.84
C PRO E 180 -26.18 30.63 -5.39
N GLU E 181 -25.89 30.90 -6.66
CA GLU E 181 -26.25 32.17 -7.28
C GLU E 181 -27.68 32.25 -7.81
N GLU E 182 -28.31 31.10 -8.03
CA GLU E 182 -29.66 31.08 -8.63
C GLU E 182 -30.76 30.44 -7.78
N GLY E 183 -30.36 29.72 -6.73
CA GLY E 183 -31.31 29.07 -5.83
C GLY E 183 -32.12 27.97 -6.51
N TYR E 184 -33.33 27.76 -6.02
CA TYR E 184 -34.22 26.73 -6.56
C TYR E 184 -35.46 27.34 -7.19
N LEU E 185 -36.04 26.64 -8.17
CA LEU E 185 -37.28 27.09 -8.79
C LEU E 185 -38.44 26.93 -7.82
N GLY E 186 -38.35 25.90 -6.99
CA GLY E 186 -39.38 25.62 -5.99
C GLY E 186 -38.92 24.67 -4.92
N VAL E 187 -39.76 24.48 -3.91
CA VAL E 187 -39.50 23.55 -2.82
C VAL E 187 -40.75 22.71 -2.53
N ILE E 188 -40.55 21.54 -1.94
CA ILE E 188 -41.66 20.65 -1.58
C ILE E 188 -41.69 20.50 -0.07
N ILE E 189 -42.62 21.22 0.58
CA ILE E 189 -42.73 21.22 2.03
C ILE E 189 -44.14 20.86 2.50
N GLY E 190 -44.23 19.89 3.42
CA GLY E 190 -45.50 19.46 3.99
C GLY E 190 -46.49 18.95 2.97
N ASP E 191 -45.98 18.14 2.03
CA ASP E 191 -46.77 17.56 0.95
C ASP E 191 -47.45 18.64 0.08
N LYS E 192 -46.75 19.77 -0.09
CA LYS E 192 -47.23 20.88 -0.93
C LYS E 192 -46.07 21.49 -1.73
N ILE E 193 -46.34 21.86 -2.97
CA ILE E 193 -45.33 22.44 -3.85
C ILE E 193 -45.39 23.96 -3.81
N TYR E 194 -44.24 24.58 -3.55
CA TYR E 194 -44.14 26.03 -3.49
C TYR E 194 -43.17 26.56 -4.56
N TYR E 195 -43.70 27.01 -5.68
CA TYR E 195 -42.86 27.60 -6.74
C TYR E 195 -42.52 29.05 -6.41
N GLN E 196 -41.23 29.40 -6.57
CA GLN E 196 -40.74 30.72 -6.19
C GLN E 196 -40.05 31.50 -7.30
N THR E 197 -39.27 30.80 -8.13
CA THR E 197 -38.57 31.45 -9.24
C THR E 197 -38.79 30.72 -10.56
N ARG E 198 -38.57 31.44 -11.66
CA ARG E 198 -38.69 30.88 -13.00
C ARG E 198 -37.40 31.07 -13.78
N LEU E 199 -37.05 30.08 -14.60
CA LEU E 199 -35.85 30.12 -15.42
C LEU E 199 -35.96 31.21 -16.50
N ASP E 200 -35.04 32.17 -16.48
CA ASP E 200 -35.04 33.26 -17.45
C ASP E 200 -34.04 32.99 -18.59
N LYS E 201 -34.15 31.79 -19.16
CA LYS E 201 -33.32 31.37 -20.29
C LYS E 201 -34.22 30.62 -21.27
N VAL E 202 -33.72 30.42 -22.48
CA VAL E 202 -34.48 29.68 -23.50
C VAL E 202 -34.40 28.18 -23.19
N HIS E 203 -35.55 27.53 -23.12
CA HIS E 203 -35.61 26.10 -22.80
C HIS E 203 -36.75 25.39 -23.52
N THR E 204 -36.70 24.05 -23.46
CA THR E 204 -37.73 23.16 -24.00
C THR E 204 -38.40 23.54 -25.34
N THR E 205 -39.66 23.99 -25.26
CA THR E 205 -40.46 24.32 -26.45
C THR E 205 -39.91 25.44 -27.32
N ARG E 206 -39.20 26.38 -26.71
CA ARG E 206 -38.65 27.51 -27.44
C ARG E 206 -37.21 27.29 -27.91
N SER E 207 -36.65 26.13 -27.57
CA SER E 207 -35.29 25.77 -27.96
C SER E 207 -35.21 25.40 -29.43
N VAL E 208 -34.09 25.75 -30.07
CA VAL E 208 -33.87 25.47 -31.49
C VAL E 208 -33.17 24.12 -31.70
N PHE E 209 -32.70 23.52 -30.61
CA PHE E 209 -31.99 22.25 -30.69
C PHE E 209 -32.94 21.06 -30.75
N ASP E 210 -32.78 20.24 -31.78
CA ASP E 210 -33.61 19.06 -31.99
C ASP E 210 -32.73 17.89 -32.40
N VAL E 211 -32.77 16.83 -31.61
CA VAL E 211 -31.96 15.64 -31.89
C VAL E 211 -32.79 14.42 -32.28
N THR E 212 -34.02 14.67 -32.75
CA THR E 212 -34.93 13.60 -33.19
C THR E 212 -34.31 12.76 -34.32
N ASN E 213 -33.65 13.42 -35.25
CA ASN E 213 -33.03 12.76 -36.39
C ASN E 213 -31.50 12.73 -36.31
N VAL E 214 -30.97 12.71 -35.09
CA VAL E 214 -29.53 12.65 -34.88
C VAL E 214 -29.15 11.29 -34.29
N ASP E 215 -28.24 10.59 -34.98
CA ASP E 215 -27.79 9.26 -34.55
C ASP E 215 -26.52 9.33 -33.71
N LYS E 216 -25.69 10.33 -33.97
CA LYS E 216 -24.43 10.50 -33.24
C LYS E 216 -24.10 11.98 -33.09
N LEU E 217 -23.73 12.38 -31.87
CA LEU E 217 -23.40 13.77 -31.56
C LEU E 217 -21.90 14.03 -31.70
N PRO E 218 -21.52 15.29 -32.02
CA PRO E 218 -20.12 15.68 -32.13
C PRO E 218 -19.38 15.51 -30.81
N ALA E 219 -18.15 15.00 -30.87
CA ALA E 219 -17.34 14.76 -29.68
C ALA E 219 -16.78 16.06 -29.12
N VAL E 220 -16.95 16.25 -27.81
CA VAL E 220 -16.44 17.44 -27.12
C VAL E 220 -15.70 17.03 -25.84
N ASP E 221 -14.45 17.49 -25.70
CA ASP E 221 -13.65 17.21 -24.53
C ASP E 221 -13.65 18.37 -23.54
N ILE E 222 -13.35 18.07 -22.29
CA ILE E 222 -13.20 19.10 -21.26
C ILE E 222 -11.77 19.01 -20.72
N ILE E 223 -11.05 20.12 -20.81
CA ILE E 223 -9.67 20.19 -20.32
C ILE E 223 -9.59 21.16 -19.14
N TYR E 224 -9.04 20.67 -18.04
CA TYR E 224 -8.96 21.44 -16.80
C TYR E 224 -7.85 22.48 -16.84
N GLY E 225 -8.08 23.60 -16.16
CA GLY E 225 -7.11 24.68 -16.06
C GLY E 225 -6.51 24.71 -14.67
N TYR E 226 -5.18 24.74 -14.62
CA TYR E 226 -4.45 24.73 -13.34
C TYR E 226 -3.00 25.15 -13.55
N GLN E 227 -2.25 25.27 -12.45
CA GLN E 227 -0.84 25.62 -12.50
C GLN E 227 -0.07 24.53 -13.22
N ASP E 228 0.82 24.92 -14.14
CA ASP E 228 1.64 23.99 -14.93
C ASP E 228 0.81 23.07 -15.83
N ASP E 229 -0.36 23.55 -16.25
CA ASP E 229 -1.24 22.75 -17.13
C ASP E 229 -0.59 22.49 -18.49
N PRO E 230 -0.53 21.21 -18.89
CA PRO E 230 0.10 20.78 -20.13
C PRO E 230 -0.62 21.20 -21.40
N GLU E 231 0.16 21.51 -22.43
CA GLU E 231 -0.39 21.88 -23.72
C GLU E 231 -0.74 20.62 -24.52
N TYR E 232 -0.11 19.49 -24.16
CA TYR E 232 -0.32 18.22 -24.84
C TYR E 232 -1.72 17.60 -24.73
N MET E 233 -2.51 18.07 -23.76
CA MET E 233 -3.89 17.61 -23.60
C MET E 233 -4.74 18.11 -24.75
N TYR E 234 -4.43 19.32 -25.21
CA TYR E 234 -5.10 19.91 -26.36
C TYR E 234 -4.69 19.19 -27.63
N ASP E 235 -3.42 18.77 -27.68
CA ASP E 235 -2.90 18.00 -28.82
C ASP E 235 -3.61 16.66 -28.94
N ALA E 236 -3.94 16.05 -27.80
CA ALA E 236 -4.64 14.77 -27.76
C ALA E 236 -6.07 14.90 -28.30
N SER E 237 -6.70 16.04 -28.01
CA SER E 237 -8.05 16.34 -28.50
C SER E 237 -8.05 16.60 -30.00
N ILE E 238 -7.02 17.32 -30.47
CA ILE E 238 -6.85 17.62 -31.90
C ILE E 238 -6.58 16.35 -32.69
N LYS E 239 -5.70 15.50 -32.16
CA LYS E 239 -5.33 14.23 -32.80
C LYS E 239 -6.54 13.32 -33.01
N HIS E 240 -7.42 13.26 -32.01
CA HIS E 240 -8.61 12.42 -32.08
C HIS E 240 -9.81 13.09 -32.77
N GLY E 241 -9.59 14.30 -33.27
CA GLY E 241 -10.58 15.04 -34.07
C GLY E 241 -11.90 15.39 -33.41
N VAL E 242 -11.83 15.96 -32.21
CA VAL E 242 -13.05 16.42 -31.53
C VAL E 242 -13.57 17.69 -32.20
N LYS E 243 -14.87 17.90 -32.16
CA LYS E 243 -15.47 19.07 -32.79
C LYS E 243 -15.50 20.27 -31.86
N GLY E 244 -15.37 20.01 -30.55
CA GLY E 244 -15.38 21.07 -29.56
C GLY E 244 -14.53 20.78 -28.34
N ILE E 245 -14.12 21.84 -27.64
CA ILE E 245 -13.34 21.71 -26.40
C ILE E 245 -13.85 22.72 -25.37
N VAL E 246 -14.22 22.22 -24.20
CA VAL E 246 -14.62 23.10 -23.10
C VAL E 246 -13.46 23.23 -22.13
N TYR E 247 -13.05 24.46 -21.87
CA TYR E 247 -11.95 24.72 -20.97
C TYR E 247 -12.42 25.10 -19.57
N ALA E 248 -12.20 24.19 -18.61
CA ALA E 248 -12.53 24.43 -17.20
C ALA E 248 -11.45 25.35 -16.64
N GLY E 249 -11.59 26.65 -16.91
CA GLY E 249 -10.57 27.63 -16.59
C GLY E 249 -10.35 28.08 -15.17
N MET E 250 -9.13 28.53 -14.91
CA MET E 250 -8.73 29.09 -13.63
C MET E 250 -9.44 30.43 -13.49
N GLY E 251 -10.20 30.59 -12.40
CA GLY E 251 -10.96 31.82 -12.17
C GLY E 251 -12.02 32.02 -13.23
N ALA E 252 -12.04 33.19 -13.84
CA ALA E 252 -13.01 33.52 -14.89
C ALA E 252 -12.56 33.03 -16.28
N GLY E 253 -12.26 31.74 -16.37
CA GLY E 253 -11.83 31.12 -17.63
C GLY E 253 -10.47 31.57 -18.12
N SER E 254 -9.61 32.01 -17.20
CA SER E 254 -8.28 32.50 -17.55
C SER E 254 -7.37 31.39 -18.05
N VAL E 255 -6.67 31.68 -19.14
CA VAL E 255 -5.75 30.73 -19.74
C VAL E 255 -4.30 31.03 -19.35
N SER E 256 -3.50 29.98 -19.26
CA SER E 256 -2.06 30.13 -19.03
C SER E 256 -1.44 30.28 -20.40
N LYS E 257 -0.11 30.42 -20.46
CA LYS E 257 0.59 30.51 -21.75
C LYS E 257 0.49 29.21 -22.55
N ARG E 258 0.44 28.09 -21.83
CA ARG E 258 0.34 26.77 -22.45
C ARG E 258 -1.11 26.47 -22.85
N GLY E 259 -2.05 26.97 -22.05
CA GLY E 259 -3.47 26.81 -22.34
C GLY E 259 -3.89 27.68 -23.51
N ASP E 260 -3.31 28.87 -23.58
CA ASP E 260 -3.58 29.82 -24.67
C ASP E 260 -3.08 29.24 -25.99
N ALA E 261 -1.89 28.65 -25.95
CA ALA E 261 -1.28 28.04 -27.14
C ALA E 261 -2.05 26.80 -27.59
N GLY E 262 -2.56 26.04 -26.63
CA GLY E 262 -3.33 24.83 -26.92
C GLY E 262 -4.70 25.12 -27.52
N ILE E 263 -5.34 26.19 -27.04
CA ILE E 263 -6.65 26.60 -27.54
C ILE E 263 -6.57 27.16 -28.96
N ARG E 264 -5.58 28.02 -29.21
CA ARG E 264 -5.39 28.60 -30.54
C ARG E 264 -4.98 27.56 -31.59
N LYS E 265 -4.32 26.49 -31.14
CA LYS E 265 -3.94 25.40 -32.01
C LYS E 265 -5.18 24.58 -32.39
N ALA E 266 -6.11 24.46 -31.44
CA ALA E 266 -7.36 23.75 -31.68
C ALA E 266 -8.26 24.55 -32.63
N GLU E 267 -8.31 25.87 -32.41
CA GLU E 267 -9.12 26.77 -33.24
C GLU E 267 -8.63 26.85 -34.68
N SER E 268 -7.32 26.67 -34.88
CA SER E 268 -6.73 26.70 -36.22
C SER E 268 -7.10 25.42 -37.00
N LYS E 269 -7.50 24.38 -36.28
CA LYS E 269 -7.92 23.12 -36.88
C LYS E 269 -9.45 23.04 -37.02
N GLY E 270 -10.14 24.11 -36.68
CA GLY E 270 -11.59 24.20 -36.81
C GLY E 270 -12.38 23.78 -35.58
N ILE E 271 -11.68 23.53 -34.48
CA ILE E 271 -12.33 23.13 -33.23
C ILE E 271 -12.85 24.36 -32.47
N VAL E 272 -14.12 24.33 -32.10
CA VAL E 272 -14.73 25.43 -31.35
C VAL E 272 -14.43 25.27 -29.86
N VAL E 273 -13.74 26.25 -29.30
CA VAL E 273 -13.38 26.21 -27.88
C VAL E 273 -14.20 27.20 -27.06
N VAL E 274 -14.72 26.73 -25.93
CA VAL E 274 -15.51 27.55 -25.03
C VAL E 274 -14.82 27.59 -23.66
N ARG E 275 -14.55 28.80 -23.16
CA ARG E 275 -13.89 28.96 -21.86
C ARG E 275 -14.90 29.00 -20.71
N SER E 276 -14.93 27.94 -19.92
CA SER E 276 -15.78 27.87 -18.74
C SER E 276 -14.94 28.11 -17.49
N SER E 277 -15.44 27.71 -16.33
CA SER E 277 -14.73 27.97 -15.08
C SER E 277 -14.70 26.77 -14.14
N ARG E 278 -13.56 26.56 -13.48
CA ARG E 278 -13.39 25.46 -12.53
C ARG E 278 -13.89 25.87 -11.13
N THR E 279 -14.25 27.14 -10.98
CA THR E 279 -14.67 27.71 -9.70
C THR E 279 -15.92 27.05 -9.09
N GLY E 280 -16.95 26.85 -9.91
CA GLY E 280 -18.19 26.23 -9.45
C GLY E 280 -19.41 27.08 -9.76
N SER E 281 -19.21 28.38 -9.92
CA SER E 281 -20.30 29.31 -10.23
C SER E 281 -19.76 30.60 -10.84
N GLY E 282 -20.68 31.47 -11.25
CA GLY E 282 -20.30 32.78 -11.75
C GLY E 282 -20.19 32.93 -13.25
N ILE E 283 -19.99 34.17 -13.67
CA ILE E 283 -19.91 34.54 -15.09
C ILE E 283 -18.48 34.56 -15.60
N VAL E 284 -18.26 33.95 -16.76
CA VAL E 284 -16.99 34.09 -17.48
C VAL E 284 -17.29 35.18 -18.53
N PRO E 285 -16.76 36.39 -18.30
CA PRO E 285 -17.01 37.55 -19.15
C PRO E 285 -16.23 37.51 -20.46
N PRO E 286 -16.75 38.18 -21.51
CA PRO E 286 -16.07 38.25 -22.80
C PRO E 286 -14.71 38.94 -22.68
N ASP E 287 -13.71 38.41 -23.37
CA ASP E 287 -12.37 38.98 -23.36
C ASP E 287 -11.72 38.78 -24.72
N ALA E 288 -11.48 39.88 -25.43
CA ALA E 288 -10.86 39.85 -26.76
C ALA E 288 -9.37 39.50 -26.69
N GLY E 289 -8.79 39.64 -25.50
CA GLY E 289 -7.38 39.34 -25.28
C GLY E 289 -7.10 37.85 -25.10
N GLN E 290 -8.16 37.07 -24.93
CA GLN E 290 -8.05 35.62 -24.77
C GLN E 290 -8.78 34.89 -25.90
N PRO E 291 -8.26 33.72 -26.33
CA PRO E 291 -8.91 32.97 -27.39
C PRO E 291 -10.13 32.20 -26.88
N GLY E 292 -10.96 31.71 -27.80
CA GLY E 292 -12.14 30.93 -27.44
C GLY E 292 -13.35 31.78 -27.11
N LEU E 293 -14.50 31.11 -27.04
CA LEU E 293 -15.75 31.77 -26.67
C LEU E 293 -15.86 31.73 -25.14
N VAL E 294 -16.88 32.39 -24.60
CA VAL E 294 -17.11 32.39 -23.16
C VAL E 294 -18.37 31.61 -22.80
N ALA E 295 -18.34 30.94 -21.64
CA ALA E 295 -19.43 30.07 -21.23
C ALA E 295 -20.55 30.71 -20.43
N ASP E 296 -20.49 32.04 -20.26
CA ASP E 296 -21.48 32.78 -19.45
C ASP E 296 -21.41 32.21 -18.02
N SER E 297 -22.54 31.70 -17.51
CA SER E 297 -22.56 31.11 -16.16
C SER E 297 -22.58 29.59 -16.20
N LEU E 298 -22.48 29.03 -17.39
CA LEU E 298 -22.51 27.57 -17.57
C LEU E 298 -21.24 26.88 -17.10
N SER E 299 -21.44 25.81 -16.34
CA SER E 299 -20.36 24.99 -15.80
C SER E 299 -19.69 24.22 -16.93
N PRO E 300 -18.46 23.68 -16.69
CA PRO E 300 -17.77 22.89 -17.71
C PRO E 300 -18.62 21.71 -18.22
N ALA E 301 -19.33 21.03 -17.32
CA ALA E 301 -20.19 19.90 -17.68
C ALA E 301 -21.36 20.32 -18.56
N LYS E 302 -22.04 21.40 -18.18
CA LYS E 302 -23.19 21.91 -18.94
C LYS E 302 -22.75 22.61 -20.23
N SER E 303 -21.58 23.25 -20.20
CA SER E 303 -21.03 23.92 -21.38
C SER E 303 -20.74 22.92 -22.48
N ARG E 304 -20.26 21.74 -22.09
CA ARG E 304 -19.99 20.67 -23.03
C ARG E 304 -21.27 20.22 -23.71
N ILE E 305 -22.33 20.04 -22.91
CA ILE E 305 -23.64 19.65 -23.42
C ILE E 305 -24.18 20.62 -24.45
N LEU E 306 -24.14 21.92 -24.13
CA LEU E 306 -24.61 22.95 -25.05
C LEU E 306 -23.75 23.01 -26.31
N LEU E 307 -22.44 22.87 -26.15
CA LEU E 307 -21.51 22.89 -27.29
C LEU E 307 -21.75 21.73 -28.26
N MET E 308 -22.00 20.54 -27.71
CA MET E 308 -22.30 19.35 -28.52
C MET E 308 -23.54 19.57 -29.38
N LEU E 309 -24.58 20.13 -28.76
CA LEU E 309 -25.84 20.40 -29.45
C LEU E 309 -25.75 21.60 -30.40
N ALA E 310 -24.89 22.55 -30.07
CA ALA E 310 -24.67 23.73 -30.93
C ALA E 310 -23.96 23.34 -32.22
N LEU E 311 -23.08 22.35 -32.11
CA LEU E 311 -22.31 21.86 -33.27
C LEU E 311 -23.13 21.01 -34.25
N THR E 312 -24.35 20.66 -33.86
CA THR E 312 -25.25 19.92 -34.75
C THR E 312 -25.99 20.89 -35.66
N LYS E 313 -26.01 22.17 -35.26
CA LYS E 313 -26.68 23.21 -36.02
C LYS E 313 -25.73 24.13 -36.77
N THR E 314 -24.63 24.51 -36.13
CA THR E 314 -23.69 25.46 -36.74
C THR E 314 -22.24 25.32 -36.26
N THR E 315 -21.33 25.95 -37.01
CA THR E 315 -19.91 26.01 -36.65
C THR E 315 -19.48 27.47 -36.51
N ASN E 316 -20.44 28.38 -36.71
CA ASN E 316 -20.20 29.83 -36.58
C ASN E 316 -20.04 30.20 -35.11
N PRO E 317 -18.85 30.72 -34.75
CA PRO E 317 -18.49 31.08 -33.36
C PRO E 317 -19.43 32.10 -32.72
N ALA E 318 -19.92 33.06 -33.52
CA ALA E 318 -20.82 34.09 -33.03
C ALA E 318 -22.20 33.56 -32.68
N VAL E 319 -22.70 32.63 -33.49
CA VAL E 319 -24.01 32.01 -33.25
C VAL E 319 -23.94 31.11 -32.02
N ILE E 320 -22.83 30.39 -31.88
CA ILE E 320 -22.60 29.51 -30.72
C ILE E 320 -22.44 30.35 -29.45
N GLN E 321 -21.79 31.51 -29.57
CA GLN E 321 -21.63 32.44 -28.45
C GLN E 321 -23.00 32.97 -28.01
N ASP E 322 -23.87 33.23 -28.99
CA ASP E 322 -25.23 33.69 -28.71
C ASP E 322 -26.04 32.63 -27.96
N TYR E 323 -25.81 31.35 -28.26
CA TYR E 323 -26.48 30.25 -27.55
C TYR E 323 -26.07 30.26 -26.08
N PHE E 324 -24.78 30.46 -25.82
CA PHE E 324 -24.24 30.48 -24.46
C PHE E 324 -24.78 31.59 -23.56
N HIS E 325 -25.23 32.68 -24.16
CA HIS E 325 -25.82 33.79 -23.41
C HIS E 325 -27.35 33.67 -23.30
N ALA E 326 -27.95 32.85 -24.15
CA ALA E 326 -29.40 32.71 -24.17
C ALA E 326 -29.93 31.41 -23.56
N TYR E 327 -29.16 30.34 -23.67
CA TYR E 327 -29.57 29.03 -23.18
C TYR E 327 -29.02 28.68 -21.81
N ASN F 3 -13.27 -4.16 23.81
CA ASN F 3 -14.61 -3.73 24.31
C ASN F 3 -15.10 -2.44 23.67
N LEU F 4 -16.43 -2.28 23.62
CA LEU F 4 -17.05 -1.09 23.03
C LEU F 4 -17.30 -0.03 24.11
N PRO F 5 -17.25 1.27 23.71
CA PRO F 5 -17.49 2.37 24.65
C PRO F 5 -18.90 2.35 25.25
N ASN F 6 -19.07 3.02 26.38
CA ASN F 6 -20.37 3.09 27.05
C ASN F 6 -21.05 4.44 26.82
N ILE F 7 -22.13 4.43 26.04
CA ILE F 7 -22.86 5.64 25.70
C ILE F 7 -24.27 5.66 26.30
N VAL F 8 -24.63 6.77 26.92
CA VAL F 8 -25.96 6.95 27.50
C VAL F 8 -26.77 7.91 26.65
N ILE F 9 -27.96 7.47 26.23
CA ILE F 9 -28.85 8.30 25.43
C ILE F 9 -29.95 8.93 26.29
N LEU F 10 -29.92 10.25 26.40
CA LEU F 10 -30.90 11.01 27.18
C LEU F 10 -31.97 11.59 26.26
N ALA F 11 -33.22 11.19 26.48
CA ALA F 11 -34.32 11.66 25.64
C ALA F 11 -35.09 12.83 26.23
N THR F 12 -35.33 13.86 25.41
CA THR F 12 -36.09 15.03 25.84
C THR F 12 -37.37 15.18 25.01
N GLY F 13 -37.43 14.48 23.88
CA GLY F 13 -38.57 14.52 22.99
C GLY F 13 -38.20 14.97 21.59
N GLY F 14 -39.13 15.66 20.92
CA GLY F 14 -38.90 16.16 19.57
C GLY F 14 -39.51 15.30 18.48
N THR F 15 -39.37 15.77 17.23
CA THR F 15 -39.90 15.07 16.06
C THR F 15 -39.15 13.75 15.79
N ILE F 16 -37.92 13.66 16.32
CA ILE F 16 -37.12 12.43 16.22
C ILE F 16 -37.85 11.27 16.93
N ALA F 17 -38.63 11.61 17.95
CA ALA F 17 -39.43 10.65 18.69
C ALA F 17 -40.92 10.88 18.39
N GLY F 18 -41.20 11.40 17.20
CA GLY F 18 -42.57 11.68 16.78
C GLY F 18 -43.16 10.58 15.92
N SER F 19 -44.49 10.44 15.99
CA SER F 19 -45.21 9.42 15.22
C SER F 19 -46.52 9.97 14.66
N ALA F 20 -46.61 10.01 13.33
CA ALA F 20 -47.80 10.50 12.64
C ALA F 20 -48.66 9.34 12.13
N ALA F 21 -49.86 9.66 11.64
CA ALA F 21 -50.78 8.67 11.11
C ALA F 21 -50.33 8.13 9.76
N ALA F 22 -50.00 9.04 8.85
CA ALA F 22 -49.54 8.67 7.51
C ALA F 22 -48.07 9.04 7.31
N ASN F 23 -47.39 8.29 6.46
CA ASN F 23 -45.97 8.54 6.18
C ASN F 23 -45.68 9.72 5.26
N THR F 24 -46.74 10.29 4.66
CA THR F 24 -46.60 11.48 3.82
C THR F 24 -46.75 12.75 4.67
N GLN F 25 -46.99 12.56 5.97
CA GLN F 25 -47.15 13.66 6.89
C GLN F 25 -45.84 13.96 7.62
N THR F 26 -45.18 15.04 7.21
CA THR F 26 -43.94 15.47 7.85
C THR F 26 -44.20 16.73 8.67
N THR F 27 -45.30 17.41 8.36
CA THR F 27 -45.69 18.65 9.06
C THR F 27 -47.20 18.65 9.34
N GLY F 28 -47.61 19.53 10.25
CA GLY F 28 -49.03 19.71 10.60
C GLY F 28 -49.78 18.44 10.96
N TYR F 29 -49.27 17.70 11.94
CA TYR F 29 -49.88 16.44 12.35
C TYR F 29 -50.01 16.34 13.87
N LYS F 30 -50.89 15.45 14.32
CA LYS F 30 -51.05 15.18 15.74
C LYS F 30 -49.86 14.32 16.18
N ALA F 31 -48.88 14.97 16.78
CA ALA F 31 -47.63 14.30 17.19
C ALA F 31 -47.77 13.31 18.33
N GLY F 32 -47.20 12.13 18.13
CA GLY F 32 -47.20 11.09 19.14
C GLY F 32 -45.85 11.04 19.83
N ALA F 33 -45.79 10.40 20.99
CA ALA F 33 -44.55 10.32 21.76
C ALA F 33 -43.94 8.91 21.76
N LEU F 34 -42.70 8.81 21.32
CA LEU F 34 -41.97 7.54 21.32
C LEU F 34 -40.88 7.59 22.39
N GLY F 35 -40.79 6.51 23.17
CA GLY F 35 -39.81 6.43 24.26
C GLY F 35 -38.39 6.27 23.75
N VAL F 36 -37.42 6.39 24.66
CA VAL F 36 -36.00 6.28 24.33
C VAL F 36 -35.66 4.87 23.82
N GLU F 37 -36.31 3.85 24.39
CA GLU F 37 -36.10 2.46 24.00
C GLU F 37 -36.60 2.17 22.60
N THR F 38 -37.66 2.87 22.18
CA THR F 38 -38.22 2.72 20.84
C THR F 38 -37.24 3.24 19.79
N LEU F 39 -36.51 4.31 20.14
CA LEU F 39 -35.50 4.89 19.25
C LEU F 39 -34.28 3.99 19.14
N ILE F 40 -33.90 3.36 20.26
CA ILE F 40 -32.75 2.45 20.30
C ILE F 40 -33.03 1.16 19.51
N GLN F 41 -34.24 0.60 19.71
CA GLN F 41 -34.64 -0.64 19.03
C GLN F 41 -34.88 -0.45 17.53
N ALA F 42 -35.14 0.79 17.11
CA ALA F 42 -35.37 1.11 15.70
C ALA F 42 -34.07 1.03 14.89
N VAL F 43 -32.94 1.26 15.57
CA VAL F 43 -31.63 1.19 14.93
C VAL F 43 -30.78 0.12 15.64
N PRO F 44 -30.87 -1.15 15.18
CA PRO F 44 -30.10 -2.24 15.78
C PRO F 44 -28.60 -2.17 15.48
N GLU F 45 -28.23 -1.26 14.58
CA GLU F 45 -26.82 -1.08 14.19
C GLU F 45 -26.02 -0.31 15.25
N LEU F 46 -26.72 0.22 16.25
CA LEU F 46 -26.08 0.95 17.36
C LEU F 46 -25.28 0.01 18.25
N LYS F 47 -25.62 -1.27 18.22
CA LYS F 47 -24.94 -2.31 19.01
C LYS F 47 -23.50 -2.54 18.55
N THR F 48 -23.20 -2.21 17.30
CA THR F 48 -21.86 -2.36 16.75
C THR F 48 -20.99 -1.16 17.14
N LEU F 49 -21.62 -0.06 17.50
CA LEU F 49 -20.92 1.17 17.87
C LEU F 49 -20.54 1.22 19.35
N ALA F 50 -21.52 0.94 20.22
CA ALA F 50 -21.31 1.05 21.67
C ALA F 50 -22.37 0.31 22.49
N ASN F 51 -22.11 0.20 23.79
CA ASN F 51 -23.06 -0.36 24.74
C ASN F 51 -24.01 0.77 25.13
N ILE F 52 -25.30 0.59 24.84
CA ILE F 52 -26.29 1.65 25.01
C ILE F 52 -27.23 1.52 26.20
N LYS F 53 -27.36 2.60 26.97
CA LYS F 53 -28.32 2.70 28.07
C LYS F 53 -29.18 3.94 27.81
N GLY F 54 -30.49 3.81 27.98
CA GLY F 54 -31.41 4.92 27.70
C GLY F 54 -32.14 5.47 28.90
N GLU F 55 -32.27 6.80 28.95
CA GLU F 55 -32.99 7.49 30.02
C GLU F 55 -33.95 8.51 29.41
N GLN F 56 -35.11 8.67 30.03
CA GLN F 56 -36.10 9.63 29.57
C GLN F 56 -36.11 10.86 30.49
N VAL F 57 -35.41 11.92 30.06
CA VAL F 57 -35.34 13.16 30.84
C VAL F 57 -36.65 13.93 30.71
N ALA F 58 -37.16 14.03 29.48
CA ALA F 58 -38.41 14.72 29.20
C ALA F 58 -39.11 14.10 27.99
N SER F 59 -40.35 14.52 27.75
CA SER F 59 -41.13 14.04 26.60
C SER F 59 -41.91 15.20 26.00
N ILE F 60 -41.19 16.27 25.67
CA ILE F 60 -41.81 17.48 25.14
C ILE F 60 -41.17 17.93 23.83
N GLY F 61 -41.89 18.78 23.09
CA GLY F 61 -41.35 19.38 21.89
C GLY F 61 -40.38 20.46 22.32
N SER F 62 -39.31 20.66 21.55
CA SER F 62 -38.28 21.65 21.90
C SER F 62 -38.80 23.08 21.94
N GLU F 63 -39.93 23.32 21.28
CA GLU F 63 -40.59 24.63 21.33
C GLU F 63 -41.07 24.92 22.75
N ASN F 64 -41.24 23.85 23.54
CA ASN F 64 -41.66 23.95 24.94
C ASN F 64 -40.53 23.65 25.92
N MET F 65 -39.30 23.60 25.41
CA MET F 65 -38.13 23.39 26.26
C MET F 65 -37.90 24.62 27.13
N THR F 66 -37.77 24.40 28.43
CA THR F 66 -37.60 25.50 29.37
C THR F 66 -36.25 25.46 30.07
N SER F 67 -35.90 26.56 30.75
CA SER F 67 -34.62 26.68 31.45
C SER F 67 -34.52 25.74 32.65
N ASP F 68 -35.65 25.41 33.28
CA ASP F 68 -35.66 24.49 34.41
C ASP F 68 -35.35 23.05 33.99
N VAL F 69 -35.79 22.68 32.78
CA VAL F 69 -35.53 21.35 32.24
C VAL F 69 -34.05 21.27 31.78
N LEU F 70 -33.55 22.37 31.23
CA LEU F 70 -32.14 22.45 30.81
C LEU F 70 -31.21 22.37 32.00
N LEU F 71 -31.67 22.92 33.12
CA LEU F 71 -30.93 22.90 34.37
C LEU F 71 -30.85 21.46 34.88
N THR F 72 -31.97 20.74 34.76
CA THR F 72 -32.05 19.33 35.16
C THR F 72 -31.21 18.46 34.22
N LEU F 73 -31.27 18.79 32.92
CA LEU F 73 -30.51 18.06 31.90
C LEU F 73 -29.01 18.21 32.10
N SER F 74 -28.56 19.44 32.34
CA SER F 74 -27.14 19.73 32.56
C SER F 74 -26.55 19.05 33.79
N LYS F 75 -27.33 19.01 34.87
CA LYS F 75 -26.92 18.36 36.10
C LYS F 75 -26.81 16.85 35.92
N ARG F 76 -27.73 16.28 35.13
CA ARG F 76 -27.73 14.84 34.85
C ARG F 76 -26.57 14.45 33.94
N VAL F 77 -26.27 15.30 32.95
CA VAL F 77 -25.13 15.05 32.05
C VAL F 77 -23.82 15.07 32.83
N ASN F 78 -23.68 16.06 33.71
CA ASN F 78 -22.47 16.20 34.53
C ASN F 78 -22.20 15.05 35.50
N GLU F 79 -23.26 14.51 36.13
CA GLU F 79 -23.09 13.38 37.04
C GLU F 79 -22.85 12.08 36.30
N LEU F 80 -23.32 12.00 35.05
CA LEU F 80 -23.09 10.83 34.21
C LEU F 80 -21.66 10.83 33.68
N LEU F 81 -21.17 11.99 33.25
CA LEU F 81 -19.81 12.11 32.71
C LEU F 81 -18.73 12.03 33.79
N ALA F 82 -19.12 12.24 35.05
CA ALA F 82 -18.21 12.13 36.19
C ALA F 82 -17.91 10.66 36.48
N ARG F 83 -18.86 9.79 36.12
CA ARG F 83 -18.72 8.35 36.29
C ARG F 83 -17.71 7.77 35.30
N SER F 84 -17.05 6.70 35.71
CA SER F 84 -16.05 6.04 34.87
C SER F 84 -16.68 5.05 33.88
N ASP F 85 -17.95 4.70 34.11
CA ASP F 85 -18.64 3.76 33.23
C ASP F 85 -19.47 4.45 32.14
N VAL F 86 -19.20 5.72 31.90
CA VAL F 86 -19.86 6.49 30.84
C VAL F 86 -18.79 7.24 30.04
N ASP F 87 -18.70 6.93 28.75
CA ASP F 87 -17.68 7.53 27.88
C ASP F 87 -18.20 8.71 27.07
N GLY F 88 -19.52 8.80 26.93
CA GLY F 88 -20.15 9.88 26.18
C GLY F 88 -21.66 9.88 26.31
N VAL F 89 -22.29 11.01 25.99
CA VAL F 89 -23.73 11.16 26.10
C VAL F 89 -24.37 11.68 24.80
N VAL F 90 -25.42 10.99 24.35
CA VAL F 90 -26.19 11.41 23.19
C VAL F 90 -27.53 11.94 23.67
N ILE F 91 -27.90 13.14 23.23
CA ILE F 91 -29.17 13.74 23.64
C ILE F 91 -30.13 13.93 22.47
N THR F 92 -31.20 13.13 22.45
CA THR F 92 -32.24 13.28 21.44
C THR F 92 -33.09 14.48 21.84
N HIS F 93 -33.21 15.43 20.92
CA HIS F 93 -33.84 16.71 21.21
C HIS F 93 -34.60 17.18 19.97
N GLY F 94 -35.48 18.16 20.15
CA GLY F 94 -36.20 18.74 19.02
C GLY F 94 -35.32 19.71 18.26
N THR F 95 -35.74 20.07 17.04
CA THR F 95 -34.94 20.97 16.20
C THR F 95 -35.28 22.45 16.41
N ASP F 96 -36.49 22.74 16.88
CA ASP F 96 -36.98 24.12 17.05
C ASP F 96 -36.16 25.00 17.99
N THR F 97 -35.61 24.41 19.05
CA THR F 97 -34.73 25.15 19.95
C THR F 97 -33.38 24.47 20.13
N LEU F 98 -32.91 23.82 19.07
CA LEU F 98 -31.61 23.18 19.07
C LEU F 98 -30.51 24.25 18.91
N ASP F 99 -30.94 25.50 18.79
CA ASP F 99 -30.02 26.64 18.75
C ASP F 99 -29.57 26.91 20.19
N GLU F 100 -30.49 26.79 21.14
CA GLU F 100 -30.23 27.07 22.55
C GLU F 100 -29.60 25.92 23.34
N SER F 101 -30.36 24.84 23.48
CA SER F 101 -29.97 23.68 24.30
C SER F 101 -28.50 23.19 24.26
N PRO F 102 -27.96 22.92 23.04
CA PRO F 102 -26.57 22.49 22.96
C PRO F 102 -25.57 23.55 23.43
N TYR F 103 -25.86 24.82 23.16
CA TYR F 103 -24.98 25.90 23.59
C TYR F 103 -25.02 26.08 25.11
N PHE F 104 -26.15 25.75 25.72
CA PHE F 104 -26.29 25.79 27.18
C PHE F 104 -25.31 24.82 27.81
N LEU F 105 -25.29 23.59 27.28
CA LEU F 105 -24.39 22.56 27.77
C LEU F 105 -22.94 22.79 27.38
N ASN F 106 -22.73 23.53 26.29
CA ASN F 106 -21.39 23.88 25.83
C ASN F 106 -20.68 24.77 26.85
N LEU F 107 -21.47 25.42 27.70
CA LEU F 107 -20.96 26.31 28.73
C LEU F 107 -21.06 25.71 30.13
N THR F 108 -21.88 24.67 30.29
CA THR F 108 -22.12 24.08 31.62
C THR F 108 -21.52 22.69 31.89
N VAL F 109 -21.23 21.94 30.83
CA VAL F 109 -20.63 20.60 30.98
C VAL F 109 -19.19 20.70 31.47
N LYS F 110 -18.85 19.98 32.54
CA LYS F 110 -17.51 20.02 33.11
C LYS F 110 -16.66 18.80 32.75
N SER F 111 -16.70 18.41 31.48
CA SER F 111 -15.96 17.23 31.01
C SER F 111 -15.57 17.34 29.54
N ASP F 112 -14.53 16.60 29.14
CA ASP F 112 -14.09 16.55 27.75
C ASP F 112 -14.82 15.46 26.97
N LYS F 113 -15.54 14.59 27.70
CA LYS F 113 -16.32 13.51 27.10
C LYS F 113 -17.40 14.08 26.19
N PRO F 114 -17.57 13.49 24.99
CA PRO F 114 -18.51 13.98 23.98
C PRO F 114 -19.98 14.04 24.42
N VAL F 115 -20.56 15.23 24.28
CA VAL F 115 -21.98 15.44 24.51
C VAL F 115 -22.55 15.77 23.14
N VAL F 116 -23.29 14.83 22.57
CA VAL F 116 -23.78 14.97 21.21
C VAL F 116 -25.30 15.10 21.11
N PHE F 117 -25.76 16.29 20.72
CA PHE F 117 -27.18 16.52 20.49
C PHE F 117 -27.59 15.99 19.13
N VAL F 118 -28.75 15.35 19.08
CA VAL F 118 -29.26 14.80 17.84
C VAL F 118 -30.76 15.10 17.69
N ALA F 119 -31.19 15.31 16.45
CA ALA F 119 -32.57 15.63 16.16
C ALA F 119 -32.96 15.11 14.77
N ALA F 120 -34.22 15.31 14.42
CA ALA F 120 -34.74 14.91 13.11
C ALA F 120 -35.81 15.87 12.63
N MET F 121 -35.74 16.21 11.35
CA MET F 121 -36.71 17.11 10.74
C MET F 121 -37.97 16.38 10.30
N ARG F 122 -37.84 15.07 10.07
CA ARG F 122 -38.98 14.23 9.70
C ARG F 122 -39.28 13.24 10.82
N PRO F 123 -40.58 12.97 11.07
CA PRO F 123 -40.97 11.99 12.10
C PRO F 123 -40.55 10.58 11.71
N ALA F 124 -40.37 9.72 12.71
CA ALA F 124 -39.93 8.33 12.51
C ALA F 124 -40.80 7.53 11.52
N THR F 125 -42.08 7.91 11.43
CA THR F 125 -43.03 7.24 10.55
C THR F 125 -42.96 7.73 9.11
N ALA F 126 -42.35 8.89 8.89
CA ALA F 126 -42.29 9.51 7.56
C ALA F 126 -41.40 8.79 6.55
N ILE F 127 -41.70 9.00 5.27
CA ILE F 127 -40.91 8.45 4.17
C ILE F 127 -39.52 9.07 4.20
N SER F 128 -38.49 8.21 4.20
CA SER F 128 -37.08 8.64 4.27
C SER F 128 -36.80 9.46 5.53
N ALA F 129 -37.29 8.97 6.67
CA ALA F 129 -37.09 9.64 7.95
C ALA F 129 -35.61 9.77 8.27
N ASP F 130 -35.16 10.98 8.58
CA ASP F 130 -33.76 11.26 8.86
C ASP F 130 -33.29 10.81 10.25
N GLY F 131 -34.24 10.60 11.16
CA GLY F 131 -33.95 10.18 12.55
C GLY F 131 -32.96 9.04 12.75
N PRO F 132 -33.24 7.86 12.14
CA PRO F 132 -32.37 6.68 12.27
C PRO F 132 -30.88 6.92 11.91
N MET F 133 -30.63 7.58 10.79
CA MET F 133 -29.24 7.86 10.37
C MET F 133 -28.58 8.91 11.25
N ASN F 134 -29.36 9.93 11.64
CA ASN F 134 -28.86 10.97 12.53
C ASN F 134 -28.47 10.40 13.89
N LEU F 135 -29.31 9.50 14.41
CA LEU F 135 -29.05 8.84 15.69
C LEU F 135 -27.81 7.95 15.60
N TYR F 136 -27.68 7.23 14.49
CA TYR F 136 -26.51 6.37 14.25
C TYR F 136 -25.24 7.22 14.22
N GLY F 137 -25.31 8.35 13.52
CA GLY F 137 -24.18 9.27 13.42
C GLY F 137 -23.81 9.90 14.75
N ALA F 138 -24.82 10.24 15.55
CA ALA F 138 -24.61 10.85 16.86
C ALA F 138 -23.92 9.91 17.83
N VAL F 139 -24.36 8.65 17.87
CA VAL F 139 -23.78 7.63 18.73
C VAL F 139 -22.35 7.30 18.28
N LYS F 140 -22.14 7.28 16.97
CA LYS F 140 -20.82 7.02 16.39
C LYS F 140 -19.84 8.11 16.81
N VAL F 141 -20.30 9.36 16.79
CA VAL F 141 -19.49 10.50 17.20
C VAL F 141 -19.19 10.45 18.70
N ALA F 142 -20.21 10.16 19.50
CA ALA F 142 -20.06 10.07 20.96
C ALA F 142 -19.13 8.93 21.40
N ALA F 143 -19.13 7.84 20.65
CA ALA F 143 -18.29 6.68 20.96
C ALA F 143 -16.86 6.84 20.45
N ASP F 144 -16.64 7.80 19.56
CA ASP F 144 -15.31 8.05 19.01
C ASP F 144 -14.46 8.84 20.01
N LYS F 145 -13.27 8.32 20.30
CA LYS F 145 -12.34 8.96 21.24
C LYS F 145 -11.80 10.28 20.70
N ASN F 146 -11.76 10.41 19.39
CA ASN F 146 -11.26 11.62 18.73
C ASN F 146 -12.25 12.80 18.83
N SER F 147 -13.46 12.53 19.28
CA SER F 147 -14.49 13.55 19.45
C SER F 147 -14.32 14.33 20.76
N ARG F 148 -13.45 13.83 21.64
CA ARG F 148 -13.19 14.44 22.95
C ARG F 148 -12.56 15.83 22.86
N GLY F 149 -12.94 16.69 23.81
CA GLY F 149 -12.38 18.05 23.91
C GLY F 149 -12.69 18.97 22.75
N ARG F 150 -13.85 18.80 22.13
CA ARG F 150 -14.25 19.61 20.98
C ARG F 150 -15.49 20.46 21.26
N GLY F 151 -15.98 20.38 22.50
CA GLY F 151 -17.19 21.10 22.89
C GLY F 151 -18.42 20.27 22.57
N VAL F 152 -19.60 20.82 22.88
CA VAL F 152 -20.85 20.12 22.61
C VAL F 152 -21.11 20.06 21.11
N LEU F 153 -21.42 18.86 20.62
CA LEU F 153 -21.60 18.61 19.20
C LEU F 153 -23.07 18.43 18.82
N VAL F 154 -23.40 18.81 17.59
CA VAL F 154 -24.76 18.70 17.07
C VAL F 154 -24.72 17.91 15.76
N VAL F 155 -25.33 16.74 15.75
CA VAL F 155 -25.28 15.86 14.57
C VAL F 155 -26.61 15.63 13.85
N LEU F 156 -26.69 16.17 12.64
CA LEU F 156 -27.82 15.95 11.73
C LEU F 156 -27.31 16.01 10.30
N ASN F 157 -27.93 15.24 9.41
CA ASN F 157 -27.62 15.26 7.97
C ASN F 157 -26.13 15.05 7.64
N ASP F 158 -25.51 14.09 8.30
CA ASP F 158 -24.08 13.75 8.10
C ASP F 158 -23.09 14.85 8.50
N ARG F 159 -23.55 15.81 9.30
CA ARG F 159 -22.72 16.93 9.72
C ARG F 159 -22.48 16.94 11.23
N ILE F 160 -21.30 17.38 11.63
CA ILE F 160 -20.98 17.54 13.04
C ILE F 160 -20.72 19.04 13.27
N GLY F 161 -21.72 19.72 13.81
CA GLY F 161 -21.63 21.16 14.04
C GLY F 161 -21.34 21.53 15.49
N SER F 162 -20.69 22.67 15.68
CA SER F 162 -20.38 23.17 17.01
C SER F 162 -21.60 23.83 17.61
N ALA F 163 -21.82 23.61 18.91
CA ALA F 163 -22.94 24.20 19.64
C ALA F 163 -22.86 25.72 19.63
N ARG F 164 -21.65 26.24 19.48
CA ARG F 164 -21.38 27.66 19.46
C ARG F 164 -21.83 28.33 18.15
N PHE F 165 -21.77 27.60 17.05
CA PHE F 165 -22.08 28.18 15.74
C PHE F 165 -23.35 27.68 15.04
N ILE F 166 -23.62 26.38 15.16
CA ILE F 166 -24.71 25.74 14.44
C ILE F 166 -26.12 26.24 14.83
N SER F 167 -26.96 26.45 13.83
CA SER F 167 -28.33 26.89 14.06
C SER F 167 -29.25 26.38 12.96
N LYS F 168 -30.54 26.33 13.27
CA LYS F 168 -31.55 25.94 12.30
C LYS F 168 -31.74 27.14 11.37
N THR F 169 -31.19 27.03 10.15
CA THR F 169 -31.22 28.14 9.18
C THR F 169 -32.44 28.12 8.27
N ASN F 170 -33.10 26.97 8.20
CA ASN F 170 -34.29 26.81 7.37
C ASN F 170 -35.41 26.22 8.22
N ALA F 171 -36.64 26.65 7.95
CA ALA F 171 -37.80 26.22 8.71
C ALA F 171 -38.19 24.76 8.57
N SER F 172 -37.99 24.18 7.38
CA SER F 172 -38.51 22.83 7.12
C SER F 172 -37.64 21.81 6.36
N THR F 173 -36.37 22.13 6.11
CA THR F 173 -35.51 21.22 5.32
C THR F 173 -34.61 20.32 6.16
N LEU F 174 -34.16 19.20 5.58
CA LEU F 174 -33.29 18.24 6.27
C LEU F 174 -31.89 18.80 6.55
N ASP F 175 -31.41 19.66 5.66
CA ASP F 175 -30.08 20.24 5.77
C ASP F 175 -30.08 21.59 6.49
N THR F 176 -31.13 21.84 7.26
CA THR F 176 -31.31 23.14 7.93
C THR F 176 -30.17 23.60 8.86
N PHE F 177 -29.53 22.67 9.56
CA PHE F 177 -28.46 23.04 10.48
C PHE F 177 -27.15 23.39 9.80
N LYS F 178 -26.91 24.69 9.68
CA LYS F 178 -25.72 25.23 9.02
C LYS F 178 -25.09 26.34 9.85
N ALA F 179 -23.85 26.67 9.50
CA ALA F 179 -23.13 27.79 10.10
C ALA F 179 -22.31 28.40 8.96
N PRO F 180 -22.95 29.28 8.15
CA PRO F 180 -22.37 29.90 6.95
C PRO F 180 -20.93 30.39 7.08
N GLU F 181 -20.65 31.11 8.16
CA GLU F 181 -19.33 31.70 8.37
C GLU F 181 -18.32 30.79 9.05
N GLU F 182 -18.80 29.71 9.69
CA GLU F 182 -17.92 28.84 10.46
C GLU F 182 -17.86 27.38 10.01
N GLY F 183 -18.82 26.97 9.18
CA GLY F 183 -18.87 25.60 8.67
C GLY F 183 -19.14 24.58 9.75
N TYR F 184 -18.62 23.37 9.55
CA TYR F 184 -18.79 22.28 10.50
C TYR F 184 -17.44 21.86 11.07
N LEU F 185 -17.47 21.31 12.27
CA LEU F 185 -16.25 20.80 12.90
C LEU F 185 -15.82 19.52 12.19
N GLY F 186 -16.81 18.76 11.72
CA GLY F 186 -16.54 17.52 11.01
C GLY F 186 -17.73 17.01 10.22
N VAL F 187 -17.49 15.96 9.44
CA VAL F 187 -18.55 15.32 8.65
C VAL F 187 -18.48 13.80 8.80
N ILE F 188 -19.61 13.14 8.59
CA ILE F 188 -19.68 11.68 8.67
C ILE F 188 -20.00 11.14 7.28
N ILE F 189 -18.98 10.64 6.60
CA ILE F 189 -19.12 10.13 5.24
C ILE F 189 -18.60 8.70 5.12
N GLY F 190 -19.44 7.82 4.56
CA GLY F 190 -19.07 6.41 4.34
C GLY F 190 -18.70 5.67 5.61
N ASP F 191 -19.50 5.88 6.65
CA ASP F 191 -19.29 5.27 7.99
C ASP F 191 -17.92 5.61 8.60
N LYS F 192 -17.43 6.81 8.29
CA LYS F 192 -16.17 7.31 8.83
C LYS F 192 -16.30 8.78 9.21
N ILE F 193 -15.70 9.13 10.34
CA ILE F 193 -15.75 10.50 10.84
C ILE F 193 -14.54 11.29 10.37
N TYR F 194 -14.79 12.46 9.80
CA TYR F 194 -13.74 13.34 9.28
C TYR F 194 -13.79 14.69 9.97
N TYR F 195 -12.94 14.88 10.99
CA TYR F 195 -12.85 16.18 11.65
C TYR F 195 -11.98 17.13 10.85
N GLN F 196 -12.45 18.37 10.70
CA GLN F 196 -11.77 19.35 9.89
C GLN F 196 -11.40 20.64 10.62
N THR F 197 -12.30 21.12 11.48
CA THR F 197 -12.04 22.34 12.24
C THR F 197 -12.30 22.14 13.73
N ARG F 198 -11.66 22.99 14.55
CA ARG F 198 -11.85 22.97 16.00
C ARG F 198 -12.39 24.31 16.46
N LEU F 199 -13.25 24.27 17.47
CA LEU F 199 -13.83 25.49 18.05
C LEU F 199 -12.75 26.31 18.75
N ASP F 200 -12.57 27.55 18.30
CA ASP F 200 -11.58 28.45 18.89
C ASP F 200 -12.25 29.41 19.87
N LYS F 201 -13.04 28.85 20.78
CA LYS F 201 -13.71 29.59 21.83
C LYS F 201 -13.64 28.77 23.10
N VAL F 202 -13.82 29.41 24.26
CA VAL F 202 -13.79 28.71 25.53
C VAL F 202 -15.06 27.87 25.66
N HIS F 203 -14.90 26.59 25.98
CA HIS F 203 -16.04 25.69 26.09
C HIS F 203 -15.87 24.61 27.16
N THR F 204 -16.99 23.96 27.48
CA THR F 204 -17.05 22.83 28.43
C THR F 204 -16.11 22.90 29.64
N THR F 205 -15.03 22.12 29.59
CA THR F 205 -14.07 22.02 30.70
C THR F 205 -13.51 23.36 31.17
N ARG F 206 -13.11 24.20 30.21
CA ARG F 206 -12.51 25.50 30.54
C ARG F 206 -13.53 26.60 30.83
N SER F 207 -14.82 26.28 30.69
CA SER F 207 -15.89 27.26 30.94
C SER F 207 -16.07 27.54 32.43
N VAL F 208 -16.38 28.79 32.76
CA VAL F 208 -16.55 29.22 34.15
C VAL F 208 -18.00 29.15 34.63
N PHE F 209 -18.91 28.81 33.72
CA PHE F 209 -20.33 28.77 34.04
C PHE F 209 -20.76 27.43 34.63
N ASP F 210 -20.81 27.37 35.96
CA ASP F 210 -21.21 26.16 36.66
C ASP F 210 -22.64 26.34 37.21
N VAL F 211 -23.52 25.41 36.84
CA VAL F 211 -24.91 25.47 37.30
C VAL F 211 -25.27 24.37 38.29
N THR F 212 -24.25 23.75 38.89
CA THR F 212 -24.43 22.68 39.88
C THR F 212 -25.22 23.20 41.10
N ASN F 213 -24.94 24.44 41.48
CA ASN F 213 -25.59 25.06 42.63
C ASN F 213 -26.60 26.15 42.28
N VAL F 214 -27.21 26.03 41.10
CA VAL F 214 -28.22 26.97 40.64
C VAL F 214 -29.59 26.28 40.66
N ASP F 215 -30.54 26.87 41.38
CA ASP F 215 -31.89 26.30 41.48
C ASP F 215 -32.82 26.89 40.43
N LYS F 216 -32.62 28.16 40.11
CA LYS F 216 -33.43 28.86 39.11
C LYS F 216 -32.61 29.89 38.35
N LEU F 217 -32.65 29.80 37.02
CA LEU F 217 -31.91 30.71 36.16
C LEU F 217 -32.63 32.06 36.00
N PRO F 218 -31.86 33.16 35.84
CA PRO F 218 -32.41 34.50 35.65
C PRO F 218 -33.26 34.60 34.38
N ALA F 219 -34.32 35.40 34.43
CA ALA F 219 -35.21 35.58 33.28
C ALA F 219 -34.60 36.54 32.26
N VAL F 220 -34.54 36.10 31.00
CA VAL F 220 -33.99 36.91 29.92
C VAL F 220 -34.95 36.90 28.72
N ASP F 221 -35.35 38.10 28.28
CA ASP F 221 -36.25 38.23 27.13
C ASP F 221 -35.49 38.59 25.86
N ILE F 222 -36.09 38.28 24.72
CA ILE F 222 -35.53 38.65 23.42
C ILE F 222 -36.53 39.54 22.70
N ILE F 223 -36.12 40.77 22.41
CA ILE F 223 -36.97 41.72 21.71
C ILE F 223 -36.44 41.96 20.30
N TYR F 224 -37.31 41.79 19.31
CA TYR F 224 -36.94 41.90 17.91
C TYR F 224 -36.80 43.35 17.44
N GLY F 225 -35.87 43.57 16.52
CA GLY F 225 -35.63 44.89 15.96
C GLY F 225 -36.18 44.98 14.55
N TYR F 226 -36.99 46.02 14.29
CA TYR F 226 -37.63 46.22 13.00
C TYR F 226 -38.14 47.65 12.85
N GLN F 227 -38.68 47.97 11.67
CA GLN F 227 -39.26 49.29 11.41
C GLN F 227 -40.48 49.48 12.30
N ASP F 228 -40.57 50.66 12.92
CA ASP F 228 -41.69 51.01 13.83
C ASP F 228 -41.75 50.10 15.07
N ASP F 229 -40.60 49.62 15.53
CA ASP F 229 -40.55 48.75 16.71
C ASP F 229 -40.96 49.49 17.98
N PRO F 230 -41.96 48.95 18.70
CA PRO F 230 -42.52 49.54 19.91
C PRO F 230 -41.56 49.59 21.10
N GLU F 231 -41.65 50.68 21.86
CA GLU F 231 -40.83 50.86 23.06
C GLU F 231 -41.47 50.12 24.23
N TYR F 232 -42.77 49.85 24.13
CA TYR F 232 -43.52 49.18 25.20
C TYR F 232 -43.15 47.72 25.48
N MET F 233 -42.41 47.09 24.56
CA MET F 233 -41.93 45.73 24.76
C MET F 233 -40.86 45.72 25.83
N TYR F 234 -40.05 46.78 25.84
CA TYR F 234 -39.01 46.97 26.84
C TYR F 234 -39.62 47.29 28.19
N ASP F 235 -40.74 48.02 28.16
CA ASP F 235 -41.48 48.37 29.36
C ASP F 235 -42.08 47.13 30.00
N ALA F 236 -42.50 46.18 29.17
CA ALA F 236 -43.09 44.91 29.63
C ALA F 236 -42.04 44.03 30.30
N SER F 237 -40.82 44.08 29.79
CA SER F 237 -39.71 43.31 30.36
C SER F 237 -39.28 43.87 31.70
N ILE F 238 -39.25 45.20 31.80
CA ILE F 238 -38.88 45.90 33.04
C ILE F 238 -39.94 45.65 34.13
N LYS F 239 -41.21 45.67 33.71
CA LYS F 239 -42.36 45.46 34.61
C LYS F 239 -42.30 44.09 35.31
N HIS F 240 -41.90 43.06 34.56
CA HIS F 240 -41.83 41.70 35.08
C HIS F 240 -40.48 41.35 35.72
N GLY F 241 -39.59 42.34 35.78
CA GLY F 241 -38.30 42.20 36.45
C GLY F 241 -37.34 41.17 35.88
N VAL F 242 -37.07 41.26 34.57
CA VAL F 242 -36.10 40.37 33.95
C VAL F 242 -34.69 40.86 34.29
N LYS F 243 -33.74 39.93 34.31
CA LYS F 243 -32.36 40.28 34.64
C LYS F 243 -31.56 40.66 33.39
N GLY F 244 -32.04 40.21 32.24
CA GLY F 244 -31.37 40.49 30.98
C GLY F 244 -32.32 40.64 29.80
N ILE F 245 -31.87 41.39 28.79
CA ILE F 245 -32.64 41.57 27.56
C ILE F 245 -31.70 41.42 26.36
N VAL F 246 -32.05 40.51 25.45
CA VAL F 246 -31.27 40.34 24.24
C VAL F 246 -32.01 41.01 23.10
N TYR F 247 -31.34 41.95 22.43
CA TYR F 247 -31.95 42.69 21.35
C TYR F 247 -31.58 42.11 19.98
N ALA F 248 -32.56 41.49 19.32
CA ALA F 248 -32.38 40.94 17.97
C ALA F 248 -32.40 42.11 16.99
N GLY F 249 -31.27 42.81 16.90
CA GLY F 249 -31.16 44.05 16.15
C GLY F 249 -31.19 44.04 14.65
N MET F 250 -31.58 45.19 14.10
CA MET F 250 -31.58 45.42 12.65
C MET F 250 -30.14 45.57 12.22
N GLY F 251 -29.72 44.77 11.24
CA GLY F 251 -28.34 44.80 10.76
C GLY F 251 -27.36 44.39 11.85
N ALA F 252 -26.36 45.23 12.11
CA ALA F 252 -25.37 44.94 13.14
C ALA F 252 -25.81 45.43 14.53
N GLY F 253 -26.99 44.98 14.95
CA GLY F 253 -27.55 45.32 16.26
C GLY F 253 -27.96 46.78 16.41
N SER F 254 -28.24 47.43 15.29
CA SER F 254 -28.61 48.84 15.28
C SER F 254 -29.97 49.09 15.94
N VAL F 255 -30.01 50.10 16.80
CA VAL F 255 -31.24 50.45 17.51
C VAL F 255 -31.95 51.62 16.84
N SER F 256 -33.28 51.61 16.95
CA SER F 256 -34.09 52.73 16.48
C SER F 256 -34.14 53.73 17.64
N LYS F 257 -34.88 54.83 17.46
CA LYS F 257 -35.02 55.83 18.53
C LYS F 257 -35.84 55.27 19.70
N ARG F 258 -36.77 54.37 19.38
CA ARG F 258 -37.63 53.74 20.38
C ARG F 258 -36.91 52.58 21.05
N GLY F 259 -36.04 51.90 20.29
CA GLY F 259 -35.25 50.81 20.82
C GLY F 259 -34.13 51.33 21.71
N ASP F 260 -33.57 52.48 21.33
CA ASP F 260 -32.52 53.14 22.10
C ASP F 260 -33.09 53.59 23.44
N ALA F 261 -34.29 54.19 23.39
CA ALA F 261 -34.97 54.67 24.59
C ALA F 261 -35.37 53.52 25.52
N GLY F 262 -35.75 52.38 24.92
CA GLY F 262 -36.15 51.21 25.68
C GLY F 262 -34.99 50.50 26.36
N ILE F 263 -33.86 50.42 25.66
CA ILE F 263 -32.65 49.78 26.19
C ILE F 263 -32.03 50.59 27.34
N ARG F 264 -31.94 51.91 27.18
CA ARG F 264 -31.38 52.79 28.21
C ARG F 264 -32.28 52.82 29.46
N LYS F 265 -33.57 52.60 29.26
CA LYS F 265 -34.54 52.55 30.35
C LYS F 265 -34.35 51.25 31.14
N ALA F 266 -34.00 50.18 30.43
CA ALA F 266 -33.74 48.88 31.05
C ALA F 266 -32.44 48.92 31.84
N GLU F 267 -31.42 49.58 31.26
CA GLU F 267 -30.11 49.72 31.90
C GLU F 267 -30.16 50.57 33.16
N SER F 268 -31.11 51.50 33.21
CA SER F 268 -31.29 52.36 34.38
C SER F 268 -31.92 51.59 35.55
N LYS F 269 -32.57 50.48 35.23
CA LYS F 269 -33.21 49.63 36.23
C LYS F 269 -32.31 48.44 36.60
N GLY F 270 -31.09 48.43 36.08
CA GLY F 270 -30.11 47.37 36.39
C GLY F 270 -30.11 46.19 35.44
N ILE F 271 -30.94 46.24 34.40
CA ILE F 271 -31.03 45.16 33.43
C ILE F 271 -29.89 45.22 32.41
N VAL F 272 -29.16 44.12 32.28
CA VAL F 272 -28.05 44.03 31.33
C VAL F 272 -28.60 43.73 29.94
N VAL F 273 -28.34 44.61 28.99
CA VAL F 273 -28.84 44.44 27.62
C VAL F 273 -27.71 44.12 26.64
N VAL F 274 -27.93 43.09 25.82
CA VAL F 274 -26.95 42.69 24.81
C VAL F 274 -27.56 42.84 23.41
N ARG F 275 -26.89 43.60 22.55
CA ARG F 275 -27.35 43.82 21.19
C ARG F 275 -26.88 42.73 20.24
N SER F 276 -27.80 41.87 19.83
CA SER F 276 -27.51 40.82 18.85
C SER F 276 -28.03 41.24 17.48
N SER F 277 -28.11 40.29 16.55
CA SER F 277 -28.53 40.60 15.20
C SER F 277 -29.62 39.67 14.68
N ARG F 278 -30.57 40.23 13.94
CA ARG F 278 -31.68 39.46 13.36
C ARG F 278 -31.27 38.88 11.99
N THR F 279 -30.07 39.25 11.53
CA THR F 279 -29.57 38.84 10.22
C THR F 279 -29.39 37.33 10.03
N GLY F 280 -28.80 36.68 11.03
CA GLY F 280 -28.57 35.23 10.96
C GLY F 280 -27.13 34.83 11.18
N SER F 281 -26.21 35.78 10.93
CA SER F 281 -24.78 35.54 11.11
C SER F 281 -24.03 36.86 11.19
N GLY F 282 -22.72 36.79 11.44
CA GLY F 282 -21.89 37.98 11.45
C GLY F 282 -21.61 38.60 12.81
N ILE F 283 -20.68 39.54 12.81
CA ILE F 283 -20.23 40.23 14.03
C ILE F 283 -21.02 41.51 14.29
N VAL F 284 -21.50 41.66 15.53
CA VAL F 284 -22.07 42.92 15.97
C VAL F 284 -20.91 43.63 16.69
N PRO F 285 -20.36 44.67 16.06
CA PRO F 285 -19.18 45.39 16.54
C PRO F 285 -19.50 46.35 17.69
N PRO F 286 -18.51 46.60 18.56
CA PRO F 286 -18.68 47.55 19.65
C PRO F 286 -18.91 48.97 19.13
N ASP F 287 -19.85 49.68 19.74
CA ASP F 287 -20.17 51.04 19.35
C ASP F 287 -20.53 51.84 20.60
N ALA F 288 -19.70 52.83 20.91
CA ALA F 288 -19.90 53.69 22.08
C ALA F 288 -21.11 54.62 21.91
N GLY F 289 -21.53 54.83 20.66
CA GLY F 289 -22.67 55.68 20.35
C GLY F 289 -24.01 55.01 20.60
N GLN F 290 -23.98 53.70 20.85
CA GLN F 290 -25.20 52.93 21.14
C GLN F 290 -25.14 52.28 22.53
N PRO F 291 -26.29 52.18 23.21
CA PRO F 291 -26.33 51.55 24.53
C PRO F 291 -26.27 50.03 24.44
N GLY F 292 -26.06 49.37 25.58
CA GLY F 292 -26.02 47.92 25.63
C GLY F 292 -24.68 47.34 25.22
N LEU F 293 -24.51 46.05 25.51
CA LEU F 293 -23.29 45.34 25.15
C LEU F 293 -23.46 44.76 23.75
N VAL F 294 -22.39 44.21 23.19
CA VAL F 294 -22.46 43.59 21.87
C VAL F 294 -22.34 42.08 21.93
N ALA F 295 -23.08 41.41 21.03
CA ALA F 295 -23.16 39.95 21.05
C ALA F 295 -22.08 39.22 20.26
N ASP F 296 -21.13 39.95 19.70
CA ASP F 296 -20.06 39.37 18.88
C ASP F 296 -20.73 38.65 17.69
N SER F 297 -20.51 37.34 17.55
CA SER F 297 -21.13 36.60 16.46
C SER F 297 -22.32 35.75 16.93
N LEU F 298 -22.65 35.86 18.21
CA LEU F 298 -23.74 35.08 18.79
C LEU F 298 -25.13 35.55 18.37
N SER F 299 -25.96 34.58 17.99
CA SER F 299 -27.34 34.83 17.57
C SER F 299 -28.19 35.24 18.78
N PRO F 300 -29.39 35.82 18.54
CA PRO F 300 -30.29 36.20 19.64
C PRO F 300 -30.59 35.04 20.60
N ALA F 301 -30.80 33.84 20.05
CA ALA F 301 -31.10 32.65 20.84
C ALA F 301 -29.91 32.24 21.73
N LYS F 302 -28.72 32.21 21.13
CA LYS F 302 -27.50 31.83 21.86
C LYS F 302 -27.03 32.93 22.81
N SER F 303 -27.25 34.19 22.44
CA SER F 303 -26.88 35.32 23.28
C SER F 303 -27.67 35.31 24.58
N ARG F 304 -28.94 34.92 24.48
CA ARG F 304 -29.81 34.80 25.66
C ARG F 304 -29.28 33.75 26.61
N ILE F 305 -28.84 32.63 26.06
CA ILE F 305 -28.29 31.53 26.85
C ILE F 305 -27.03 31.96 27.61
N LEU F 306 -26.11 32.64 26.92
CA LEU F 306 -24.88 33.13 27.53
C LEU F 306 -25.15 34.21 28.57
N LEU F 307 -26.05 35.13 28.25
CA LEU F 307 -26.42 36.21 29.17
C LEU F 307 -27.07 35.66 30.45
N MET F 308 -27.97 34.70 30.27
CA MET F 308 -28.67 34.04 31.38
C MET F 308 -27.68 33.37 32.33
N LEU F 309 -26.66 32.73 31.76
CA LEU F 309 -25.63 32.04 32.55
C LEU F 309 -24.62 33.01 33.15
N ALA F 310 -24.40 34.14 32.48
CA ALA F 310 -23.48 35.17 32.96
C ALA F 310 -24.08 35.92 34.16
N LEU F 311 -25.40 36.03 34.17
CA LEU F 311 -26.13 36.71 35.24
C LEU F 311 -26.18 35.91 36.54
N THR F 312 -25.81 34.63 36.49
CA THR F 312 -25.74 33.79 37.67
C THR F 312 -24.45 34.10 38.44
N LYS F 313 -23.49 34.69 37.74
CA LYS F 313 -22.19 35.01 38.33
C LYS F 313 -22.01 36.51 38.60
N THR F 314 -22.26 37.33 37.58
CA THR F 314 -22.04 38.77 37.70
C THR F 314 -23.02 39.63 36.89
N THR F 315 -23.06 40.93 37.21
CA THR F 315 -23.89 41.89 36.50
C THR F 315 -23.00 42.99 35.89
N ASN F 316 -21.70 42.85 36.09
CA ASN F 316 -20.71 43.80 35.57
C ASN F 316 -20.67 43.76 34.04
N PRO F 317 -21.00 44.90 33.40
CA PRO F 317 -21.07 45.04 31.94
C PRO F 317 -19.78 44.66 31.20
N ALA F 318 -18.64 45.07 31.74
CA ALA F 318 -17.34 44.79 31.10
C ALA F 318 -16.94 43.32 31.18
N VAL F 319 -17.35 42.65 32.27
CA VAL F 319 -17.05 41.23 32.46
C VAL F 319 -17.93 40.37 31.55
N ILE F 320 -19.21 40.75 31.43
CA ILE F 320 -20.16 40.05 30.57
C ILE F 320 -19.79 40.25 29.10
N GLN F 321 -19.31 41.46 28.77
CA GLN F 321 -18.85 41.78 27.42
C GLN F 321 -17.65 40.92 27.03
N ASP F 322 -16.77 40.67 28.00
CA ASP F 322 -15.59 39.83 27.79
C ASP F 322 -16.01 38.37 27.54
N TYR F 323 -17.07 37.92 28.21
CA TYR F 323 -17.60 36.56 28.00
C TYR F 323 -18.09 36.39 26.57
N PHE F 324 -18.77 37.43 26.06
CA PHE F 324 -19.30 37.41 24.70
C PHE F 324 -18.23 37.34 23.60
N HIS F 325 -17.01 37.78 23.90
CA HIS F 325 -15.91 37.71 22.93
C HIS F 325 -15.06 36.45 23.09
N ALA F 326 -15.25 35.75 24.21
CA ALA F 326 -14.46 34.55 24.51
C ALA F 326 -15.24 33.24 24.42
N TYR F 327 -16.54 33.31 24.70
CA TYR F 327 -17.38 32.12 24.72
C TYR F 327 -18.24 31.94 23.47
N ASN G 3 37.64 5.72 18.23
CA ASN G 3 38.61 5.35 17.15
C ASN G 3 38.26 4.01 16.48
N LEU G 4 38.76 3.84 15.26
CA LEU G 4 38.55 2.61 14.50
C LEU G 4 39.60 1.57 14.88
N PRO G 5 39.26 0.27 14.74
CA PRO G 5 40.20 -0.82 15.04
C PRO G 5 41.46 -0.79 14.17
N ASN G 6 42.50 -1.46 14.62
CA ASN G 6 43.76 -1.52 13.87
C ASN G 6 43.96 -2.90 13.24
N ILE G 7 43.84 -2.95 11.91
CA ILE G 7 43.97 -4.21 11.18
C ILE G 7 45.21 -4.23 10.29
N VAL G 8 45.96 -5.33 10.36
CA VAL G 8 47.14 -5.51 9.54
C VAL G 8 46.85 -6.55 8.46
N ILE G 9 47.04 -6.17 7.19
CA ILE G 9 46.83 -7.08 6.08
C ILE G 9 48.15 -7.71 5.62
N LEU G 10 48.27 -9.02 5.83
CA LEU G 10 49.47 -9.77 5.45
C LEU G 10 49.25 -10.46 4.11
N ALA G 11 50.04 -10.06 3.11
CA ALA G 11 49.92 -10.61 1.77
C ALA G 11 50.85 -11.78 1.50
N THR G 12 50.30 -12.87 0.97
CA THR G 12 51.10 -14.05 0.64
C THR G 12 51.05 -14.31 -0.87
N GLY G 13 50.12 -13.65 -1.56
CA GLY G 13 49.96 -13.80 -3.00
C GLY G 13 48.58 -14.30 -3.39
N GLY G 14 48.51 -15.08 -4.46
CA GLY G 14 47.24 -15.65 -4.93
C GLY G 14 46.60 -14.92 -6.09
N THR G 15 45.47 -15.44 -6.55
CA THR G 15 44.71 -14.85 -7.66
C THR G 15 44.06 -13.51 -7.25
N ILE G 16 43.87 -13.33 -5.94
CA ILE G 16 43.34 -12.08 -5.40
C ILE G 16 44.29 -10.91 -5.74
N ALA G 17 45.58 -11.23 -5.84
CA ALA G 17 46.61 -10.26 -6.21
C ALA G 17 47.10 -10.55 -7.64
N GLY G 18 46.31 -11.33 -8.37
CA GLY G 18 46.65 -11.69 -9.75
C GLY G 18 46.05 -10.74 -10.76
N SER G 19 46.69 -10.63 -11.92
CA SER G 19 46.22 -9.75 -12.99
C SER G 19 46.47 -10.35 -14.37
N ALA G 20 45.43 -10.40 -15.19
CA ALA G 20 45.52 -10.95 -16.55
C ALA G 20 45.60 -9.84 -17.60
N ALA G 21 45.86 -10.24 -18.85
CA ALA G 21 45.95 -9.29 -19.95
C ALA G 21 44.58 -8.75 -20.36
N ALA G 22 43.57 -9.61 -20.31
CA ALA G 22 42.20 -9.22 -20.65
C ALA G 22 41.25 -9.54 -19.49
N ASN G 23 40.16 -8.78 -19.40
CA ASN G 23 39.18 -8.96 -18.33
C ASN G 23 38.26 -10.19 -18.48
N THR G 24 38.33 -10.85 -19.63
CA THR G 24 37.55 -12.06 -19.87
C THR G 24 38.37 -13.31 -19.51
N GLN G 25 39.64 -13.10 -19.17
CA GLN G 25 40.54 -14.17 -18.79
C GLN G 25 40.54 -14.42 -17.29
N THR G 26 39.81 -15.44 -16.86
CA THR G 26 39.73 -15.82 -15.45
C THR G 26 40.63 -17.01 -15.16
N THR G 27 40.92 -17.81 -16.20
CA THR G 27 41.77 -18.99 -16.08
C THR G 27 42.78 -19.05 -17.23
N GLY G 28 43.85 -19.82 -17.04
CA GLY G 28 44.89 -20.00 -18.07
C GLY G 28 45.48 -18.69 -18.58
N TYR G 29 45.97 -17.88 -17.67
CA TYR G 29 46.50 -16.56 -18.01
C TYR G 29 47.90 -16.35 -17.44
N LYS G 30 48.48 -15.18 -17.74
CA LYS G 30 49.78 -14.80 -17.22
C LYS G 30 49.61 -14.31 -15.79
N ALA G 31 50.11 -15.10 -14.84
CA ALA G 31 49.99 -14.79 -13.41
C ALA G 31 50.75 -13.54 -13.00
N GLY G 32 50.06 -12.40 -13.02
CA GLY G 32 50.66 -11.12 -12.60
C GLY G 32 50.69 -11.00 -11.09
N ALA G 33 51.49 -10.07 -10.59
CA ALA G 33 51.62 -9.89 -9.16
C ALA G 33 51.34 -8.45 -8.72
N LEU G 34 50.33 -8.30 -7.87
CA LEU G 34 49.96 -7.00 -7.30
C LEU G 34 50.38 -6.96 -5.85
N GLY G 35 50.97 -5.84 -5.43
CA GLY G 35 51.41 -5.66 -4.05
C GLY G 35 50.25 -5.49 -3.10
N VAL G 36 50.54 -5.58 -1.80
CA VAL G 36 49.52 -5.43 -0.75
C VAL G 36 48.87 -4.04 -0.79
N GLU G 37 49.65 -3.02 -1.11
CA GLU G 37 49.17 -1.64 -1.19
C GLU G 37 48.21 -1.44 -2.36
N THR G 38 48.42 -2.17 -3.44
CA THR G 38 47.56 -2.10 -4.63
C THR G 38 46.17 -2.66 -4.31
N LEU G 39 46.13 -3.69 -3.46
CA LEU G 39 44.87 -4.31 -3.04
C LEU G 39 44.10 -3.41 -2.07
N ILE G 40 44.83 -2.69 -1.22
CA ILE G 40 44.24 -1.77 -0.25
C ILE G 40 43.65 -0.53 -0.93
N GLN G 41 44.40 0.02 -1.90
CA GLN G 41 43.96 1.22 -2.62
C GLN G 41 42.85 0.94 -3.65
N ALA G 42 42.67 -0.33 -3.99
CA ALA G 42 41.60 -0.74 -4.92
C ALA G 42 40.23 -0.65 -4.24
N VAL G 43 40.23 -0.82 -2.92
CA VAL G 43 39.00 -0.72 -2.13
C VAL G 43 39.16 0.42 -1.12
N PRO G 44 38.75 1.66 -1.51
CA PRO G 44 38.86 2.82 -0.63
C PRO G 44 37.83 2.80 0.51
N GLU G 45 36.92 1.83 0.48
CA GLU G 45 35.89 1.70 1.50
C GLU G 45 36.39 0.99 2.75
N LEU G 46 37.64 0.53 2.72
CA LEU G 46 38.27 -0.12 3.87
C LEU G 46 38.61 0.89 4.96
N LYS G 47 38.69 2.17 4.57
CA LYS G 47 39.00 3.27 5.48
C LYS G 47 37.87 3.52 6.50
N THR G 48 36.66 3.14 6.14
CA THR G 48 35.50 3.30 7.02
C THR G 48 35.42 2.17 8.04
N LEU G 49 36.08 1.06 7.75
CA LEU G 49 36.08 -0.11 8.63
C LEU G 49 37.13 -0.02 9.72
N ALA G 50 38.39 0.19 9.32
CA ALA G 50 39.50 0.21 10.28
C ALA G 50 40.75 0.89 9.72
N ASN G 51 41.71 1.15 10.61
CA ASN G 51 43.02 1.71 10.21
C ASN G 51 43.85 0.56 9.65
N ILE G 52 44.26 0.68 8.39
CA ILE G 52 44.93 -0.40 7.68
C ILE G 52 46.44 -0.23 7.48
N LYS G 53 47.19 -1.26 7.84
CA LYS G 53 48.64 -1.31 7.60
C LYS G 53 48.94 -2.55 6.76
N GLY G 54 49.64 -2.35 5.64
CA GLY G 54 49.97 -3.46 4.73
C GLY G 54 51.36 -4.02 4.94
N GLU G 55 51.50 -5.33 4.68
CA GLU G 55 52.78 -6.02 4.82
C GLU G 55 52.85 -7.21 3.86
N GLN G 56 53.94 -7.29 3.11
CA GLN G 56 54.12 -8.36 2.12
C GLN G 56 54.96 -9.50 2.70
N VAL G 57 54.29 -10.60 3.06
CA VAL G 57 54.96 -11.78 3.61
C VAL G 57 55.54 -12.63 2.47
N ALA G 58 54.73 -12.83 1.42
CA ALA G 58 55.15 -13.60 0.26
C ALA G 58 54.45 -13.10 -1.01
N SER G 59 54.90 -13.58 -2.16
CA SER G 59 54.32 -13.21 -3.44
C SER G 59 54.25 -14.45 -4.34
N ILE G 60 53.63 -15.50 -3.82
CA ILE G 60 53.53 -16.78 -4.53
C ILE G 60 52.09 -17.26 -4.64
N GLY G 61 51.86 -18.19 -5.57
CA GLY G 61 50.57 -18.83 -5.69
C GLY G 61 50.47 -19.84 -4.57
N SER G 62 49.27 -20.05 -4.04
CA SER G 62 49.07 -20.96 -2.91
C SER G 62 49.41 -22.41 -3.23
N GLU G 63 49.45 -22.74 -4.52
CA GLU G 63 49.87 -24.07 -4.97
C GLU G 63 51.34 -24.30 -4.61
N ASN G 64 52.07 -23.21 -4.40
CA ASN G 64 53.48 -23.25 -4.02
C ASN G 64 53.74 -22.86 -2.55
N MET G 65 52.67 -22.78 -1.76
CA MET G 65 52.78 -22.47 -0.33
C MET G 65 53.45 -23.63 0.39
N THR G 66 54.49 -23.33 1.16
CA THR G 66 55.23 -24.36 1.88
C THR G 66 55.11 -24.21 3.39
N SER G 67 55.53 -25.25 4.11
CA SER G 67 55.50 -25.27 5.58
C SER G 67 56.48 -24.26 6.16
N ASP G 68 57.57 -24.00 5.44
CA ASP G 68 58.58 -23.02 5.84
C ASP G 68 58.00 -21.61 5.89
N VAL G 69 57.19 -21.28 4.87
CA VAL G 69 56.52 -19.97 4.80
C VAL G 69 55.39 -19.90 5.84
N LEU G 70 54.74 -21.04 6.10
CA LEU G 70 53.68 -21.12 7.12
C LEU G 70 54.22 -20.87 8.52
N LEU G 71 55.45 -21.31 8.78
CA LEU G 71 56.11 -21.06 10.05
C LEU G 71 56.38 -19.57 10.19
N THR G 72 56.87 -18.95 9.12
CA THR G 72 57.15 -17.51 9.08
C THR G 72 55.86 -16.71 9.27
N LEU G 73 54.79 -17.15 8.60
CA LEU G 73 53.49 -16.49 8.67
C LEU G 73 52.90 -16.57 10.08
N SER G 74 52.92 -17.77 10.68
CA SER G 74 52.38 -17.99 12.02
C SER G 74 53.13 -17.20 13.09
N LYS G 75 54.46 -17.18 12.98
CA LYS G 75 55.30 -16.43 13.93
C LYS G 75 55.05 -14.93 13.83
N ARG G 76 54.80 -14.45 12.61
CA ARG G 76 54.52 -13.04 12.38
C ARG G 76 53.13 -12.65 12.89
N VAL G 77 52.15 -13.54 12.70
CA VAL G 77 50.78 -13.31 13.18
C VAL G 77 50.77 -13.24 14.72
N ASN G 78 51.48 -14.17 15.36
CA ASN G 78 51.59 -14.21 16.82
C ASN G 78 52.33 -13.00 17.38
N GLU G 79 53.32 -12.51 16.63
CA GLU G 79 54.09 -11.33 17.03
C GLU G 79 53.22 -10.08 16.95
N LEU G 80 52.40 -10.01 15.89
CA LEU G 80 51.49 -8.88 15.69
C LEU G 80 50.33 -8.85 16.66
N LEU G 81 49.73 -10.01 16.93
CA LEU G 81 48.58 -10.10 17.84
C LEU G 81 48.94 -9.91 19.31
N ALA G 82 50.23 -10.06 19.64
CA ALA G 82 50.71 -9.83 21.01
C ALA G 82 50.77 -8.34 21.31
N ARG G 83 50.89 -7.53 20.25
CA ARG G 83 50.95 -6.07 20.39
C ARG G 83 49.56 -5.50 20.72
N SER G 84 49.55 -4.39 21.45
CA SER G 84 48.31 -3.74 21.84
C SER G 84 47.72 -2.85 20.74
N ASP G 85 48.55 -2.52 19.74
CA ASP G 85 48.11 -1.67 18.64
C ASP G 85 47.63 -2.45 17.41
N VAL G 86 47.31 -3.73 17.62
CA VAL G 86 46.79 -4.59 16.56
C VAL G 86 45.55 -5.33 17.09
N ASP G 87 44.41 -5.11 16.44
CA ASP G 87 43.15 -5.72 16.88
C ASP G 87 42.78 -6.98 16.10
N GLY G 88 43.26 -7.07 14.86
CA GLY G 88 42.99 -8.24 14.02
C GLY G 88 43.90 -8.30 12.81
N VAL G 89 43.97 -9.48 12.19
CA VAL G 89 44.83 -9.69 11.03
C VAL G 89 44.07 -10.31 9.84
N VAL G 90 44.24 -9.71 8.67
CA VAL G 90 43.65 -10.24 7.44
C VAL G 90 44.77 -10.79 6.55
N ILE G 91 44.63 -12.03 6.11
CA ILE G 91 45.65 -12.65 5.27
C ILE G 91 45.15 -12.96 3.86
N THR G 92 45.66 -12.21 2.88
CA THR G 92 45.32 -12.46 1.48
C THR G 92 46.13 -13.68 1.03
N HIS G 93 45.41 -14.70 0.58
CA HIS G 93 46.02 -15.99 0.25
C HIS G 93 45.37 -16.52 -1.03
N GLY G 94 45.97 -17.54 -1.63
CA GLY G 94 45.40 -18.18 -2.80
C GLY G 94 44.31 -19.16 -2.39
N THR G 95 43.50 -19.61 -3.34
CA THR G 95 42.40 -20.54 -3.05
C THR G 95 42.80 -22.01 -3.12
N ASP G 96 43.84 -22.32 -3.89
CA ASP G 96 44.28 -23.70 -4.12
C ASP G 96 44.70 -24.48 -2.88
N THR G 97 45.32 -23.81 -1.91
CA THR G 97 45.65 -24.45 -0.64
C THR G 97 45.11 -23.68 0.55
N LEU G 98 43.91 -23.13 0.39
CA LEU G 98 43.25 -22.43 1.47
C LEU G 98 42.56 -23.46 2.39
N ASP G 99 42.76 -24.74 2.08
CA ASP G 99 42.28 -25.83 2.93
C ASP G 99 43.28 -26.00 4.08
N GLU G 100 44.57 -25.85 3.77
CA GLU G 100 45.65 -26.05 4.74
C GLU G 100 45.98 -24.82 5.59
N SER G 101 46.45 -23.76 4.94
CA SER G 101 46.92 -22.53 5.61
C SER G 101 46.09 -21.99 6.80
N PRO G 102 44.77 -21.78 6.61
CA PRO G 102 43.97 -21.31 7.73
C PRO G 102 43.88 -22.31 8.89
N TYR G 103 43.85 -23.60 8.58
CA TYR G 103 43.79 -24.62 9.63
C TYR G 103 45.11 -24.72 10.39
N PHE G 104 46.21 -24.39 9.70
CA PHE G 104 47.53 -24.36 10.33
C PHE G 104 47.55 -23.31 11.42
N LEU G 105 47.06 -22.11 11.10
CA LEU G 105 46.99 -21.02 12.06
C LEU G 105 45.91 -21.22 13.11
N ASN G 106 44.89 -22.01 12.77
CA ASN G 106 43.81 -22.34 13.71
C ASN G 106 44.36 -23.13 14.90
N LEU G 107 45.50 -23.77 14.69
CA LEU G 107 46.15 -24.58 15.72
C LEU G 107 47.37 -23.88 16.32
N THR G 108 47.91 -22.87 15.63
CA THR G 108 49.15 -22.21 16.07
C THR G 108 49.02 -20.77 16.60
N VAL G 109 47.93 -20.08 16.27
CA VAL G 109 47.71 -18.70 16.75
C VAL G 109 47.42 -18.71 18.25
N LYS G 110 48.18 -17.93 19.01
CA LYS G 110 48.03 -17.88 20.47
C LYS G 110 47.26 -16.63 20.92
N SER G 111 46.14 -16.35 20.26
CA SER G 111 45.32 -15.18 20.58
C SER G 111 43.86 -15.37 20.16
N ASP G 112 42.97 -14.61 20.80
CA ASP G 112 41.53 -14.63 20.48
C ASP G 112 41.19 -13.59 19.41
N LYS G 113 42.17 -12.74 19.09
CA LYS G 113 42.00 -11.71 18.05
C LYS G 113 41.80 -12.37 16.68
N PRO G 114 40.83 -11.86 15.91
CA PRO G 114 40.46 -12.44 14.60
C PRO G 114 41.58 -12.53 13.57
N VAL G 115 41.81 -13.74 13.08
CA VAL G 115 42.75 -14.00 11.99
C VAL G 115 41.85 -14.44 10.84
N VAL G 116 41.71 -13.55 9.85
CA VAL G 116 40.79 -13.80 8.74
C VAL G 116 41.48 -13.99 7.39
N PHE G 117 41.45 -15.22 6.89
CA PHE G 117 42.00 -15.52 5.57
C PHE G 117 41.02 -15.10 4.48
N VAL G 118 41.55 -14.49 3.43
CA VAL G 118 40.74 -14.04 2.31
C VAL G 118 41.39 -14.40 0.98
N ALA G 119 40.55 -14.69 -0.02
CA ALA G 119 41.02 -15.09 -1.33
C ALA G 119 40.03 -14.66 -2.42
N ALA G 120 40.39 -14.93 -3.68
CA ALA G 120 39.52 -14.63 -4.80
C ALA G 120 39.70 -15.65 -5.92
N MET G 121 38.57 -16.06 -6.50
CA MET G 121 38.58 -17.03 -7.58
C MET G 121 38.86 -16.38 -8.94
N ARG G 122 38.51 -15.10 -9.05
CA ARG G 122 38.75 -14.33 -10.27
C ARG G 122 39.85 -13.30 -10.02
N PRO G 123 40.72 -13.07 -11.02
CA PRO G 123 41.78 -12.06 -10.89
C PRO G 123 41.21 -10.65 -10.77
N ALA G 124 41.97 -9.74 -10.16
CA ALA G 124 41.52 -8.36 -9.94
C ALA G 124 41.11 -7.63 -11.23
N THR G 125 41.65 -8.07 -12.35
CA THR G 125 41.36 -7.46 -13.66
C THR G 125 40.07 -8.00 -14.29
N ALA G 126 39.62 -9.17 -13.84
CA ALA G 126 38.44 -9.84 -14.43
C ALA G 126 37.11 -9.12 -14.22
N ILE G 127 36.18 -9.39 -15.13
CA ILE G 127 34.82 -8.84 -15.05
C ILE G 127 34.14 -9.44 -13.84
N SER G 128 33.59 -8.57 -12.98
CA SER G 128 32.93 -8.96 -11.73
C SER G 128 33.87 -9.73 -10.80
N ALA G 129 35.08 -9.21 -10.65
CA ALA G 129 36.11 -9.81 -9.80
C ALA G 129 35.63 -9.84 -8.35
N ASP G 130 35.71 -11.02 -7.73
CA ASP G 130 35.25 -11.20 -6.35
C ASP G 130 36.19 -10.64 -5.28
N GLY G 131 37.44 -10.42 -5.66
CA GLY G 131 38.47 -9.89 -4.75
C GLY G 131 38.10 -8.70 -3.87
N PRO G 132 37.70 -7.58 -4.51
CA PRO G 132 37.32 -6.36 -3.77
C PRO G 132 36.26 -6.56 -2.67
N MET G 133 35.20 -7.32 -2.96
CA MET G 133 34.13 -7.56 -1.98
C MET G 133 34.58 -8.52 -0.88
N ASN G 134 35.33 -9.56 -1.27
CA ASN G 134 35.87 -10.53 -0.31
C ASN G 134 36.81 -9.85 0.68
N LEU G 135 37.66 -8.96 0.16
CA LEU G 135 38.61 -8.20 0.99
C LEU G 135 37.87 -7.27 1.94
N TYR G 136 36.81 -6.63 1.45
CA TYR G 136 35.98 -5.75 2.27
C TYR G 136 35.33 -6.53 3.39
N GLY G 137 34.84 -7.73 3.07
CA GLY G 137 34.20 -8.60 4.05
C GLY G 137 35.17 -9.11 5.09
N ALA G 138 36.38 -9.46 4.64
CA ALA G 138 37.43 -9.97 5.53
C ALA G 138 37.87 -8.94 6.56
N VAL G 139 38.09 -7.71 6.11
CA VAL G 139 38.49 -6.61 6.99
C VAL G 139 37.36 -6.25 7.96
N LYS G 140 36.12 -6.28 7.46
CA LYS G 140 34.94 -6.01 8.27
C LYS G 140 34.81 -7.02 9.41
N VAL G 141 35.07 -8.29 9.08
CA VAL G 141 35.03 -9.37 10.06
C VAL G 141 36.16 -9.22 11.09
N ALA G 142 37.37 -8.93 10.61
CA ALA G 142 38.54 -8.76 11.48
C ALA G 142 38.42 -7.55 12.42
N ALA G 143 37.72 -6.51 11.95
CA ALA G 143 37.53 -5.29 12.75
C ALA G 143 36.38 -5.42 13.74
N ASP G 144 35.54 -6.44 13.54
CA ASP G 144 34.40 -6.68 14.43
C ASP G 144 34.86 -7.36 15.72
N LYS G 145 34.42 -6.81 16.85
CA LYS G 145 34.77 -7.34 18.18
C LYS G 145 34.10 -8.69 18.43
N ASN G 146 32.94 -8.89 17.81
CA ASN G 146 32.17 -10.12 17.97
C ASN G 146 32.82 -11.34 17.29
N SER G 147 33.80 -11.08 16.42
CA SER G 147 34.52 -12.14 15.71
C SER G 147 35.58 -12.83 16.58
N ARG G 148 35.85 -12.24 17.75
CA ARG G 148 36.86 -12.76 18.68
C ARG G 148 36.50 -14.12 19.27
N GLY G 149 37.53 -14.96 19.47
CA GLY G 149 37.37 -16.28 20.09
C GLY G 149 36.57 -17.27 19.28
N ARG G 150 36.66 -17.18 17.95
CA ARG G 150 35.91 -18.06 17.06
C ARG G 150 36.83 -18.94 16.20
N GLY G 151 38.13 -18.79 16.40
CA GLY G 151 39.11 -19.52 15.60
C GLY G 151 39.43 -18.76 14.33
N VAL G 152 40.32 -19.33 13.52
CA VAL G 152 40.70 -18.71 12.25
C VAL G 152 39.53 -18.74 11.27
N LEU G 153 39.23 -17.59 10.69
CA LEU G 153 38.09 -17.45 9.79
C LEU G 153 38.50 -17.35 8.32
N VAL G 154 37.61 -17.82 7.45
CA VAL G 154 37.85 -17.78 6.01
C VAL G 154 36.69 -17.06 5.34
N VAL G 155 36.97 -15.92 4.72
CA VAL G 155 35.92 -15.09 4.12
C VAL G 155 35.97 -14.96 2.60
N LEU G 156 34.99 -15.58 1.95
CA LEU G 156 34.78 -15.46 0.50
C LEU G 156 33.30 -15.59 0.21
N ASN G 157 32.84 -14.92 -0.86
CA ASN G 157 31.46 -15.02 -1.33
C ASN G 157 30.39 -14.76 -0.24
N ASP G 158 30.62 -13.72 0.56
CA ASP G 158 29.70 -13.32 1.66
C ASP G 158 29.56 -14.36 2.78
N ARG G 159 30.50 -15.30 2.86
CA ARG G 159 30.46 -16.35 3.88
C ARG G 159 31.63 -16.26 4.84
N ILE G 160 31.39 -16.66 6.09
CA ILE G 160 32.43 -16.73 7.11
C ILE G 160 32.55 -18.19 7.53
N GLY G 161 33.57 -18.87 7.02
CA GLY G 161 33.77 -20.28 7.32
C GLY G 161 34.87 -20.56 8.32
N SER G 162 34.71 -21.64 9.08
CA SER G 162 35.72 -22.06 10.05
C SER G 162 36.87 -22.74 9.34
N ALA G 163 38.09 -22.48 9.81
CA ALA G 163 39.29 -23.06 9.25
C ALA G 163 39.31 -24.59 9.42
N ARG G 164 38.57 -25.06 10.41
CA ARG G 164 38.45 -26.49 10.71
C ARG G 164 37.56 -27.23 9.71
N PHE G 165 36.58 -26.53 9.14
CA PHE G 165 35.62 -27.19 8.24
C PHE G 165 35.65 -26.77 6.76
N ILE G 166 35.86 -25.48 6.51
CA ILE G 166 35.78 -24.93 5.15
C ILE G 166 36.86 -25.47 4.20
N SER G 167 36.46 -25.74 2.96
CA SER G 167 37.37 -26.24 1.94
C SER G 167 36.90 -25.85 0.55
N LYS G 168 37.82 -25.82 -0.40
CA LYS G 168 37.50 -25.54 -1.78
C LYS G 168 36.83 -26.80 -2.35
N THR G 169 35.51 -26.74 -2.52
CA THR G 169 34.74 -27.92 -2.96
C THR G 169 34.57 -28.00 -4.47
N ASN G 170 34.83 -26.88 -5.15
CA ASN G 170 34.72 -26.82 -6.60
C ASN G 170 36.00 -26.22 -7.18
N ALA G 171 36.41 -26.71 -8.34
CA ALA G 171 37.65 -26.29 -8.97
C ALA G 171 37.67 -24.83 -9.47
N SER G 172 36.54 -24.33 -9.96
CA SER G 172 36.53 -23.01 -10.62
C SER G 172 35.40 -22.01 -10.32
N THR G 173 34.53 -22.32 -9.37
CA THR G 173 33.39 -21.44 -9.07
C THR G 173 33.63 -20.45 -7.93
N LEU G 174 32.87 -19.36 -7.91
CA LEU G 174 33.00 -18.32 -6.87
C LEU G 174 32.54 -18.79 -5.49
N ASP G 175 31.55 -19.69 -5.49
CA ASP G 175 30.97 -20.19 -4.24
C ASP G 175 31.61 -21.49 -3.77
N THR G 176 32.81 -21.78 -4.29
CA THR G 176 33.52 -23.03 -4.01
C THR G 176 33.74 -23.40 -2.53
N PHE G 177 33.99 -22.40 -1.68
CA PHE G 177 34.24 -22.65 -0.28
C PHE G 177 32.99 -22.99 0.52
N LYS G 178 32.80 -24.28 0.76
CA LYS G 178 31.64 -24.80 1.47
C LYS G 178 32.06 -25.81 2.53
N ALA G 179 31.10 -26.15 3.40
CA ALA G 179 31.26 -27.20 4.40
C ALA G 179 29.87 -27.82 4.55
N PRO G 180 29.53 -28.77 3.65
CA PRO G 180 28.20 -29.39 3.59
C PRO G 180 27.63 -29.87 4.93
N GLU G 181 28.47 -30.51 5.74
CA GLU G 181 28.02 -31.06 7.02
C GLU G 181 28.06 -30.07 8.20
N GLU G 182 28.82 -28.98 8.05
CA GLU G 182 28.99 -28.04 9.15
C GLU G 182 28.52 -26.60 8.87
N GLY G 183 28.32 -26.28 7.60
CA GLY G 183 27.86 -24.94 7.20
C GLY G 183 28.90 -23.86 7.45
N TYR G 184 28.41 -22.64 7.68
CA TYR G 184 29.28 -21.50 7.96
C TYR G 184 29.07 -20.98 9.36
N LEU G 185 30.12 -20.39 9.94
CA LEU G 185 30.02 -19.79 11.27
C LEU G 185 29.16 -18.53 11.20
N GLY G 186 29.20 -17.86 10.06
CA GLY G 186 28.41 -16.67 9.84
C GLY G 186 28.33 -16.25 8.39
N VAL G 187 27.52 -15.23 8.12
CA VAL G 187 27.37 -14.68 6.77
C VAL G 187 27.42 -13.15 6.82
N ILE G 188 27.80 -12.55 5.71
CA ILE G 188 27.86 -11.08 5.62
C ILE G 188 26.82 -10.62 4.60
N ILE G 189 25.70 -10.14 5.10
CA ILE G 189 24.59 -9.71 4.24
C ILE G 189 24.19 -8.26 4.53
N GLY G 190 24.17 -7.44 3.47
CA GLY G 190 23.77 -6.04 3.56
C GLY G 190 24.62 -5.20 4.49
N ASP G 191 25.94 -5.39 4.39
CA ASP G 191 26.93 -4.69 5.22
C ASP G 191 26.71 -4.94 6.72
N LYS G 192 26.25 -6.15 7.03
CA LYS G 192 26.03 -6.58 8.42
C LYS G 192 26.49 -8.02 8.59
N ILE G 193 27.12 -8.30 9.73
CA ILE G 193 27.63 -9.63 10.03
C ILE G 193 26.61 -10.43 10.84
N TYR G 194 26.32 -11.65 10.40
CA TYR G 194 25.36 -12.51 11.07
C TYR G 194 25.99 -13.84 11.49
N TYR G 195 26.47 -13.92 12.73
CA TYR G 195 27.02 -15.18 13.25
C TYR G 195 25.90 -16.12 13.66
N GLN G 196 26.03 -17.38 13.26
CA GLN G 196 25.01 -18.38 13.51
C GLN G 196 25.49 -19.60 14.28
N THR G 197 26.72 -20.05 14.00
CA THR G 197 27.30 -21.20 14.67
C THR G 197 28.69 -20.92 15.22
N ARG G 198 29.10 -21.70 16.22
CA ARG G 198 30.43 -21.59 16.81
C ARG G 198 31.16 -22.93 16.67
N LEU G 199 32.46 -22.86 16.45
CA LEU G 199 33.30 -24.05 16.31
C LEU G 199 33.39 -24.80 17.64
N ASP G 200 32.94 -26.05 17.65
CA ASP G 200 32.97 -26.88 18.86
C ASP G 200 34.18 -27.80 18.85
N LYS G 201 35.35 -27.22 18.63
CA LYS G 201 36.63 -27.94 18.64
C LYS G 201 37.65 -27.04 19.36
N VAL G 202 38.78 -27.63 19.74
CA VAL G 202 39.85 -26.86 20.38
C VAL G 202 40.58 -26.07 19.29
N HIS G 203 40.74 -24.77 19.51
CA HIS G 203 41.39 -23.91 18.53
C HIS G 203 42.15 -22.75 19.15
N THR G 204 42.93 -22.07 18.31
CA THR G 204 43.72 -20.89 18.67
C THR G 204 44.32 -20.86 20.08
N THR G 205 43.74 -20.01 20.94
CA THR G 205 44.24 -19.82 22.32
C THR G 205 44.36 -21.14 23.08
N ARG G 206 43.30 -21.94 23.05
CA ARG G 206 43.25 -23.21 23.79
C ARG G 206 44.09 -24.35 23.18
N SER G 207 44.66 -24.12 21.99
CA SER G 207 45.48 -25.12 21.32
C SER G 207 46.85 -25.30 21.97
N VAL G 208 47.38 -26.52 21.89
CA VAL G 208 48.69 -26.84 22.47
C VAL G 208 49.83 -26.73 21.45
N PHE G 209 49.47 -26.75 20.16
CA PHE G 209 50.45 -26.73 19.08
C PHE G 209 51.13 -25.38 18.89
N ASP G 210 52.24 -25.19 19.60
CA ASP G 210 53.01 -23.96 19.53
C ASP G 210 54.23 -24.18 18.64
N VAL G 211 54.41 -23.32 17.64
CA VAL G 211 55.53 -23.43 16.71
C VAL G 211 56.53 -22.28 16.80
N THR G 212 56.49 -21.57 17.93
CA THR G 212 57.40 -20.45 18.18
C THR G 212 58.86 -20.93 18.16
N ASN G 213 59.09 -22.13 18.69
CA ASN G 213 60.43 -22.70 18.78
C ASN G 213 60.70 -23.80 17.74
N VAL G 214 59.92 -23.80 16.67
CA VAL G 214 60.07 -24.79 15.60
C VAL G 214 60.73 -24.15 14.37
N ASP G 215 61.87 -24.68 13.97
CA ASP G 215 62.62 -24.19 12.80
C ASP G 215 62.18 -24.88 11.52
N LYS G 216 61.94 -26.19 11.62
CA LYS G 216 61.51 -27.00 10.48
C LYS G 216 60.49 -28.04 10.90
N LEU G 217 59.37 -28.07 10.19
CA LEU G 217 58.28 -29.02 10.48
C LEU G 217 58.56 -30.40 9.91
N PRO G 218 58.04 -31.46 10.58
CA PRO G 218 58.20 -32.84 10.12
C PRO G 218 57.55 -33.07 8.76
N ALA G 219 58.17 -33.90 7.93
CA ALA G 219 57.66 -34.19 6.60
C ALA G 219 56.48 -35.16 6.63
N VAL G 220 55.38 -34.76 6.01
CA VAL G 220 54.17 -35.60 5.96
C VAL G 220 53.65 -35.69 4.52
N ASP G 221 53.49 -36.93 4.03
CA ASP G 221 52.98 -37.16 2.69
C ASP G 221 51.50 -37.55 2.69
N ILE G 222 50.84 -37.34 1.55
CA ILE G 222 49.45 -37.76 1.37
C ILE G 222 49.36 -38.74 0.20
N ILE G 223 48.97 -39.97 0.52
CA ILE G 223 48.84 -41.01 -0.49
C ILE G 223 47.36 -41.31 -0.75
N TYR G 224 46.97 -41.21 -2.02
CA TYR G 224 45.58 -41.38 -2.42
C TYR G 224 45.15 -42.84 -2.46
N GLY G 225 43.89 -43.09 -2.10
CA GLY G 225 43.33 -44.43 -2.11
C GLY G 225 42.41 -44.62 -3.31
N TYR G 226 42.63 -45.70 -4.04
CA TYR G 226 41.86 -46.00 -5.25
C TYR G 226 42.04 -47.46 -5.69
N GLN G 227 41.32 -47.87 -6.73
CA GLN G 227 41.44 -49.22 -7.28
C GLN G 227 42.83 -49.40 -7.86
N ASP G 228 43.46 -50.53 -7.53
CA ASP G 228 44.83 -50.86 -7.99
C ASP G 228 45.89 -49.88 -7.48
N ASP G 229 45.67 -49.33 -6.29
CA ASP G 229 46.63 -48.39 -5.70
C ASP G 229 47.95 -49.09 -5.33
N PRO G 230 49.07 -48.56 -5.84
CA PRO G 230 50.40 -49.14 -5.64
C PRO G 230 50.93 -49.08 -4.22
N GLU G 231 51.64 -50.13 -3.82
CA GLU G 231 52.26 -50.21 -2.51
C GLU G 231 53.57 -49.43 -2.50
N TYR G 232 54.13 -49.21 -3.69
CA TYR G 232 55.41 -48.50 -3.82
C TYR G 232 55.41 -47.01 -3.47
N MET G 233 54.23 -46.41 -3.37
CA MET G 233 54.10 -45.01 -2.96
C MET G 233 54.47 -44.87 -1.48
N TYR G 234 54.14 -45.91 -0.71
CA TYR G 234 54.47 -45.95 0.71
C TYR G 234 55.96 -46.21 0.87
N ASP G 235 56.52 -47.01 -0.03
CA ASP G 235 57.95 -47.32 -0.05
C ASP G 235 58.76 -46.05 -0.31
N ALA G 236 58.23 -45.18 -1.17
CA ALA G 236 58.88 -43.91 -1.49
C ALA G 236 58.87 -42.94 -0.30
N SER G 237 57.81 -43.02 0.50
CA SER G 237 57.67 -42.20 1.70
C SER G 237 58.63 -42.67 2.79
N ILE G 238 58.74 -43.99 2.95
CA ILE G 238 59.64 -44.60 3.93
C ILE G 238 61.10 -44.33 3.58
N LYS G 239 61.40 -44.38 2.29
CA LYS G 239 62.76 -44.15 1.76
C LYS G 239 63.25 -42.73 2.07
N HIS G 240 62.37 -41.75 1.97
CA HIS G 240 62.72 -40.36 2.22
C HIS G 240 62.55 -39.91 3.67
N GLY G 241 62.26 -40.87 4.54
CA GLY G 241 62.17 -40.64 5.98
C GLY G 241 61.14 -39.64 6.47
N VAL G 242 59.91 -39.77 5.99
CA VAL G 242 58.82 -38.90 6.44
C VAL G 242 58.41 -39.31 7.85
N LYS G 243 57.93 -38.35 8.63
CA LYS G 243 57.53 -38.62 10.00
C LYS G 243 56.05 -39.00 10.07
N GLY G 244 55.29 -38.65 9.04
CA GLY G 244 53.87 -38.94 8.99
C GLY G 244 53.35 -39.21 7.60
N ILE G 245 52.26 -39.97 7.51
CA ILE G 245 51.60 -40.26 6.24
C ILE G 245 50.09 -40.15 6.40
N VAL G 246 49.46 -39.31 5.58
CA VAL G 246 48.00 -39.19 5.60
C VAL G 246 47.44 -39.97 4.42
N TYR G 247 46.53 -40.89 4.71
CA TYR G 247 45.95 -41.73 3.68
C TYR G 247 44.56 -41.24 3.24
N ALA G 248 44.49 -40.71 2.01
CA ALA G 248 43.22 -40.24 1.45
C ALA G 248 42.42 -41.47 1.00
N GLY G 249 41.78 -42.12 1.97
CA GLY G 249 41.12 -43.41 1.75
C GLY G 249 39.85 -43.49 0.95
N MET G 250 39.61 -44.68 0.41
CA MET G 250 38.40 -45.00 -0.32
C MET G 250 37.27 -45.12 0.70
N GLY G 251 36.24 -44.30 0.54
CA GLY G 251 35.11 -44.29 1.48
C GLY G 251 35.53 -43.82 2.85
N ALA G 252 35.24 -44.61 3.87
CA ALA G 252 35.59 -44.26 5.25
C ALA G 252 37.03 -44.68 5.61
N GLY G 253 37.98 -44.25 4.78
CA GLY G 253 39.39 -44.54 4.99
C GLY G 253 39.78 -46.00 4.81
N SER G 254 39.00 -46.71 3.99
CA SER G 254 39.23 -48.14 3.75
C SER G 254 40.50 -48.39 2.95
N VAL G 255 41.29 -49.36 3.40
CA VAL G 255 42.53 -49.71 2.74
C VAL G 255 42.38 -50.96 1.87
N SER G 256 43.15 -51.01 0.79
CA SER G 256 43.21 -52.19 -0.06
C SER G 256 44.26 -53.11 0.57
N LYS G 257 44.48 -54.28 -0.01
CA LYS G 257 45.50 -55.21 0.50
C LYS G 257 46.92 -54.64 0.31
N ARG G 258 47.08 -53.80 -0.71
CA ARG G 258 48.35 -53.16 -1.01
C ARG G 258 48.55 -51.94 -0.12
N GLY G 259 47.45 -51.24 0.16
CA GLY G 259 47.48 -50.07 1.04
C GLY G 259 47.67 -50.47 2.49
N ASP G 260 47.09 -51.61 2.87
CA ASP G 260 47.21 -52.15 4.23
C ASP G 260 48.65 -52.54 4.47
N ALA G 261 49.26 -53.19 3.48
CA ALA G 261 50.66 -53.62 3.56
C ALA G 261 51.61 -52.42 3.59
N GLY G 262 51.26 -51.37 2.85
CA GLY G 262 52.07 -50.16 2.78
C GLY G 262 52.04 -49.35 4.07
N ILE G 263 50.88 -49.34 4.73
CA ILE G 263 50.72 -48.61 5.99
C ILE G 263 51.42 -49.31 7.17
N ARG G 264 51.25 -50.63 7.26
CA ARG G 264 51.89 -51.41 8.33
C ARG G 264 53.42 -51.42 8.21
N LYS G 265 53.91 -51.28 6.97
CA LYS G 265 55.35 -51.20 6.72
C LYS G 265 55.88 -49.86 7.19
N ALA G 266 55.06 -48.82 7.05
CA ALA G 266 55.41 -47.47 7.50
C ALA G 266 55.39 -47.40 9.03
N GLU G 267 54.39 -48.04 9.63
CA GLU G 267 54.25 -48.08 11.08
C GLU G 267 55.39 -48.84 11.78
N SER G 268 55.97 -49.80 11.07
CA SER G 268 57.10 -50.56 11.60
C SER G 268 58.38 -49.72 11.59
N LYS G 269 58.39 -48.67 10.77
CA LYS G 269 59.53 -47.75 10.69
C LYS G 269 59.34 -46.51 11.57
N GLY G 270 58.28 -46.52 12.39
CA GLY G 270 58.01 -45.42 13.32
C GLY G 270 57.18 -44.29 12.73
N ILE G 271 56.70 -44.47 11.50
CA ILE G 271 55.89 -43.45 10.83
C ILE G 271 54.43 -43.54 11.29
N VAL G 272 53.92 -42.43 11.80
CA VAL G 272 52.52 -42.36 12.24
C VAL G 272 51.63 -42.15 11.03
N VAL G 273 50.70 -43.07 10.80
CA VAL G 273 49.79 -43.00 9.66
C VAL G 273 48.36 -42.69 10.10
N VAL G 274 47.74 -41.73 9.42
CA VAL G 274 46.36 -41.35 9.71
C VAL G 274 45.47 -41.60 8.49
N ARG G 275 44.42 -42.40 8.66
CA ARG G 275 43.50 -42.72 7.58
C ARG G 275 42.40 -41.67 7.42
N SER G 276 42.49 -40.88 6.36
CA SER G 276 41.49 -39.87 6.03
C SER G 276 40.59 -40.39 4.92
N SER G 277 39.83 -39.50 4.30
CA SER G 277 38.88 -39.90 3.26
C SER G 277 38.97 -39.06 1.99
N ARG G 278 38.85 -39.71 0.84
CA ARG G 278 38.86 -39.02 -0.46
C ARG G 278 37.46 -38.51 -0.84
N THR G 279 36.47 -38.86 -0.02
CA THR G 279 35.07 -38.51 -0.29
C THR G 279 34.78 -37.00 -0.35
N GLY G 280 35.29 -36.26 0.63
CA GLY G 280 35.08 -34.82 0.68
C GLY G 280 34.49 -34.35 2.00
N SER G 281 33.86 -35.26 2.73
CA SER G 281 33.25 -34.96 4.03
C SER G 281 32.99 -36.25 4.81
N GLY G 282 32.51 -36.10 6.04
CA GLY G 282 32.15 -37.25 6.85
C GLY G 282 33.19 -37.76 7.81
N ILE G 283 32.76 -38.67 8.67
CA ILE G 283 33.60 -39.25 9.71
C ILE G 283 34.27 -40.55 9.27
N VAL G 284 35.57 -40.64 9.52
CA VAL G 284 36.29 -41.91 9.35
C VAL G 284 36.33 -42.51 10.77
N PRO G 285 35.54 -43.58 10.99
CA PRO G 285 35.38 -44.23 12.29
C PRO G 285 36.54 -45.15 12.66
N PRO G 286 36.79 -45.33 13.97
CA PRO G 286 37.85 -46.22 14.45
C PRO G 286 37.58 -47.68 14.06
N ASP G 287 38.62 -48.36 13.60
CA ASP G 287 38.51 -49.76 13.20
C ASP G 287 39.78 -50.49 13.61
N ALA G 288 39.64 -51.47 14.51
CA ALA G 288 40.75 -52.26 15.00
C ALA G 288 41.27 -53.26 13.95
N GLY G 289 40.43 -53.52 12.95
CA GLY G 289 40.78 -54.44 11.87
C GLY G 289 41.62 -53.80 10.77
N GLN G 290 41.80 -52.48 10.87
CA GLN G 290 42.61 -51.74 9.90
C GLN G 290 43.74 -51.00 10.63
N PRO G 291 44.92 -50.89 9.98
CA PRO G 291 46.05 -50.19 10.59
C PRO G 291 45.88 -48.67 10.51
N GLY G 292 46.73 -47.94 11.22
CA GLY G 292 46.70 -46.48 11.20
C GLY G 292 45.66 -45.87 12.11
N LEU G 293 45.78 -44.56 12.31
CA LEU G 293 44.83 -43.82 13.13
C LEU G 293 43.71 -43.32 12.22
N VAL G 294 42.65 -42.80 12.81
CA VAL G 294 41.53 -42.27 12.03
C VAL G 294 41.45 -40.75 12.07
N ALA G 295 41.08 -40.15 10.95
CA ALA G 295 41.09 -38.69 10.81
C ALA G 295 39.85 -37.95 11.29
N ASP G 296 38.89 -38.67 11.87
CA ASP G 296 37.63 -38.08 12.33
C ASP G 296 36.95 -37.46 11.08
N SER G 297 36.64 -36.16 11.11
CA SER G 297 36.02 -35.51 9.96
C SER G 297 37.01 -34.68 9.14
N LEU G 298 38.28 -34.74 9.52
CA LEU G 298 39.32 -33.99 8.83
C LEU G 298 39.68 -34.53 7.46
N SER G 299 39.75 -33.61 6.49
CA SER G 299 40.11 -33.94 5.11
C SER G 299 41.60 -34.29 5.03
N PRO G 300 42.03 -34.94 3.92
CA PRO G 300 43.45 -35.29 3.73
C PRO G 300 44.39 -34.09 3.89
N ALA G 301 43.99 -32.94 3.36
CA ALA G 301 44.79 -31.71 3.45
C ALA G 301 44.93 -31.21 4.89
N LYS G 302 43.80 -31.19 5.61
CA LYS G 302 43.80 -30.72 7.00
C LYS G 302 44.38 -31.75 7.95
N SER G 303 44.22 -33.04 7.63
CA SER G 303 44.77 -34.13 8.45
C SER G 303 46.29 -34.07 8.45
N ARG G 304 46.85 -33.71 7.29
CA ARG G 304 48.30 -33.56 7.15
C ARG G 304 48.80 -32.44 8.05
N ILE G 305 48.06 -31.33 8.08
CA ILE G 305 48.40 -30.18 8.92
C ILE G 305 48.43 -30.53 10.40
N LEU G 306 47.39 -31.23 10.87
CA LEU G 306 47.30 -31.63 12.27
C LEU G 306 48.38 -32.65 12.64
N LEU G 307 48.61 -33.61 11.73
CA LEU G 307 49.62 -34.65 11.96
C LEU G 307 51.02 -34.05 12.00
N MET G 308 51.28 -33.11 11.09
CA MET G 308 52.58 -32.42 11.01
C MET G 308 52.88 -31.65 12.30
N LEU G 309 51.85 -31.04 12.89
CA LEU G 309 52.00 -30.29 14.12
C LEU G 309 52.02 -31.19 15.36
N ALA G 310 51.37 -32.35 15.27
CA ALA G 310 51.35 -33.31 16.37
C ALA G 310 52.69 -34.01 16.53
N LEU G 311 53.41 -34.13 15.42
CA LEU G 311 54.73 -34.78 15.39
C LEU G 311 55.83 -33.91 16.00
N THR G 312 55.52 -32.63 16.27
CA THR G 312 56.47 -31.74 16.92
C THR G 312 56.43 -31.96 18.44
N LYS G 313 55.34 -32.58 18.90
CA LYS G 313 55.15 -32.88 20.31
C LYS G 313 55.39 -34.34 20.68
N THR G 314 54.68 -35.24 19.99
CA THR G 314 54.77 -36.66 20.31
C THR G 314 54.60 -37.57 19.09
N THR G 315 54.93 -38.86 19.30
CA THR G 315 54.78 -39.87 18.27
C THR G 315 53.83 -40.97 18.77
N ASN G 316 53.32 -40.77 19.99
CA ASN G 316 52.39 -41.71 20.62
C ASN G 316 51.05 -41.71 19.88
N PRO G 317 50.68 -42.87 19.30
CA PRO G 317 49.46 -43.03 18.49
C PRO G 317 48.17 -42.65 19.20
N ALA G 318 48.05 -43.02 20.48
CA ALA G 318 46.83 -42.73 21.26
C ALA G 318 46.66 -41.23 21.56
N VAL G 319 47.77 -40.53 21.75
CA VAL G 319 47.74 -39.09 22.02
C VAL G 319 47.40 -38.33 20.73
N ILE G 320 47.97 -38.76 19.62
CA ILE G 320 47.71 -38.15 18.31
C ILE G 320 46.26 -38.42 17.88
N GLN G 321 45.75 -39.61 18.18
CA GLN G 321 44.37 -39.97 17.89
C GLN G 321 43.40 -39.07 18.66
N ASP G 322 43.78 -38.75 19.91
CA ASP G 322 42.98 -37.87 20.76
C ASP G 322 42.95 -36.45 20.21
N TYR G 323 44.05 -36.02 19.59
CA TYR G 323 44.12 -34.70 18.95
C TYR G 323 43.15 -34.63 17.78
N PHE G 324 43.06 -35.72 17.02
CA PHE G 324 42.15 -35.80 15.87
C PHE G 324 40.67 -35.73 16.20
N HIS G 325 40.30 -36.11 17.42
CA HIS G 325 38.91 -36.04 17.85
C HIS G 325 38.58 -34.73 18.56
N ALA G 326 39.61 -34.00 18.97
CA ALA G 326 39.43 -32.75 19.71
C ALA G 326 39.69 -31.49 18.90
N TYR G 327 40.64 -31.58 17.97
CA TYR G 327 41.04 -30.42 17.16
C TYR G 327 40.38 -30.38 15.79
N ASN H 3 30.93 -14.36 -39.63
CA ASN H 3 30.03 -13.39 -38.95
C ASN H 3 29.65 -13.82 -37.54
N LEU H 4 29.38 -12.84 -36.68
CA LEU H 4 28.98 -13.09 -35.30
C LEU H 4 27.46 -13.26 -35.21
N PRO H 5 26.98 -14.05 -34.22
CA PRO H 5 25.54 -14.26 -34.04
C PRO H 5 24.79 -12.96 -33.72
N ASN H 6 23.47 -12.98 -33.94
CA ASN H 6 22.64 -11.82 -33.67
C ASN H 6 21.76 -12.04 -32.44
N ILE H 7 22.10 -11.37 -31.35
CA ILE H 7 21.39 -11.51 -30.09
C ILE H 7 20.62 -10.25 -29.71
N VAL H 8 19.37 -10.43 -29.31
CA VAL H 8 18.53 -9.33 -28.86
C VAL H 8 18.35 -9.42 -27.34
N ILE H 9 18.69 -8.34 -26.64
CA ILE H 9 18.53 -8.29 -25.19
C ILE H 9 17.24 -7.57 -24.80
N LEU H 10 16.34 -8.30 -24.15
CA LEU H 10 15.06 -7.74 -23.70
C LEU H 10 15.11 -7.42 -22.21
N ALA H 11 14.92 -6.14 -21.89
CA ALA H 11 14.98 -5.68 -20.49
C ALA H 11 13.62 -5.59 -19.83
N THR H 12 13.51 -6.15 -18.64
CA THR H 12 12.27 -6.12 -17.86
C THR H 12 12.48 -5.40 -16.53
N GLY H 13 13.73 -5.24 -16.13
CA GLY H 13 14.08 -4.56 -14.88
C GLY H 13 14.98 -5.40 -14.00
N GLY H 14 14.86 -5.20 -12.68
CA GLY H 14 15.64 -5.96 -11.71
C GLY H 14 16.83 -5.21 -11.13
N THR H 15 17.52 -5.85 -10.19
CA THR H 15 18.70 -5.27 -9.55
C THR H 15 19.90 -5.26 -10.51
N ILE H 16 19.81 -6.05 -11.59
CA ILE H 16 20.83 -6.06 -12.63
C ILE H 16 20.91 -4.67 -13.31
N ALA H 17 19.79 -3.94 -13.25
CA ALA H 17 19.73 -2.59 -13.77
C ALA H 17 19.49 -1.62 -12.60
N GLY H 18 19.93 -2.03 -11.41
CA GLY H 18 19.76 -1.22 -10.20
C GLY H 18 20.95 -0.35 -9.87
N SER H 19 20.69 0.74 -9.15
CA SER H 19 21.74 1.69 -8.76
C SER H 19 21.53 2.20 -7.34
N ALA H 20 22.64 2.37 -6.62
CA ALA H 20 22.60 2.86 -5.23
C ALA H 20 23.52 4.06 -5.02
N ALA H 21 23.39 4.70 -3.86
CA ALA H 21 24.19 5.87 -3.52
C ALA H 21 25.65 5.50 -3.18
N ALA H 22 25.83 4.33 -2.58
CA ALA H 22 27.15 3.84 -2.20
C ALA H 22 27.37 2.40 -2.69
N ASN H 23 28.63 2.04 -2.93
CA ASN H 23 28.98 0.70 -3.39
C ASN H 23 28.97 -0.38 -2.31
N THR H 24 28.93 0.04 -1.05
CA THR H 24 28.86 -0.90 0.07
C THR H 24 27.40 -1.28 0.34
N GLN H 25 26.48 -0.68 -0.41
CA GLN H 25 25.06 -0.95 -0.28
C GLN H 25 24.58 -1.95 -1.32
N THR H 26 24.08 -3.08 -0.85
CA THR H 26 23.54 -4.11 -1.72
C THR H 26 22.08 -4.37 -1.37
N THR H 27 21.70 -3.97 -0.15
CA THR H 27 20.33 -4.15 0.34
C THR H 27 19.85 -2.89 1.08
N GLY H 28 18.53 -2.75 1.19
CA GLY H 28 17.90 -1.64 1.91
C GLY H 28 18.31 -0.25 1.47
N TYR H 29 18.17 0.01 0.18
CA TYR H 29 18.54 1.32 -0.39
C TYR H 29 17.46 1.88 -1.30
N LYS H 30 17.74 3.03 -1.90
CA LYS H 30 16.83 3.67 -2.85
C LYS H 30 17.27 3.29 -4.26
N ALA H 31 16.49 2.41 -4.89
CA ALA H 31 16.82 1.88 -6.22
C ALA H 31 16.79 2.91 -7.35
N GLY H 32 17.74 2.78 -8.27
CA GLY H 32 17.84 3.64 -9.44
C GLY H 32 17.81 2.81 -10.72
N ALA H 33 16.90 3.16 -11.62
CA ALA H 33 16.72 2.41 -12.86
C ALA H 33 17.78 2.69 -13.92
N LEU H 34 18.18 1.63 -14.62
CA LEU H 34 19.15 1.73 -15.72
C LEU H 34 18.55 1.13 -16.99
N GLY H 35 18.74 1.81 -18.11
CA GLY H 35 18.21 1.36 -19.39
C GLY H 35 18.98 0.18 -19.95
N VAL H 36 18.40 -0.47 -20.97
CA VAL H 36 19.02 -1.63 -21.61
C VAL H 36 20.35 -1.27 -22.31
N GLU H 37 20.42 -0.05 -22.84
CA GLU H 37 21.62 0.43 -23.53
C GLU H 37 22.76 0.69 -22.54
N THR H 38 22.41 1.08 -21.32
CA THR H 38 23.40 1.33 -20.25
C THR H 38 24.03 0.00 -19.82
N LEU H 39 23.24 -1.07 -19.85
CA LEU H 39 23.73 -2.41 -19.50
C LEU H 39 24.66 -2.96 -20.58
N ILE H 40 24.36 -2.63 -21.83
CA ILE H 40 25.18 -3.05 -22.97
C ILE H 40 26.52 -2.30 -23.02
N GLN H 41 26.47 -0.99 -22.75
CA GLN H 41 27.68 -0.15 -22.75
C GLN H 41 28.62 -0.44 -21.58
N ALA H 42 28.07 -0.99 -20.50
CA ALA H 42 28.86 -1.34 -19.32
C ALA H 42 29.76 -2.54 -19.57
N VAL H 43 29.37 -3.40 -20.51
CA VAL H 43 30.14 -4.57 -20.89
C VAL H 43 30.50 -4.50 -22.39
N PRO H 44 31.65 -3.87 -22.72
CA PRO H 44 32.08 -3.76 -24.12
C PRO H 44 32.62 -5.09 -24.66
N GLU H 45 32.75 -6.09 -23.78
CA GLU H 45 33.25 -7.41 -24.13
C GLU H 45 32.19 -8.25 -24.85
N LEU H 46 30.96 -7.73 -24.90
CA LEU H 46 29.85 -8.41 -25.60
C LEU H 46 30.03 -8.33 -27.12
N LYS H 47 30.85 -7.37 -27.56
CA LYS H 47 31.13 -7.16 -28.98
C LYS H 47 31.94 -8.31 -29.61
N THR H 48 32.64 -9.06 -28.76
CA THR H 48 33.43 -10.21 -29.23
C THR H 48 32.56 -11.47 -29.33
N LEU H 49 31.43 -11.46 -28.63
CA LEU H 49 30.53 -12.61 -28.61
C LEU H 49 29.53 -12.56 -29.76
N ALA H 50 28.79 -11.44 -29.86
CA ALA H 50 27.73 -11.30 -30.87
C ALA H 50 27.35 -9.85 -31.15
N ASN H 51 26.54 -9.68 -32.20
CA ASN H 51 25.97 -8.36 -32.54
C ASN H 51 24.77 -8.15 -31.62
N ILE H 52 24.79 -7.05 -30.87
CA ILE H 52 23.77 -6.80 -29.85
C ILE H 52 22.76 -5.70 -30.16
N LYS H 53 21.47 -6.01 -30.01
CA LYS H 53 20.39 -5.04 -30.14
C LYS H 53 19.59 -5.02 -28.83
N GLY H 54 19.38 -3.83 -28.28
CA GLY H 54 18.67 -3.67 -27.02
C GLY H 54 17.21 -3.29 -27.18
N GLU H 55 16.39 -3.70 -26.22
CA GLU H 55 14.95 -3.42 -26.26
C GLU H 55 14.38 -3.44 -24.83
N GLN H 56 13.66 -2.38 -24.46
CA GLN H 56 13.09 -2.25 -23.13
C GLN H 56 11.63 -2.70 -23.11
N VAL H 57 11.39 -3.93 -22.63
CA VAL H 57 10.03 -4.47 -22.53
C VAL H 57 9.33 -3.86 -21.32
N ALA H 58 10.03 -3.83 -20.19
CA ALA H 58 9.50 -3.26 -18.95
C ALA H 58 10.65 -2.69 -18.11
N SER H 59 10.30 -2.00 -17.03
CA SER H 59 11.28 -1.45 -16.11
C SER H 59 10.75 -1.57 -14.69
N ILE H 60 10.49 -2.80 -14.28
CA ILE H 60 9.93 -3.07 -12.95
C ILE H 60 10.75 -4.10 -12.18
N GLY H 61 10.62 -4.09 -10.86
CA GLY H 61 11.25 -5.09 -10.02
C GLY H 61 10.46 -6.37 -10.24
N SER H 62 11.15 -7.51 -10.27
CA SER H 62 10.49 -8.80 -10.52
C SER H 62 9.43 -9.16 -9.47
N GLU H 63 9.50 -8.52 -8.30
CA GLU H 63 8.49 -8.70 -7.26
C GLU H 63 7.14 -8.16 -7.75
N ASN H 64 7.19 -7.25 -8.72
CA ASN H 64 6.00 -6.67 -9.34
C ASN H 64 5.70 -7.22 -10.74
N MET H 65 6.40 -8.28 -11.13
CA MET H 65 6.17 -8.91 -12.43
C MET H 65 4.80 -9.58 -12.43
N THR H 66 4.02 -9.30 -13.47
CA THR H 66 2.67 -9.85 -13.59
C THR H 66 2.55 -10.76 -14.80
N SER H 67 1.48 -11.56 -14.83
CA SER H 67 1.22 -12.47 -15.96
C SER H 67 0.92 -11.70 -17.24
N ASP H 68 0.37 -10.50 -17.09
CA ASP H 68 0.08 -9.61 -18.23
C ASP H 68 1.36 -9.21 -18.95
N VAL H 69 2.41 -8.91 -18.20
CA VAL H 69 3.71 -8.56 -18.76
C VAL H 69 4.39 -9.80 -19.35
N LEU H 70 4.15 -10.95 -18.72
CA LEU H 70 4.69 -12.23 -19.20
C LEU H 70 4.10 -12.60 -20.55
N LEU H 71 2.83 -12.25 -20.76
CA LEU H 71 2.17 -12.47 -22.04
C LEU H 71 2.85 -11.63 -23.12
N THR H 72 3.12 -10.37 -22.78
CA THR H 72 3.80 -9.44 -23.69
C THR H 72 5.22 -9.90 -23.99
N LEU H 73 5.92 -10.35 -22.95
CA LEU H 73 7.30 -10.84 -23.09
C LEU H 73 7.37 -12.09 -23.98
N SER H 74 6.50 -13.05 -23.72
CA SER H 74 6.46 -14.29 -24.50
C SER H 74 6.12 -14.04 -25.97
N LYS H 75 5.15 -13.16 -26.21
CA LYS H 75 4.73 -12.81 -27.56
C LYS H 75 5.84 -12.11 -28.33
N ARG H 76 6.63 -11.29 -27.64
CA ARG H 76 7.75 -10.58 -28.25
C ARG H 76 8.92 -11.53 -28.54
N VAL H 77 9.18 -12.46 -27.62
CA VAL H 77 10.24 -13.46 -27.80
C VAL H 77 9.96 -14.34 -29.03
N ASN H 78 8.74 -14.85 -29.12
CA ASN H 78 8.31 -15.67 -30.27
C ASN H 78 8.37 -14.92 -31.59
N GLU H 79 8.04 -13.63 -31.56
CA GLU H 79 8.06 -12.78 -32.74
C GLU H 79 9.51 -12.56 -33.22
N LEU H 80 10.42 -12.42 -32.26
CA LEU H 80 11.84 -12.24 -32.55
C LEU H 80 12.51 -13.51 -33.03
N LEU H 81 12.22 -14.64 -32.39
CA LEU H 81 12.83 -15.92 -32.74
C LEU H 81 12.35 -16.50 -34.07
N ALA H 82 11.20 -16.02 -34.55
CA ALA H 82 10.67 -16.44 -35.84
C ALA H 82 11.46 -15.79 -36.98
N ARG H 83 12.10 -14.67 -36.68
CA ARG H 83 12.91 -13.95 -37.65
C ARG H 83 14.25 -14.65 -37.89
N SER H 84 14.75 -14.56 -39.11
CA SER H 84 16.02 -15.20 -39.47
C SER H 84 17.23 -14.41 -38.98
N ASP H 85 17.03 -13.12 -38.71
CA ASP H 85 18.13 -12.26 -38.23
C ASP H 85 18.26 -12.20 -36.71
N VAL H 86 17.67 -13.17 -36.02
CA VAL H 86 17.79 -13.28 -34.55
C VAL H 86 18.13 -14.73 -34.20
N ASP H 87 19.30 -14.93 -33.60
CA ASP H 87 19.77 -16.27 -33.25
C ASP H 87 19.40 -16.68 -31.83
N GLY H 88 19.28 -15.70 -30.94
CA GLY H 88 18.93 -15.97 -29.55
C GLY H 88 18.49 -14.73 -28.82
N VAL H 89 17.86 -14.92 -27.66
CA VAL H 89 17.35 -13.80 -26.86
C VAL H 89 17.84 -13.88 -25.42
N VAL H 90 18.37 -12.77 -24.91
CA VAL H 90 18.80 -12.66 -23.53
C VAL H 90 17.80 -11.74 -22.80
N ILE H 91 17.26 -12.21 -21.69
CA ILE H 91 16.29 -11.42 -20.93
C ILE H 91 16.80 -11.01 -19.55
N THR H 92 17.07 -9.72 -19.38
CA THR H 92 17.49 -9.19 -18.09
C THR H 92 16.25 -9.09 -17.21
N HIS H 93 16.31 -9.71 -16.03
CA HIS H 93 15.14 -9.84 -15.17
C HIS H 93 15.61 -9.76 -13.71
N GLY H 94 14.66 -9.55 -12.80
CA GLY H 94 14.97 -9.56 -11.37
C GLY H 94 15.11 -10.99 -10.85
N THR H 95 15.66 -11.13 -9.65
CA THR H 95 15.89 -12.46 -9.08
C THR H 95 14.70 -12.96 -8.25
N ASP H 96 13.93 -12.03 -7.70
CA ASP H 96 12.82 -12.37 -6.79
C ASP H 96 11.74 -13.28 -7.37
N THR H 97 11.44 -13.13 -8.65
CA THR H 97 10.50 -14.04 -9.32
C THR H 97 11.09 -14.68 -10.56
N LEU H 98 12.37 -15.01 -10.48
CA LEU H 98 13.05 -15.69 -11.57
C LEU H 98 12.72 -17.19 -11.49
N ASP H 99 11.92 -17.57 -10.50
CA ASP H 99 11.41 -18.93 -10.38
C ASP H 99 10.28 -19.11 -11.39
N GLU H 100 9.49 -18.05 -11.58
CA GLU H 100 8.31 -18.07 -12.45
C GLU H 100 8.59 -17.78 -13.92
N SER H 101 9.01 -16.53 -14.19
CA SER H 101 9.23 -16.03 -15.56
C SER H 101 9.91 -16.96 -16.59
N PRO H 102 11.09 -17.54 -16.24
CA PRO H 102 11.72 -18.45 -17.19
C PRO H 102 10.91 -19.71 -17.46
N TYR H 103 10.23 -20.23 -16.43
CA TYR H 103 9.41 -21.44 -16.60
C TYR H 103 8.16 -21.15 -17.44
N PHE H 104 7.67 -19.91 -17.37
CA PHE H 104 6.54 -19.47 -18.18
C PHE H 104 6.91 -19.59 -19.66
N LEU H 105 8.07 -19.04 -20.01
CA LEU H 105 8.57 -19.09 -21.38
C LEU H 105 9.04 -20.48 -21.80
N ASN H 106 9.38 -21.32 -20.81
CA ASN H 106 9.79 -22.70 -21.11
C ASN H 106 8.62 -23.50 -21.68
N LEU H 107 7.40 -23.02 -21.43
CA LEU H 107 6.20 -23.69 -21.89
C LEU H 107 5.54 -22.93 -23.05
N THR H 108 5.91 -21.67 -23.24
CA THR H 108 5.26 -20.83 -24.26
C THR H 108 6.09 -20.46 -25.50
N VAL H 109 7.41 -20.59 -25.42
CA VAL H 109 8.29 -20.28 -26.55
C VAL H 109 8.21 -21.37 -27.63
N LYS H 110 7.93 -20.96 -28.87
CA LYS H 110 7.77 -21.89 -29.99
C LYS H 110 9.01 -21.98 -30.88
N SER H 111 10.19 -22.00 -30.27
CA SER H 111 11.45 -22.07 -31.01
C SER H 111 12.53 -22.78 -30.19
N ASP H 112 13.48 -23.39 -30.89
CA ASP H 112 14.59 -24.08 -30.23
C ASP H 112 15.78 -23.15 -29.99
N LYS H 113 15.67 -21.92 -30.52
CA LYS H 113 16.71 -20.90 -30.33
C LYS H 113 16.80 -20.54 -28.85
N PRO H 114 18.03 -20.30 -28.35
CA PRO H 114 18.26 -20.06 -26.92
C PRO H 114 17.57 -18.82 -26.35
N VAL H 115 16.76 -19.03 -25.32
CA VAL H 115 16.14 -17.96 -24.56
C VAL H 115 16.81 -18.01 -23.19
N VAL H 116 17.65 -17.02 -22.92
CA VAL H 116 18.45 -17.02 -21.69
C VAL H 116 18.10 -15.89 -20.74
N PHE H 117 17.54 -16.25 -19.58
CA PHE H 117 17.25 -15.28 -18.54
C PHE H 117 18.52 -14.98 -17.75
N VAL H 118 18.70 -13.71 -17.41
CA VAL H 118 19.86 -13.28 -16.65
C VAL H 118 19.44 -12.28 -15.57
N ALA H 119 20.14 -12.33 -14.43
CA ALA H 119 19.84 -11.47 -13.31
C ALA H 119 21.11 -11.17 -12.52
N ALA H 120 20.96 -10.36 -11.47
CA ALA H 120 22.07 -10.02 -10.59
C ALA H 120 21.58 -9.80 -9.18
N MET H 121 22.33 -10.32 -8.21
CA MET H 121 21.98 -10.17 -6.80
C MET H 121 22.48 -8.85 -6.23
N ARG H 122 23.53 -8.31 -6.84
CA ARG H 122 24.10 -7.03 -6.43
C ARG H 122 23.84 -5.97 -7.50
N PRO H 123 23.57 -4.72 -7.08
CA PRO H 123 23.37 -3.63 -8.05
C PRO H 123 24.65 -3.34 -8.81
N ALA H 124 24.50 -2.75 -10.00
CA ALA H 124 25.65 -2.44 -10.87
C ALA H 124 26.70 -1.54 -10.19
N THR H 125 26.24 -0.72 -9.26
CA THR H 125 27.11 0.22 -8.54
C THR H 125 27.89 -0.44 -7.39
N ALA H 126 27.42 -1.61 -6.94
CA ALA H 126 28.04 -2.31 -5.80
C ALA H 126 29.43 -2.86 -6.07
N ILE H 127 30.18 -3.08 -4.98
CA ILE H 127 31.52 -3.67 -5.05
C ILE H 127 31.39 -5.11 -5.52
N SER H 128 32.17 -5.46 -6.56
CA SER H 128 32.15 -6.80 -7.17
C SER H 128 30.76 -7.20 -7.65
N ALA H 129 30.11 -6.28 -8.36
CA ALA H 129 28.76 -6.49 -8.90
C ALA H 129 28.77 -7.69 -9.85
N ASP H 130 27.85 -8.62 -9.63
CA ASP H 130 27.77 -9.85 -10.43
C ASP H 130 27.12 -9.65 -11.80
N GLY H 131 26.37 -8.55 -11.95
CA GLY H 131 25.68 -8.23 -13.22
C GLY H 131 26.49 -8.34 -14.50
N PRO H 132 27.62 -7.60 -14.60
CA PRO H 132 28.47 -7.62 -15.78
C PRO H 132 28.90 -9.01 -16.28
N MET H 133 29.36 -9.86 -15.36
CA MET H 133 29.80 -11.22 -15.75
C MET H 133 28.62 -12.12 -16.10
N ASN H 134 27.53 -11.98 -15.35
CA ASN H 134 26.31 -12.75 -15.61
C ASN H 134 25.76 -12.43 -17.00
N LEU H 135 25.79 -11.15 -17.37
CA LEU H 135 25.33 -10.70 -18.69
C LEU H 135 26.24 -11.23 -19.79
N TYR H 136 27.55 -11.23 -19.53
CA TYR H 136 28.54 -11.76 -20.48
C TYR H 136 28.29 -13.24 -20.71
N GLY H 137 28.06 -13.97 -19.61
CA GLY H 137 27.79 -15.39 -19.66
C GLY H 137 26.51 -15.72 -20.40
N ALA H 138 25.46 -14.93 -20.13
CA ALA H 138 24.15 -15.13 -20.76
C ALA H 138 24.18 -14.92 -22.27
N VAL H 139 24.86 -13.85 -22.70
CA VAL H 139 25.00 -13.56 -24.13
C VAL H 139 25.84 -14.64 -24.82
N LYS H 140 26.89 -15.10 -24.14
CA LYS H 140 27.75 -16.17 -24.67
C LYS H 140 26.96 -17.46 -24.86
N VAL H 141 26.09 -17.76 -23.90
CA VAL H 141 25.23 -18.94 -23.97
C VAL H 141 24.22 -18.82 -25.12
N ALA H 142 23.59 -17.66 -25.23
CA ALA H 142 22.60 -17.41 -26.29
C ALA H 142 23.20 -17.41 -27.69
N ALA H 143 24.47 -17.00 -27.81
CA ALA H 143 25.16 -16.94 -29.09
C ALA H 143 25.71 -18.30 -29.54
N ASP H 144 25.82 -19.24 -28.60
CA ASP H 144 26.33 -20.57 -28.90
C ASP H 144 25.21 -21.43 -29.50
N LYS H 145 25.48 -22.04 -30.65
CA LYS H 145 24.51 -22.88 -31.35
C LYS H 145 24.22 -24.18 -30.59
N ASN H 146 25.16 -24.59 -29.74
CA ASN H 146 25.03 -25.80 -28.95
C ASN H 146 24.02 -25.66 -27.79
N SER H 147 23.57 -24.42 -27.55
CA SER H 147 22.61 -24.14 -26.49
C SER H 147 21.17 -24.37 -26.96
N ARG H 148 21.00 -24.61 -28.25
CA ARG H 148 19.68 -24.82 -28.84
C ARG H 148 19.00 -26.12 -28.44
N GLY H 149 17.67 -26.08 -28.35
CA GLY H 149 16.87 -27.27 -28.01
C GLY H 149 17.05 -27.78 -26.59
N ARG H 150 17.42 -26.89 -25.68
CA ARG H 150 17.66 -27.27 -24.28
C ARG H 150 16.62 -26.67 -23.34
N GLY H 151 15.67 -25.93 -23.91
CA GLY H 151 14.65 -25.25 -23.12
C GLY H 151 15.15 -23.89 -22.70
N VAL H 152 14.32 -23.16 -21.94
CA VAL H 152 14.70 -21.84 -21.46
C VAL H 152 15.80 -21.95 -20.40
N LEU H 153 16.84 -21.14 -20.55
CA LEU H 153 18.01 -21.19 -19.69
C LEU H 153 18.07 -20.00 -18.73
N VAL H 154 18.73 -20.21 -17.59
CA VAL H 154 18.90 -19.16 -16.58
C VAL H 154 20.38 -19.10 -16.20
N VAL H 155 21.00 -17.96 -16.46
CA VAL H 155 22.44 -17.81 -16.22
C VAL H 155 22.82 -16.78 -15.16
N LEU H 156 23.36 -17.29 -14.05
CA LEU H 156 23.93 -16.47 -12.97
C LEU H 156 25.06 -17.26 -12.32
N ASN H 157 26.08 -16.55 -11.84
CA ASN H 157 27.19 -17.15 -11.09
C ASN H 157 27.88 -18.33 -11.83
N ASP H 158 28.13 -18.13 -13.13
CA ASP H 158 28.80 -19.13 -13.99
C ASP H 158 28.01 -20.43 -14.20
N ARG H 159 26.72 -20.39 -13.88
CA ARG H 159 25.87 -21.59 -14.00
C ARG H 159 24.80 -21.43 -15.07
N ILE H 160 24.47 -22.53 -15.74
CA ILE H 160 23.40 -22.54 -16.74
C ILE H 160 22.33 -23.52 -16.22
N GLY H 161 21.30 -22.97 -15.60
CA GLY H 161 20.22 -23.78 -15.01
C GLY H 161 18.99 -23.86 -15.87
N SER H 162 18.25 -24.97 -15.73
CA SER H 162 17.02 -25.18 -16.47
C SER H 162 15.89 -24.39 -15.82
N ALA H 163 15.03 -23.82 -16.65
CA ALA H 163 13.86 -23.06 -16.18
C ALA H 163 12.89 -23.96 -15.40
N ARG H 164 12.96 -25.26 -15.67
CA ARG H 164 12.11 -26.25 -15.03
C ARG H 164 12.57 -26.58 -13.59
N PHE H 165 13.87 -26.46 -13.33
CA PHE H 165 14.40 -26.83 -12.01
C PHE H 165 14.97 -25.70 -11.15
N ILE H 166 15.64 -24.74 -11.78
CA ILE H 166 16.34 -23.67 -11.07
C ILE H 166 15.43 -22.72 -10.29
N SER H 167 15.84 -22.37 -9.08
CA SER H 167 15.09 -21.44 -8.23
C SER H 167 16.03 -20.71 -7.30
N LYS H 168 15.57 -19.56 -6.81
CA LYS H 168 16.33 -18.77 -5.84
C LYS H 168 16.21 -19.51 -4.50
N THR H 169 17.29 -20.17 -4.08
CA THR H 169 17.28 -21.00 -2.86
C THR H 169 17.74 -20.24 -1.62
N ASN H 170 18.35 -19.08 -1.82
CA ASN H 170 18.82 -18.24 -0.73
C ASN H 170 18.33 -16.81 -0.96
N ALA H 171 17.99 -16.14 0.13
CA ALA H 171 17.45 -14.78 0.05
C ALA H 171 18.41 -13.71 -0.46
N SER H 172 19.70 -13.84 -0.13
CA SER H 172 20.66 -12.75 -0.42
C SER H 172 22.05 -13.09 -0.97
N THR H 173 22.31 -14.35 -1.32
CA THR H 173 23.65 -14.73 -1.81
C THR H 173 23.78 -14.75 -3.33
N LEU H 174 25.02 -14.68 -3.83
CA LEU H 174 25.29 -14.67 -5.27
C LEU H 174 25.05 -16.03 -5.92
N ASP H 175 25.25 -17.08 -5.15
CA ASP H 175 25.08 -18.45 -5.65
C ASP H 175 23.70 -19.02 -5.38
N THR H 176 22.74 -18.14 -5.10
CA THR H 176 21.39 -18.54 -4.73
C THR H 176 20.65 -19.48 -5.69
N PHE H 177 20.85 -19.31 -7.00
CA PHE H 177 20.17 -20.14 -7.98
C PHE H 177 20.72 -21.54 -8.09
N LYS H 178 20.04 -22.48 -7.43
CA LYS H 178 20.45 -23.87 -7.38
C LYS H 178 19.28 -24.80 -7.66
N ALA H 179 19.61 -26.08 -7.86
CA ALA H 179 18.62 -27.15 -8.00
C ALA H 179 19.30 -28.39 -7.41
N PRO H 180 19.23 -28.54 -6.07
CA PRO H 180 19.92 -29.62 -5.34
C PRO H 180 19.72 -31.02 -5.90
N GLU H 181 18.53 -31.33 -6.38
CA GLU H 181 18.22 -32.66 -6.89
C GLU H 181 18.50 -32.84 -8.39
N GLU H 182 18.59 -31.73 -9.13
CA GLU H 182 18.77 -31.81 -10.59
C GLU H 182 20.04 -31.15 -11.13
N GLY H 183 20.72 -30.36 -10.29
CA GLY H 183 21.95 -29.68 -10.69
C GLY H 183 21.76 -28.64 -11.79
N TYR H 184 22.80 -28.45 -12.58
CA TYR H 184 22.76 -27.48 -13.68
C TYR H 184 22.90 -28.19 -15.02
N LEU H 185 22.33 -27.59 -16.06
CA LEU H 185 22.44 -28.13 -17.42
C LEU H 185 23.87 -27.96 -17.93
N GLY H 186 24.50 -26.86 -17.52
CA GLY H 186 25.87 -26.58 -17.92
C GLY H 186 26.51 -25.51 -17.06
N VAL H 187 27.81 -25.32 -17.25
CA VAL H 187 28.57 -24.30 -16.53
C VAL H 187 29.44 -23.51 -17.50
N ILE H 188 29.82 -22.30 -17.09
CA ILE H 188 30.68 -21.44 -17.90
C ILE H 188 31.98 -21.22 -17.15
N ILE H 189 33.03 -21.93 -17.58
CA ILE H 189 34.33 -21.86 -16.92
C ILE H 189 35.45 -21.50 -17.89
N GLY H 190 36.22 -20.46 -17.54
CA GLY H 190 37.35 -20.00 -18.34
C GLY H 190 36.99 -19.61 -19.76
N ASP H 191 35.88 -18.87 -19.89
CA ASP H 191 35.36 -18.41 -21.18
C ASP H 191 35.02 -19.59 -22.12
N LYS H 192 34.53 -20.69 -21.52
CA LYS H 192 34.13 -21.88 -22.27
C LYS H 192 32.84 -22.45 -21.66
N ILE H 193 31.94 -22.90 -22.54
CA ILE H 193 30.66 -23.48 -22.10
C ILE H 193 30.75 -25.00 -22.03
N TYR H 194 30.41 -25.55 -20.87
CA TYR H 194 30.44 -26.99 -20.65
C TYR H 194 29.06 -27.55 -20.33
N TYR H 195 28.37 -28.07 -21.34
CA TYR H 195 27.08 -28.70 -21.11
C TYR H 195 27.24 -30.12 -20.57
N GLN H 196 26.49 -30.43 -19.52
CA GLN H 196 26.62 -31.71 -18.84
C GLN H 196 25.32 -32.53 -18.80
N THR H 197 24.20 -31.86 -18.57
CA THR H 197 22.90 -32.55 -18.51
C THR H 197 21.86 -31.91 -19.42
N ARG H 198 20.85 -32.69 -19.79
CA ARG H 198 19.74 -32.20 -20.60
C ARG H 198 18.41 -32.41 -19.89
N LEU H 199 17.51 -31.45 -20.06
CA LEU H 199 16.18 -31.49 -19.45
C LEU H 199 15.34 -32.64 -20.04
N ASP H 200 14.92 -33.56 -19.18
CA ASP H 200 14.11 -34.70 -19.62
C ASP H 200 12.62 -34.46 -19.37
N LYS H 201 12.15 -33.30 -19.82
CA LYS H 201 10.74 -32.92 -19.72
C LYS H 201 10.33 -32.25 -21.03
N VAL H 202 9.02 -32.15 -21.27
CA VAL H 202 8.52 -31.50 -22.47
C VAL H 202 8.69 -29.99 -22.32
N HIS H 203 9.29 -29.36 -23.32
CA HIS H 203 9.55 -27.92 -23.28
C HIS H 203 9.51 -27.27 -24.66
N THR H 204 9.49 -25.94 -24.66
CA THR H 204 9.52 -25.10 -25.87
C THR H 204 8.78 -25.61 -27.12
N THR H 205 9.55 -26.12 -28.09
CA THR H 205 8.99 -26.58 -29.38
C THR H 205 7.94 -27.68 -29.28
N ARG H 206 8.11 -28.57 -28.30
CA ARG H 206 7.20 -29.70 -28.13
C ARG H 206 6.02 -29.41 -27.19
N SER H 207 6.00 -28.21 -26.60
CA SER H 207 4.94 -27.82 -25.68
C SER H 207 3.62 -27.55 -26.38
N VAL H 208 2.52 -27.94 -25.74
CA VAL H 208 1.18 -27.72 -26.30
C VAL H 208 0.60 -26.37 -25.89
N PHE H 209 1.26 -25.70 -24.95
CA PHE H 209 0.80 -24.42 -24.44
C PHE H 209 1.21 -23.28 -25.37
N ASP H 210 0.21 -22.54 -25.85
CA ASP H 210 0.44 -21.41 -26.74
C ASP H 210 -0.41 -20.24 -26.29
N VAL H 211 0.24 -19.12 -25.95
CA VAL H 211 -0.47 -17.94 -25.48
C VAL H 211 -0.41 -16.77 -26.47
N THR H 212 -0.07 -17.09 -27.73
CA THR H 212 0.02 -16.09 -28.81
C THR H 212 -1.27 -15.26 -28.93
N ASN H 213 -2.40 -15.93 -28.77
CA ASN H 213 -3.70 -15.28 -28.88
C ASN H 213 -4.50 -15.24 -27.56
N VAL H 214 -3.77 -15.14 -26.45
CA VAL H 214 -4.39 -15.03 -25.13
C VAL H 214 -4.18 -13.62 -24.57
N ASP H 215 -5.30 -12.95 -24.26
CA ASP H 215 -5.26 -11.58 -23.74
C ASP H 215 -5.10 -11.55 -22.22
N LYS H 216 -5.70 -12.51 -21.54
CA LYS H 216 -5.65 -12.58 -20.08
C LYS H 216 -5.66 -14.03 -19.60
N LEU H 217 -4.75 -14.34 -18.68
CA LEU H 217 -4.61 -15.69 -18.15
C LEU H 217 -5.51 -15.92 -16.93
N PRO H 218 -5.89 -17.19 -16.68
CA PRO H 218 -6.70 -17.54 -15.51
C PRO H 218 -5.96 -17.24 -14.20
N ALA H 219 -6.69 -16.73 -13.20
CA ALA H 219 -6.10 -16.39 -11.92
C ALA H 219 -5.86 -17.63 -11.07
N VAL H 220 -4.65 -17.75 -10.52
CA VAL H 220 -4.30 -18.86 -9.65
C VAL H 220 -3.60 -18.35 -8.38
N ASP H 221 -4.12 -18.77 -7.22
CA ASP H 221 -3.54 -18.38 -5.94
C ASP H 221 -2.65 -19.49 -5.36
N ILE H 222 -1.76 -19.09 -4.45
CA ILE H 222 -0.91 -20.05 -3.74
C ILE H 222 -1.18 -19.89 -2.25
N ILE H 223 -1.58 -20.99 -1.61
CA ILE H 223 -1.88 -20.99 -0.19
C ILE H 223 -0.86 -21.87 0.56
N TYR H 224 -0.25 -21.31 1.58
CA TYR H 224 0.80 -21.98 2.34
C TYR H 224 0.23 -22.98 3.33
N GLY H 225 0.96 -24.07 3.54
CA GLY H 225 0.59 -25.10 4.50
C GLY H 225 1.46 -25.02 5.73
N TYR H 226 0.84 -24.99 6.90
CA TYR H 226 1.56 -24.86 8.18
C TYR H 226 0.66 -25.25 9.35
N GLN H 227 1.23 -25.28 10.55
CA GLN H 227 0.47 -25.57 11.76
C GLN H 227 -0.58 -24.49 11.98
N ASP H 228 -1.82 -24.92 12.27
CA ASP H 228 -2.95 -24.01 12.50
C ASP H 228 -3.33 -23.18 11.28
N ASP H 229 -3.08 -23.73 10.08
CA ASP H 229 -3.39 -23.03 8.83
C ASP H 229 -4.90 -22.83 8.66
N PRO H 230 -5.31 -21.57 8.42
CA PRO H 230 -6.70 -21.17 8.29
C PRO H 230 -7.42 -21.69 7.06
N GLU H 231 -8.67 -22.09 7.23
CA GLU H 231 -9.50 -22.57 6.13
C GLU H 231 -10.04 -21.36 5.36
N TYR H 232 -10.07 -20.20 6.01
CA TYR H 232 -10.62 -18.98 5.41
C TYR H 232 -9.82 -18.39 4.23
N MET H 233 -8.58 -18.83 4.06
CA MET H 233 -7.76 -18.41 2.92
C MET H 233 -8.31 -19.02 1.64
N TYR H 234 -8.80 -20.25 1.75
CA TYR H 234 -9.42 -20.95 0.63
C TYR H 234 -10.75 -20.31 0.29
N ASP H 235 -11.47 -19.85 1.31
CA ASP H 235 -12.74 -19.14 1.14
C ASP H 235 -12.53 -17.83 0.37
N ALA H 236 -11.41 -17.15 0.66
CA ALA H 236 -11.06 -15.90 -0.01
C ALA H 236 -10.78 -16.11 -1.50
N SER H 237 -10.16 -17.25 -1.83
CA SER H 237 -9.87 -17.59 -3.22
C SER H 237 -11.14 -17.95 -3.99
N ILE H 238 -12.05 -18.69 -3.32
CA ILE H 238 -13.34 -19.08 -3.92
C ILE H 238 -14.21 -17.84 -4.18
N LYS H 239 -14.27 -16.95 -3.19
CA LYS H 239 -15.04 -15.71 -3.26
C LYS H 239 -14.64 -14.84 -4.46
N HIS H 240 -13.34 -14.76 -4.71
CA HIS H 240 -12.82 -13.96 -5.82
C HIS H 240 -12.75 -14.70 -7.16
N GLY H 241 -13.27 -15.92 -7.17
CA GLY H 241 -13.40 -16.73 -8.40
C GLY H 241 -12.13 -17.05 -9.16
N VAL H 242 -11.12 -17.55 -8.46
CA VAL H 242 -9.88 -17.98 -9.12
C VAL H 242 -10.14 -19.31 -9.82
N LYS H 243 -9.40 -19.58 -10.89
CA LYS H 243 -9.58 -20.80 -11.65
C LYS H 243 -8.73 -21.95 -11.10
N GLY H 244 -7.67 -21.60 -10.38
CA GLY H 244 -6.77 -22.59 -9.80
C GLY H 244 -6.20 -22.20 -8.46
N ILE H 245 -5.78 -23.20 -7.69
CA ILE H 245 -5.15 -22.98 -6.37
C ILE H 245 -3.97 -23.94 -6.22
N VAL H 246 -2.80 -23.39 -5.93
CA VAL H 246 -1.62 -24.21 -5.66
C VAL H 246 -1.37 -24.25 -4.15
N TYR H 247 -1.34 -25.46 -3.60
CA TYR H 247 -1.13 -25.62 -2.17
C TYR H 247 0.32 -25.91 -1.83
N ALA H 248 0.99 -24.93 -1.20
CA ALA H 248 2.38 -25.09 -0.76
C ALA H 248 2.34 -25.92 0.53
N GLY H 249 2.23 -27.24 0.36
CA GLY H 249 2.00 -28.15 1.46
C GLY H 249 3.12 -28.50 2.40
N MET H 250 2.73 -28.93 3.60
CA MET H 250 3.65 -29.40 4.63
C MET H 250 4.18 -30.74 4.17
N GLY H 251 5.50 -30.88 4.11
CA GLY H 251 6.13 -32.11 3.66
C GLY H 251 5.79 -32.41 2.21
N ALA H 252 5.33 -33.63 1.95
CA ALA H 252 4.96 -34.03 0.60
C ALA H 252 3.53 -33.62 0.24
N GLY H 253 3.24 -32.33 0.35
CA GLY H 253 1.93 -31.78 0.04
C GLY H 253 0.81 -32.20 0.97
N SER H 254 1.18 -32.54 2.22
CA SER H 254 0.20 -33.00 3.20
C SER H 254 -0.73 -31.89 3.65
N VAL H 255 -2.02 -32.22 3.69
CA VAL H 255 -3.04 -31.27 4.12
C VAL H 255 -3.45 -31.50 5.57
N SER H 256 -3.79 -30.42 6.26
CA SER H 256 -4.35 -30.50 7.60
C SER H 256 -5.84 -30.72 7.41
N LYS H 257 -6.59 -30.82 8.50
CA LYS H 257 -8.04 -30.99 8.41
C LYS H 257 -8.73 -29.73 7.86
N ARG H 258 -8.14 -28.57 8.14
CA ARG H 258 -8.65 -27.29 7.68
C ARG H 258 -8.26 -27.06 6.22
N GLY H 259 -7.09 -27.56 5.84
CA GLY H 259 -6.62 -27.47 4.45
C GLY H 259 -7.37 -28.45 3.57
N ASP H 260 -7.69 -29.62 4.13
CA ASP H 260 -8.44 -30.66 3.43
C ASP H 260 -9.84 -30.12 3.13
N ALA H 261 -10.47 -29.52 4.13
CA ALA H 261 -11.80 -28.94 3.99
C ALA H 261 -11.82 -27.75 3.04
N GLY H 262 -10.72 -26.98 3.06
CA GLY H 262 -10.58 -25.82 2.19
C GLY H 262 -10.42 -26.18 0.73
N ILE H 263 -9.64 -27.24 0.47
CA ILE H 263 -9.40 -27.72 -0.89
C ILE H 263 -10.64 -28.36 -1.52
N ARG H 264 -11.33 -29.21 -0.74
CA ARG H 264 -12.55 -29.87 -1.22
C ARG H 264 -13.69 -28.89 -1.49
N LYS H 265 -13.69 -27.77 -0.76
CA LYS H 265 -14.69 -26.73 -0.95
C LYS H 265 -14.39 -25.97 -2.25
N ALA H 266 -13.11 -25.82 -2.57
CA ALA H 266 -12.69 -25.16 -3.80
C ALA H 266 -12.98 -26.04 -5.00
N GLU H 267 -12.74 -27.35 -4.85
CA GLU H 267 -12.99 -28.33 -5.92
C GLU H 267 -14.46 -28.47 -6.26
N SER H 268 -15.33 -28.27 -5.26
CA SER H 268 -16.77 -28.36 -5.46
C SER H 268 -17.29 -27.15 -6.26
N LYS H 269 -16.48 -26.10 -6.32
CA LYS H 269 -16.81 -24.88 -7.06
C LYS H 269 -16.14 -24.86 -8.44
N GLY H 270 -15.49 -25.96 -8.80
CA GLY H 270 -14.85 -26.09 -10.11
C GLY H 270 -13.40 -25.61 -10.18
N ILE H 271 -12.83 -25.28 -9.03
CA ILE H 271 -11.45 -24.82 -8.96
C ILE H 271 -10.49 -26.02 -8.95
N VAL H 272 -9.51 -26.01 -9.84
CA VAL H 272 -8.51 -27.07 -9.89
C VAL H 272 -7.41 -26.79 -8.87
N VAL H 273 -7.25 -27.71 -7.92
CA VAL H 273 -6.24 -27.54 -6.87
C VAL H 273 -5.08 -28.51 -7.08
N VAL H 274 -3.86 -27.98 -6.97
CA VAL H 274 -2.64 -28.78 -7.12
C VAL H 274 -1.83 -28.72 -5.83
N ARG H 275 -1.52 -29.88 -5.26
CA ARG H 275 -0.74 -29.95 -4.03
C ARG H 275 0.75 -29.96 -4.31
N SER H 276 1.41 -28.84 -3.99
CA SER H 276 2.85 -28.72 -4.12
C SER H 276 3.48 -28.86 -2.73
N SER H 277 4.73 -28.43 -2.58
CA SER H 277 5.43 -28.57 -1.31
C SER H 277 6.19 -27.32 -0.90
N ARG H 278 6.16 -27.02 0.40
CA ARG H 278 6.87 -25.86 0.96
C ARG H 278 8.34 -26.19 1.26
N THR H 279 8.68 -27.48 1.13
CA THR H 279 10.03 -27.97 1.46
C THR H 279 11.17 -27.34 0.65
N GLY H 280 10.97 -27.22 -0.65
CA GLY H 280 11.99 -26.64 -1.53
C GLY H 280 12.39 -27.54 -2.69
N SER H 281 12.16 -28.84 -2.53
CA SER H 281 12.50 -29.83 -3.57
C SER H 281 11.77 -31.14 -3.35
N GLY H 282 11.91 -32.07 -4.29
CA GLY H 282 11.35 -33.39 -4.14
C GLY H 282 9.99 -33.62 -4.76
N ILE H 283 9.59 -34.89 -4.75
CA ILE H 283 8.34 -35.32 -5.37
C ILE H 283 7.16 -35.33 -4.39
N VAL H 284 6.05 -34.74 -4.81
CA VAL H 284 4.79 -34.88 -4.09
C VAL H 284 4.08 -36.04 -4.79
N PRO H 285 4.05 -37.22 -4.14
CA PRO H 285 3.49 -38.43 -4.74
C PRO H 285 1.97 -38.42 -4.76
N PRO H 286 1.36 -39.15 -5.72
CA PRO H 286 -0.10 -39.25 -5.77
C PRO H 286 -0.66 -39.92 -4.52
N ASP H 287 -1.79 -39.41 -4.04
CA ASP H 287 -2.45 -39.95 -2.86
C ASP H 287 -3.96 -39.83 -3.02
N ALA H 288 -4.64 -40.97 -3.13
CA ALA H 288 -6.09 -41.02 -3.29
C ALA H 288 -6.84 -40.61 -2.03
N GLY H 289 -6.15 -40.67 -0.89
CA GLY H 289 -6.73 -40.29 0.40
C GLY H 289 -6.73 -38.79 0.63
N GLN H 290 -6.08 -38.05 -0.27
CA GLN H 290 -6.02 -36.60 -0.19
C GLN H 290 -6.62 -35.96 -1.45
N PRO H 291 -7.30 -34.80 -1.28
CA PRO H 291 -7.90 -34.12 -2.42
C PRO H 291 -6.86 -33.36 -3.24
N GLY H 292 -7.24 -32.95 -4.45
CA GLY H 292 -6.36 -32.19 -5.32
C GLY H 292 -5.41 -33.03 -6.13
N LEU H 293 -4.79 -32.40 -7.12
CA LEU H 293 -3.79 -33.06 -7.95
C LEU H 293 -2.44 -32.92 -7.27
N VAL H 294 -1.43 -33.61 -7.79
CA VAL H 294 -0.08 -33.52 -7.23
C VAL H 294 0.87 -32.78 -8.18
N ALA H 295 1.82 -32.05 -7.59
CA ALA H 295 2.71 -31.19 -8.38
C ALA H 295 3.99 -31.84 -8.88
N ASP H 296 4.15 -33.15 -8.64
CA ASP H 296 5.36 -33.86 -9.03
C ASP H 296 6.54 -33.21 -8.28
N SER H 297 7.53 -32.71 -9.00
CA SER H 297 8.68 -32.04 -8.36
C SER H 297 8.61 -30.52 -8.50
N LEU H 298 7.52 -30.03 -9.09
CA LEU H 298 7.33 -28.60 -9.30
C LEU H 298 7.06 -27.82 -8.02
N SER H 299 7.81 -26.74 -7.85
CA SER H 299 7.69 -25.84 -6.70
C SER H 299 6.34 -25.13 -6.75
N PRO H 300 5.89 -24.55 -5.61
CA PRO H 300 4.63 -23.81 -5.60
C PRO H 300 4.57 -22.70 -6.65
N ALA H 301 5.68 -21.98 -6.83
CA ALA H 301 5.76 -20.89 -7.82
C ALA H 301 5.66 -21.41 -9.26
N LYS H 302 6.38 -22.49 -9.56
CA LYS H 302 6.35 -23.07 -10.91
C LYS H 302 5.05 -23.83 -11.17
N SER H 303 4.48 -24.41 -10.11
CA SER H 303 3.20 -25.14 -10.21
C SER H 303 2.09 -24.18 -10.59
N ARG H 304 2.13 -22.97 -10.04
CA ARG H 304 1.15 -21.94 -10.36
C ARG H 304 1.21 -21.57 -11.83
N ILE H 305 2.43 -21.38 -12.33
CA ILE H 305 2.66 -21.05 -13.74
C ILE H 305 2.10 -22.11 -14.68
N LEU H 306 2.43 -23.38 -14.42
CA LEU H 306 1.92 -24.48 -15.23
C LEU H 306 0.40 -24.60 -15.15
N LEU H 307 -0.14 -24.42 -13.94
CA LEU H 307 -1.60 -24.50 -13.74
C LEU H 307 -2.34 -23.40 -14.50
N MET H 308 -1.79 -22.19 -14.50
CA MET H 308 -2.38 -21.05 -15.24
C MET H 308 -2.49 -21.37 -16.72
N LEU H 309 -1.41 -21.90 -17.28
CA LEU H 309 -1.35 -22.25 -18.70
C LEU H 309 -2.18 -23.48 -19.03
N ALA H 310 -2.29 -24.41 -18.07
CA ALA H 310 -3.11 -25.62 -18.26
C ALA H 310 -4.58 -25.28 -18.33
N LEU H 311 -4.99 -24.26 -17.56
CA LEU H 311 -6.37 -23.81 -17.51
C LEU H 311 -6.82 -23.04 -18.75
N THR H 312 -5.88 -22.74 -19.65
CA THR H 312 -6.22 -22.06 -20.91
C THR H 312 -6.66 -23.11 -21.94
N LYS H 313 -6.31 -24.37 -21.68
CA LYS H 313 -6.62 -25.45 -22.60
C LYS H 313 -7.68 -26.41 -22.09
N THR H 314 -7.67 -26.69 -20.78
CA THR H 314 -8.58 -27.68 -20.22
C THR H 314 -8.92 -27.48 -18.73
N THR H 315 -10.02 -28.11 -18.30
CA THR H 315 -10.43 -28.10 -16.90
C THR H 315 -10.42 -29.54 -16.37
N ASN H 316 -10.13 -30.49 -17.26
CA ASN H 316 -10.06 -31.92 -16.93
C ASN H 316 -8.85 -32.18 -16.02
N PRO H 317 -9.10 -32.65 -14.79
CA PRO H 317 -8.06 -32.90 -13.79
C PRO H 317 -7.02 -33.94 -14.21
N ALA H 318 -7.45 -34.97 -14.94
CA ALA H 318 -6.53 -36.02 -15.40
C ALA H 318 -5.55 -35.51 -16.45
N VAL H 319 -6.02 -34.62 -17.32
CA VAL H 319 -5.18 -34.02 -18.36
C VAL H 319 -4.17 -33.07 -17.72
N ILE H 320 -4.64 -32.28 -16.75
CA ILE H 320 -3.77 -31.35 -16.02
C ILE H 320 -2.73 -32.12 -15.19
N GLN H 321 -3.15 -33.26 -14.61
CA GLN H 321 -2.24 -34.11 -13.86
C GLN H 321 -1.14 -34.67 -14.76
N ASP H 322 -1.50 -35.01 -16.00
CA ASP H 322 -0.54 -35.49 -16.99
C ASP H 322 0.48 -34.41 -17.33
N TYR H 323 0.04 -33.14 -17.38
CA TYR H 323 0.95 -32.02 -17.65
C TYR H 323 2.00 -31.91 -16.55
N PHE H 324 1.57 -32.06 -15.29
CA PHE H 324 2.47 -31.97 -14.15
C PHE H 324 3.56 -33.05 -14.09
N HIS H 325 3.30 -34.20 -14.71
CA HIS H 325 4.29 -35.27 -14.77
C HIS H 325 5.16 -35.21 -16.03
N ALA H 326 4.73 -34.44 -17.02
CA ALA H 326 5.43 -34.35 -18.31
C ALA H 326 6.19 -33.05 -18.53
N TYR H 327 5.69 -31.97 -17.95
CA TYR H 327 6.28 -30.64 -18.13
C TYR H 327 7.17 -30.19 -16.98
N ASP I . -6.03 37.00 -13.77
CA ASP I . -5.86 37.43 -12.35
C ASP I . -4.80 36.63 -11.67
O ASP I . -5.07 35.57 -11.12
CB ASP I . -7.21 37.28 -11.62
CG ASP I . -7.24 38.01 -10.29
OD1 ASP I . -6.19 38.21 -9.65
OD2 ASP I . -8.35 38.41 -9.88
OXT ASP I . -3.64 37.02 -11.63
N ASP J . -27.10 52.00 10.10
CA ASP J . -27.07 51.91 8.62
C ASP J . -28.46 52.04 8.05
O ASP J . -29.17 51.06 7.90
CB ASP J . -26.45 50.58 8.18
CG ASP J . -26.07 50.56 6.71
OD1 ASP J . -26.63 51.34 5.90
OD2 ASP J . -25.19 49.76 6.34
OXT ASP J . -28.88 53.13 7.68
N ASP K . 34.05 -51.50 2.59
CA ASP K . 32.77 -51.53 1.83
C ASP K . 33.03 -51.77 0.37
O ASP K . 33.25 -50.84 -0.39
CB ASP K . 32.03 -50.19 2.01
CG ASP K . 30.56 -50.28 1.63
OD1 ASP K . 30.18 -51.12 0.77
OD2 ASP K . 29.76 -49.52 2.20
OXT ASP K . 32.98 -52.90 -0.10
N ASP L . 2.39 -37.15 7.39
CA ASP L . 3.54 -37.48 8.28
C ASP L . 3.52 -36.62 9.50
O ASP L . 4.05 -35.51 9.49
CB ASP L . 4.86 -37.31 7.53
CG ASP L . 6.03 -38.00 8.21
OD1 ASP L . 6.03 -38.14 9.45
OD2 ASP L . 6.96 -38.42 7.48
OXT ASP L . 3.01 -36.99 10.55
N ASP M . -22.38 6.32 -8.84
CA ASP M . -23.79 6.78 -8.70
C ASP M . -24.34 7.21 -10.02
O ASP M . -24.15 8.36 -10.43
CB ASP M . -23.85 7.94 -7.70
CG ASP M . -25.27 8.24 -7.24
OD1 ASP M . -26.24 7.98 -7.98
OD2 ASP M . -25.42 8.75 -6.11
OXT ASP M . -25.00 6.46 -10.71
N ASP N . -41.65 20.68 16.91
CA ASP N . -40.42 19.83 16.86
C ASP N . -39.56 20.06 18.07
O ASP N . -38.69 20.93 18.09
CB ASP N . -39.62 20.13 15.59
CG ASP N . -38.57 19.08 15.29
OD1 ASP N . -38.06 18.42 16.22
OD2 ASP N . -38.24 18.92 14.10
OXT ASP N . -39.69 19.35 19.07
N ASP O . 46.49 -20.38 -8.42
CA ASP O . 45.79 -19.52 -7.42
C ASP O . 46.41 -19.65 -6.07
O ASP O . 46.03 -20.50 -5.27
CB ASP O . 44.31 -19.90 -7.37
CG ASP O . 43.45 -18.85 -6.70
OD1 ASP O . 43.93 -18.13 -5.80
OD2 ASP O . 42.26 -18.74 -7.07
OXT ASP O . 47.28 -18.87 -5.70
N ASP P . 14.15 -6.70 -6.09
CA ASP P . 14.94 -7.28 -7.20
C ASP P . 14.05 -7.82 -8.28
O ASP P . 13.65 -8.98 -8.26
CB ASP P . 15.84 -8.40 -6.67
CG ASP P . 16.99 -8.73 -7.61
OD1 ASP P . 16.85 -8.54 -8.84
OD2 ASP P . 18.05 -9.17 -7.12
OXT ASP P . 13.71 -7.11 -9.22
#